data_9I2U
#
_entry.id   9I2U
#
_cell.length_a   277.033
_cell.length_b   277.033
_cell.length_c   390.741
_cell.angle_alpha   90
_cell.angle_beta   90
_cell.angle_gamma   90
#
_symmetry.space_group_name_H-M   'I 4 2 2'
#
loop_
_entity.id
_entity.type
_entity.pdbx_description
1 polymer 'Alpha-methylacyl-CoA racemase'
2 non-polymer '(S)-IBUPROFENOYL-COENZYME A'
3 water water
#
_entity_poly.entity_id   1
_entity_poly.type   'polypeptide(L)'
_entity_poly.pdbx_seq_one_letter_code
;MAGPLSGLRVVELAGIGPGPHAAMILGDLGADVVRIDRPSSVDGISRDAMLRNRRIVTADLKSDQGLELALKLIAKADVL
IEGYRPGVTERLGLGPEECAKVNDRLIYARMTGWGQTGPRSQQAGHDINYISLNGILHAIGRGDERPVPPLNLVGDFGGG
SMFLLVGILAALWERQSSGKGQVVDAAMVDGSSVLIQMMWAMRATGMWTDTRGANMLDGGAPYYDTYECADGRYVAVGAI
EPQFYAAMLAGLGLDAAELPPQNDRARWPELRALLTEAFASHDRDHWGAVFANSDACVTPVLAFGEVHNEPHIIERNTFY
EANGGWQPMPAPRFSRTASSQPRPPAATIDIEAVLTDWDGGSGC
;
_entity_poly.pdbx_strand_id   A,B,C,D,E,F,G,H,I,J,K,L
#
loop_
_chem_comp.id
_chem_comp.type
_chem_comp.name
_chem_comp.formula
SFC non-polymer '(S)-IBUPROFENOYL-COENZYME A' 'C34 H53 N7 O17 P3 S 1'
#
# COMPACT_ATOMS: atom_id res chain seq x y z
N MET A 1 -34.41 23.90 -56.76
CA MET A 1 -34.44 22.41 -56.64
C MET A 1 -35.87 21.90 -56.43
N ALA A 2 -36.26 20.85 -57.19
CA ALA A 2 -37.65 20.40 -57.27
C ALA A 2 -37.99 19.36 -56.20
N GLY A 3 -39.19 19.45 -55.63
CA GLY A 3 -39.73 18.37 -54.83
C GLY A 3 -40.18 18.91 -53.49
N PRO A 4 -40.92 18.12 -52.67
CA PRO A 4 -41.50 18.66 -51.45
C PRO A 4 -40.50 19.04 -50.37
N LEU A 5 -39.26 18.52 -50.50
CA LEU A 5 -38.25 18.72 -49.47
C LEU A 5 -37.29 19.80 -49.95
N SER A 6 -37.78 20.69 -50.82
CA SER A 6 -37.01 21.84 -51.25
C SER A 6 -36.65 22.69 -50.04
N GLY A 7 -35.39 23.16 -50.03
CA GLY A 7 -34.86 23.95 -48.92
C GLY A 7 -34.05 23.08 -47.95
N LEU A 8 -34.49 21.84 -47.72
CA LEU A 8 -33.94 21.04 -46.65
C LEU A 8 -32.48 20.70 -46.91
N ARG A 9 -31.67 20.86 -45.86
CA ARG A 9 -30.22 20.77 -45.96
C ARG A 9 -29.76 19.57 -45.12
N VAL A 10 -28.93 18.72 -45.74
CA VAL A 10 -28.66 17.43 -45.14
C VAL A 10 -27.16 17.15 -45.23
N VAL A 11 -26.60 16.72 -44.08
CA VAL A 11 -25.22 16.28 -44.08
C VAL A 11 -25.16 14.79 -43.81
N GLU A 12 -24.42 14.11 -44.69
CA GLU A 12 -24.33 12.66 -44.69
C GLU A 12 -22.87 12.24 -44.54
N LEU A 13 -22.55 11.64 -43.40
CA LEU A 13 -21.25 11.02 -43.21
C LEU A 13 -21.22 9.65 -43.91
N ALA A 14 -20.33 9.51 -44.89
CA ALA A 14 -20.39 8.41 -45.85
C ALA A 14 -20.23 7.05 -45.18
N GLY A 15 -21.23 6.19 -45.40
CA GLY A 15 -21.23 4.82 -44.94
C GLY A 15 -21.71 3.88 -46.04
N ILE A 16 -22.26 2.74 -45.62
CA ILE A 16 -22.77 1.77 -46.58
C ILE A 16 -24.21 1.38 -46.21
N GLY A 17 -25.03 1.17 -47.27
CA GLY A 17 -26.34 0.57 -47.13
C GLY A 17 -27.41 1.58 -46.70
N PRO A 18 -28.02 1.42 -45.52
CA PRO A 18 -29.15 2.27 -45.15
C PRO A 18 -28.86 3.76 -45.20
N GLY A 19 -27.80 4.18 -44.51
CA GLY A 19 -27.40 5.58 -44.45
C GLY A 19 -27.50 6.24 -45.82
N PRO A 20 -26.77 5.77 -46.83
CA PRO A 20 -26.88 6.34 -48.16
C PRO A 20 -28.23 6.21 -48.84
N HIS A 21 -29.04 5.19 -48.48
CA HIS A 21 -30.31 4.97 -49.16
C HIS A 21 -31.26 6.04 -48.66
N ALA A 22 -31.27 6.28 -47.35
CA ALA A 22 -31.98 7.41 -46.77
C ALA A 22 -31.58 8.73 -47.43
N ALA A 23 -30.28 8.96 -47.56
CA ALA A 23 -29.81 10.24 -48.07
C ALA A 23 -30.32 10.39 -49.50
N MET A 24 -30.27 9.29 -50.26
CA MET A 24 -30.75 9.31 -51.64
C MET A 24 -32.20 9.78 -51.72
N ILE A 25 -33.06 9.20 -50.90
CA ILE A 25 -34.46 9.55 -50.97
C ILE A 25 -34.65 11.03 -50.63
N LEU A 26 -33.97 11.55 -49.60
CA LEU A 26 -34.09 12.97 -49.25
C LEU A 26 -33.71 13.82 -50.45
N GLY A 27 -32.57 13.51 -51.04
CA GLY A 27 -32.15 14.11 -52.29
C GLY A 27 -33.24 13.99 -53.35
N ASP A 28 -33.69 12.75 -53.58
CA ASP A 28 -34.69 12.42 -54.59
C ASP A 28 -35.85 13.40 -54.52
N LEU A 29 -36.30 13.73 -53.29
CA LEU A 29 -37.45 14.60 -53.04
C LEU A 29 -37.05 16.09 -52.92
N GLY A 30 -35.81 16.43 -53.27
CA GLY A 30 -35.38 17.84 -53.43
C GLY A 30 -34.60 18.43 -52.26
N ALA A 31 -34.24 17.63 -51.24
CA ALA A 31 -33.35 18.06 -50.19
C ALA A 31 -31.97 18.34 -50.78
N ASP A 32 -31.23 19.25 -50.11
CA ASP A 32 -29.84 19.56 -50.49
C ASP A 32 -28.90 18.68 -49.68
N VAL A 33 -28.25 17.75 -50.38
CA VAL A 33 -27.59 16.65 -49.69
C VAL A 33 -26.11 16.77 -49.96
N VAL A 34 -25.37 16.89 -48.86
CA VAL A 34 -23.93 16.97 -48.91
C VAL A 34 -23.34 15.77 -48.19
N ARG A 35 -22.54 15.02 -48.95
CA ARG A 35 -21.93 13.81 -48.44
C ARG A 35 -20.44 14.05 -48.23
N ILE A 36 -19.96 13.82 -47.00
CA ILE A 36 -18.53 13.86 -46.70
C ILE A 36 -17.98 12.43 -46.72
N ASP A 37 -17.14 12.11 -47.73
CA ASP A 37 -16.40 10.84 -47.82
C ASP A 37 -14.97 11.02 -47.29
N ARG A 38 -14.28 9.89 -47.07
CA ARG A 38 -12.85 9.88 -46.76
C ARG A 38 -12.07 10.26 -48.01
N PRO A 39 -11.04 11.14 -47.92
CA PRO A 39 -10.11 11.35 -49.03
C PRO A 39 -9.47 10.07 -49.57
N SER A 40 -9.07 9.17 -48.65
CA SER A 40 -8.42 7.92 -49.00
C SER A 40 -9.35 6.98 -49.76
N SER A 41 -9.97 7.48 -50.84
CA SER A 41 -10.75 6.67 -51.79
C SER A 41 -10.78 7.37 -53.16
N VAL A 42 -11.89 8.03 -53.54
CA VAL A 42 -12.10 8.57 -54.89
C VAL A 42 -10.89 8.25 -55.79
N ILE A 45 -15.59 10.67 -60.84
CA ILE A 45 -17.09 10.73 -60.87
C ILE A 45 -17.61 9.31 -60.62
N SER A 46 -18.56 9.20 -59.68
CA SER A 46 -18.83 7.96 -58.95
C SER A 46 -19.59 6.93 -59.77
N ARG A 47 -19.45 5.67 -59.33
CA ARG A 47 -19.99 4.51 -59.99
C ARG A 47 -21.41 4.25 -59.48
N ASP A 48 -21.62 4.46 -58.17
CA ASP A 48 -22.83 4.04 -57.49
C ASP A 48 -23.95 5.03 -57.80
N ALA A 49 -24.96 4.57 -58.54
CA ALA A 49 -26.14 5.38 -58.80
C ALA A 49 -26.92 5.62 -57.51
N MET A 50 -26.57 4.94 -56.40
CA MET A 50 -27.18 5.24 -55.11
C MET A 50 -26.73 6.61 -54.59
N LEU A 51 -25.68 7.17 -55.20
CA LEU A 51 -25.14 8.45 -54.74
C LEU A 51 -25.67 9.59 -55.62
N ARG A 52 -26.79 9.36 -56.32
CA ARG A 52 -27.46 10.42 -57.05
C ARG A 52 -28.02 11.46 -56.07
N ASN A 53 -28.43 12.62 -56.62
CA ASN A 53 -28.95 13.77 -55.88
C ASN A 53 -28.08 14.14 -54.67
N ARG A 54 -26.79 14.42 -54.96
CA ARG A 54 -25.74 14.46 -53.96
C ARG A 54 -24.64 15.44 -54.39
N ARG A 55 -24.13 16.22 -53.43
CA ARG A 55 -22.78 16.76 -53.59
C ARG A 55 -21.83 15.99 -52.67
N ILE A 56 -20.73 15.48 -53.25
CA ILE A 56 -19.68 14.75 -52.55
C ILE A 56 -18.51 15.69 -52.18
N VAL A 57 -18.04 15.62 -50.93
CA VAL A 57 -16.84 16.36 -50.54
C VAL A 57 -15.85 15.44 -49.83
N THR A 58 -14.57 15.56 -50.19
CA THR A 58 -13.42 15.03 -49.45
C THR A 58 -13.33 15.73 -48.09
N ALA A 59 -12.87 15.02 -47.05
CA ALA A 59 -12.40 15.65 -45.82
C ALA A 59 -11.97 14.61 -44.78
N ASP A 60 -10.67 14.59 -44.48
CA ASP A 60 -10.10 13.76 -43.42
C ASP A 60 -10.61 14.26 -42.08
N LEU A 61 -11.52 13.51 -41.46
CA LEU A 61 -12.16 13.94 -40.20
C LEU A 61 -11.26 13.65 -39.00
N LYS A 62 -10.14 12.95 -39.21
CA LYS A 62 -9.24 12.69 -38.10
C LYS A 62 -8.43 13.95 -37.81
N SER A 63 -8.07 14.68 -38.88
CA SER A 63 -7.31 15.93 -38.76
C SER A 63 -8.17 17.00 -38.11
N ASP A 64 -7.51 17.98 -37.45
CA ASP A 64 -8.20 19.01 -36.69
C ASP A 64 -8.94 19.99 -37.59
N GLN A 65 -8.40 20.19 -38.80
CA GLN A 65 -8.97 21.04 -39.83
C GLN A 65 -10.26 20.42 -40.36
N GLY A 66 -10.12 19.19 -40.90
CA GLY A 66 -11.24 18.38 -41.38
C GLY A 66 -12.44 18.45 -40.45
N LEU A 67 -12.20 18.26 -39.14
CA LEU A 67 -13.25 18.28 -38.13
C LEU A 67 -13.99 19.61 -38.11
N GLU A 68 -13.27 20.74 -38.21
CA GLU A 68 -13.94 22.00 -37.97
C GLU A 68 -14.72 22.39 -39.22
N LEU A 69 -14.15 22.15 -40.42
CA LEU A 69 -14.86 22.28 -41.68
C LEU A 69 -16.21 21.52 -41.61
N ALA A 70 -16.13 20.22 -41.31
CA ALA A 70 -17.32 19.42 -41.09
C ALA A 70 -18.25 20.13 -40.10
N LEU A 71 -17.70 20.58 -38.97
CA LEU A 71 -18.51 21.16 -37.89
C LEU A 71 -19.18 22.46 -38.34
N LYS A 72 -18.66 23.09 -39.40
CA LYS A 72 -19.26 24.29 -39.98
C LYS A 72 -20.49 23.92 -40.80
N LEU A 73 -20.35 22.95 -41.72
CA LEU A 73 -21.45 22.41 -42.52
C LEU A 73 -22.62 22.03 -41.62
N ILE A 74 -22.37 21.22 -40.61
CA ILE A 74 -23.43 20.78 -39.74
C ILE A 74 -24.15 21.98 -39.12
N ALA A 75 -23.39 23.05 -38.83
CA ALA A 75 -23.94 24.22 -38.15
C ALA A 75 -25.05 24.86 -39.00
N LYS A 76 -24.83 24.88 -40.32
CA LYS A 76 -25.72 25.51 -41.28
C LYS A 76 -26.60 24.48 -42.00
N ALA A 77 -27.07 23.44 -41.29
CA ALA A 77 -27.79 22.34 -41.92
C ALA A 77 -28.89 21.82 -41.00
N ASP A 78 -29.84 21.09 -41.61
CA ASP A 78 -31.04 20.67 -40.90
C ASP A 78 -30.86 19.28 -40.32
N VAL A 79 -30.12 18.44 -41.04
CA VAL A 79 -30.04 17.03 -40.70
C VAL A 79 -28.62 16.51 -40.87
N LEU A 80 -28.24 15.64 -39.91
CA LEU A 80 -27.03 14.86 -40.04
C LEU A 80 -27.37 13.36 -40.06
N ILE A 81 -26.83 12.67 -41.07
CA ILE A 81 -26.95 11.22 -41.16
C ILE A 81 -25.58 10.59 -40.93
N GLU A 82 -25.50 9.64 -40.00
CA GLU A 82 -24.30 8.82 -39.89
C GLU A 82 -24.71 7.38 -39.59
N GLY A 83 -23.94 6.41 -40.16
CA GLY A 83 -24.17 4.99 -39.90
C GLY A 83 -22.89 4.22 -39.61
N TYR A 84 -22.19 4.62 -38.53
CA TYR A 84 -20.98 4.00 -38.03
C TYR A 84 -21.38 3.36 -36.72
N ARG A 85 -20.50 2.52 -36.16
CA ARG A 85 -20.87 1.91 -34.90
C ARG A 85 -21.02 3.03 -33.87
N PRO A 86 -21.75 2.80 -32.76
CA PRO A 86 -21.72 3.77 -31.67
C PRO A 86 -20.31 4.16 -31.24
N GLY A 87 -20.12 5.44 -30.90
CA GLY A 87 -18.85 5.93 -30.41
C GLY A 87 -18.02 6.57 -31.50
N VAL A 88 -18.23 6.19 -32.75
CA VAL A 88 -17.32 6.66 -33.77
C VAL A 88 -17.42 8.18 -33.92
N THR A 89 -18.64 8.72 -33.94
CA THR A 89 -18.76 10.14 -34.23
C THR A 89 -18.29 10.92 -33.00
N GLU A 90 -18.70 10.49 -31.79
CA GLU A 90 -18.22 11.05 -30.54
C GLU A 90 -16.69 11.20 -30.58
N ARG A 91 -15.99 10.07 -30.78
CA ARG A 91 -14.54 10.03 -30.76
C ARG A 91 -13.95 10.76 -31.96
N LEU A 92 -14.78 11.22 -32.90
CA LEU A 92 -14.30 12.10 -33.96
C LEU A 92 -14.44 13.57 -33.55
N GLY A 93 -15.31 13.84 -32.55
CA GLY A 93 -15.75 15.19 -32.19
C GLY A 93 -17.00 15.66 -32.94
N LEU A 94 -17.76 14.71 -33.52
CA LEU A 94 -18.99 14.97 -34.27
C LEU A 94 -20.17 14.30 -33.58
N GLY A 95 -20.08 14.01 -32.28
CA GLY A 95 -21.17 13.37 -31.56
C GLY A 95 -22.42 14.24 -31.51
N PRO A 96 -23.55 13.73 -30.95
CA PRO A 96 -24.72 14.56 -30.71
C PRO A 96 -24.46 15.76 -29.80
N GLU A 97 -23.75 15.54 -28.68
CA GLU A 97 -23.52 16.59 -27.69
C GLU A 97 -22.69 17.72 -28.30
N GLU A 98 -21.70 17.38 -29.13
CA GLU A 98 -20.86 18.34 -29.82
C GLU A 98 -21.61 19.09 -30.92
N CYS A 99 -22.58 18.43 -31.58
CA CYS A 99 -23.32 19.04 -32.67
C CYS A 99 -24.35 20.01 -32.10
N ALA A 100 -24.98 19.64 -30.97
CA ALA A 100 -25.98 20.45 -30.26
C ALA A 100 -25.43 21.79 -29.77
N LYS A 101 -24.10 21.98 -29.79
CA LYS A 101 -23.47 23.21 -29.35
C LYS A 101 -23.20 24.14 -30.52
N VAL A 102 -23.27 23.66 -31.77
CA VAL A 102 -23.12 24.56 -32.91
C VAL A 102 -24.42 24.66 -33.71
N ASN A 103 -25.55 24.11 -33.18
CA ASN A 103 -26.79 23.97 -33.95
C ASN A 103 -27.78 23.09 -33.19
N ASP A 104 -28.56 23.68 -32.27
CA ASP A 104 -29.54 22.96 -31.46
C ASP A 104 -30.80 22.69 -32.27
N ARG A 105 -30.74 22.99 -33.57
CA ARG A 105 -31.87 22.72 -34.47
C ARG A 105 -31.64 21.38 -35.20
N LEU A 106 -30.42 20.83 -35.09
CA LEU A 106 -29.99 19.67 -35.85
C LEU A 106 -30.85 18.44 -35.52
N ILE A 107 -31.29 17.78 -36.60
CA ILE A 107 -31.79 16.43 -36.48
C ILE A 107 -30.60 15.52 -36.68
N TYR A 108 -30.31 14.77 -35.61
CA TYR A 108 -29.09 13.98 -35.51
C TYR A 108 -29.50 12.52 -35.76
N ALA A 109 -29.24 12.03 -36.98
CA ALA A 109 -29.82 10.76 -37.41
C ALA A 109 -28.76 9.67 -37.50
N ARG A 110 -29.00 8.64 -36.66
CA ARG A 110 -28.06 7.57 -36.37
C ARG A 110 -28.59 6.21 -36.83
N MET A 111 -27.93 5.70 -37.85
CA MET A 111 -28.36 4.48 -38.53
C MET A 111 -27.49 3.31 -38.11
N THR A 112 -28.02 2.40 -37.29
CA THR A 112 -27.28 1.17 -36.99
C THR A 112 -28.15 -0.07 -37.18
N GLY A 113 -27.49 -1.22 -37.09
CA GLY A 113 -28.16 -2.51 -37.05
C GLY A 113 -28.67 -2.83 -35.66
N TRP A 114 -27.78 -2.78 -34.68
CA TRP A 114 -28.10 -3.37 -33.37
C TRP A 114 -28.62 -2.35 -32.36
N GLY A 115 -28.42 -1.07 -32.68
CA GLY A 115 -28.81 -0.03 -31.73
C GLY A 115 -27.59 0.68 -31.15
N GLN A 116 -27.84 1.59 -30.19
CA GLN A 116 -26.77 2.44 -29.68
C GLN A 116 -26.16 1.78 -28.45
N THR A 117 -26.89 0.85 -27.80
CA THR A 117 -26.41 0.17 -26.61
C THR A 117 -26.81 -1.30 -26.65
N GLY A 118 -26.38 -2.06 -25.62
CA GLY A 118 -26.71 -3.48 -25.45
C GLY A 118 -25.58 -4.37 -25.98
N PRO A 119 -25.60 -5.69 -25.70
CA PRO A 119 -24.43 -6.56 -25.93
C PRO A 119 -23.89 -6.66 -27.37
N ARG A 120 -24.78 -6.44 -28.35
CA ARG A 120 -24.38 -6.62 -29.73
C ARG A 120 -24.03 -5.30 -30.35
N SER A 121 -24.11 -4.23 -29.56
CA SER A 121 -23.95 -2.89 -30.10
C SER A 121 -22.61 -2.63 -30.76
N GLN A 122 -21.56 -3.40 -30.47
CA GLN A 122 -20.29 -3.16 -31.16
C GLN A 122 -20.01 -4.22 -32.21
N GLN A 123 -20.83 -5.28 -32.29
CA GLN A 123 -20.59 -6.32 -33.28
C GLN A 123 -20.82 -5.81 -34.69
N ALA A 124 -19.93 -6.18 -35.60
CA ALA A 124 -20.20 -6.01 -37.01
C ALA A 124 -21.39 -6.88 -37.44
N GLY A 125 -22.02 -6.48 -38.53
CA GLY A 125 -23.14 -7.25 -39.02
C GLY A 125 -23.58 -6.70 -40.36
N HIS A 126 -24.45 -7.47 -41.00
CA HIS A 126 -25.16 -6.95 -42.15
C HIS A 126 -26.64 -7.31 -42.03
N ASP A 127 -27.39 -6.90 -43.05
CA ASP A 127 -28.83 -7.12 -43.14
C ASP A 127 -29.19 -8.50 -42.58
N ILE A 128 -28.62 -9.54 -43.15
CA ILE A 128 -28.97 -10.91 -42.80
C ILE A 128 -28.83 -11.18 -41.31
N ASN A 129 -27.83 -10.57 -40.64
CA ASN A 129 -27.64 -10.80 -39.22
C ASN A 129 -28.74 -10.12 -38.42
N TYR A 130 -29.07 -8.87 -38.78
CA TYR A 130 -30.08 -8.16 -37.99
C TYR A 130 -31.44 -8.90 -38.08
N ILE A 131 -31.81 -9.42 -39.27
CA ILE A 131 -33.11 -10.06 -39.40
C ILE A 131 -33.07 -11.50 -38.87
N SER A 132 -31.88 -12.03 -38.65
CA SER A 132 -31.80 -13.36 -38.06
C SER A 132 -32.24 -13.34 -36.59
N LEU A 133 -32.06 -12.23 -35.88
CA LEU A 133 -32.27 -12.22 -34.43
C LEU A 133 -33.72 -11.97 -34.02
N ASN A 134 -34.53 -11.40 -34.92
CA ASN A 134 -35.86 -10.95 -34.54
C ASN A 134 -36.94 -11.81 -35.18
N GLY A 135 -36.58 -12.97 -35.71
CA GLY A 135 -37.56 -13.95 -36.16
C GLY A 135 -37.84 -13.91 -37.67
N ILE A 136 -37.42 -12.85 -38.36
CA ILE A 136 -37.87 -12.62 -39.73
C ILE A 136 -37.25 -13.65 -40.66
N LEU A 137 -35.93 -13.84 -40.56
CA LEU A 137 -35.20 -14.65 -41.51
C LEU A 137 -35.72 -16.07 -41.42
N HIS A 138 -35.99 -16.52 -40.20
CA HIS A 138 -36.43 -17.89 -39.99
C HIS A 138 -37.74 -18.16 -40.75
N ALA A 139 -38.52 -17.11 -41.00
CA ALA A 139 -39.85 -17.23 -41.59
C ALA A 139 -39.82 -17.22 -43.12
N ILE A 140 -38.66 -16.92 -43.75
CA ILE A 140 -38.57 -16.78 -45.19
C ILE A 140 -37.95 -18.04 -45.81
N GLY A 141 -38.64 -18.60 -46.81
CA GLY A 141 -38.14 -19.68 -47.63
C GLY A 141 -39.07 -20.89 -47.55
N ARG A 142 -38.73 -21.96 -48.25
CA ARG A 142 -39.51 -23.19 -48.23
C ARG A 142 -39.28 -23.98 -46.94
N GLY A 143 -40.27 -24.81 -46.58
CA GLY A 143 -40.29 -25.52 -45.31
C GLY A 143 -39.27 -26.67 -45.25
N ASP A 144 -38.95 -27.22 -46.42
CA ASP A 144 -38.07 -28.39 -46.48
C ASP A 144 -36.59 -27.98 -46.56
N GLU A 145 -36.29 -26.67 -46.49
CA GLU A 145 -34.94 -26.15 -46.71
C GLU A 145 -34.60 -25.03 -45.73
N ARG A 146 -33.35 -24.58 -45.75
CA ARG A 146 -32.91 -23.58 -44.79
C ARG A 146 -33.36 -22.20 -45.25
N PRO A 147 -33.49 -21.23 -44.33
CA PRO A 147 -34.02 -19.93 -44.67
C PRO A 147 -33.25 -19.23 -45.80
N VAL A 148 -33.97 -18.45 -46.59
CA VAL A 148 -33.31 -17.76 -47.66
C VAL A 148 -33.42 -16.26 -47.41
N PRO A 149 -32.31 -15.53 -47.55
CA PRO A 149 -32.32 -14.12 -47.33
C PRO A 149 -33.05 -13.38 -48.42
N PRO A 150 -33.99 -12.49 -48.03
CA PRO A 150 -34.70 -11.63 -48.95
C PRO A 150 -33.86 -10.45 -49.45
N LEU A 151 -32.79 -10.78 -50.15
CA LEU A 151 -31.73 -9.85 -50.46
C LEU A 151 -31.43 -9.08 -49.18
N ASN A 152 -31.16 -7.78 -49.33
CA ASN A 152 -31.02 -6.91 -48.18
C ASN A 152 -32.16 -5.93 -48.14
N LEU A 153 -33.35 -6.36 -48.62
CA LEU A 153 -34.51 -5.48 -48.70
C LEU A 153 -35.10 -5.19 -47.32
N VAL A 154 -35.10 -6.17 -46.41
CA VAL A 154 -35.91 -6.06 -45.21
C VAL A 154 -35.19 -5.35 -44.06
N GLY A 155 -33.89 -5.60 -43.91
CA GLY A 155 -33.14 -5.00 -42.81
C GLY A 155 -32.54 -3.65 -43.20
N ASP A 156 -31.79 -3.60 -44.29
CA ASP A 156 -31.17 -2.37 -44.75
C ASP A 156 -32.20 -1.31 -45.09
N PHE A 157 -33.15 -1.62 -45.96
CA PHE A 157 -33.96 -0.59 -46.58
C PHE A 157 -35.30 -0.52 -45.86
N GLY A 158 -36.14 -1.54 -45.95
CA GLY A 158 -37.48 -1.45 -45.41
C GLY A 158 -37.50 -1.17 -43.92
N GLY A 159 -36.60 -1.83 -43.18
CA GLY A 159 -36.57 -1.74 -41.74
C GLY A 159 -35.41 -0.88 -41.23
N GLY A 160 -34.71 -0.23 -42.14
CA GLY A 160 -33.54 0.53 -41.81
C GLY A 160 -33.67 1.97 -42.32
N SER A 161 -33.18 2.23 -43.52
CA SER A 161 -33.29 3.54 -44.13
C SER A 161 -34.69 4.13 -44.00
N MET A 162 -35.74 3.34 -44.31
CA MET A 162 -37.06 3.94 -44.36
C MET A 162 -37.48 4.44 -42.99
N PHE A 163 -37.08 3.75 -41.93
CA PHE A 163 -37.42 4.22 -40.59
C PHE A 163 -36.56 5.42 -40.21
N LEU A 164 -35.34 5.47 -40.73
CA LEU A 164 -34.48 6.62 -40.55
C LEU A 164 -35.19 7.84 -41.14
N LEU A 165 -35.72 7.69 -42.36
CA LEU A 165 -36.44 8.78 -43.01
C LEU A 165 -37.65 9.20 -42.19
N VAL A 166 -38.41 8.23 -41.70
CA VAL A 166 -39.62 8.61 -40.99
C VAL A 166 -39.24 9.36 -39.72
N GLY A 167 -38.14 8.94 -39.08
CA GLY A 167 -37.63 9.59 -37.90
C GLY A 167 -37.17 11.02 -38.19
N ILE A 168 -36.38 11.18 -39.25
CA ILE A 168 -35.93 12.49 -39.63
C ILE A 168 -37.16 13.40 -39.81
N LEU A 169 -38.14 12.95 -40.61
CA LEU A 169 -39.24 13.79 -41.04
C LEU A 169 -40.24 13.99 -39.90
N ALA A 170 -40.38 13.03 -39.01
CA ALA A 170 -41.22 13.22 -37.85
C ALA A 170 -40.58 14.23 -36.89
N ALA A 171 -39.24 14.23 -36.83
CA ALA A 171 -38.54 15.14 -35.93
C ALA A 171 -38.58 16.56 -36.48
N LEU A 172 -38.48 16.72 -37.81
CA LEU A 172 -38.68 18.02 -38.45
C LEU A 172 -40.09 18.57 -38.13
N TRP A 173 -41.11 17.71 -38.12
CA TRP A 173 -42.44 18.16 -37.74
C TRP A 173 -42.45 18.64 -36.29
N GLU A 174 -41.65 17.98 -35.45
CA GLU A 174 -41.61 18.30 -34.04
C GLU A 174 -40.92 19.66 -33.87
N ARG A 175 -39.79 19.84 -34.55
CA ARG A 175 -39.01 21.06 -34.51
C ARG A 175 -39.80 22.29 -34.97
N GLN A 176 -40.94 22.10 -35.64
CA GLN A 176 -41.79 23.23 -35.99
C GLN A 176 -42.49 23.74 -34.73
N SER A 177 -42.86 22.87 -33.79
CA SER A 177 -43.46 23.29 -32.52
C SER A 177 -42.43 23.91 -31.57
N SER A 178 -41.39 23.12 -31.23
CA SER A 178 -40.54 23.38 -30.08
C SER A 178 -39.31 24.21 -30.44
N GLY A 179 -38.94 24.28 -31.72
CA GLY A 179 -37.82 25.09 -32.19
C GLY A 179 -36.47 24.39 -32.04
N LYS A 180 -36.48 23.14 -31.51
CA LYS A 180 -35.25 22.38 -31.26
C LYS A 180 -35.25 21.01 -31.96
N GLY A 181 -34.07 20.66 -32.50
CA GLY A 181 -33.76 19.33 -33.00
C GLY A 181 -33.68 18.26 -31.90
N GLN A 182 -33.04 17.12 -32.23
CA GLN A 182 -33.02 15.93 -31.36
C GLN A 182 -32.32 14.76 -32.07
N VAL A 183 -32.19 13.67 -31.31
CA VAL A 183 -31.48 12.49 -31.77
C VAL A 183 -32.49 11.43 -32.18
N VAL A 184 -32.31 10.96 -33.43
CA VAL A 184 -33.06 9.85 -34.01
C VAL A 184 -32.19 8.58 -34.02
N ASP A 185 -32.65 7.58 -33.25
CA ASP A 185 -31.97 6.30 -33.11
C ASP A 185 -32.70 5.20 -33.91
N ALA A 186 -32.24 4.98 -35.14
CA ALA A 186 -32.82 3.97 -36.02
C ALA A 186 -31.97 2.69 -36.01
N ALA A 187 -32.47 1.65 -35.35
CA ALA A 187 -31.83 0.34 -35.43
C ALA A 187 -32.58 -0.62 -36.38
N MET A 188 -31.85 -1.25 -37.31
CA MET A 188 -32.43 -2.19 -38.25
C MET A 188 -33.17 -3.30 -37.53
N VAL A 189 -32.74 -3.69 -36.32
CA VAL A 189 -33.41 -4.80 -35.69
C VAL A 189 -34.77 -4.35 -35.18
N ASP A 190 -34.92 -3.05 -34.90
CA ASP A 190 -36.19 -2.56 -34.40
C ASP A 190 -37.15 -2.24 -35.54
N GLY A 191 -36.67 -1.45 -36.50
CA GLY A 191 -37.47 -1.10 -37.67
C GLY A 191 -38.02 -2.35 -38.38
N SER A 192 -37.17 -3.35 -38.62
CA SER A 192 -37.61 -4.55 -39.32
C SER A 192 -38.67 -5.28 -38.50
N SER A 193 -38.60 -5.19 -37.17
CA SER A 193 -39.61 -5.78 -36.29
C SER A 193 -40.98 -5.10 -36.44
N VAL A 194 -40.98 -3.79 -36.61
CA VAL A 194 -42.22 -3.04 -36.82
C VAL A 194 -42.72 -3.31 -38.23
N LEU A 195 -41.77 -3.52 -39.15
CA LEU A 195 -42.10 -3.86 -40.51
C LEU A 195 -42.89 -5.16 -40.54
N ILE A 196 -42.59 -6.09 -39.65
CA ILE A 196 -43.32 -7.35 -39.66
C ILE A 196 -44.35 -7.39 -38.54
N GLN A 197 -44.86 -6.24 -38.12
CA GLN A 197 -45.85 -6.25 -37.04
C GLN A 197 -47.08 -7.11 -37.36
N MET A 198 -47.49 -7.17 -38.64
CA MET A 198 -48.62 -8.00 -39.05
C MET A 198 -48.46 -9.43 -38.56
N MET A 199 -47.25 -9.99 -38.67
CA MET A 199 -47.11 -11.39 -38.34
C MET A 199 -47.14 -11.54 -36.83
N TRP A 200 -46.62 -10.53 -36.12
CA TRP A 200 -46.69 -10.58 -34.68
C TRP A 200 -48.16 -10.52 -34.24
N ALA A 201 -48.98 -9.75 -34.95
CA ALA A 201 -50.40 -9.65 -34.62
C ALA A 201 -51.12 -10.97 -34.89
N MET A 202 -50.91 -11.54 -36.08
CA MET A 202 -51.53 -12.81 -36.47
C MET A 202 -51.02 -13.95 -35.59
N ARG A 203 -49.80 -13.83 -35.08
CA ARG A 203 -49.21 -14.90 -34.29
C ARG A 203 -49.96 -15.02 -32.96
N ALA A 204 -50.39 -13.87 -32.46
CA ALA A 204 -51.12 -13.77 -31.20
C ALA A 204 -52.51 -14.40 -31.31
N THR A 205 -53.14 -14.27 -32.48
CA THR A 205 -54.52 -14.68 -32.68
C THR A 205 -54.58 -16.02 -33.41
N GLY A 206 -53.51 -16.84 -33.33
CA GLY A 206 -53.47 -18.19 -33.89
C GLY A 206 -53.46 -18.26 -35.43
N MET A 207 -53.19 -17.15 -36.12
CA MET A 207 -53.29 -17.12 -37.57
C MET A 207 -51.93 -17.12 -38.25
N TRP A 208 -50.85 -17.36 -37.49
CA TRP A 208 -49.51 -17.51 -38.04
C TRP A 208 -48.65 -18.41 -37.15
N THR A 209 -48.08 -19.48 -37.71
CA THR A 209 -47.18 -20.32 -36.95
C THR A 209 -45.73 -20.01 -37.33
N ASP A 210 -44.82 -20.51 -36.49
CA ASP A 210 -43.38 -20.40 -36.63
C ASP A 210 -42.83 -21.42 -37.64
N THR A 211 -43.66 -22.35 -38.10
CA THR A 211 -43.23 -23.31 -39.10
C THR A 211 -43.07 -22.60 -40.44
N ARG A 212 -41.86 -22.63 -40.98
CA ARG A 212 -41.57 -22.00 -42.25
C ARG A 212 -42.37 -22.70 -43.35
N GLY A 213 -42.95 -21.94 -44.28
CA GLY A 213 -43.58 -22.48 -45.48
C GLY A 213 -44.95 -23.12 -45.22
N ALA A 214 -45.63 -22.74 -44.13
CA ALA A 214 -46.89 -23.33 -43.76
C ALA A 214 -47.90 -22.26 -43.33
N ASN A 215 -47.84 -21.06 -43.93
CA ASN A 215 -48.70 -19.94 -43.60
C ASN A 215 -49.29 -19.31 -44.87
N MET A 216 -50.22 -18.38 -44.66
CA MET A 216 -50.99 -17.84 -45.77
C MET A 216 -50.09 -17.08 -46.76
N LEU A 217 -49.06 -16.41 -46.23
CA LEU A 217 -48.30 -15.45 -47.01
C LEU A 217 -46.83 -15.80 -47.22
N ASP A 218 -46.40 -17.02 -46.91
CA ASP A 218 -44.98 -17.35 -46.99
C ASP A 218 -44.73 -18.34 -48.12
N GLY A 219 -45.78 -18.71 -48.84
CA GLY A 219 -45.67 -19.68 -49.92
C GLY A 219 -46.38 -20.99 -49.60
N GLY A 220 -46.84 -21.19 -48.38
CA GLY A 220 -47.56 -22.38 -47.98
C GLY A 220 -48.97 -22.50 -48.55
N ALA A 221 -49.61 -21.39 -48.90
CA ALA A 221 -50.94 -21.44 -49.49
C ALA A 221 -50.83 -21.57 -51.00
N PRO A 222 -51.46 -22.59 -51.63
CA PRO A 222 -51.40 -22.76 -53.09
C PRO A 222 -51.94 -21.58 -53.88
N TYR A 223 -52.74 -20.71 -53.24
CA TYR A 223 -53.24 -19.50 -53.89
C TYR A 223 -52.38 -18.26 -53.62
N TYR A 224 -51.29 -18.35 -52.86
CA TYR A 224 -50.37 -17.25 -52.71
C TYR A 224 -48.95 -17.79 -52.87
N ASP A 225 -48.50 -17.94 -54.10
CA ASP A 225 -47.20 -18.54 -54.35
C ASP A 225 -46.83 -18.32 -55.82
N THR A 226 -45.63 -18.76 -56.22
CA THR A 226 -45.29 -18.77 -57.64
C THR A 226 -45.51 -20.17 -58.19
N TYR A 227 -45.60 -20.25 -59.52
CA TYR A 227 -45.82 -21.49 -60.24
C TYR A 227 -44.95 -21.48 -61.47
N GLU A 228 -44.37 -22.64 -61.78
CA GLU A 228 -43.55 -22.80 -62.97
C GLU A 228 -44.47 -23.09 -64.16
N CYS A 229 -44.19 -22.42 -65.27
CA CYS A 229 -44.96 -22.54 -66.50
C CYS A 229 -44.18 -23.46 -67.44
N ALA A 230 -44.72 -23.63 -68.66
CA ALA A 230 -44.27 -24.66 -69.59
C ALA A 230 -42.88 -24.34 -70.13
N ASP A 231 -42.55 -23.04 -70.18
CA ASP A 231 -41.28 -22.54 -70.67
C ASP A 231 -40.24 -22.43 -69.54
N GLY A 232 -40.57 -22.85 -68.32
CA GLY A 232 -39.63 -22.75 -67.21
C GLY A 232 -39.55 -21.34 -66.59
N ARG A 233 -40.39 -20.41 -67.06
CA ARG A 233 -40.57 -19.12 -66.45
C ARG A 233 -41.71 -19.21 -65.43
N TYR A 234 -42.00 -18.14 -64.70
CA TYR A 234 -42.92 -18.25 -63.58
C TYR A 234 -44.02 -17.19 -63.61
N VAL A 235 -45.15 -17.55 -62.99
CA VAL A 235 -46.19 -16.61 -62.62
C VAL A 235 -46.27 -16.57 -61.10
N ALA A 236 -46.79 -15.45 -60.62
CA ALA A 236 -47.19 -15.28 -59.25
C ALA A 236 -48.72 -15.32 -59.17
N VAL A 237 -49.22 -15.98 -58.13
CA VAL A 237 -50.62 -16.03 -57.79
C VAL A 237 -50.80 -15.43 -56.41
N GLY A 238 -51.69 -14.46 -56.27
CA GLY A 238 -52.04 -13.87 -54.98
C GLY A 238 -53.56 -13.79 -54.77
N ALA A 239 -54.26 -14.85 -55.14
CA ALA A 239 -55.73 -14.84 -55.22
C ALA A 239 -56.30 -15.22 -53.88
N ILE A 240 -56.17 -14.30 -52.91
CA ILE A 240 -56.57 -14.60 -51.56
C ILE A 240 -58.09 -14.59 -51.43
N GLU A 241 -58.71 -13.49 -51.87
CA GLU A 241 -60.15 -13.33 -51.70
C GLU A 241 -60.85 -14.39 -52.57
N PRO A 242 -61.94 -14.98 -52.07
CA PRO A 242 -62.59 -16.07 -52.80
C PRO A 242 -63.07 -15.72 -54.19
N GLN A 243 -63.51 -14.47 -54.39
CA GLN A 243 -63.97 -14.02 -55.71
C GLN A 243 -62.81 -13.97 -56.70
N PHE A 244 -61.58 -13.66 -56.26
CA PHE A 244 -60.45 -13.55 -57.16
C PHE A 244 -59.97 -14.96 -57.46
N TYR A 245 -59.99 -15.82 -56.45
CA TYR A 245 -59.62 -17.21 -56.63
C TYR A 245 -60.54 -17.86 -57.66
N ALA A 246 -61.84 -17.57 -57.57
CA ALA A 246 -62.79 -18.15 -58.50
C ALA A 246 -62.44 -17.70 -59.92
N ALA A 247 -62.04 -16.43 -60.08
CA ALA A 247 -61.69 -15.91 -61.40
C ALA A 247 -60.45 -16.59 -61.96
N MET A 248 -59.57 -17.00 -61.06
CA MET A 248 -58.32 -17.62 -61.45
C MET A 248 -58.63 -19.04 -61.97
N LEU A 249 -59.45 -19.77 -61.21
CA LEU A 249 -59.85 -21.13 -61.57
C LEU A 249 -60.46 -21.17 -62.97
N ALA A 250 -61.28 -20.19 -63.27
CA ALA A 250 -61.97 -20.20 -64.54
C ALA A 250 -60.97 -19.99 -65.66
N GLY A 251 -59.98 -19.11 -65.43
CA GLY A 251 -58.97 -18.88 -66.45
C GLY A 251 -58.07 -20.09 -66.66
N LEU A 252 -57.90 -20.92 -65.62
CA LEU A 252 -57.05 -22.10 -65.68
C LEU A 252 -57.79 -23.27 -66.32
N GLY A 253 -59.12 -23.16 -66.44
CA GLY A 253 -59.92 -24.23 -67.00
C GLY A 253 -60.28 -25.26 -65.94
N LEU A 254 -60.18 -24.91 -64.66
CA LEU A 254 -60.42 -25.86 -63.60
C LEU A 254 -61.81 -25.63 -63.05
N ASP A 255 -62.56 -26.71 -62.84
CA ASP A 255 -63.89 -26.61 -62.27
C ASP A 255 -63.76 -26.73 -60.75
N ALA A 256 -64.29 -25.74 -60.02
CA ALA A 256 -64.30 -25.70 -58.57
C ALA A 256 -64.82 -27.00 -57.96
N ALA A 257 -65.79 -27.65 -58.61
CA ALA A 257 -66.37 -28.88 -58.12
C ALA A 257 -65.38 -30.04 -58.08
N GLU A 258 -64.36 -30.02 -58.96
CA GLU A 258 -63.34 -31.05 -59.05
C GLU A 258 -62.14 -30.79 -58.11
N LEU A 259 -62.08 -29.61 -57.45
CA LEU A 259 -60.98 -29.25 -56.59
C LEU A 259 -61.42 -29.32 -55.13
N PRO A 260 -60.47 -29.50 -54.20
CA PRO A 260 -60.76 -29.26 -52.80
C PRO A 260 -61.00 -27.81 -52.47
N PRO A 261 -61.60 -27.52 -51.31
CA PRO A 261 -61.83 -26.14 -50.96
C PRO A 261 -60.53 -25.36 -50.85
N GLN A 262 -60.64 -24.05 -51.12
CA GLN A 262 -59.51 -23.17 -51.24
C GLN A 262 -58.74 -23.14 -49.93
N ASN A 263 -59.45 -23.16 -48.79
CA ASN A 263 -58.87 -22.98 -47.47
C ASN A 263 -59.01 -24.24 -46.61
N ASP A 264 -59.20 -25.41 -47.23
CA ASP A 264 -59.02 -26.67 -46.52
C ASP A 264 -57.55 -27.09 -46.54
N ARG A 265 -56.83 -26.79 -45.46
CA ARG A 265 -55.39 -26.91 -45.42
C ARG A 265 -54.96 -28.37 -45.53
N ALA A 266 -55.76 -29.29 -44.99
CA ALA A 266 -55.34 -30.68 -45.00
C ALA A 266 -55.22 -31.19 -46.45
N ARG A 267 -55.85 -30.48 -47.40
CA ARG A 267 -55.92 -30.91 -48.78
C ARG A 267 -55.17 -29.96 -49.71
N TRP A 268 -54.41 -29.04 -49.13
CA TRP A 268 -53.48 -28.19 -49.86
C TRP A 268 -52.53 -28.97 -50.77
N PRO A 269 -51.99 -30.14 -50.37
CA PRO A 269 -51.19 -30.96 -51.27
C PRO A 269 -51.90 -31.31 -52.58
N GLU A 270 -53.15 -31.77 -52.48
CA GLU A 270 -53.93 -32.08 -53.68
C GLU A 270 -54.11 -30.80 -54.49
N LEU A 271 -54.44 -29.72 -53.80
CA LEU A 271 -54.82 -28.49 -54.48
C LEU A 271 -53.61 -27.95 -55.26
N ARG A 272 -52.47 -27.93 -54.57
CA ARG A 272 -51.22 -27.49 -55.18
C ARG A 272 -50.88 -28.29 -56.41
N ALA A 273 -51.09 -29.61 -56.32
CA ALA A 273 -50.79 -30.52 -57.41
C ALA A 273 -51.67 -30.20 -58.61
N LEU A 274 -52.95 -29.91 -58.32
CA LEU A 274 -53.86 -29.55 -59.40
C LEU A 274 -53.43 -28.25 -60.06
N LEU A 275 -53.10 -27.24 -59.25
CA LEU A 275 -52.77 -25.92 -59.79
C LEU A 275 -51.44 -26.00 -60.53
N THR A 276 -50.49 -26.77 -59.98
CA THR A 276 -49.18 -26.95 -60.58
C THR A 276 -49.31 -27.51 -61.99
N GLU A 277 -50.12 -28.57 -62.16
CA GLU A 277 -50.30 -29.19 -63.47
C GLU A 277 -50.96 -28.19 -64.44
N ALA A 278 -51.95 -27.42 -63.98
CA ALA A 278 -52.57 -26.43 -64.84
C ALA A 278 -51.61 -25.34 -65.30
N PHE A 279 -50.89 -24.67 -64.40
CA PHE A 279 -49.96 -23.63 -64.83
C PHE A 279 -48.84 -24.19 -65.70
N ALA A 280 -48.48 -25.47 -65.50
CA ALA A 280 -47.38 -26.08 -66.26
C ALA A 280 -47.75 -26.34 -67.72
N SER A 281 -49.01 -26.13 -68.11
CA SER A 281 -49.45 -26.60 -69.42
C SER A 281 -49.34 -25.50 -70.48
N HIS A 282 -49.13 -24.24 -70.08
CA HIS A 282 -48.91 -23.15 -71.01
C HIS A 282 -47.77 -22.26 -70.50
N ASP A 283 -47.23 -21.39 -71.36
CA ASP A 283 -46.06 -20.64 -71.01
C ASP A 283 -46.50 -19.38 -70.27
N ARG A 284 -45.53 -18.70 -69.66
CA ARG A 284 -45.83 -17.56 -68.83
C ARG A 284 -46.65 -16.56 -69.63
N ASP A 285 -46.29 -16.35 -70.90
CA ASP A 285 -46.83 -15.24 -71.66
C ASP A 285 -48.28 -15.57 -72.08
N HIS A 286 -48.57 -16.85 -72.30
CA HIS A 286 -49.96 -17.28 -72.34
C HIS A 286 -50.73 -16.79 -71.11
N TRP A 287 -50.29 -17.18 -69.90
CA TRP A 287 -51.05 -16.83 -68.70
C TRP A 287 -51.14 -15.31 -68.59
N GLY A 288 -50.12 -14.59 -69.07
CA GLY A 288 -50.05 -13.15 -68.90
C GLY A 288 -51.20 -12.47 -69.65
N ALA A 289 -51.55 -13.04 -70.81
CA ALA A 289 -52.58 -12.53 -71.68
C ALA A 289 -53.95 -12.94 -71.15
N VAL A 290 -54.19 -14.25 -71.03
CA VAL A 290 -55.41 -14.75 -70.40
C VAL A 290 -55.83 -13.87 -69.22
N PHE A 291 -54.89 -13.43 -68.36
CA PHE A 291 -55.31 -12.81 -67.11
C PHE A 291 -55.14 -11.29 -67.07
N ALA A 292 -54.66 -10.62 -68.11
CA ALA A 292 -54.57 -9.17 -68.03
C ALA A 292 -55.97 -8.58 -67.91
N ASN A 293 -56.08 -7.48 -67.15
CA ASN A 293 -57.35 -6.79 -66.90
C ASN A 293 -58.27 -7.60 -65.99
N SER A 294 -57.71 -8.67 -65.42
CA SER A 294 -58.47 -9.63 -64.64
C SER A 294 -58.19 -9.40 -63.16
N ASP A 295 -59.16 -9.72 -62.29
CA ASP A 295 -58.98 -9.71 -60.85
C ASP A 295 -58.48 -11.06 -60.32
N ALA A 296 -57.95 -11.90 -61.20
CA ALA A 296 -57.48 -13.22 -60.81
C ALA A 296 -56.18 -13.16 -59.98
N CYS A 297 -55.52 -12.00 -59.92
CA CYS A 297 -54.30 -11.87 -59.13
C CYS A 297 -53.22 -12.85 -59.60
N VAL A 298 -53.01 -12.89 -60.92
CA VAL A 298 -52.00 -13.69 -61.56
C VAL A 298 -51.15 -12.76 -62.42
N THR A 299 -49.84 -12.69 -62.18
CA THR A 299 -48.99 -11.77 -62.92
C THR A 299 -47.73 -12.51 -63.29
N PRO A 300 -47.10 -12.10 -64.40
CA PRO A 300 -45.83 -12.66 -64.77
C PRO A 300 -44.74 -12.24 -63.78
N VAL A 301 -43.84 -13.19 -63.47
CA VAL A 301 -42.65 -12.93 -62.67
C VAL A 301 -41.52 -12.50 -63.60
N LEU A 302 -41.36 -11.20 -63.73
CA LEU A 302 -40.36 -10.66 -64.64
C LEU A 302 -38.98 -10.61 -63.96
N ALA A 303 -37.96 -10.93 -64.76
CA ALA A 303 -36.57 -10.66 -64.44
C ALA A 303 -36.25 -9.18 -64.62
N PHE A 304 -35.28 -8.65 -63.86
CA PHE A 304 -34.91 -7.24 -63.99
C PHE A 304 -34.81 -6.79 -65.45
N GLY A 305 -34.15 -7.61 -66.27
CA GLY A 305 -33.85 -7.25 -67.65
C GLY A 305 -35.06 -7.09 -68.57
N GLU A 306 -36.24 -7.58 -68.14
CA GLU A 306 -37.50 -7.54 -68.90
C GLU A 306 -38.44 -6.43 -68.43
N VAL A 307 -38.15 -5.83 -67.28
CA VAL A 307 -39.09 -4.91 -66.65
C VAL A 307 -39.35 -3.71 -67.54
N HIS A 308 -38.31 -3.29 -68.28
CA HIS A 308 -38.38 -2.10 -69.12
C HIS A 308 -39.35 -2.33 -70.28
N ASN A 309 -39.73 -3.58 -70.59
CA ASN A 309 -40.67 -3.83 -71.68
C ASN A 309 -42.12 -4.00 -71.21
N GLU A 310 -42.42 -3.84 -69.91
CA GLU A 310 -43.75 -4.12 -69.40
C GLU A 310 -44.60 -2.85 -69.51
N PRO A 311 -45.77 -2.90 -70.20
CA PRO A 311 -46.54 -1.69 -70.47
C PRO A 311 -46.79 -0.79 -69.27
N HIS A 312 -47.27 -1.35 -68.16
CA HIS A 312 -47.66 -0.55 -67.02
C HIS A 312 -46.44 0.15 -66.40
N ILE A 313 -45.27 -0.44 -66.55
CA ILE A 313 -44.03 0.12 -66.03
C ILE A 313 -43.62 1.30 -66.90
N ILE A 314 -43.65 1.14 -68.22
CA ILE A 314 -43.33 2.18 -69.18
C ILE A 314 -44.27 3.38 -69.03
N GLU A 315 -45.58 3.15 -68.99
CA GLU A 315 -46.52 4.26 -69.04
C GLU A 315 -46.51 5.10 -67.78
N ARG A 316 -46.18 4.52 -66.62
CA ARG A 316 -46.18 5.34 -65.43
C ARG A 316 -44.80 5.96 -65.17
N ASN A 317 -43.82 5.72 -66.05
CA ASN A 317 -42.45 6.12 -65.86
C ASN A 317 -41.93 5.72 -64.47
N THR A 318 -42.01 4.42 -64.14
CA THR A 318 -41.47 3.96 -62.90
C THR A 318 -39.93 4.02 -62.97
N PHE A 319 -39.36 3.88 -64.16
CA PHE A 319 -37.93 3.89 -64.39
C PHE A 319 -37.51 5.00 -65.37
N TYR A 320 -36.22 5.41 -65.29
CA TYR A 320 -35.58 6.29 -66.27
C TYR A 320 -34.27 5.63 -66.69
N GLU A 321 -33.69 6.06 -67.83
CA GLU A 321 -32.37 5.58 -68.28
C GLU A 321 -31.28 6.46 -67.69
N ALA A 322 -30.12 5.87 -67.41
CA ALA A 322 -28.95 6.60 -66.94
C ALA A 322 -27.72 5.69 -66.98
N ASN A 323 -26.88 5.88 -68.00
CA ASN A 323 -25.61 5.15 -68.10
C ASN A 323 -25.87 3.64 -68.16
N GLY A 324 -26.14 3.15 -69.37
CA GLY A 324 -26.34 1.72 -69.64
C GLY A 324 -27.03 1.01 -68.47
N GLY A 325 -28.12 1.60 -67.97
CA GLY A 325 -28.92 0.96 -66.94
C GLY A 325 -30.15 1.78 -66.59
N TRP A 326 -31.29 1.09 -66.40
CA TRP A 326 -32.48 1.73 -65.88
C TRP A 326 -32.33 1.92 -64.37
N GLN A 327 -32.97 2.96 -63.86
CA GLN A 327 -32.97 3.21 -62.43
C GLN A 327 -34.37 3.63 -62.03
N PRO A 328 -34.80 3.33 -60.79
CA PRO A 328 -36.10 3.76 -60.32
C PRO A 328 -36.25 5.26 -60.16
N MET A 329 -37.40 5.78 -60.61
CA MET A 329 -37.77 7.16 -60.38
C MET A 329 -38.16 7.34 -58.94
N PRO A 330 -38.05 8.56 -58.41
CA PRO A 330 -38.39 8.80 -57.02
C PRO A 330 -39.78 8.31 -56.69
N ALA A 331 -39.97 7.99 -55.42
CA ALA A 331 -41.27 7.64 -54.90
C ALA A 331 -41.36 8.23 -53.50
N PRO A 332 -42.57 8.49 -52.97
CA PRO A 332 -43.79 8.43 -53.75
C PRO A 332 -43.93 9.65 -54.64
N ARG A 333 -45.12 9.88 -55.22
CA ARG A 333 -45.30 10.98 -56.15
C ARG A 333 -46.15 12.06 -55.51
N PHE A 334 -45.92 13.31 -55.90
CA PHE A 334 -46.60 14.45 -55.29
C PHE A 334 -47.35 15.24 -56.37
N SER A 335 -48.60 15.60 -56.08
CA SER A 335 -49.43 16.33 -57.03
C SER A 335 -48.89 17.73 -57.34
N ARG A 336 -48.59 18.55 -56.33
CA ARG A 336 -48.14 19.92 -56.57
C ARG A 336 -46.61 20.05 -56.69
N THR A 337 -45.84 19.56 -55.72
CA THR A 337 -44.39 19.76 -55.73
C THR A 337 -43.68 18.50 -56.20
N ALA A 338 -43.71 18.26 -57.50
CA ALA A 338 -43.26 16.98 -58.03
C ALA A 338 -41.74 16.95 -57.97
N SER A 339 -41.20 15.73 -57.98
CA SER A 339 -39.76 15.49 -58.00
C SER A 339 -39.25 15.57 -59.43
N SER A 340 -37.95 15.79 -59.56
CA SER A 340 -37.29 15.78 -60.85
C SER A 340 -36.69 14.41 -61.06
N GLN A 341 -36.36 14.14 -62.33
CA GLN A 341 -35.37 13.16 -62.65
C GLN A 341 -34.18 13.41 -61.72
N PRO A 342 -33.59 12.36 -61.12
CA PRO A 342 -32.38 12.49 -60.35
C PRO A 342 -31.18 12.83 -61.24
N ARG A 343 -30.27 13.63 -60.66
CA ARG A 343 -29.02 14.03 -61.30
C ARG A 343 -27.97 12.98 -60.98
N PRO A 344 -27.09 12.58 -61.93
CA PRO A 344 -26.08 11.58 -61.61
C PRO A 344 -25.10 12.08 -60.54
N PRO A 345 -24.30 11.22 -59.89
CA PRO A 345 -23.42 11.66 -58.81
C PRO A 345 -22.50 12.82 -59.21
N ALA A 346 -22.44 13.85 -58.35
CA ALA A 346 -21.89 15.14 -58.72
C ALA A 346 -20.40 15.23 -58.36
N ALA A 347 -19.56 14.89 -59.35
CA ALA A 347 -18.11 15.04 -59.28
C ALA A 347 -17.69 15.90 -58.07
N THR A 348 -16.61 15.49 -57.40
CA THR A 348 -16.21 16.03 -56.09
C THR A 348 -16.24 17.56 -56.11
N ILE A 349 -16.39 18.13 -54.92
CA ILE A 349 -16.45 19.57 -54.74
C ILE A 349 -15.59 19.90 -53.52
N ASP A 350 -15.21 21.17 -53.33
CA ASP A 350 -14.46 21.56 -52.15
C ASP A 350 -15.42 22.13 -51.11
N ILE A 351 -15.17 21.77 -49.85
CA ILE A 351 -16.11 22.05 -48.76
C ILE A 351 -16.22 23.56 -48.47
N GLU A 352 -15.22 24.36 -48.89
CA GLU A 352 -15.29 25.81 -48.78
C GLU A 352 -16.35 26.32 -49.75
N ALA A 353 -16.26 25.89 -51.01
CA ALA A 353 -17.23 26.23 -52.05
C ALA A 353 -18.67 25.99 -51.59
N VAL A 354 -18.89 24.99 -50.70
CA VAL A 354 -20.23 24.64 -50.25
C VAL A 354 -20.64 25.56 -49.10
N LEU A 355 -19.70 25.84 -48.18
CA LEU A 355 -19.98 26.75 -47.07
C LEU A 355 -20.29 28.15 -47.60
N THR A 356 -19.64 28.51 -48.72
CA THR A 356 -19.86 29.75 -49.47
C THR A 356 -21.26 29.77 -50.08
N ASP A 357 -21.55 28.82 -51.00
CA ASP A 357 -22.86 28.64 -51.61
C ASP A 357 -23.98 28.61 -50.56
N TRP A 358 -23.72 28.05 -49.36
CA TRP A 358 -24.70 28.03 -48.28
C TRP A 358 -24.69 29.34 -47.47
N ASP A 359 -24.06 30.39 -48.04
CA ASP A 359 -23.81 31.68 -47.41
C ASP A 359 -23.43 31.49 -45.93
N MET B 1 -50.39 13.15 -25.56
CA MET B 1 -49.94 11.98 -26.38
C MET B 1 -48.43 12.05 -26.63
N ALA B 2 -47.71 10.97 -26.31
CA ALA B 2 -46.25 10.97 -26.37
C ALA B 2 -45.76 10.74 -27.80
N GLY B 3 -44.78 11.55 -28.24
CA GLY B 3 -44.05 11.25 -29.45
C GLY B 3 -43.82 12.49 -30.29
N PRO B 4 -42.93 12.46 -31.30
CA PRO B 4 -42.67 13.65 -32.12
C PRO B 4 -43.82 14.11 -33.00
N LEU B 5 -44.92 13.38 -33.05
CA LEU B 5 -46.02 13.74 -33.92
C LEU B 5 -47.23 14.04 -33.05
N SER B 6 -46.99 14.67 -31.89
CA SER B 6 -48.09 15.00 -31.02
C SER B 6 -48.88 16.10 -31.70
N GLY B 7 -50.21 15.90 -31.77
CA GLY B 7 -51.11 16.87 -32.36
C GLY B 7 -51.08 16.92 -33.89
N LEU B 8 -50.51 15.89 -34.53
CA LEU B 8 -50.83 15.62 -35.92
C LEU B 8 -52.14 14.83 -35.91
N ARG B 9 -53.10 15.27 -36.74
CA ARG B 9 -54.41 14.64 -36.84
C ARG B 9 -54.52 13.92 -38.18
N VAL B 10 -54.97 12.66 -38.10
CA VAL B 10 -54.89 11.73 -39.22
C VAL B 10 -56.25 11.03 -39.32
N VAL B 11 -56.83 11.03 -40.52
CA VAL B 11 -58.05 10.27 -40.77
C VAL B 11 -57.68 9.09 -41.66
N GLU B 12 -58.14 7.90 -41.28
CA GLU B 12 -57.77 6.70 -42.01
C GLU B 12 -59.05 6.00 -42.44
N LEU B 13 -59.22 5.81 -43.75
CA LEU B 13 -60.30 4.99 -44.27
C LEU B 13 -59.84 3.54 -44.29
N ALA B 14 -60.62 2.66 -43.66
CA ALA B 14 -60.18 1.32 -43.35
C ALA B 14 -59.99 0.48 -44.61
N GLY B 15 -58.80 -0.10 -44.72
CA GLY B 15 -58.51 -1.16 -45.68
C GLY B 15 -57.56 -2.19 -45.06
N ILE B 16 -56.70 -2.75 -45.90
CA ILE B 16 -55.84 -3.83 -45.48
C ILE B 16 -54.40 -3.54 -45.87
N GLY B 17 -53.47 -4.10 -45.09
CA GLY B 17 -52.07 -4.09 -45.43
C GLY B 17 -51.47 -2.71 -45.24
N PRO B 18 -51.05 -2.03 -46.32
CA PRO B 18 -50.21 -0.85 -46.18
C PRO B 18 -50.86 0.33 -45.46
N GLY B 19 -52.08 0.70 -45.85
CA GLY B 19 -52.71 1.89 -45.28
C GLY B 19 -52.81 1.79 -43.74
N PRO B 20 -53.26 0.64 -43.21
CA PRO B 20 -53.29 0.43 -41.77
C PRO B 20 -51.93 0.42 -41.09
N HIS B 21 -50.92 -0.12 -41.76
CA HIS B 21 -49.56 -0.10 -41.24
C HIS B 21 -49.06 1.34 -41.10
N ALA B 22 -49.25 2.16 -42.14
CA ALA B 22 -48.82 3.55 -42.09
C ALA B 22 -49.53 4.30 -40.96
N ALA B 23 -50.83 4.04 -40.83
CA ALA B 23 -51.62 4.70 -39.81
C ALA B 23 -51.11 4.29 -38.42
N MET B 24 -50.72 3.01 -38.28
CA MET B 24 -50.17 2.48 -37.04
C MET B 24 -48.91 3.24 -36.68
N ILE B 25 -47.99 3.38 -37.61
CA ILE B 25 -46.73 4.02 -37.28
C ILE B 25 -46.97 5.48 -36.93
N LEU B 26 -47.96 6.12 -37.57
CA LEU B 26 -48.26 7.50 -37.27
C LEU B 26 -48.72 7.60 -35.82
N GLY B 27 -49.68 6.74 -35.44
CA GLY B 27 -50.12 6.61 -34.07
C GLY B 27 -48.96 6.31 -33.11
N ASP B 28 -48.16 5.31 -33.45
CA ASP B 28 -47.04 4.90 -32.63
C ASP B 28 -46.25 6.12 -32.17
N LEU B 29 -46.04 7.07 -33.07
CA LEU B 29 -45.23 8.27 -32.83
C LEU B 29 -46.06 9.45 -32.32
N GLY B 30 -47.25 9.17 -31.74
CA GLY B 30 -48.04 10.14 -30.99
C GLY B 30 -49.12 10.88 -31.78
N ALA B 31 -49.41 10.47 -33.02
CA ALA B 31 -50.40 11.17 -33.82
C ALA B 31 -51.81 10.74 -33.39
N ASP B 32 -52.76 11.66 -33.63
CA ASP B 32 -54.17 11.40 -33.34
C ASP B 32 -54.80 10.76 -34.58
N VAL B 33 -55.20 9.49 -34.43
CA VAL B 33 -55.54 8.68 -35.58
C VAL B 33 -56.95 8.15 -35.40
N VAL B 34 -57.83 8.57 -36.33
CA VAL B 34 -59.21 8.11 -36.34
C VAL B 34 -59.40 7.30 -37.61
N ARG B 35 -59.90 6.09 -37.41
CA ARG B 35 -60.11 5.15 -38.49
C ARG B 35 -61.61 4.91 -38.67
N ILE B 36 -62.11 5.25 -39.88
CA ILE B 36 -63.48 5.04 -40.27
C ILE B 36 -63.61 3.66 -40.91
N ASP B 37 -64.39 2.77 -40.29
CA ASP B 37 -64.70 1.47 -40.87
C ASP B 37 -66.17 1.42 -41.28
N ARG B 38 -66.62 0.27 -41.80
CA ARG B 38 -68.02 0.12 -42.18
C ARG B 38 -68.74 -0.66 -41.10
N PRO B 39 -70.05 -0.42 -40.87
CA PRO B 39 -70.81 -1.02 -39.77
C PRO B 39 -70.56 -2.51 -39.54
N SER B 40 -70.13 -3.23 -40.59
CA SER B 40 -69.58 -4.57 -40.45
C SER B 40 -68.06 -4.57 -40.69
N SER B 46 -61.29 -4.58 -31.42
CA SER B 46 -60.88 -5.41 -32.60
C SER B 46 -59.67 -6.27 -32.22
N ARG B 47 -59.41 -7.27 -33.06
CA ARG B 47 -58.48 -8.34 -32.75
C ARG B 47 -57.07 -7.96 -33.19
N ASP B 48 -56.97 -7.32 -34.37
CA ASP B 48 -55.69 -6.97 -34.98
C ASP B 48 -55.00 -5.90 -34.13
N ALA B 49 -53.83 -6.24 -33.61
CA ALA B 49 -53.00 -5.30 -32.88
C ALA B 49 -52.40 -4.26 -33.82
N MET B 50 -52.61 -4.38 -35.15
CA MET B 50 -52.16 -3.36 -36.09
C MET B 50 -53.06 -2.14 -35.95
N LEU B 51 -54.22 -2.35 -35.29
CA LEU B 51 -55.19 -1.30 -35.07
C LEU B 51 -54.91 -0.60 -33.75
N ARG B 52 -53.68 -0.72 -33.26
CA ARG B 52 -53.25 -0.08 -32.04
C ARG B 52 -53.04 1.41 -32.30
N ASN B 53 -53.20 2.23 -31.25
CA ASN B 53 -53.01 3.67 -31.30
C ASN B 53 -54.01 4.34 -32.25
N ARG B 54 -55.25 3.86 -32.21
CA ARG B 54 -56.33 4.41 -33.01
C ARG B 54 -57.57 4.64 -32.15
N ARG B 55 -58.41 5.57 -32.63
CA ARG B 55 -59.84 5.51 -32.37
C ARG B 55 -60.54 4.96 -33.61
N ILE B 56 -61.41 3.95 -33.40
CA ILE B 56 -62.26 3.34 -34.43
C ILE B 56 -63.67 3.95 -34.36
N VAL B 57 -64.21 4.35 -35.53
CA VAL B 57 -65.59 4.81 -35.67
C VAL B 57 -66.23 4.10 -36.87
N THR B 58 -67.54 3.83 -36.80
CA THR B 58 -68.32 3.33 -37.93
C THR B 58 -69.08 4.46 -38.64
N ALA B 59 -69.40 4.20 -39.92
CA ALA B 59 -70.01 5.16 -40.82
C ALA B 59 -70.21 4.52 -42.19
N ASP B 60 -71.48 4.33 -42.59
CA ASP B 60 -71.83 4.03 -43.98
C ASP B 60 -71.47 5.25 -44.82
N LEU B 61 -70.35 5.18 -45.55
CA LEU B 61 -69.88 6.30 -46.35
C LEU B 61 -70.75 6.49 -47.59
N LYS B 62 -71.60 5.50 -47.88
CA LYS B 62 -72.54 5.62 -48.98
C LYS B 62 -73.82 6.36 -48.56
N SER B 63 -74.10 6.50 -47.25
CA SER B 63 -75.26 7.26 -46.79
C SER B 63 -74.97 8.75 -46.94
N ASP B 64 -76.00 9.60 -46.79
CA ASP B 64 -75.83 11.03 -46.92
C ASP B 64 -75.12 11.55 -45.67
N GLN B 65 -75.46 10.94 -44.53
CA GLN B 65 -75.04 11.36 -43.20
C GLN B 65 -73.62 10.86 -42.90
N GLY B 66 -73.37 9.55 -43.10
CA GLY B 66 -72.03 8.99 -43.05
C GLY B 66 -71.00 9.84 -43.81
N LEU B 67 -71.36 10.35 -45.00
CA LEU B 67 -70.44 11.15 -45.78
C LEU B 67 -70.26 12.52 -45.12
N GLU B 68 -71.36 13.10 -44.62
CA GLU B 68 -71.32 14.44 -44.06
C GLU B 68 -70.32 14.44 -42.92
N LEU B 69 -70.53 13.48 -42.01
CA LEU B 69 -69.70 13.30 -40.82
C LEU B 69 -68.21 13.17 -41.21
N ALA B 70 -67.91 12.34 -42.22
CA ALA B 70 -66.55 12.06 -42.63
C ALA B 70 -65.86 13.35 -43.06
N LEU B 71 -66.58 14.16 -43.83
CA LEU B 71 -66.07 15.42 -44.36
C LEU B 71 -65.86 16.43 -43.23
N LYS B 72 -66.60 16.28 -42.13
CA LYS B 72 -66.42 17.12 -40.97
C LYS B 72 -65.14 16.73 -40.22
N LEU B 73 -64.83 15.42 -40.11
CA LEU B 73 -63.52 15.00 -39.65
C LEU B 73 -62.41 15.59 -40.50
N ILE B 74 -62.48 15.37 -41.81
CA ILE B 74 -61.35 15.62 -42.69
C ILE B 74 -61.02 17.10 -42.71
N ALA B 75 -62.07 17.91 -42.49
CA ALA B 75 -61.97 19.35 -42.39
C ALA B 75 -61.06 19.75 -41.22
N LYS B 76 -61.13 18.97 -40.13
CA LYS B 76 -60.38 19.23 -38.91
C LYS B 76 -58.98 18.61 -38.95
N ALA B 77 -58.73 17.61 -39.83
CA ALA B 77 -57.53 16.79 -39.76
C ALA B 77 -56.42 17.32 -40.66
N ASP B 78 -55.23 16.73 -40.56
CA ASP B 78 -54.07 17.13 -41.33
C ASP B 78 -53.80 16.17 -42.48
N VAL B 79 -54.03 14.88 -42.21
CA VAL B 79 -53.73 13.84 -43.17
C VAL B 79 -54.97 12.95 -43.32
N LEU B 80 -55.25 12.61 -44.59
CA LEU B 80 -56.19 11.54 -44.88
C LEU B 80 -55.42 10.43 -45.57
N ILE B 81 -55.70 9.19 -45.12
CA ILE B 81 -55.12 8.00 -45.71
C ILE B 81 -56.24 7.15 -46.32
N GLU B 82 -56.11 6.81 -47.61
CA GLU B 82 -57.02 5.84 -48.22
C GLU B 82 -56.25 4.82 -49.07
N GLY B 83 -56.65 3.55 -48.94
CA GLY B 83 -56.02 2.49 -49.70
C GLY B 83 -57.00 1.70 -50.60
N TYR B 84 -57.95 2.40 -51.23
CA TYR B 84 -58.89 1.76 -52.13
C TYR B 84 -58.36 1.87 -53.56
N ARG B 85 -59.00 1.14 -54.48
CA ARG B 85 -58.66 1.24 -55.89
C ARG B 85 -58.95 2.66 -56.31
N PRO B 86 -58.26 3.19 -57.33
CA PRO B 86 -58.56 4.50 -57.86
C PRO B 86 -60.02 4.67 -58.28
N GLY B 87 -60.54 5.89 -58.10
CA GLY B 87 -61.91 6.20 -58.42
C GLY B 87 -62.80 5.95 -57.21
N VAL B 88 -62.40 5.10 -56.28
CA VAL B 88 -63.31 4.72 -55.23
C VAL B 88 -63.68 5.90 -54.34
N THR B 89 -62.70 6.73 -53.92
CA THR B 89 -63.03 7.80 -52.99
C THR B 89 -63.75 8.92 -53.76
N GLU B 90 -63.43 9.10 -55.05
CA GLU B 90 -64.14 10.09 -55.86
C GLU B 90 -65.64 9.83 -55.81
N ARG B 91 -66.06 8.59 -56.09
CA ARG B 91 -67.45 8.21 -56.15
C ARG B 91 -68.12 8.31 -54.78
N LEU B 92 -67.38 8.13 -53.69
CA LEU B 92 -67.99 8.25 -52.37
C LEU B 92 -68.29 9.71 -52.07
N GLY B 93 -67.70 10.63 -52.85
CA GLY B 93 -67.70 12.04 -52.54
C GLY B 93 -66.56 12.47 -51.62
N LEU B 94 -65.50 11.63 -51.51
CA LEU B 94 -64.37 11.85 -50.62
C LEU B 94 -63.05 11.98 -51.38
N GLY B 95 -63.11 12.37 -52.65
CA GLY B 95 -61.94 12.45 -53.49
C GLY B 95 -61.06 13.63 -53.13
N PRO B 96 -59.87 13.77 -53.76
CA PRO B 96 -59.03 14.91 -53.47
C PRO B 96 -59.76 16.26 -53.57
N GLU B 97 -60.54 16.46 -54.63
CA GLU B 97 -61.06 17.79 -54.89
C GLU B 97 -62.15 18.16 -53.90
N GLU B 98 -63.00 17.21 -53.49
CA GLU B 98 -64.03 17.49 -52.49
C GLU B 98 -63.40 17.81 -51.14
N CYS B 99 -62.25 17.21 -50.88
CA CYS B 99 -61.57 17.35 -49.61
C CYS B 99 -60.88 18.72 -49.56
N ALA B 100 -60.34 19.17 -50.70
CA ALA B 100 -59.69 20.46 -50.85
C ALA B 100 -60.67 21.63 -50.76
N LYS B 101 -61.97 21.34 -50.81
CA LYS B 101 -62.98 22.37 -50.68
C LYS B 101 -63.16 22.68 -49.20
N VAL B 102 -63.08 21.65 -48.34
CA VAL B 102 -63.34 21.81 -46.92
C VAL B 102 -62.03 21.90 -46.11
N ASN B 103 -60.87 21.95 -46.80
CA ASN B 103 -59.56 21.93 -46.15
C ASN B 103 -58.45 21.89 -47.19
N ASP B 104 -57.95 23.06 -47.59
CA ASP B 104 -56.94 23.17 -48.64
C ASP B 104 -55.56 22.79 -48.11
N ARG B 105 -55.49 22.46 -46.81
CA ARG B 105 -54.24 22.17 -46.12
C ARG B 105 -54.01 20.67 -45.99
N LEU B 106 -55.09 19.87 -46.09
CA LEU B 106 -55.08 18.42 -45.99
C LEU B 106 -53.98 17.79 -46.84
N ILE B 107 -53.24 16.87 -46.23
CA ILE B 107 -52.37 15.96 -46.96
C ILE B 107 -53.18 14.72 -47.32
N TYR B 108 -53.34 14.49 -48.64
CA TYR B 108 -54.25 13.46 -49.15
C TYR B 108 -53.42 12.28 -49.66
N ALA B 109 -53.46 11.17 -48.90
CA ALA B 109 -52.49 10.08 -49.06
C ALA B 109 -53.15 8.83 -49.65
N ARG B 110 -52.75 8.52 -50.90
CA ARG B 110 -53.34 7.44 -51.66
C ARG B 110 -52.36 6.26 -51.78
N MET B 111 -52.75 5.14 -51.16
CA MET B 111 -51.94 3.95 -51.05
C MET B 111 -52.49 2.86 -51.96
N THR B 112 -51.83 2.63 -53.11
CA THR B 112 -52.21 1.51 -53.97
C THR B 112 -51.00 0.65 -54.31
N GLY B 113 -51.24 -0.44 -55.06
CA GLY B 113 -50.17 -1.28 -55.55
C GLY B 113 -49.68 -0.79 -56.92
N TRP B 114 -50.62 -0.55 -57.83
CA TRP B 114 -50.27 -0.32 -59.21
C TRP B 114 -50.21 1.16 -59.52
N GLY B 115 -50.74 2.00 -58.62
CA GLY B 115 -50.78 3.44 -58.86
C GLY B 115 -52.17 3.94 -59.24
N GLN B 116 -52.21 5.22 -59.60
CA GLN B 116 -53.46 5.95 -59.82
C GLN B 116 -53.98 5.81 -61.26
N THR B 117 -53.09 5.61 -62.23
CA THR B 117 -53.47 5.48 -63.62
C THR B 117 -52.68 4.34 -64.27
N GLY B 118 -53.00 4.03 -65.52
CA GLY B 118 -52.27 3.04 -66.28
C GLY B 118 -53.01 1.71 -66.36
N PRO B 119 -52.55 0.81 -67.25
CA PRO B 119 -53.33 -0.34 -67.68
C PRO B 119 -53.72 -1.32 -66.57
N ARG B 120 -52.94 -1.35 -65.48
CA ARG B 120 -53.21 -2.31 -64.43
C ARG B 120 -53.84 -1.60 -63.26
N SER B 121 -54.18 -0.32 -63.44
CA SER B 121 -54.61 0.50 -62.31
C SER B 121 -55.88 -0.01 -61.68
N GLN B 122 -56.70 -0.81 -62.40
CA GLN B 122 -57.94 -1.27 -61.77
C GLN B 122 -57.88 -2.76 -61.44
N GLN B 123 -56.73 -3.39 -61.67
CA GLN B 123 -56.56 -4.80 -61.43
C GLN B 123 -56.42 -5.04 -59.92
N ALA B 124 -57.18 -6.00 -59.40
CA ALA B 124 -56.91 -6.48 -58.06
C ALA B 124 -55.49 -7.02 -57.99
N GLY B 125 -54.91 -6.99 -56.79
CA GLY B 125 -53.59 -7.53 -56.56
C GLY B 125 -53.23 -7.60 -55.07
N HIS B 126 -52.16 -8.31 -54.79
CA HIS B 126 -51.53 -8.26 -53.49
C HIS B 126 -50.02 -8.17 -53.68
N ASP B 127 -49.34 -8.03 -52.54
CA ASP B 127 -47.90 -7.88 -52.48
C ASP B 127 -47.20 -8.72 -53.55
N ILE B 128 -47.41 -10.04 -53.52
CA ILE B 128 -46.70 -10.94 -54.44
C ILE B 128 -46.85 -10.48 -55.89
N ASN B 129 -47.99 -9.87 -56.25
CA ASN B 129 -48.18 -9.43 -57.63
C ASN B 129 -47.36 -8.16 -57.94
N TYR B 130 -47.33 -7.19 -57.01
CA TYR B 130 -46.64 -5.94 -57.29
C TYR B 130 -45.15 -6.20 -57.47
N ILE B 131 -44.58 -7.13 -56.66
CA ILE B 131 -43.15 -7.40 -56.73
C ILE B 131 -42.83 -8.37 -57.86
N SER B 132 -43.82 -9.07 -58.41
CA SER B 132 -43.55 -9.89 -59.59
C SER B 132 -43.23 -9.03 -60.80
N LEU B 133 -43.77 -7.82 -60.87
CA LEU B 133 -43.71 -7.09 -62.14
C LEU B 133 -42.44 -6.28 -62.30
N ASN B 134 -41.74 -5.99 -61.20
CA ASN B 134 -40.63 -5.06 -61.21
C ASN B 134 -39.30 -5.75 -60.91
N GLY B 135 -39.25 -7.08 -61.00
CA GLY B 135 -37.99 -7.80 -60.99
C GLY B 135 -37.63 -8.33 -59.60
N ILE B 136 -38.36 -7.87 -58.58
CA ILE B 136 -37.96 -8.17 -57.22
C ILE B 136 -38.20 -9.63 -56.91
N LEU B 137 -39.41 -10.13 -57.18
CA LEU B 137 -39.77 -11.49 -56.79
C LEU B 137 -38.87 -12.50 -57.49
N HIS B 138 -38.54 -12.22 -58.75
CA HIS B 138 -37.72 -13.14 -59.53
C HIS B 138 -36.35 -13.34 -58.88
N ALA B 139 -35.93 -12.37 -58.06
CA ALA B 139 -34.55 -12.32 -57.59
C ALA B 139 -34.38 -13.04 -56.26
N ILE B 140 -35.49 -13.53 -55.68
CA ILE B 140 -35.48 -14.04 -54.33
C ILE B 140 -35.72 -15.56 -54.35
N GLY B 141 -34.80 -16.30 -53.71
CA GLY B 141 -34.94 -17.73 -53.52
C GLY B 141 -33.70 -18.46 -54.05
N ARG B 142 -33.68 -19.78 -53.94
CA ARG B 142 -32.59 -20.56 -54.49
C ARG B 142 -32.74 -20.68 -56.00
N GLY B 143 -31.62 -20.96 -56.68
CA GLY B 143 -31.53 -20.96 -58.13
C GLY B 143 -32.18 -22.17 -58.80
N ASP B 144 -32.20 -23.29 -58.06
CA ASP B 144 -32.69 -24.55 -58.62
C ASP B 144 -34.21 -24.68 -58.41
N GLU B 145 -34.95 -23.57 -58.39
CA GLU B 145 -36.24 -23.57 -57.74
C GLU B 145 -37.04 -22.30 -58.02
N ARG B 146 -38.34 -22.41 -57.76
CA ARG B 146 -39.18 -21.27 -58.06
C ARG B 146 -39.04 -20.19 -56.99
N PRO B 147 -39.21 -18.91 -57.39
CA PRO B 147 -39.06 -17.79 -56.47
C PRO B 147 -39.97 -17.92 -55.29
N VAL B 148 -39.53 -17.37 -54.16
CA VAL B 148 -40.28 -17.54 -52.93
C VAL B 148 -40.63 -16.15 -52.44
N PRO B 149 -41.88 -15.92 -52.01
CA PRO B 149 -42.27 -14.62 -51.54
C PRO B 149 -41.64 -14.32 -50.21
N PRO B 150 -41.04 -13.12 -50.06
CA PRO B 150 -40.55 -12.65 -48.78
C PRO B 150 -41.67 -12.12 -47.92
N LEU B 151 -42.51 -13.04 -47.50
CA LEU B 151 -43.79 -12.68 -46.93
C LEU B 151 -44.37 -11.55 -47.74
N ASN B 152 -45.01 -10.59 -47.08
CA ASN B 152 -45.46 -9.37 -47.73
C ASN B 152 -44.74 -8.18 -47.10
N LEU B 153 -43.43 -8.35 -46.86
CA LEU B 153 -42.62 -7.32 -46.23
C LEU B 153 -42.19 -6.27 -47.25
N VAL B 154 -42.04 -6.65 -48.52
CA VAL B 154 -41.36 -5.80 -49.47
C VAL B 154 -42.34 -4.93 -50.24
N GLY B 155 -43.52 -5.45 -50.61
CA GLY B 155 -44.49 -4.64 -51.33
C GLY B 155 -45.42 -3.85 -50.39
N ASP B 156 -46.05 -4.55 -49.45
CA ASP B 156 -46.99 -3.89 -48.57
C ASP B 156 -46.29 -2.86 -47.68
N PHE B 157 -45.14 -3.21 -47.10
CA PHE B 157 -44.64 -2.46 -45.96
C PHE B 157 -43.43 -1.64 -46.38
N GLY B 158 -42.33 -2.29 -46.72
CA GLY B 158 -41.10 -1.62 -47.07
C GLY B 158 -41.23 -0.72 -48.29
N GLY B 159 -41.92 -1.21 -49.34
CA GLY B 159 -42.11 -0.48 -50.58
C GLY B 159 -43.49 0.20 -50.64
N GLY B 160 -44.23 0.13 -49.53
CA GLY B 160 -45.63 0.45 -49.48
C GLY B 160 -45.94 1.51 -48.43
N SER B 161 -46.34 1.04 -47.24
CA SER B 161 -46.60 1.87 -46.09
C SER B 161 -45.45 2.86 -45.81
N MET B 162 -44.19 2.43 -45.94
CA MET B 162 -43.08 3.25 -45.54
C MET B 162 -42.93 4.42 -46.51
N PHE B 163 -43.26 4.20 -47.79
CA PHE B 163 -43.21 5.27 -48.76
C PHE B 163 -44.43 6.20 -48.60
N LEU B 164 -45.57 5.65 -48.22
CA LEU B 164 -46.69 6.49 -47.87
C LEU B 164 -46.25 7.47 -46.76
N LEU B 165 -45.58 6.94 -45.73
CA LEU B 165 -45.12 7.74 -44.61
C LEU B 165 -44.11 8.81 -45.03
N VAL B 166 -43.07 8.41 -45.77
CA VAL B 166 -42.13 9.41 -46.23
C VAL B 166 -42.85 10.53 -46.98
N GLY B 167 -43.96 10.20 -47.65
CA GLY B 167 -44.69 11.16 -48.44
C GLY B 167 -45.59 12.03 -47.57
N ILE B 168 -46.29 11.43 -46.62
CA ILE B 168 -47.11 12.19 -45.70
C ILE B 168 -46.27 13.22 -44.96
N LEU B 169 -45.08 12.84 -44.48
CA LEU B 169 -44.26 13.70 -43.65
C LEU B 169 -43.44 14.67 -44.49
N ALA B 170 -43.01 14.31 -45.69
CA ALA B 170 -42.37 15.29 -46.54
C ALA B 170 -43.35 16.36 -47.00
N ALA B 171 -44.62 15.98 -47.15
CA ALA B 171 -45.63 16.93 -47.59
C ALA B 171 -46.00 17.84 -46.42
N LEU B 172 -45.94 17.34 -45.19
CA LEU B 172 -46.10 18.18 -44.02
C LEU B 172 -45.00 19.24 -43.91
N TRP B 173 -43.77 18.86 -44.27
CA TRP B 173 -42.67 19.79 -44.27
C TRP B 173 -42.91 20.86 -45.34
N GLU B 174 -43.30 20.44 -46.55
CA GLU B 174 -43.48 21.36 -47.66
C GLU B 174 -44.57 22.40 -47.33
N ARG B 175 -45.60 21.96 -46.60
CA ARG B 175 -46.75 22.76 -46.24
C ARG B 175 -46.34 23.97 -45.40
N GLN B 176 -45.38 23.75 -44.49
CA GLN B 176 -44.95 24.76 -43.54
C GLN B 176 -44.40 26.00 -44.27
N SER B 177 -43.88 25.83 -45.50
CA SER B 177 -43.42 26.95 -46.29
C SER B 177 -44.50 27.46 -47.27
N SER B 178 -45.53 26.66 -47.58
CA SER B 178 -46.42 27.04 -48.68
C SER B 178 -47.87 27.22 -48.21
N GLY B 179 -48.21 26.75 -47.00
CA GLY B 179 -49.55 26.87 -46.44
C GLY B 179 -50.55 25.89 -47.03
N LYS B 180 -50.08 25.00 -47.93
CA LYS B 180 -50.94 24.20 -48.78
C LYS B 180 -50.67 22.70 -48.61
N GLY B 181 -51.76 21.93 -48.56
CA GLY B 181 -51.71 20.48 -48.70
C GLY B 181 -51.45 20.02 -50.14
N GLN B 182 -51.62 18.71 -50.35
CA GLN B 182 -51.47 18.10 -51.67
C GLN B 182 -51.67 16.59 -51.59
N VAL B 183 -51.57 15.96 -52.76
CA VAL B 183 -51.88 14.54 -52.91
C VAL B 183 -50.56 13.78 -52.99
N VAL B 184 -50.47 12.74 -52.16
CA VAL B 184 -49.37 11.79 -52.17
C VAL B 184 -49.87 10.49 -52.79
N ASP B 185 -49.25 10.11 -53.90
CA ASP B 185 -49.58 8.91 -54.64
C ASP B 185 -48.48 7.90 -54.39
N ALA B 186 -48.71 7.00 -53.43
CA ALA B 186 -47.78 5.93 -53.11
C ALA B 186 -48.24 4.62 -53.72
N ALA B 187 -47.47 4.17 -54.72
CA ALA B 187 -47.71 2.90 -55.37
C ALA B 187 -46.64 1.86 -54.99
N MET B 188 -47.07 0.67 -54.56
CA MET B 188 -46.15 -0.36 -54.10
C MET B 188 -45.17 -0.75 -55.21
N VAL B 189 -45.60 -0.71 -56.45
CA VAL B 189 -44.69 -1.13 -57.51
C VAL B 189 -43.56 -0.09 -57.69
N ASP B 190 -43.79 1.17 -57.29
CA ASP B 190 -42.78 2.22 -57.35
C ASP B 190 -41.87 2.17 -56.11
N GLY B 191 -42.47 2.26 -54.94
CA GLY B 191 -41.76 2.25 -53.68
C GLY B 191 -40.80 1.07 -53.61
N SER B 192 -41.30 -0.12 -53.99
CA SER B 192 -40.52 -1.33 -53.86
C SER B 192 -39.37 -1.25 -54.85
N SER B 193 -39.59 -0.57 -55.99
CA SER B 193 -38.51 -0.36 -56.95
C SER B 193 -37.40 0.53 -56.37
N VAL B 194 -37.75 1.57 -55.64
CA VAL B 194 -36.75 2.44 -55.03
C VAL B 194 -36.06 1.68 -53.90
N LEU B 195 -36.83 0.86 -53.19
CA LEU B 195 -36.31 0.07 -52.09
C LEU B 195 -35.19 -0.85 -52.58
N ILE B 196 -35.25 -1.29 -53.84
CA ILE B 196 -34.24 -2.19 -54.39
C ILE B 196 -33.33 -1.45 -55.36
N GLN B 197 -33.17 -0.15 -55.16
CA GLN B 197 -32.34 0.65 -56.06
C GLN B 197 -30.88 0.17 -56.07
N MET B 198 -30.41 -0.35 -54.92
CA MET B 198 -29.05 -0.87 -54.83
C MET B 198 -28.79 -1.94 -55.89
N MET B 199 -29.74 -2.87 -56.09
CA MET B 199 -29.56 -3.89 -57.11
C MET B 199 -29.56 -3.24 -58.49
N TRP B 200 -30.41 -2.25 -58.72
CA TRP B 200 -30.41 -1.63 -60.05
C TRP B 200 -29.06 -0.95 -60.31
N ALA B 201 -28.49 -0.27 -59.30
CA ALA B 201 -27.16 0.33 -59.43
C ALA B 201 -26.12 -0.74 -59.76
N MET B 202 -26.04 -1.75 -58.89
CA MET B 202 -25.16 -2.89 -59.06
C MET B 202 -25.32 -3.56 -60.42
N ARG B 203 -26.53 -3.62 -61.01
CA ARG B 203 -26.65 -4.31 -62.28
C ARG B 203 -26.02 -3.47 -63.37
N ALA B 204 -26.13 -2.14 -63.25
CA ALA B 204 -25.64 -1.24 -64.27
C ALA B 204 -24.11 -1.33 -64.37
N THR B 205 -23.44 -1.56 -63.24
CA THR B 205 -21.98 -1.69 -63.18
C THR B 205 -21.52 -3.14 -63.21
N GLY B 206 -22.32 -4.08 -63.73
CA GLY B 206 -21.87 -5.46 -63.91
C GLY B 206 -21.67 -6.27 -62.62
N MET B 207 -22.18 -5.81 -61.47
CA MET B 207 -21.98 -6.48 -60.18
C MET B 207 -23.26 -7.14 -59.62
N TRP B 208 -24.31 -7.30 -60.44
CA TRP B 208 -25.48 -8.11 -60.13
C TRP B 208 -25.96 -8.77 -61.42
N THR B 209 -26.31 -10.08 -61.41
CA THR B 209 -27.01 -10.68 -62.55
C THR B 209 -28.46 -11.05 -62.22
N ASP B 210 -29.21 -11.27 -63.31
CA ASP B 210 -30.59 -11.73 -63.25
C ASP B 210 -30.69 -13.22 -62.90
N THR B 211 -29.57 -13.96 -62.90
CA THR B 211 -29.59 -15.31 -62.37
C THR B 211 -29.86 -15.29 -60.87
N ARG B 212 -30.91 -16.00 -60.47
CA ARG B 212 -31.26 -16.17 -59.07
C ARG B 212 -30.26 -17.09 -58.38
N GLY B 213 -29.92 -16.76 -57.13
CA GLY B 213 -29.04 -17.60 -56.34
C GLY B 213 -27.58 -17.51 -56.78
N ALA B 214 -27.21 -16.46 -57.52
CA ALA B 214 -25.84 -16.33 -58.00
C ALA B 214 -25.20 -14.96 -57.69
N ASN B 215 -25.57 -14.32 -56.57
CA ASN B 215 -25.15 -12.95 -56.30
C ASN B 215 -24.58 -12.82 -54.87
N MET B 216 -24.02 -11.66 -54.57
CA MET B 216 -23.43 -11.42 -53.25
C MET B 216 -24.48 -11.53 -52.16
N LEU B 217 -25.71 -11.04 -52.40
CA LEU B 217 -26.66 -10.85 -51.31
C LEU B 217 -27.93 -11.68 -51.45
N ASP B 218 -27.98 -12.65 -52.36
CA ASP B 218 -29.22 -13.36 -52.62
C ASP B 218 -29.17 -14.78 -52.05
N GLY B 219 -28.03 -15.12 -51.46
CA GLY B 219 -27.86 -16.42 -50.83
C GLY B 219 -26.86 -17.26 -51.61
N GLY B 220 -26.44 -16.77 -52.77
CA GLY B 220 -25.47 -17.51 -53.56
C GLY B 220 -24.04 -17.40 -53.02
N ALA B 221 -23.73 -16.36 -52.23
CA ALA B 221 -22.40 -16.23 -51.66
C ALA B 221 -22.32 -17.08 -50.40
N PRO B 222 -21.31 -17.95 -50.26
CA PRO B 222 -21.16 -18.77 -49.06
C PRO B 222 -20.90 -17.98 -47.78
N TYR B 223 -20.44 -16.74 -47.93
CA TYR B 223 -20.26 -15.87 -46.77
C TYR B 223 -21.48 -14.99 -46.51
N TYR B 224 -22.56 -15.14 -47.30
CA TYR B 224 -23.79 -14.41 -47.02
C TYR B 224 -24.99 -15.35 -47.23
N ASP B 225 -25.27 -16.18 -46.21
CA ASP B 225 -26.29 -17.21 -46.33
C ASP B 225 -26.53 -17.83 -44.97
N THR B 226 -27.54 -18.69 -44.85
CA THR B 226 -27.74 -19.45 -43.63
C THR B 226 -27.08 -20.81 -43.77
N TYR B 227 -26.79 -21.44 -42.64
CA TYR B 227 -26.17 -22.75 -42.62
C TYR B 227 -26.90 -23.54 -41.56
N GLU B 228 -27.14 -24.81 -41.88
CA GLU B 228 -27.75 -25.73 -40.93
C GLU B 228 -26.66 -26.23 -39.94
N CYS B 229 -27.04 -26.33 -38.68
CA CYS B 229 -26.15 -26.76 -37.61
C CYS B 229 -26.50 -28.19 -37.18
N ALA B 230 -25.78 -28.71 -36.21
CA ALA B 230 -25.89 -30.10 -35.79
C ALA B 230 -27.27 -30.41 -35.24
N ASP B 231 -27.97 -29.42 -34.68
CA ASP B 231 -29.26 -29.67 -34.06
C ASP B 231 -30.44 -29.43 -35.02
N GLY B 232 -30.19 -29.08 -36.29
CA GLY B 232 -31.27 -28.78 -37.23
C GLY B 232 -31.69 -27.30 -37.23
N ARG B 233 -31.11 -26.49 -36.33
CA ARG B 233 -31.37 -25.06 -36.29
C ARG B 233 -30.33 -24.38 -37.19
N TYR B 234 -30.38 -23.05 -37.29
CA TYR B 234 -29.61 -22.39 -38.31
C TYR B 234 -28.80 -21.22 -37.76
N VAL B 235 -27.72 -20.87 -38.46
CA VAL B 235 -27.03 -19.62 -38.20
C VAL B 235 -27.06 -18.83 -39.49
N ALA B 236 -26.95 -17.50 -39.38
CA ALA B 236 -26.75 -16.66 -40.52
C ALA B 236 -25.31 -16.16 -40.54
N VAL B 237 -24.73 -16.20 -41.72
CA VAL B 237 -23.42 -15.68 -41.96
C VAL B 237 -23.51 -14.50 -42.89
N GLY B 238 -22.85 -13.39 -42.51
CA GLY B 238 -22.91 -12.14 -43.24
C GLY B 238 -21.55 -11.47 -43.38
N ALA B 239 -20.52 -12.30 -43.52
CA ALA B 239 -19.14 -11.88 -43.46
C ALA B 239 -18.62 -11.43 -44.81
N ILE B 240 -19.12 -10.30 -45.25
CA ILE B 240 -18.75 -9.76 -46.55
C ILE B 240 -17.29 -9.29 -46.54
N GLU B 241 -16.95 -8.43 -45.55
CA GLU B 241 -15.62 -7.81 -45.51
C GLU B 241 -14.57 -8.86 -45.16
N PRO B 242 -13.44 -8.89 -45.89
CA PRO B 242 -12.45 -9.96 -45.74
C PRO B 242 -11.97 -10.17 -44.30
N GLN B 243 -11.92 -9.09 -43.49
CA GLN B 243 -11.46 -9.21 -42.13
CA GLN B 243 -11.49 -9.14 -42.09
C GLN B 243 -12.51 -9.93 -41.30
N PHE B 244 -13.81 -9.67 -41.56
CA PHE B 244 -14.86 -10.36 -40.83
C PHE B 244 -14.85 -11.82 -41.24
N TYR B 245 -14.67 -12.05 -42.54
CA TYR B 245 -14.67 -13.39 -43.09
C TYR B 245 -13.54 -14.20 -42.46
N ALA B 246 -12.36 -13.58 -42.35
CA ALA B 246 -11.20 -14.27 -41.79
C ALA B 246 -11.44 -14.61 -40.32
N ALA B 247 -12.19 -13.74 -39.62
CA ALA B 247 -12.47 -13.99 -38.22
C ALA B 247 -13.35 -15.21 -38.10
N MET B 248 -14.31 -15.32 -39.03
CA MET B 248 -15.22 -16.46 -39.02
C MET B 248 -14.47 -17.77 -39.29
N LEU B 249 -13.60 -17.80 -40.32
CA LEU B 249 -12.82 -19.00 -40.60
C LEU B 249 -12.08 -19.47 -39.34
N ALA B 250 -11.43 -18.54 -38.61
CA ALA B 250 -10.65 -18.97 -37.44
C ALA B 250 -11.54 -19.61 -36.39
N GLY B 251 -12.76 -19.10 -36.21
CA GLY B 251 -13.63 -19.61 -35.17
C GLY B 251 -14.27 -20.93 -35.60
N LEU B 252 -14.30 -21.17 -36.91
CA LEU B 252 -14.77 -22.44 -37.45
C LEU B 252 -13.68 -23.52 -37.34
N GLY B 253 -12.43 -23.10 -37.20
CA GLY B 253 -11.33 -24.05 -37.15
C GLY B 253 -10.75 -24.26 -38.54
N LEU B 254 -10.96 -23.33 -39.46
CA LEU B 254 -10.60 -23.53 -40.86
C LEU B 254 -9.39 -22.69 -41.24
N ASP B 255 -8.37 -23.37 -41.76
CA ASP B 255 -7.17 -22.71 -42.18
C ASP B 255 -7.48 -22.11 -43.55
N ALA B 256 -7.32 -20.79 -43.68
CA ALA B 256 -7.57 -20.05 -44.91
C ALA B 256 -6.83 -20.65 -46.12
N ALA B 257 -5.62 -21.18 -45.89
CA ALA B 257 -4.75 -21.65 -46.96
C ALA B 257 -5.36 -22.83 -47.73
N GLU B 258 -6.19 -23.65 -47.06
CA GLU B 258 -6.81 -24.86 -47.61
C GLU B 258 -8.07 -24.55 -48.44
N LEU B 259 -8.62 -23.34 -48.31
CA LEU B 259 -9.92 -23.01 -48.87
C LEU B 259 -9.72 -22.27 -50.18
N PRO B 260 -10.71 -22.28 -51.07
CA PRO B 260 -10.68 -21.41 -52.24
C PRO B 260 -10.78 -19.95 -51.85
N PRO B 261 -10.37 -19.00 -52.69
CA PRO B 261 -10.58 -17.58 -52.40
C PRO B 261 -12.05 -17.27 -52.06
N GLN B 262 -12.24 -16.31 -51.14
CA GLN B 262 -13.55 -15.89 -50.68
C GLN B 262 -14.45 -15.54 -51.88
N ASN B 263 -13.87 -14.85 -52.85
CA ASN B 263 -14.66 -14.26 -53.91
C ASN B 263 -14.32 -14.84 -55.28
N ASP B 264 -13.80 -16.07 -55.35
CA ASP B 264 -13.75 -16.80 -56.61
C ASP B 264 -15.06 -17.58 -56.77
N ARG B 265 -15.96 -17.00 -57.56
CA ARG B 265 -17.34 -17.46 -57.66
C ARG B 265 -17.41 -18.83 -58.32
N ALA B 266 -16.46 -19.14 -59.20
CA ALA B 266 -16.48 -20.43 -59.85
C ALA B 266 -16.33 -21.55 -58.81
N ARG B 267 -15.71 -21.22 -57.67
CA ARG B 267 -15.45 -22.23 -56.65
C ARG B 267 -16.35 -22.05 -55.41
N TRP B 268 -17.34 -21.17 -55.48
CA TRP B 268 -18.24 -21.03 -54.36
C TRP B 268 -18.85 -22.36 -53.92
N PRO B 269 -19.33 -23.25 -54.82
CA PRO B 269 -19.91 -24.52 -54.39
C PRO B 269 -18.98 -25.37 -53.52
N GLU B 270 -17.69 -25.36 -53.87
CA GLU B 270 -16.67 -26.07 -53.11
C GLU B 270 -16.49 -25.40 -51.76
N LEU B 271 -16.44 -24.06 -51.75
CA LEU B 271 -16.28 -23.31 -50.52
C LEU B 271 -17.45 -23.60 -49.58
N ARG B 272 -18.66 -23.51 -50.15
CA ARG B 272 -19.89 -23.75 -49.42
C ARG B 272 -19.88 -25.14 -48.78
N ALA B 273 -19.36 -26.15 -49.47
CA ALA B 273 -19.36 -27.50 -48.91
C ALA B 273 -18.42 -27.58 -47.70
N LEU B 274 -17.31 -26.87 -47.72
CA LEU B 274 -16.41 -26.85 -46.57
C LEU B 274 -17.02 -26.14 -45.37
N LEU B 275 -17.66 -24.98 -45.61
CA LEU B 275 -18.32 -24.24 -44.55
C LEU B 275 -19.53 -25.03 -44.02
N THR B 276 -20.23 -25.76 -44.90
CA THR B 276 -21.39 -26.55 -44.47
C THR B 276 -20.96 -27.62 -43.48
N GLU B 277 -19.88 -28.33 -43.79
CA GLU B 277 -19.33 -29.35 -42.91
C GLU B 277 -18.96 -28.72 -41.56
N ALA B 278 -18.32 -27.55 -41.58
CA ALA B 278 -17.85 -26.95 -40.34
C ALA B 278 -19.05 -26.58 -39.47
N PHE B 279 -20.01 -25.84 -40.03
CA PHE B 279 -21.17 -25.43 -39.24
C PHE B 279 -21.99 -26.64 -38.79
N ALA B 280 -22.00 -27.72 -39.56
CA ALA B 280 -22.83 -28.87 -39.23
C ALA B 280 -22.34 -29.61 -37.99
N SER B 281 -21.10 -29.34 -37.56
CA SER B 281 -20.45 -30.18 -36.57
C SER B 281 -20.75 -29.73 -35.14
N HIS B 282 -21.41 -28.57 -34.95
CA HIS B 282 -21.88 -28.13 -33.64
C HIS B 282 -23.29 -27.53 -33.74
N ASP B 283 -23.98 -27.42 -32.59
CA ASP B 283 -25.33 -26.89 -32.47
C ASP B 283 -25.31 -25.36 -32.67
N ARG B 284 -26.50 -24.77 -32.90
CA ARG B 284 -26.62 -23.34 -33.15
C ARG B 284 -26.15 -22.53 -31.94
N ASP B 285 -26.52 -22.96 -30.73
CA ASP B 285 -26.24 -22.18 -29.53
C ASP B 285 -24.73 -22.12 -29.31
N HIS B 286 -24.02 -23.20 -29.63
CA HIS B 286 -22.58 -23.24 -29.59
C HIS B 286 -21.95 -22.14 -30.45
N TRP B 287 -22.44 -21.95 -31.67
CA TRP B 287 -21.88 -20.93 -32.53
C TRP B 287 -22.22 -19.55 -32.01
N GLY B 288 -23.42 -19.41 -31.41
CA GLY B 288 -23.85 -18.16 -30.80
C GLY B 288 -22.87 -17.74 -29.70
N ALA B 289 -22.38 -18.71 -28.92
CA ALA B 289 -21.38 -18.47 -27.88
C ALA B 289 -20.04 -18.09 -28.50
N VAL B 290 -19.49 -19.00 -29.32
CA VAL B 290 -18.21 -18.82 -29.98
C VAL B 290 -18.05 -17.44 -30.63
N PHE B 291 -19.13 -16.91 -31.24
CA PHE B 291 -19.00 -15.69 -32.04
C PHE B 291 -19.61 -14.46 -31.36
N ALA B 292 -20.08 -14.58 -30.12
CA ALA B 292 -20.48 -13.41 -29.36
C ALA B 292 -19.28 -12.46 -29.18
N ASN B 293 -19.55 -11.15 -29.30
CA ASN B 293 -18.53 -10.11 -29.17
C ASN B 293 -17.56 -10.14 -30.35
N SER B 294 -17.84 -10.97 -31.35
CA SER B 294 -16.99 -11.13 -32.52
C SER B 294 -17.48 -10.26 -33.68
N ASP B 295 -16.58 -9.95 -34.60
CA ASP B 295 -16.92 -9.34 -35.86
C ASP B 295 -17.05 -10.39 -36.98
N ALA B 296 -17.26 -11.65 -36.63
CA ALA B 296 -17.38 -12.71 -37.61
C ALA B 296 -18.69 -12.66 -38.43
N CYS B 297 -19.69 -11.87 -37.98
CA CYS B 297 -20.99 -11.71 -38.61
C CYS B 297 -21.71 -13.06 -38.68
N VAL B 298 -21.76 -13.75 -37.55
CA VAL B 298 -22.40 -15.03 -37.42
C VAL B 298 -23.43 -14.88 -36.31
N THR B 299 -24.71 -15.14 -36.58
CA THR B 299 -25.74 -14.96 -35.57
C THR B 299 -26.72 -16.11 -35.65
N PRO B 300 -27.32 -16.49 -34.51
CA PRO B 300 -28.35 -17.51 -34.53
C PRO B 300 -29.59 -17.01 -35.27
N VAL B 301 -30.22 -17.90 -36.04
CA VAL B 301 -31.46 -17.58 -36.70
C VAL B 301 -32.59 -17.99 -35.76
N LEU B 302 -33.16 -17.04 -35.05
CA LEU B 302 -34.19 -17.33 -34.07
C LEU B 302 -35.57 -17.35 -34.75
N ALA B 303 -36.37 -18.28 -34.30
CA ALA B 303 -37.79 -18.33 -34.58
C ALA B 303 -38.53 -17.31 -33.70
N PHE B 304 -39.73 -16.91 -34.12
CA PHE B 304 -40.45 -15.85 -33.45
C PHE B 304 -40.55 -16.13 -31.95
N GLY B 305 -40.97 -17.35 -31.60
CA GLY B 305 -41.17 -17.76 -30.21
C GLY B 305 -39.92 -17.80 -29.32
N GLU B 306 -38.71 -17.53 -29.87
CA GLU B 306 -37.46 -17.55 -29.12
C GLU B 306 -36.94 -16.12 -28.89
N VAL B 307 -37.57 -15.14 -29.54
CA VAL B 307 -37.00 -13.80 -29.62
C VAL B 307 -37.06 -13.11 -28.26
N HIS B 308 -38.09 -13.41 -27.47
CA HIS B 308 -38.25 -12.82 -26.15
C HIS B 308 -37.15 -13.31 -25.19
N ASN B 309 -36.47 -14.42 -25.50
CA ASN B 309 -35.39 -14.95 -24.67
C ASN B 309 -34.00 -14.45 -25.06
N GLU B 310 -33.89 -13.46 -25.94
CA GLU B 310 -32.61 -13.07 -26.49
C GLU B 310 -32.10 -11.79 -25.83
N PRO B 311 -30.93 -11.86 -25.15
CA PRO B 311 -30.43 -10.73 -24.39
C PRO B 311 -30.54 -9.40 -25.11
N HIS B 312 -30.08 -9.31 -26.35
CA HIS B 312 -29.98 -7.99 -26.95
C HIS B 312 -31.38 -7.42 -27.18
N ILE B 313 -32.34 -8.32 -27.41
CA ILE B 313 -33.73 -7.96 -27.63
C ILE B 313 -34.36 -7.49 -26.32
N ILE B 314 -34.16 -8.26 -25.23
CA ILE B 314 -34.75 -7.98 -23.93
C ILE B 314 -34.30 -6.61 -23.43
N GLU B 315 -32.99 -6.38 -23.46
CA GLU B 315 -32.40 -5.24 -22.79
C GLU B 315 -32.63 -3.92 -23.54
N ARG B 316 -32.90 -3.99 -24.84
CA ARG B 316 -33.20 -2.77 -25.58
C ARG B 316 -34.72 -2.55 -25.67
N ASN B 317 -35.50 -3.43 -25.03
CA ASN B 317 -36.96 -3.38 -25.06
C ASN B 317 -37.47 -3.20 -26.48
N THR B 318 -37.10 -4.13 -27.38
CA THR B 318 -37.50 -4.02 -28.78
C THR B 318 -38.98 -4.38 -28.91
N PHE B 319 -39.46 -5.26 -27.99
CA PHE B 319 -40.83 -5.71 -27.87
C PHE B 319 -41.45 -5.25 -26.54
N TYR B 320 -42.79 -5.43 -26.40
CA TYR B 320 -43.54 -5.29 -25.16
C TYR B 320 -44.59 -6.39 -25.14
N GLU B 321 -45.06 -6.80 -23.95
CA GLU B 321 -46.06 -7.85 -23.87
C GLU B 321 -47.46 -7.26 -24.06
N ALA B 322 -48.37 -8.02 -24.69
CA ALA B 322 -49.76 -7.61 -24.82
C ALA B 322 -50.64 -8.79 -25.25
N ASN B 323 -51.77 -8.99 -24.56
CA ASN B 323 -52.86 -9.83 -25.05
C ASN B 323 -52.38 -11.28 -25.17
N GLY B 324 -52.27 -11.79 -26.41
CA GLY B 324 -51.73 -13.11 -26.68
C GLY B 324 -50.24 -13.19 -26.35
N GLY B 325 -49.45 -12.29 -26.94
CA GLY B 325 -48.01 -12.28 -26.73
C GLY B 325 -47.36 -10.96 -27.16
N TRP B 326 -46.15 -11.06 -27.73
CA TRP B 326 -45.26 -9.92 -27.87
C TRP B 326 -45.58 -9.14 -29.14
N GLN B 327 -45.25 -7.84 -29.09
CA GLN B 327 -45.43 -6.95 -30.22
C GLN B 327 -44.26 -6.02 -30.26
N PRO B 328 -43.86 -5.52 -31.45
CA PRO B 328 -42.76 -4.58 -31.55
C PRO B 328 -43.10 -3.20 -31.02
N MET B 329 -42.21 -2.67 -30.18
CA MET B 329 -42.30 -1.30 -29.73
C MET B 329 -42.05 -0.38 -30.91
N PRO B 330 -42.47 0.89 -30.81
CA PRO B 330 -42.29 1.86 -31.87
C PRO B 330 -40.88 2.01 -32.37
N ALA B 331 -40.74 2.33 -33.66
CA ALA B 331 -39.46 2.65 -34.20
C ALA B 331 -39.66 3.83 -35.13
N PRO B 332 -38.62 4.66 -35.38
CA PRO B 332 -37.38 4.59 -34.64
C PRO B 332 -37.55 5.31 -33.29
N ARG B 333 -36.46 5.48 -32.54
CA ARG B 333 -36.54 6.05 -31.20
C ARG B 333 -36.03 7.50 -31.21
N PHE B 334 -36.52 8.29 -30.24
CA PHE B 334 -36.28 9.73 -30.20
C PHE B 334 -35.75 10.16 -28.83
N SER B 335 -34.69 10.98 -28.80
CA SER B 335 -34.05 11.38 -27.53
C SER B 335 -34.99 12.19 -26.62
N ARG B 336 -35.56 13.27 -27.18
CA ARG B 336 -36.36 14.23 -26.42
C ARG B 336 -37.84 13.83 -26.35
N THR B 337 -38.49 13.66 -27.52
CA THR B 337 -39.93 13.40 -27.54
C THR B 337 -40.15 11.93 -27.82
N ALA B 338 -40.06 11.11 -26.78
CA ALA B 338 -40.03 9.68 -26.95
C ALA B 338 -41.45 9.14 -27.08
N SER B 339 -41.60 8.12 -27.93
CA SER B 339 -42.87 7.41 -28.06
C SER B 339 -43.17 6.66 -26.77
N SER B 340 -44.43 6.29 -26.59
CA SER B 340 -44.86 5.53 -25.44
C SER B 340 -45.21 4.13 -25.91
N GLN B 341 -45.46 3.24 -24.96
CA GLN B 341 -46.01 1.94 -25.24
C GLN B 341 -47.37 2.08 -25.91
N PRO B 342 -47.58 1.49 -27.12
CA PRO B 342 -48.88 1.43 -27.75
C PRO B 342 -50.05 1.05 -26.86
N ARG B 343 -51.12 1.87 -26.99
CA ARG B 343 -52.44 1.60 -26.45
C ARG B 343 -53.12 0.54 -27.31
N PRO B 344 -53.79 -0.47 -26.73
CA PRO B 344 -54.65 -1.36 -27.51
C PRO B 344 -55.71 -0.63 -28.32
N PRO B 345 -56.43 -1.30 -29.24
CA PRO B 345 -57.43 -0.63 -30.07
C PRO B 345 -58.65 -0.14 -29.28
N ALA B 346 -59.07 1.11 -29.55
CA ALA B 346 -60.03 1.82 -28.72
C ALA B 346 -61.46 1.64 -29.23
N ALA B 347 -62.16 0.64 -28.65
CA ALA B 347 -63.47 0.16 -29.10
C ALA B 347 -64.36 1.31 -29.57
N THR B 348 -65.35 0.94 -30.41
CA THR B 348 -66.14 1.89 -31.19
C THR B 348 -66.54 3.07 -30.31
N ILE B 349 -66.16 4.28 -30.70
CA ILE B 349 -66.78 5.47 -30.16
C ILE B 349 -67.66 6.09 -31.25
N ASP B 350 -68.62 6.93 -30.87
CA ASP B 350 -69.45 7.61 -31.85
C ASP B 350 -68.67 8.81 -32.41
N ILE B 351 -68.82 8.99 -33.72
CA ILE B 351 -68.02 9.94 -34.49
C ILE B 351 -68.33 11.38 -34.10
N GLU B 352 -69.52 11.62 -33.51
CA GLU B 352 -69.87 12.95 -33.02
C GLU B 352 -68.98 13.34 -31.84
N ALA B 353 -68.73 12.39 -30.91
CA ALA B 353 -67.81 12.59 -29.80
C ALA B 353 -66.50 13.21 -30.28
N VAL B 354 -65.89 12.52 -31.26
CA VAL B 354 -64.58 12.89 -31.78
C VAL B 354 -64.60 14.33 -32.26
N LEU B 355 -65.74 14.74 -32.84
CA LEU B 355 -65.85 16.05 -33.44
C LEU B 355 -65.88 17.17 -32.39
N THR B 356 -66.55 16.95 -31.26
CA THR B 356 -66.56 17.94 -30.18
C THR B 356 -65.17 17.99 -29.55
N ASP B 357 -64.56 16.80 -29.38
CA ASP B 357 -63.19 16.66 -28.89
C ASP B 357 -62.18 17.43 -29.74
N TRP B 358 -62.34 17.46 -31.08
CA TRP B 358 -61.61 18.40 -31.93
C TRP B 358 -62.48 19.64 -32.21
N ASP B 359 -62.31 20.71 -31.42
CA ASP B 359 -62.98 21.97 -31.67
C ASP B 359 -64.50 21.77 -31.73
N MET C 1 25.84 -32.74 59.04
CA MET C 1 24.51 -33.12 58.45
C MET C 1 24.54 -34.58 58.01
N ALA C 2 23.44 -35.30 58.30
CA ALA C 2 23.40 -36.74 58.21
C ALA C 2 22.76 -37.20 56.90
N GLY C 3 23.45 -38.07 56.16
CA GLY C 3 22.82 -38.86 55.11
C GLY C 3 23.74 -38.90 53.91
N PRO C 4 23.38 -39.61 52.83
CA PRO C 4 24.29 -39.74 51.69
C PRO C 4 24.47 -38.48 50.84
N LEU C 5 23.64 -37.45 51.08
CA LEU C 5 23.75 -36.21 50.34
C LEU C 5 24.25 -35.11 51.28
N SER C 6 25.12 -35.47 52.23
CA SER C 6 25.82 -34.48 53.02
C SER C 6 26.74 -33.70 52.09
N GLY C 7 26.66 -32.38 52.14
CA GLY C 7 27.54 -31.54 51.33
C GLY C 7 26.87 -30.99 50.07
N LEU C 8 25.81 -31.64 49.56
CA LEU C 8 25.05 -31.10 48.43
C LEU C 8 24.29 -29.87 48.89
N ARG C 9 24.37 -28.83 48.05
CA ARG C 9 23.71 -27.56 48.33
C ARG C 9 22.63 -27.29 47.30
N VAL C 10 21.47 -26.87 47.80
CA VAL C 10 20.30 -26.77 46.96
C VAL C 10 19.60 -25.44 47.18
N VAL C 11 19.31 -24.77 46.07
CA VAL C 11 18.44 -23.59 46.18
C VAL C 11 17.08 -23.93 45.57
N GLU C 12 16.06 -23.74 46.40
CA GLU C 12 14.67 -23.98 46.05
C GLU C 12 13.92 -22.66 45.89
N LEU C 13 13.41 -22.38 44.68
CA LEU C 13 12.48 -21.28 44.50
C LEU C 13 11.09 -21.75 44.91
N ALA C 14 10.55 -21.11 45.94
CA ALA C 14 9.31 -21.57 46.56
C ALA C 14 8.18 -21.64 45.54
N GLY C 15 7.63 -22.86 45.34
CA GLY C 15 6.42 -23.13 44.57
C GLY C 15 5.50 -24.06 45.37
N ILE C 16 4.66 -24.85 44.67
CA ILE C 16 3.70 -25.73 45.32
C ILE C 16 3.81 -27.16 44.76
N GLY C 17 3.56 -28.17 45.59
CA GLY C 17 3.40 -29.52 45.05
C GLY C 17 4.75 -30.20 44.85
N PRO C 18 5.15 -30.55 43.62
CA PRO C 18 6.34 -31.34 43.38
C PRO C 18 7.69 -30.69 43.75
N GLY C 19 7.84 -29.37 43.56
CA GLY C 19 9.12 -28.72 43.77
C GLY C 19 9.54 -28.87 45.21
N PRO C 20 8.65 -28.45 46.13
CA PRO C 20 8.92 -28.60 47.56
C PRO C 20 9.12 -30.04 48.01
N HIS C 21 8.52 -31.01 47.32
CA HIS C 21 8.60 -32.40 47.72
C HIS C 21 9.96 -32.93 47.31
N ALA C 22 10.40 -32.60 46.10
CA ALA C 22 11.75 -32.95 45.69
C ALA C 22 12.79 -32.33 46.63
N ALA C 23 12.57 -31.07 47.00
CA ALA C 23 13.49 -30.39 47.89
C ALA C 23 13.51 -31.09 49.23
N MET C 24 12.33 -31.42 49.77
CA MET C 24 12.20 -32.08 51.07
C MET C 24 13.00 -33.38 51.09
N ILE C 25 12.95 -34.14 49.98
CA ILE C 25 13.60 -35.43 49.95
C ILE C 25 15.12 -35.24 49.89
N LEU C 26 15.57 -34.19 49.20
CA LEU C 26 17.00 -33.92 49.14
C LEU C 26 17.52 -33.61 50.55
N GLY C 27 16.76 -32.79 51.29
CA GLY C 27 17.12 -32.40 52.65
C GLY C 27 16.89 -33.52 53.68
N ASP C 28 16.05 -34.50 53.33
CA ASP C 28 15.82 -35.65 54.18
C ASP C 28 17.09 -36.48 54.19
N LEU C 29 17.71 -36.62 53.02
CA LEU C 29 18.95 -37.38 52.85
C LEU C 29 20.20 -36.53 53.14
N GLY C 30 20.00 -35.35 53.72
CA GLY C 30 21.08 -34.57 54.31
C GLY C 30 21.60 -33.44 53.41
N ALA C 31 20.89 -33.10 52.34
CA ALA C 31 21.27 -31.94 51.54
C ALA C 31 20.96 -30.67 52.32
N ASP C 32 21.72 -29.62 51.99
CA ASP C 32 21.59 -28.30 52.60
C ASP C 32 20.65 -27.48 51.71
N VAL C 33 19.45 -27.22 52.22
CA VAL C 33 18.40 -26.79 51.32
C VAL C 33 18.00 -25.41 51.74
N VAL C 34 18.20 -24.46 50.79
CA VAL C 34 17.76 -23.10 51.01
C VAL C 34 16.63 -22.78 50.04
N ARG C 35 15.52 -22.36 50.64
CA ARG C 35 14.31 -22.02 49.92
C ARG C 35 14.03 -20.52 50.04
N ILE C 36 13.94 -19.86 48.87
CA ILE C 36 13.66 -18.44 48.78
C ILE C 36 12.16 -18.28 48.57
N ASP C 37 11.49 -17.61 49.52
CA ASP C 37 10.06 -17.34 49.42
C ASP C 37 9.79 -15.84 49.33
N ARG C 38 8.56 -15.48 48.88
CA ARG C 38 8.09 -14.10 48.84
C ARG C 38 7.83 -13.58 50.26
N PRO C 39 8.15 -12.29 50.55
CA PRO C 39 7.98 -11.75 51.90
C PRO C 39 6.52 -11.72 52.35
N SER C 40 5.60 -11.77 51.39
CA SER C 40 4.17 -11.86 51.69
C SER C 40 3.77 -13.23 52.27
N SER C 41 4.74 -14.16 52.43
CA SER C 41 4.55 -15.45 53.10
C SER C 41 3.43 -16.26 52.43
N GLY C 44 5.67 -16.38 62.01
CA GLY C 44 6.87 -17.12 62.46
C GLY C 44 7.18 -18.29 61.52
N ILE C 45 7.01 -19.51 62.03
CA ILE C 45 7.43 -20.73 61.35
C ILE C 45 6.22 -21.32 60.61
N SER C 46 6.46 -21.83 59.40
CA SER C 46 5.43 -22.45 58.58
C SER C 46 5.04 -23.81 59.17
N ARG C 47 3.75 -24.12 59.14
CA ARG C 47 3.27 -25.33 59.79
C ARG C 47 3.32 -26.51 58.81
N ASP C 48 3.45 -26.22 57.50
CA ASP C 48 3.55 -27.29 56.51
C ASP C 48 4.82 -28.11 56.82
N ALA C 49 4.60 -29.33 57.32
CA ALA C 49 5.71 -30.22 57.60
C ALA C 49 6.48 -30.57 56.33
N MET C 50 6.00 -30.16 55.13
CA MET C 50 6.73 -30.46 53.90
C MET C 50 7.94 -29.54 53.80
N LEU C 51 8.00 -28.52 54.67
CA LEU C 51 9.11 -27.59 54.66
C LEU C 51 10.14 -27.96 55.73
N ARG C 52 10.16 -29.24 56.10
CA ARG C 52 11.16 -29.77 57.00
C ARG C 52 12.50 -29.81 56.24
N ASN C 53 13.59 -29.94 57.00
CA ASN C 53 14.96 -30.03 56.48
C ASN C 53 15.31 -28.88 55.53
N ARG C 54 15.06 -27.65 56.00
CA ARG C 54 15.08 -26.47 55.15
C ARG C 54 15.60 -25.26 55.91
N ARG C 55 16.34 -24.38 55.21
CA ARG C 55 16.42 -22.98 55.62
C ARG C 55 15.51 -22.15 54.71
N ILE C 56 14.57 -21.43 55.34
CA ILE C 56 13.65 -20.51 54.68
C ILE C 56 14.26 -19.09 54.68
N VAL C 57 14.39 -18.49 53.48
CA VAL C 57 14.82 -17.10 53.38
C VAL C 57 13.86 -16.32 52.48
N THR C 58 13.56 -15.09 52.91
CA THR C 58 12.68 -14.18 52.18
C THR C 58 13.52 -13.33 51.22
N ALA C 59 12.98 -13.09 50.02
CA ALA C 59 13.56 -12.15 49.06
C ALA C 59 12.53 -11.81 47.97
N ASP C 60 12.38 -10.50 47.71
CA ASP C 60 11.65 -10.02 46.55
C ASP C 60 12.57 -10.14 45.34
N LEU C 61 12.30 -11.14 44.48
CA LEU C 61 13.17 -11.46 43.35
C LEU C 61 12.89 -10.50 42.19
N LYS C 62 11.87 -9.64 42.36
CA LYS C 62 11.65 -8.59 41.39
C LYS C 62 12.50 -7.36 41.76
N SER C 63 12.77 -7.14 43.06
CA SER C 63 13.63 -6.04 43.48
C SER C 63 15.06 -6.34 43.04
N ASP C 64 15.92 -5.31 42.97
CA ASP C 64 17.26 -5.47 42.45
C ASP C 64 18.17 -6.09 43.51
N GLN C 65 17.89 -5.77 44.79
CA GLN C 65 18.54 -6.38 45.94
C GLN C 65 18.27 -7.89 45.89
N GLY C 66 16.98 -8.25 46.09
CA GLY C 66 16.46 -9.59 45.89
C GLY C 66 17.25 -10.39 44.84
N LEU C 67 17.31 -9.92 43.58
CA LEU C 67 17.86 -10.73 42.51
C LEU C 67 19.36 -10.97 42.75
N GLU C 68 20.03 -10.01 43.40
CA GLU C 68 21.48 -10.08 43.50
C GLU C 68 21.86 -11.07 44.61
N LEU C 69 21.10 -11.05 45.73
CA LEU C 69 21.25 -12.05 46.79
C LEU C 69 21.07 -13.47 46.25
N ALA C 70 19.95 -13.72 45.56
CA ALA C 70 19.65 -15.02 44.99
C ALA C 70 20.73 -15.49 44.03
N LEU C 71 21.28 -14.57 43.24
CA LEU C 71 22.28 -14.94 42.26
C LEU C 71 23.58 -15.36 42.97
N LYS C 72 23.82 -14.82 44.17
CA LYS C 72 25.00 -15.18 44.94
C LYS C 72 24.82 -16.55 45.60
N LEU C 73 23.63 -16.82 46.20
CA LEU C 73 23.28 -18.14 46.70
C LEU C 73 23.49 -19.17 45.59
N ILE C 74 22.97 -18.89 44.40
CA ILE C 74 23.02 -19.85 43.33
C ILE C 74 24.47 -20.10 42.92
N ALA C 75 25.32 -19.08 43.09
CA ALA C 75 26.72 -19.15 42.67
C ALA C 75 27.47 -20.22 43.47
N LYS C 76 27.14 -20.32 44.75
CA LYS C 76 27.81 -21.21 45.68
C LYS C 76 26.98 -22.48 45.95
N ALA C 77 26.17 -22.92 44.98
CA ALA C 77 25.23 -24.03 45.19
C ALA C 77 25.32 -25.05 44.05
N ASP C 78 24.78 -26.26 44.29
CA ASP C 78 24.93 -27.35 43.33
C ASP C 78 23.69 -27.51 42.47
N VAL C 79 22.52 -27.23 43.06
CA VAL C 79 21.25 -27.48 42.38
C VAL C 79 20.33 -26.28 42.59
N LEU C 80 19.69 -25.87 41.49
CA LEU C 80 18.56 -24.98 41.59
C LEU C 80 17.28 -25.75 41.24
N ILE C 81 16.29 -25.61 42.13
CA ILE C 81 14.96 -26.15 41.87
C ILE C 81 13.99 -25.00 41.65
N GLU C 82 13.30 -25.01 40.49
CA GLU C 82 12.16 -24.12 40.26
C GLU C 82 10.97 -24.82 39.59
N GLY C 83 9.76 -24.47 40.06
CA GLY C 83 8.53 -25.01 39.48
C GLY C 83 7.48 -23.94 39.17
N TYR C 84 7.86 -23.00 38.33
CA TYR C 84 6.95 -21.98 37.84
C TYR C 84 6.71 -22.26 36.37
N ARG C 85 5.79 -21.50 35.75
CA ARG C 85 5.52 -21.71 34.33
C ARG C 85 6.79 -21.36 33.57
N PRO C 86 7.05 -21.98 32.41
CA PRO C 86 8.19 -21.62 31.60
C PRO C 86 8.16 -20.14 31.27
N GLY C 87 9.34 -19.52 31.36
CA GLY C 87 9.54 -18.12 31.02
C GLY C 87 9.73 -17.33 32.30
N VAL C 88 9.26 -17.89 33.40
CA VAL C 88 9.12 -17.09 34.60
C VAL C 88 10.48 -16.81 35.24
N THR C 89 11.45 -17.74 35.14
CA THR C 89 12.71 -17.46 35.79
C THR C 89 13.55 -16.58 34.88
N GLU C 90 13.42 -16.77 33.57
CA GLU C 90 14.14 -15.97 32.59
C GLU C 90 13.87 -14.50 32.88
N ARG C 91 12.58 -14.13 32.94
CA ARG C 91 12.16 -12.77 33.18
C ARG C 91 12.68 -12.27 34.53
N LEU C 92 12.78 -13.14 35.54
CA LEU C 92 13.22 -12.61 36.82
C LEU C 92 14.69 -12.19 36.75
N GLY C 93 15.43 -12.74 35.79
CA GLY C 93 16.87 -12.63 35.78
C GLY C 93 17.56 -13.87 36.38
N LEU C 94 16.84 -15.00 36.47
CA LEU C 94 17.29 -16.21 37.15
C LEU C 94 17.14 -17.43 36.25
N GLY C 95 17.10 -17.24 34.94
CA GLY C 95 16.94 -18.36 34.02
C GLY C 95 18.24 -19.15 33.92
N PRO C 96 18.27 -20.26 33.16
CA PRO C 96 19.49 -21.06 33.07
C PRO C 96 20.68 -20.24 32.58
N GLU C 97 20.53 -19.56 31.45
CA GLU C 97 21.64 -18.87 30.80
C GLU C 97 22.26 -17.83 31.74
N GLU C 98 21.43 -17.18 32.54
CA GLU C 98 21.95 -16.24 33.54
C GLU C 98 22.61 -16.98 34.70
N CYS C 99 22.05 -18.13 35.08
CA CYS C 99 22.54 -18.91 36.20
C CYS C 99 23.88 -19.54 35.82
N ALA C 100 24.00 -20.02 34.57
CA ALA C 100 25.24 -20.60 34.05
C ALA C 100 26.39 -19.58 33.98
N LYS C 101 26.07 -18.28 33.86
CA LYS C 101 27.10 -17.24 33.85
C LYS C 101 27.82 -17.17 35.19
N VAL C 102 27.14 -17.43 36.31
CA VAL C 102 27.77 -17.29 37.62
C VAL C 102 28.08 -18.64 38.26
N ASN C 103 27.94 -19.74 37.49
CA ASN C 103 28.09 -21.10 38.01
C ASN C 103 27.77 -22.11 36.90
N ASP C 104 28.79 -22.46 36.10
CA ASP C 104 28.63 -23.38 34.98
C ASP C 104 28.50 -24.83 35.49
N ARG C 105 28.61 -25.01 36.82
CA ARG C 105 28.52 -26.34 37.38
C ARG C 105 27.04 -26.70 37.59
N LEU C 106 26.17 -25.68 37.77
CA LEU C 106 24.82 -25.82 38.32
C LEU C 106 23.99 -26.91 37.62
N ILE C 107 23.29 -27.68 38.48
CA ILE C 107 22.15 -28.48 38.03
C ILE C 107 20.90 -27.61 38.15
N TYR C 108 20.36 -27.24 36.98
CA TYR C 108 19.19 -26.36 36.93
C TYR C 108 17.95 -27.21 36.71
N ALA C 109 17.12 -27.35 37.74
CA ALA C 109 16.01 -28.32 37.68
C ALA C 109 14.67 -27.62 37.53
N ARG C 110 14.00 -27.90 36.40
CA ARG C 110 12.73 -27.26 36.06
C ARG C 110 11.54 -28.24 36.17
N MET C 111 10.65 -27.96 37.12
CA MET C 111 9.53 -28.83 37.47
C MET C 111 8.22 -28.23 36.94
N THR C 112 7.66 -28.82 35.87
CA THR C 112 6.38 -28.37 35.37
C THR C 112 5.44 -29.57 35.19
N GLY C 113 4.19 -29.27 34.84
CA GLY C 113 3.25 -30.29 34.45
C GLY C 113 3.36 -30.64 32.97
N TRP C 114 3.33 -29.59 32.13
CA TRP C 114 3.14 -29.78 30.70
C TRP C 114 4.49 -29.78 29.96
N GLY C 115 5.56 -29.38 30.65
CA GLY C 115 6.86 -29.24 29.99
C GLY C 115 7.21 -27.78 29.63
N GLN C 116 8.36 -27.61 28.99
CA GLN C 116 8.96 -26.29 28.79
C GLN C 116 8.44 -25.64 27.53
N THR C 117 8.06 -26.45 26.53
CA THR C 117 7.51 -25.93 25.29
C THR C 117 6.21 -26.67 24.95
N GLY C 118 5.57 -26.27 23.85
CA GLY C 118 4.43 -26.97 23.29
C GLY C 118 3.15 -26.22 23.64
N PRO C 119 2.03 -26.60 23.01
CA PRO C 119 0.77 -25.85 23.07
C PRO C 119 0.16 -25.63 24.45
N ARG C 120 0.37 -26.60 25.36
CA ARG C 120 -0.21 -26.53 26.69
C ARG C 120 0.76 -25.91 27.69
N SER C 121 1.90 -25.41 27.22
CA SER C 121 3.02 -25.14 28.12
C SER C 121 2.76 -23.93 29.00
N GLN C 122 1.76 -23.10 28.67
CA GLN C 122 1.47 -21.98 29.54
C GLN C 122 0.14 -22.15 30.27
N GLN C 123 -0.54 -23.29 30.04
CA GLN C 123 -1.80 -23.57 30.72
C GLN C 123 -1.59 -23.92 32.20
N ALA C 124 -2.27 -23.20 33.09
CA ALA C 124 -2.44 -23.66 34.45
C ALA C 124 -3.00 -25.07 34.44
N GLY C 125 -2.68 -25.79 35.49
CA GLY C 125 -3.15 -27.15 35.67
C GLY C 125 -2.72 -27.65 37.04
N HIS C 126 -3.30 -28.79 37.39
CA HIS C 126 -2.88 -29.54 38.54
C HIS C 126 -2.80 -31.01 38.15
N ASP C 127 -2.34 -31.83 39.12
CA ASP C 127 -2.15 -33.25 38.94
C ASP C 127 -3.25 -33.86 38.07
N ILE C 128 -4.50 -33.68 38.48
CA ILE C 128 -5.61 -34.34 37.79
C ILE C 128 -5.59 -34.02 36.30
N ASN C 129 -5.13 -32.82 35.92
CA ASN C 129 -5.05 -32.42 34.52
C ASN C 129 -3.96 -33.18 33.79
N TYR C 130 -2.78 -33.26 34.41
CA TYR C 130 -1.66 -33.86 33.73
C TYR C 130 -1.93 -35.35 33.48
N ILE C 131 -2.61 -36.03 34.42
CA ILE C 131 -2.83 -37.46 34.24
C ILE C 131 -4.06 -37.71 33.40
N SER C 132 -4.85 -36.65 33.14
CA SER C 132 -6.03 -36.86 32.32
C SER C 132 -5.60 -37.00 30.86
N LEU C 133 -4.48 -36.38 30.48
CA LEU C 133 -4.12 -36.27 29.07
C LEU C 133 -3.36 -37.50 28.58
N ASN C 134 -2.81 -38.32 29.49
CA ASN C 134 -1.89 -39.36 29.05
C ASN C 134 -2.46 -40.73 29.31
N GLY C 135 -3.75 -40.81 29.67
CA GLY C 135 -4.47 -42.07 29.76
C GLY C 135 -4.57 -42.60 31.19
N ILE C 136 -3.82 -42.02 32.10
CA ILE C 136 -3.73 -42.58 33.43
C ILE C 136 -5.06 -42.44 34.16
N LEU C 137 -5.62 -41.23 34.19
CA LEU C 137 -6.83 -40.98 34.95
C LEU C 137 -7.95 -41.86 34.42
N HIS C 138 -8.01 -42.07 33.11
CA HIS C 138 -9.11 -42.83 32.56
C HIS C 138 -9.13 -44.27 33.07
N ALA C 139 -7.97 -44.78 33.47
CA ALA C 139 -7.80 -46.17 33.83
C ALA C 139 -8.12 -46.45 35.29
N ILE C 140 -8.35 -45.41 36.11
CA ILE C 140 -8.53 -45.53 37.55
C ILE C 140 -10.01 -45.40 37.96
N GLY C 141 -10.51 -46.45 38.63
CA GLY C 141 -11.81 -46.43 39.29
C GLY C 141 -12.65 -47.62 38.86
N ARG C 142 -13.91 -47.66 39.27
CA ARG C 142 -14.79 -48.74 38.85
C ARG C 142 -15.34 -48.46 37.44
N GLY C 143 -15.79 -49.52 36.75
CA GLY C 143 -16.16 -49.39 35.36
C GLY C 143 -17.51 -48.70 35.17
N ASP C 144 -18.36 -48.71 36.19
CA ASP C 144 -19.74 -48.25 36.05
C ASP C 144 -19.83 -46.79 36.48
N GLU C 145 -18.69 -46.10 36.45
CA GLU C 145 -18.55 -44.87 37.20
C GLU C 145 -17.46 -44.01 36.57
N ARG C 146 -17.48 -42.75 36.94
CA ARG C 146 -16.53 -41.82 36.39
C ARG C 146 -15.18 -41.95 37.09
N PRO C 147 -14.09 -41.64 36.37
CA PRO C 147 -12.76 -41.88 36.88
C PRO C 147 -12.53 -41.12 38.16
N VAL C 148 -11.72 -41.70 39.03
CA VAL C 148 -11.53 -41.07 40.31
C VAL C 148 -10.05 -40.72 40.46
N PRO C 149 -9.74 -39.51 40.96
CA PRO C 149 -8.34 -39.13 41.04
C PRO C 149 -7.65 -39.88 42.18
N PRO C 150 -6.48 -40.45 41.91
CA PRO C 150 -5.69 -41.09 42.93
C PRO C 150 -4.96 -40.08 43.80
N LEU C 151 -5.72 -39.24 44.50
CA LEU C 151 -5.18 -38.04 45.10
C LEU C 151 -4.27 -37.35 44.08
N ASN C 152 -3.24 -36.66 44.58
CA ASN C 152 -2.22 -36.11 43.72
C ASN C 152 -0.93 -36.90 43.81
N LEU C 153 -1.02 -38.25 43.85
CA LEU C 153 0.15 -39.09 44.08
C LEU C 153 0.87 -39.38 42.78
N VAL C 154 0.12 -39.50 41.68
CA VAL C 154 0.70 -39.99 40.44
C VAL C 154 1.32 -38.86 39.62
N GLY C 155 0.69 -37.67 39.60
CA GLY C 155 1.18 -36.59 38.77
C GLY C 155 2.29 -35.80 39.47
N ASP C 156 1.92 -35.22 40.61
CA ASP C 156 2.80 -34.43 41.43
C ASP C 156 4.02 -35.20 41.94
N PHE C 157 3.81 -36.34 42.59
CA PHE C 157 4.92 -36.92 43.34
C PHE C 157 5.53 -38.08 42.53
N GLY C 158 4.76 -39.13 42.32
CA GLY C 158 5.29 -40.29 41.64
C GLY C 158 5.90 -39.94 40.29
N GLY C 159 5.17 -39.17 39.49
CA GLY C 159 5.56 -38.87 38.14
C GLY C 159 6.12 -37.46 38.03
N GLY C 160 6.37 -36.80 39.17
CA GLY C 160 6.77 -35.41 39.16
C GLY C 160 8.04 -35.16 39.97
N SER C 161 7.87 -34.89 41.25
CA SER C 161 9.01 -34.74 42.14
C SER C 161 9.99 -35.92 41.97
N MET C 162 9.53 -37.16 41.74
CA MET C 162 10.46 -38.28 41.81
C MET C 162 11.31 -38.30 40.56
N PHE C 163 10.75 -37.96 39.40
CA PHE C 163 11.55 -37.79 38.21
C PHE C 163 12.44 -36.56 38.30
N LEU C 164 12.02 -35.54 39.03
CA LEU C 164 12.89 -34.39 39.18
C LEU C 164 14.15 -34.85 39.91
N LEU C 165 13.94 -35.62 40.98
CA LEU C 165 14.98 -36.17 41.84
C LEU C 165 15.88 -37.09 41.02
N VAL C 166 15.33 -37.98 40.23
CA VAL C 166 16.20 -38.83 39.44
C VAL C 166 17.06 -37.99 38.48
N GLY C 167 16.50 -36.94 37.90
CA GLY C 167 17.24 -36.16 36.91
C GLY C 167 18.34 -35.32 37.53
N ILE C 168 18.08 -34.69 38.67
CA ILE C 168 19.09 -34.00 39.43
C ILE C 168 20.24 -34.98 39.70
N LEU C 169 19.94 -36.05 40.44
CA LEU C 169 20.98 -36.96 40.90
C LEU C 169 21.68 -37.59 39.70
N ALA C 170 20.96 -37.89 38.62
CA ALA C 170 21.60 -38.49 37.46
C ALA C 170 22.54 -37.49 36.79
N ALA C 171 22.16 -36.21 36.83
CA ALA C 171 22.97 -35.16 36.24
C ALA C 171 24.19 -34.91 37.12
N LEU C 172 24.05 -35.07 38.45
CA LEU C 172 25.17 -34.91 39.38
C LEU C 172 26.23 -35.97 39.13
N TRP C 173 25.81 -37.20 38.86
CA TRP C 173 26.71 -38.24 38.38
C TRP C 173 27.46 -37.79 37.13
N GLU C 174 26.74 -37.24 36.16
CA GLU C 174 27.34 -36.86 34.88
C GLU C 174 28.41 -35.79 35.10
N ARG C 175 28.20 -34.89 36.07
CA ARG C 175 29.05 -33.74 36.32
C ARG C 175 30.42 -34.13 36.92
N GLN C 176 30.49 -35.21 37.71
CA GLN C 176 31.74 -35.73 38.22
C GLN C 176 32.68 -36.01 37.04
N SER C 177 32.12 -36.63 35.99
CA SER C 177 32.87 -37.05 34.82
C SER C 177 33.14 -35.89 33.85
N SER C 178 32.37 -34.79 33.87
CA SER C 178 32.48 -33.80 32.80
C SER C 178 32.70 -32.37 33.30
N GLY C 179 32.54 -32.10 34.60
CA GLY C 179 32.83 -30.78 35.17
C GLY C 179 31.68 -29.76 35.01
N LYS C 180 30.70 -30.09 34.15
CA LYS C 180 29.64 -29.18 33.71
C LYS C 180 28.25 -29.55 34.27
N GLY C 181 27.45 -28.52 34.53
CA GLY C 181 26.03 -28.69 34.82
C GLY C 181 25.19 -28.90 33.55
N GLN C 182 23.87 -28.82 33.75
CA GLN C 182 22.90 -28.81 32.66
C GLN C 182 21.51 -28.55 33.25
N VAL C 183 20.51 -28.57 32.34
CA VAL C 183 19.13 -28.33 32.70
C VAL C 183 18.38 -29.66 32.70
N VAL C 184 17.64 -29.88 33.78
CA VAL C 184 16.70 -31.01 33.84
C VAL C 184 15.27 -30.49 33.64
N ASP C 185 14.61 -31.00 32.60
CA ASP C 185 13.23 -30.71 32.23
C ASP C 185 12.35 -31.88 32.72
N ALA C 186 11.77 -31.73 33.92
CA ALA C 186 10.85 -32.70 34.46
C ALA C 186 9.40 -32.24 34.29
N ALA C 187 8.69 -32.87 33.36
CA ALA C 187 7.26 -32.66 33.17
C ALA C 187 6.41 -33.82 33.71
N MET C 188 5.40 -33.51 34.53
CA MET C 188 4.54 -34.51 35.14
C MET C 188 3.91 -35.43 34.09
N VAL C 189 3.59 -34.85 32.93
CA VAL C 189 2.94 -35.61 31.88
C VAL C 189 3.89 -36.66 31.32
N ASP C 190 5.21 -36.39 31.35
CA ASP C 190 6.21 -37.34 30.88
C ASP C 190 6.51 -38.37 31.98
N GLY C 191 6.87 -37.90 33.18
CA GLY C 191 7.21 -38.75 34.29
C GLY C 191 6.10 -39.76 34.58
N SER C 192 4.84 -39.27 34.63
CA SER C 192 3.73 -40.12 34.98
C SER C 192 3.57 -41.17 33.88
N SER C 193 3.93 -40.82 32.63
CA SER C 193 3.79 -41.75 31.52
C SER C 193 4.81 -42.89 31.66
N VAL C 194 5.99 -42.57 32.16
CA VAL C 194 7.00 -43.57 32.40
C VAL C 194 6.61 -44.39 33.61
N LEU C 195 6.05 -43.72 34.63
CA LEU C 195 5.57 -44.41 35.80
C LEU C 195 4.61 -45.54 35.41
N ILE C 196 3.84 -45.37 34.34
CA ILE C 196 2.84 -46.35 33.97
C ILE C 196 3.31 -47.15 32.75
N GLN C 197 4.63 -47.24 32.54
CA GLN C 197 5.14 -47.98 31.38
C GLN C 197 4.61 -49.42 31.35
N MET C 198 4.50 -50.07 32.51
CA MET C 198 3.98 -51.42 32.57
C MET C 198 2.69 -51.58 31.78
N MET C 199 1.76 -50.63 31.97
CA MET C 199 0.47 -50.76 31.33
C MET C 199 0.63 -50.59 29.82
N TRP C 200 1.49 -49.68 29.38
CA TRP C 200 1.78 -49.54 27.97
C TRP C 200 2.40 -50.81 27.41
N ALA C 201 3.29 -51.45 28.18
CA ALA C 201 3.83 -52.75 27.75
C ALA C 201 2.70 -53.77 27.61
N MET C 202 1.87 -53.88 28.65
CA MET C 202 0.83 -54.88 28.68
C MET C 202 -0.22 -54.64 27.60
N ARG C 203 -0.43 -53.39 27.17
CA ARG C 203 -1.46 -53.16 26.16
C ARG C 203 -0.96 -53.68 24.83
N ALA C 204 0.36 -53.61 24.58
CA ALA C 204 0.92 -54.00 23.29
C ALA C 204 0.81 -55.51 23.09
N THR C 205 0.98 -56.28 24.16
CA THR C 205 0.87 -57.72 24.09
C THR C 205 -0.56 -58.17 24.40
N GLY C 206 -1.55 -57.27 24.28
CA GLY C 206 -2.94 -57.65 24.47
C GLY C 206 -3.32 -58.09 25.89
N MET C 207 -2.54 -57.72 26.92
CA MET C 207 -2.89 -58.06 28.30
C MET C 207 -3.42 -56.87 29.13
N TRP C 208 -3.88 -55.79 28.48
CA TRP C 208 -4.44 -54.66 29.19
C TRP C 208 -5.39 -53.94 28.26
N THR C 209 -6.65 -53.69 28.67
CA THR C 209 -7.65 -53.04 27.82
C THR C 209 -7.96 -51.65 28.36
N ASP C 210 -8.40 -50.79 27.44
CA ASP C 210 -8.74 -49.42 27.76
C ASP C 210 -10.01 -49.39 28.61
N THR C 211 -10.74 -50.50 28.71
CA THR C 211 -11.92 -50.58 29.57
C THR C 211 -11.55 -50.48 31.04
N ARG C 212 -12.26 -49.64 31.79
CA ARG C 212 -11.95 -49.42 33.18
C ARG C 212 -12.59 -50.51 34.04
N GLY C 213 -11.87 -50.96 35.07
CA GLY C 213 -12.39 -51.95 36.01
C GLY C 213 -12.46 -53.33 35.38
N ALA C 214 -11.63 -53.59 34.37
CA ALA C 214 -11.67 -54.87 33.68
C ALA C 214 -10.28 -55.48 33.46
N ASN C 215 -9.29 -55.13 34.28
CA ASN C 215 -7.93 -55.60 34.11
C ASN C 215 -7.41 -56.22 35.43
N MET C 216 -6.18 -56.72 35.39
CA MET C 216 -5.66 -57.51 36.48
C MET C 216 -5.42 -56.63 37.69
N LEU C 217 -5.04 -55.37 37.43
CA LEU C 217 -4.52 -54.54 38.51
C LEU C 217 -5.34 -53.28 38.79
N ASP C 218 -6.52 -53.13 38.19
CA ASP C 218 -7.31 -51.90 38.30
C ASP C 218 -8.50 -52.10 39.23
N GLY C 219 -8.62 -53.32 39.75
CA GLY C 219 -9.68 -53.68 40.66
C GLY C 219 -10.68 -54.61 40.01
N GLY C 220 -10.51 -54.91 38.71
CA GLY C 220 -11.37 -55.82 37.98
C GLY C 220 -11.18 -57.30 38.37
N ALA C 221 -9.97 -57.70 38.76
CA ALA C 221 -9.72 -59.08 39.18
C ALA C 221 -10.20 -59.30 40.61
N PRO C 222 -11.03 -60.34 40.88
CA PRO C 222 -11.48 -60.59 42.23
C PRO C 222 -10.35 -60.89 43.22
N TYR C 223 -9.19 -61.27 42.70
CA TYR C 223 -8.03 -61.58 43.54
C TYR C 223 -7.07 -60.39 43.72
N TYR C 224 -7.44 -59.24 43.15
CA TYR C 224 -6.69 -58.01 43.31
C TYR C 224 -7.67 -56.86 43.52
N ASP C 225 -8.18 -56.72 44.75
CA ASP C 225 -9.23 -55.77 45.06
C ASP C 225 -9.43 -55.67 46.56
N THR C 226 -10.25 -54.73 47.01
CA THR C 226 -10.61 -54.69 48.40
C THR C 226 -11.94 -55.41 48.58
N TYR C 227 -12.22 -55.84 49.81
CA TYR C 227 -13.49 -56.45 50.17
C TYR C 227 -13.93 -55.87 51.50
N GLU C 228 -15.24 -55.68 51.62
CA GLU C 228 -15.81 -55.20 52.86
C GLU C 228 -16.01 -56.39 53.80
N CYS C 229 -15.77 -56.16 55.09
CA CYS C 229 -15.86 -57.15 56.15
C CYS C 229 -17.10 -56.91 56.98
N ALA C 230 -17.39 -57.85 57.90
CA ALA C 230 -18.59 -57.82 58.71
C ALA C 230 -18.73 -56.49 59.44
N ASP C 231 -17.60 -55.85 59.75
CA ASP C 231 -17.59 -54.67 60.59
C ASP C 231 -17.69 -53.40 59.75
N GLY C 232 -17.86 -53.52 58.43
CA GLY C 232 -17.80 -52.35 57.58
C GLY C 232 -16.39 -51.84 57.25
N ARG C 233 -15.32 -52.47 57.79
CA ARG C 233 -13.94 -52.14 57.44
C ARG C 233 -13.50 -53.02 56.27
N TYR C 234 -12.30 -52.79 55.72
CA TYR C 234 -11.92 -53.48 54.50
C TYR C 234 -10.63 -54.28 54.68
N VAL C 235 -10.49 -55.26 53.80
CA VAL C 235 -9.19 -55.86 53.56
C VAL C 235 -8.84 -55.72 52.10
N ALA C 236 -7.54 -55.87 51.83
CA ALA C 236 -7.04 -55.90 50.48
C ALA C 236 -6.51 -57.28 50.17
N VAL C 237 -6.81 -57.75 48.97
CA VAL C 237 -6.36 -59.01 48.46
C VAL C 237 -5.52 -58.73 47.23
N GLY C 238 -4.31 -59.30 47.20
CA GLY C 238 -3.36 -59.14 46.11
C GLY C 238 -2.75 -60.46 45.66
N ALA C 239 -3.54 -61.52 45.75
CA ALA C 239 -3.11 -62.89 45.51
C ALA C 239 -3.11 -63.22 44.02
N ILE C 240 -2.13 -62.69 43.29
CA ILE C 240 -2.04 -62.91 41.86
C ILE C 240 -1.51 -64.31 41.54
N GLU C 241 -0.43 -64.69 42.22
CA GLU C 241 0.19 -65.98 41.97
C GLU C 241 -0.77 -67.08 42.42
N PRO C 242 -0.92 -68.13 41.60
CA PRO C 242 -1.88 -69.20 41.89
C PRO C 242 -1.72 -69.88 43.26
N GLN C 243 -0.48 -70.01 43.75
CA GLN C 243 -0.23 -70.59 45.05
C GLN C 243 -0.73 -69.67 46.16
N PHE C 244 -0.49 -68.36 46.02
CA PHE C 244 -0.98 -67.41 47.02
C PHE C 244 -2.51 -67.40 47.00
N TYR C 245 -3.10 -67.41 45.81
CA TYR C 245 -4.55 -67.42 45.65
C TYR C 245 -5.12 -68.65 46.38
N ALA C 246 -4.48 -69.82 46.19
CA ALA C 246 -4.98 -71.06 46.78
C ALA C 246 -4.95 -70.98 48.30
N ALA C 247 -3.90 -70.38 48.86
CA ALA C 247 -3.82 -70.22 50.29
C ALA C 247 -4.90 -69.28 50.80
N MET C 248 -5.20 -68.25 49.99
CA MET C 248 -6.29 -67.35 50.33
C MET C 248 -7.62 -68.11 50.40
N LEU C 249 -7.94 -68.93 49.41
CA LEU C 249 -9.21 -69.66 49.41
C LEU C 249 -9.31 -70.55 50.65
N ALA C 250 -8.23 -71.24 51.06
CA ALA C 250 -8.32 -72.16 52.20
C ALA C 250 -8.56 -71.37 53.49
N GLY C 251 -7.92 -70.21 53.61
CA GLY C 251 -8.18 -69.35 54.76
C GLY C 251 -9.62 -68.87 54.86
N LEU C 252 -10.27 -68.65 53.71
CA LEU C 252 -11.67 -68.21 53.67
C LEU C 252 -12.62 -69.38 53.95
N GLY C 253 -12.08 -70.59 54.07
CA GLY C 253 -12.92 -71.77 54.19
C GLY C 253 -13.54 -72.17 52.86
N LEU C 254 -12.95 -71.76 51.73
CA LEU C 254 -13.53 -72.08 50.43
C LEU C 254 -12.75 -73.22 49.77
N ASP C 255 -13.54 -74.07 49.13
CA ASP C 255 -13.03 -75.24 48.46
C ASP C 255 -12.85 -74.90 46.97
N ALA C 256 -11.61 -74.90 46.48
CA ALA C 256 -11.31 -74.51 45.11
C ALA C 256 -12.15 -75.25 44.07
N ALA C 257 -12.50 -76.52 44.30
CA ALA C 257 -13.24 -77.27 43.30
C ALA C 257 -14.67 -76.74 43.11
N GLU C 258 -15.18 -75.90 44.02
CA GLU C 258 -16.51 -75.34 43.91
C GLU C 258 -16.50 -73.95 43.27
N LEU C 259 -15.35 -73.53 42.72
CA LEU C 259 -15.24 -72.15 42.28
C LEU C 259 -14.87 -72.12 40.80
N PRO C 260 -15.18 -71.02 40.09
CA PRO C 260 -14.64 -70.82 38.77
C PRO C 260 -13.14 -70.73 38.83
N PRO C 261 -12.44 -70.97 37.71
CA PRO C 261 -11.01 -70.68 37.64
C PRO C 261 -10.63 -69.24 37.98
N GLN C 262 -9.44 -69.08 38.57
CA GLN C 262 -8.96 -67.79 39.03
C GLN C 262 -8.93 -66.77 37.87
N ASN C 263 -8.62 -67.23 36.66
CA ASN C 263 -8.42 -66.31 35.56
C ASN C 263 -9.36 -66.61 34.40
N ASP C 264 -10.55 -67.17 34.68
CA ASP C 264 -11.66 -67.13 33.73
C ASP C 264 -12.42 -65.81 33.92
N ARG C 265 -12.09 -64.84 33.06
CA ARG C 265 -12.55 -63.46 33.20
C ARG C 265 -14.07 -63.42 33.07
N ALA C 266 -14.63 -64.31 32.26
CA ALA C 266 -16.06 -64.33 32.04
C ALA C 266 -16.79 -64.60 33.36
N ARG C 267 -16.14 -65.23 34.34
CA ARG C 267 -16.82 -65.65 35.57
C ARG C 267 -16.34 -64.85 36.78
N TRP C 268 -15.54 -63.82 36.55
CA TRP C 268 -15.12 -62.99 37.66
C TRP C 268 -16.29 -62.49 38.50
N PRO C 269 -17.41 -62.03 37.88
CA PRO C 269 -18.54 -61.57 38.67
C PRO C 269 -19.04 -62.61 39.67
N GLU C 270 -19.11 -63.88 39.25
CA GLU C 270 -19.48 -65.02 40.07
C GLU C 270 -18.44 -65.29 41.15
N LEU C 271 -17.16 -65.27 40.77
CA LEU C 271 -16.08 -65.52 41.71
C LEU C 271 -16.10 -64.41 42.76
N ARG C 272 -16.22 -63.16 42.31
CA ARG C 272 -16.27 -62.03 43.22
C ARG C 272 -17.42 -62.19 44.21
N ALA C 273 -18.57 -62.67 43.74
CA ALA C 273 -19.71 -62.82 44.64
C ALA C 273 -19.40 -63.81 45.75
N LEU C 274 -18.72 -64.91 45.42
CA LEU C 274 -18.36 -65.90 46.42
C LEU C 274 -17.35 -65.35 47.42
N LEU C 275 -16.33 -64.63 46.95
CA LEU C 275 -15.32 -64.06 47.82
C LEU C 275 -15.93 -62.97 48.70
N THR C 276 -16.85 -62.20 48.11
CA THR C 276 -17.51 -61.12 48.83
C THR C 276 -18.27 -61.69 50.04
N GLU C 277 -18.94 -62.84 49.84
CA GLU C 277 -19.74 -63.40 50.92
C GLU C 277 -18.79 -63.95 51.99
N ALA C 278 -17.68 -64.55 51.57
CA ALA C 278 -16.75 -65.08 52.56
C ALA C 278 -16.12 -63.98 53.41
N PHE C 279 -15.60 -62.91 52.79
CA PHE C 279 -14.98 -61.84 53.56
C PHE C 279 -15.99 -61.13 54.47
N ALA C 280 -17.26 -61.01 54.01
CA ALA C 280 -18.25 -60.30 54.81
C ALA C 280 -18.65 -61.10 56.05
N SER C 281 -18.24 -62.36 56.19
CA SER C 281 -18.69 -63.18 57.31
C SER C 281 -17.90 -62.92 58.60
N HIS C 282 -16.75 -62.24 58.54
CA HIS C 282 -16.01 -61.87 59.74
C HIS C 282 -15.43 -60.46 59.59
N ASP C 283 -15.01 -59.87 60.71
CA ASP C 283 -14.48 -58.52 60.74
C ASP C 283 -13.01 -58.48 60.29
N ARG C 284 -12.47 -57.28 60.05
CA ARG C 284 -11.18 -57.16 59.38
C ARG C 284 -10.05 -57.73 60.24
N ASP C 285 -10.17 -57.61 61.56
CA ASP C 285 -9.10 -58.01 62.46
C ASP C 285 -9.02 -59.53 62.53
N HIS C 286 -10.16 -60.21 62.39
CA HIS C 286 -10.18 -61.64 62.20
C HIS C 286 -9.32 -62.03 61.00
N TRP C 287 -9.58 -61.43 59.84
CA TRP C 287 -8.78 -61.75 58.66
C TRP C 287 -7.32 -61.36 58.87
N GLY C 288 -7.06 -60.28 59.63
CA GLY C 288 -5.68 -59.89 59.95
C GLY C 288 -4.91 -61.01 60.65
N ALA C 289 -5.54 -61.53 61.71
CA ALA C 289 -5.05 -62.67 62.47
C ALA C 289 -4.91 -63.93 61.59
N VAL C 290 -6.03 -64.47 61.11
CA VAL C 290 -6.02 -65.66 60.27
C VAL C 290 -4.90 -65.64 59.24
N PHE C 291 -4.54 -64.49 58.68
CA PHE C 291 -3.62 -64.48 57.55
C PHE C 291 -2.24 -63.89 57.91
N ALA C 292 -1.99 -63.64 59.19
CA ALA C 292 -0.64 -63.30 59.63
C ALA C 292 0.28 -64.47 59.33
N ASN C 293 1.46 -64.15 58.77
CA ASN C 293 2.56 -65.07 58.52
C ASN C 293 2.31 -65.88 57.27
N SER C 294 1.22 -65.57 56.60
CA SER C 294 0.75 -66.30 55.43
C SER C 294 1.14 -65.61 54.12
N ASP C 295 1.23 -66.39 53.04
CA ASP C 295 1.44 -65.90 51.70
C ASP C 295 0.12 -65.60 50.96
N ALA C 296 -0.96 -65.40 51.68
CA ALA C 296 -2.26 -65.28 51.05
C ALA C 296 -2.47 -63.89 50.41
N CYS C 297 -1.60 -62.93 50.75
CA CYS C 297 -1.65 -61.58 50.22
C CYS C 297 -2.94 -60.90 50.63
N VAL C 298 -3.30 -61.04 51.91
CA VAL C 298 -4.45 -60.38 52.47
C VAL C 298 -3.96 -59.47 53.58
N THR C 299 -4.33 -58.18 53.55
CA THR C 299 -3.88 -57.22 54.56
C THR C 299 -5.05 -56.32 54.95
N PRO C 300 -5.06 -55.87 56.22
CA PRO C 300 -6.05 -54.89 56.65
C PRO C 300 -5.83 -53.57 55.92
N VAL C 301 -6.91 -52.95 55.48
CA VAL C 301 -6.82 -51.62 54.89
C VAL C 301 -6.96 -50.60 56.01
N LEU C 302 -5.84 -50.03 56.44
CA LEU C 302 -5.87 -49.16 57.61
C LEU C 302 -6.09 -47.71 57.17
N ALA C 303 -6.88 -46.99 57.95
CA ALA C 303 -7.00 -45.55 57.79
C ALA C 303 -5.82 -44.87 58.46
N PHE C 304 -5.54 -43.62 58.04
CA PHE C 304 -4.34 -42.91 58.45
C PHE C 304 -4.20 -42.98 59.97
N GLY C 305 -5.27 -42.64 60.69
CA GLY C 305 -5.21 -42.48 62.13
C GLY C 305 -4.94 -43.79 62.88
N GLU C 306 -4.91 -44.92 62.16
CA GLU C 306 -4.70 -46.24 62.75
C GLU C 306 -3.30 -46.78 62.47
N VAL C 307 -2.53 -46.10 61.61
CA VAL C 307 -1.28 -46.67 61.10
C VAL C 307 -0.23 -46.77 62.22
N HIS C 308 -0.28 -45.82 63.16
CA HIS C 308 0.63 -45.72 64.28
C HIS C 308 0.47 -46.91 65.26
N ASN C 309 -0.65 -47.64 65.20
CA ASN C 309 -0.87 -48.82 66.02
C ASN C 309 -0.55 -50.14 65.31
N GLU C 310 -0.04 -50.11 64.06
CA GLU C 310 0.24 -51.36 63.39
C GLU C 310 1.66 -51.81 63.71
N PRO C 311 1.87 -53.03 64.26
CA PRO C 311 3.19 -53.56 64.61
C PRO C 311 4.28 -53.45 63.56
N HIS C 312 4.02 -53.82 62.30
CA HIS C 312 5.09 -53.72 61.32
C HIS C 312 5.48 -52.26 61.04
N ILE C 313 4.56 -51.31 61.25
CA ILE C 313 4.89 -49.89 61.08
C ILE C 313 5.70 -49.43 62.29
N ILE C 314 5.23 -49.75 63.51
CA ILE C 314 5.89 -49.33 64.74
C ILE C 314 7.33 -49.85 64.77
N GLU C 315 7.50 -51.13 64.43
CA GLU C 315 8.71 -51.85 64.72
C GLU C 315 9.81 -51.37 63.80
N ARG C 316 9.47 -50.97 62.56
CA ARG C 316 10.46 -50.48 61.60
C ARG C 316 10.59 -48.95 61.62
N ASN C 317 9.90 -48.27 62.52
CA ASN C 317 10.04 -46.82 62.63
C ASN C 317 9.81 -46.14 61.27
N THR C 318 8.71 -46.51 60.60
CA THR C 318 8.40 -45.88 59.32
C THR C 318 7.97 -44.43 59.55
N PHE C 319 7.40 -44.11 60.72
CA PHE C 319 6.95 -42.77 61.09
C PHE C 319 7.63 -42.27 62.38
N TYR C 320 7.63 -40.94 62.59
CA TYR C 320 8.12 -40.27 63.80
C TYR C 320 7.03 -39.30 64.24
N GLU C 321 6.88 -39.06 65.55
CA GLU C 321 5.97 -38.03 66.06
C GLU C 321 6.57 -36.64 65.84
N ALA C 322 5.70 -35.64 65.64
CA ALA C 322 6.13 -34.26 65.44
C ALA C 322 4.89 -33.36 65.34
N ASN C 323 4.69 -32.51 66.36
CA ASN C 323 3.78 -31.39 66.24
C ASN C 323 2.36 -31.88 65.97
N GLY C 324 1.77 -32.56 66.96
CA GLY C 324 0.38 -33.01 66.91
C GLY C 324 0.08 -33.90 65.71
N GLY C 325 0.97 -34.86 65.40
CA GLY C 325 0.72 -35.83 64.35
C GLY C 325 1.98 -36.53 63.83
N TRP C 326 1.77 -37.66 63.18
CA TRP C 326 2.84 -38.49 62.66
C TRP C 326 3.24 -38.04 61.26
N GLN C 327 4.51 -38.24 60.94
CA GLN C 327 5.07 -37.88 59.65
C GLN C 327 6.05 -38.98 59.28
N PRO C 328 6.19 -39.32 57.99
CA PRO C 328 7.07 -40.39 57.58
C PRO C 328 8.53 -40.03 57.64
N MET C 329 9.33 -41.01 58.06
CA MET C 329 10.76 -40.87 58.13
C MET C 329 11.30 -40.93 56.72
N PRO C 330 12.54 -40.44 56.49
CA PRO C 330 13.15 -40.52 55.19
C PRO C 330 13.11 -41.91 54.61
N ALA C 331 13.06 -41.96 53.27
CA ALA C 331 13.20 -43.17 52.51
C ALA C 331 14.04 -42.82 51.30
N PRO C 332 14.75 -43.78 50.66
CA PRO C 332 14.97 -45.10 51.21
C PRO C 332 15.93 -45.07 52.39
N ARG C 333 16.49 -46.24 52.76
CA ARG C 333 17.36 -46.30 53.93
C ARG C 333 18.75 -46.72 53.50
N PHE C 334 19.74 -46.26 54.28
CA PHE C 334 21.16 -46.41 53.91
C PHE C 334 21.92 -47.18 55.01
N SER C 335 22.76 -48.16 54.63
CA SER C 335 23.52 -48.90 55.63
C SER C 335 24.53 -48.02 56.40
N ARG C 336 25.37 -47.27 55.67
CA ARG C 336 26.49 -46.54 56.26
C ARG C 336 26.13 -45.08 56.60
N THR C 337 25.66 -44.30 55.60
CA THR C 337 25.33 -42.89 55.79
C THR C 337 23.85 -42.73 56.07
N ALA C 338 23.44 -42.95 57.31
CA ALA C 338 22.03 -43.01 57.63
C ALA C 338 21.50 -41.59 57.75
N SER C 339 20.32 -41.37 57.16
CA SER C 339 19.56 -40.16 57.44
C SER C 339 19.18 -40.12 58.92
N SER C 340 18.81 -38.93 59.36
CA SER C 340 18.34 -38.74 60.71
C SER C 340 16.91 -38.19 60.67
N GLN C 341 16.31 -38.13 61.85
CA GLN C 341 14.98 -37.59 61.99
C GLN C 341 14.98 -36.19 61.38
N PRO C 342 13.93 -35.81 60.60
CA PRO C 342 13.82 -34.46 60.04
C PRO C 342 13.72 -33.32 61.07
N ARG C 343 14.40 -32.21 60.76
CA ARG C 343 14.30 -30.96 61.50
C ARG C 343 13.02 -30.26 61.08
N PRO C 344 12.18 -29.74 62.01
CA PRO C 344 11.05 -28.91 61.60
C PRO C 344 11.47 -27.65 60.83
N PRO C 345 10.52 -26.87 60.28
CA PRO C 345 10.89 -25.74 59.43
C PRO C 345 11.67 -24.66 60.18
N ALA C 346 12.77 -24.20 59.55
CA ALA C 346 13.77 -23.37 60.22
C ALA C 346 13.39 -21.89 60.13
N ALA C 347 12.82 -21.37 61.23
CA ALA C 347 12.52 -19.95 61.42
C ALA C 347 13.35 -19.08 60.48
N THR C 348 12.70 -18.06 59.89
CA THR C 348 13.23 -17.30 58.77
C THR C 348 14.66 -16.84 59.03
N ILE C 349 15.61 -17.46 58.33
CA ILE C 349 16.99 -17.03 58.36
C ILE C 349 17.11 -15.78 57.51
N ASP C 350 18.13 -14.97 57.80
CA ASP C 350 18.49 -13.79 57.01
C ASP C 350 19.42 -14.21 55.87
N ILE C 351 19.09 -13.82 54.64
CA ILE C 351 19.73 -14.44 53.49
C ILE C 351 21.22 -14.09 53.42
N GLU C 352 21.61 -12.87 53.83
CA GLU C 352 23.01 -12.49 53.91
C GLU C 352 23.74 -13.49 54.82
N ALA C 353 23.10 -13.81 55.95
CA ALA C 353 23.68 -14.68 56.97
C ALA C 353 23.90 -16.11 56.48
N VAL C 354 23.23 -16.52 55.38
CA VAL C 354 23.45 -17.84 54.80
C VAL C 354 24.72 -17.78 53.96
N LEU C 355 24.91 -16.67 53.23
CA LEU C 355 26.11 -16.48 52.41
C LEU C 355 27.35 -16.47 53.29
N THR C 356 27.19 -15.94 54.52
CA THR C 356 28.19 -16.03 55.56
C THR C 356 28.58 -17.50 55.76
N ASP C 357 27.57 -18.35 56.09
CA ASP C 357 27.78 -19.73 56.51
C ASP C 357 28.39 -20.57 55.38
N TRP C 358 28.12 -20.21 54.11
CA TRP C 358 28.66 -20.93 52.96
C TRP C 358 30.02 -20.38 52.51
N ASP C 359 30.72 -19.68 53.43
CA ASP C 359 31.91 -18.87 53.17
C ASP C 359 31.49 -17.44 52.82
N MET D 1 26.86 -45.05 24.70
CA MET D 1 25.40 -44.98 24.99
C MET D 1 24.99 -43.59 25.45
N ALA D 2 23.84 -43.09 24.95
CA ALA D 2 23.39 -41.73 25.19
C ALA D 2 22.73 -41.59 26.56
N GLY D 3 23.10 -40.52 27.29
CA GLY D 3 22.37 -40.09 28.46
C GLY D 3 23.30 -39.76 29.62
N PRO D 4 22.81 -39.18 30.72
CA PRO D 4 23.68 -38.72 31.80
C PRO D 4 24.30 -39.84 32.61
N LEU D 5 23.78 -41.07 32.44
CA LEU D 5 24.31 -42.21 33.17
C LEU D 5 25.09 -43.08 32.20
N SER D 6 25.73 -42.44 31.23
CA SER D 6 26.67 -43.15 30.40
C SER D 6 27.81 -43.60 31.31
N GLY D 7 28.18 -44.90 31.20
CA GLY D 7 29.32 -45.45 31.93
C GLY D 7 28.98 -46.07 33.29
N LEU D 8 27.70 -46.00 33.70
CA LEU D 8 27.23 -46.68 34.90
C LEU D 8 26.92 -48.13 34.54
N ARG D 9 27.46 -49.06 35.35
CA ARG D 9 27.25 -50.49 35.12
C ARG D 9 26.33 -51.06 36.20
N VAL D 10 25.32 -51.80 35.73
CA VAL D 10 24.25 -52.19 36.62
C VAL D 10 23.97 -53.67 36.43
N VAL D 11 24.00 -54.39 37.56
CA VAL D 11 23.52 -55.78 37.57
C VAL D 11 22.16 -55.85 38.26
N GLU D 12 21.20 -56.42 37.53
CA GLU D 12 19.83 -56.59 38.01
C GLU D 12 19.49 -58.08 38.12
N LEU D 13 19.09 -58.54 39.32
CA LEU D 13 18.58 -59.90 39.46
C LEU D 13 17.07 -59.94 39.18
N ALA D 14 16.70 -60.64 38.11
CA ALA D 14 15.35 -60.62 37.60
C ALA D 14 14.34 -60.85 38.71
N GLY D 15 13.52 -59.83 38.96
CA GLY D 15 12.31 -59.97 39.76
C GLY D 15 11.11 -59.49 38.95
N ILE D 16 10.14 -58.92 39.68
CA ILE D 16 8.93 -58.39 39.07
C ILE D 16 8.61 -57.04 39.70
N GLY D 17 8.02 -56.15 38.90
CA GLY D 17 7.54 -54.87 39.40
C GLY D 17 8.68 -53.88 39.61
N PRO D 18 8.91 -53.39 40.84
CA PRO D 18 9.76 -52.22 41.04
C PRO D 18 11.19 -52.40 40.56
N GLY D 19 11.73 -53.59 40.80
CA GLY D 19 13.12 -53.91 40.51
C GLY D 19 13.45 -53.69 39.04
N PRO D 20 12.70 -54.30 38.11
CA PRO D 20 12.88 -54.01 36.70
C PRO D 20 12.52 -52.59 36.23
N HIS D 21 11.65 -51.87 36.93
CA HIS D 21 11.25 -50.56 36.44
C HIS D 21 12.43 -49.64 36.75
N ALA D 22 13.03 -49.80 37.95
CA ALA D 22 14.23 -49.07 38.30
C ALA D 22 15.35 -49.32 37.29
N ALA D 23 15.55 -50.59 36.97
CA ALA D 23 16.59 -50.97 36.02
C ALA D 23 16.28 -50.37 34.65
N MET D 24 14.98 -50.29 34.33
CA MET D 24 14.56 -49.77 33.05
C MET D 24 14.94 -48.29 32.92
N ILE D 25 14.74 -47.52 33.99
CA ILE D 25 15.00 -46.11 33.95
C ILE D 25 16.51 -45.88 33.88
N LEU D 26 17.29 -46.58 34.73
CA LEU D 26 18.75 -46.52 34.69
C LEU D 26 19.22 -46.70 33.25
N GLY D 27 18.85 -47.80 32.63
CA GLY D 27 19.05 -48.01 31.20
C GLY D 27 18.57 -46.85 30.33
N ASP D 28 17.36 -46.35 30.63
CA ASP D 28 16.73 -45.29 29.84
C ASP D 28 17.71 -44.14 29.70
N LEU D 29 18.30 -43.73 30.84
CA LEU D 29 19.22 -42.61 30.97
C LEU D 29 20.68 -42.96 30.67
N GLY D 30 20.91 -44.07 29.95
CA GLY D 30 22.21 -44.39 29.36
C GLY D 30 23.00 -45.49 30.06
N ALA D 31 22.54 -46.01 31.21
CA ALA D 31 23.34 -46.94 32.00
C ALA D 31 23.42 -48.31 31.33
N ASP D 32 24.51 -49.02 31.62
CA ASP D 32 24.74 -50.35 31.10
C ASP D 32 24.16 -51.37 32.07
N VAL D 33 23.05 -51.97 31.66
CA VAL D 33 22.24 -52.77 32.55
C VAL D 33 22.30 -54.19 32.04
N VAL D 34 22.72 -55.05 32.99
CA VAL D 34 22.77 -56.48 32.75
C VAL D 34 21.84 -57.15 33.75
N ARG D 35 20.89 -57.88 33.18
CA ARG D 35 19.86 -58.55 33.93
C ARG D 35 20.15 -60.05 33.96
N ILE D 36 20.30 -60.61 35.16
CA ILE D 36 20.49 -62.05 35.30
C ILE D 36 19.14 -62.74 35.53
N ASP D 37 18.67 -63.49 34.53
CA ASP D 37 17.46 -64.32 34.69
C ASP D 37 17.83 -65.80 34.85
N ARG D 38 16.99 -66.56 35.58
CA ARG D 38 17.17 -67.99 35.69
C ARG D 38 16.86 -68.65 34.34
N PRO D 39 17.50 -69.79 33.96
CA PRO D 39 17.30 -70.39 32.64
C PRO D 39 15.88 -70.82 32.32
N SER D 40 15.10 -71.17 33.35
CA SER D 40 13.74 -71.66 33.17
C SER D 40 12.74 -70.55 32.81
N SER D 41 13.22 -69.29 32.67
CA SER D 41 12.46 -68.24 32.01
C SER D 41 13.24 -67.77 30.79
N VAL D 42 13.26 -68.61 29.74
CA VAL D 42 14.15 -68.42 28.60
C VAL D 42 13.30 -68.33 27.34
N ASP D 43 13.95 -67.98 26.22
CA ASP D 43 13.31 -68.04 24.92
C ASP D 43 14.41 -68.15 23.86
N ILE D 45 13.61 -63.84 22.88
CA ILE D 45 13.41 -62.35 22.81
C ILE D 45 12.14 -62.03 23.59
N SER D 46 12.25 -61.14 24.59
CA SER D 46 11.17 -60.95 25.56
C SER D 46 10.08 -60.02 25.04
N ARG D 47 8.85 -60.27 25.53
CA ARG D 47 7.67 -59.52 25.14
C ARG D 47 7.63 -58.17 25.86
N ASP D 48 8.04 -58.17 27.15
CA ASP D 48 7.90 -57.02 28.04
C ASP D 48 8.83 -55.89 27.60
N ALA D 49 8.23 -54.82 27.05
CA ALA D 49 8.98 -53.62 26.70
C ALA D 49 9.53 -52.96 27.96
N MET D 50 9.17 -53.42 29.16
CA MET D 50 9.80 -52.94 30.38
C MET D 50 11.22 -53.51 30.49
N LEU D 51 11.52 -54.51 29.66
CA LEU D 51 12.86 -55.08 29.65
C LEU D 51 13.70 -54.40 28.57
N ARG D 52 13.28 -53.20 28.13
CA ARG D 52 14.04 -52.40 27.18
C ARG D 52 15.32 -51.92 27.83
N ASN D 53 16.30 -51.51 27.01
CA ASN D 53 17.59 -50.97 27.44
C ASN D 53 18.37 -51.92 28.36
N ARG D 54 18.44 -53.21 27.97
CA ARG D 54 19.03 -54.26 28.80
C ARG D 54 19.84 -55.24 27.97
N ARG D 55 20.86 -55.83 28.61
CA ARG D 55 21.37 -57.12 28.18
C ARG D 55 20.88 -58.20 29.15
N ILE D 56 20.26 -59.25 28.59
CA ILE D 56 19.73 -60.37 29.36
C ILE D 56 20.67 -61.58 29.27
N VAL D 57 21.17 -62.05 30.42
CA VAL D 57 21.88 -63.33 30.50
C VAL D 57 21.16 -64.26 31.46
N THR D 58 21.35 -65.58 31.27
CA THR D 58 20.83 -66.58 32.20
C THR D 58 21.98 -67.19 33.01
N ALA D 59 21.63 -67.89 34.10
CA ALA D 59 22.58 -68.35 35.11
C ALA D 59 21.85 -68.99 36.28
N ASP D 60 22.03 -70.30 36.48
CA ASP D 60 21.45 -70.96 37.63
C ASP D 60 22.27 -70.59 38.85
N LEU D 61 21.75 -69.67 39.67
CA LEU D 61 22.51 -69.15 40.81
C LEU D 61 22.59 -70.18 41.92
N LYS D 62 21.91 -71.32 41.76
CA LYS D 62 21.99 -72.39 42.75
C LYS D 62 23.19 -73.29 42.44
N SER D 63 23.60 -73.35 41.17
CA SER D 63 24.81 -74.07 40.81
C SER D 63 26.06 -73.26 41.21
N ASP D 64 27.21 -73.96 41.31
CA ASP D 64 28.48 -73.34 41.68
C ASP D 64 28.98 -72.51 40.50
N GLN D 65 28.62 -73.01 39.32
CA GLN D 65 28.96 -72.42 38.04
C GLN D 65 28.38 -71.00 37.93
N GLY D 66 27.06 -70.90 38.08
CA GLY D 66 26.32 -69.65 37.99
C GLY D 66 26.75 -68.63 39.05
N LEU D 67 26.91 -69.07 40.31
CA LEU D 67 27.29 -68.16 41.40
C LEU D 67 28.66 -67.53 41.12
N GLU D 68 29.52 -68.21 40.36
CA GLU D 68 30.86 -67.69 40.13
C GLU D 68 30.75 -66.53 39.13
N LEU D 69 30.11 -66.79 37.98
CA LEU D 69 29.92 -65.82 36.91
C LEU D 69 29.19 -64.57 37.39
N ALA D 70 28.21 -64.77 38.27
CA ALA D 70 27.44 -63.67 38.85
C ALA D 70 28.32 -62.80 39.72
N LEU D 71 29.15 -63.43 40.58
CA LEU D 71 29.98 -62.68 41.50
C LEU D 71 31.09 -61.94 40.73
N LYS D 72 31.40 -62.40 39.52
CA LYS D 72 32.39 -61.75 38.68
C LYS D 72 31.84 -60.42 38.17
N LEU D 73 30.63 -60.45 37.62
CA LEU D 73 29.89 -59.28 37.15
C LEU D 73 29.78 -58.22 38.23
N ILE D 74 29.25 -58.62 39.37
CA ILE D 74 29.12 -57.72 40.49
C ILE D 74 30.44 -57.02 40.80
N ALA D 75 31.59 -57.67 40.57
CA ALA D 75 32.89 -57.09 40.93
C ALA D 75 33.25 -55.95 39.98
N LYS D 76 32.82 -56.09 38.71
CA LYS D 76 33.12 -55.13 37.66
C LYS D 76 31.96 -54.16 37.42
N ALA D 77 31.15 -53.84 38.45
CA ALA D 77 29.93 -53.08 38.25
C ALA D 77 29.70 -52.09 39.37
N ASP D 78 28.80 -51.13 39.12
CA ASP D 78 28.56 -50.06 40.06
C ASP D 78 27.40 -50.41 40.98
N VAL D 79 26.38 -51.08 40.43
CA VAL D 79 25.12 -51.26 41.14
C VAL D 79 24.63 -52.68 40.99
N LEU D 80 24.05 -53.17 42.09
CA LEU D 80 23.28 -54.39 42.07
C LEU D 80 21.85 -54.08 42.54
N ILE D 81 20.88 -54.58 41.76
CA ILE D 81 19.47 -54.49 42.13
C ILE D 81 18.91 -55.88 42.39
N GLU D 82 18.32 -56.06 43.57
CA GLU D 82 17.54 -57.26 43.79
C GLU D 82 16.23 -56.93 44.49
N GLY D 83 15.20 -57.73 44.13
CA GLY D 83 13.88 -57.59 44.73
C GLY D 83 13.24 -58.92 45.10
N TYR D 84 14.00 -59.75 45.85
CA TYR D 84 13.53 -61.00 46.39
C TYR D 84 13.28 -60.78 47.87
N ARG D 85 12.68 -61.76 48.56
CA ARG D 85 12.42 -61.60 49.99
C ARG D 85 13.75 -61.43 50.73
N PRO D 86 13.78 -60.70 51.86
CA PRO D 86 14.99 -60.64 52.67
C PRO D 86 15.51 -62.03 53.02
N GLY D 87 16.85 -62.17 53.00
CA GLY D 87 17.53 -63.40 53.31
C GLY D 87 17.80 -64.20 52.04
N VAL D 88 17.13 -63.89 50.92
CA VAL D 88 17.26 -64.75 49.75
C VAL D 88 18.65 -64.65 49.17
N THR D 89 19.19 -63.44 48.96
CA THR D 89 20.46 -63.33 48.24
C THR D 89 21.56 -63.89 49.13
N GLU D 90 21.49 -63.60 50.44
CA GLU D 90 22.41 -64.13 51.44
C GLU D 90 22.61 -65.63 51.25
N ARG D 91 21.54 -66.43 51.39
CA ARG D 91 21.65 -67.89 51.28
C ARG D 91 21.86 -68.33 49.84
N LEU D 92 22.04 -67.39 48.90
CA LEU D 92 22.52 -67.74 47.56
C LEU D 92 24.03 -67.48 47.47
N GLY D 93 24.55 -66.75 48.46
CA GLY D 93 25.93 -66.26 48.49
C GLY D 93 26.15 -65.00 47.63
N LEU D 94 25.09 -64.17 47.47
CA LEU D 94 25.16 -62.88 46.77
C LEU D 94 24.78 -61.75 47.72
N GLY D 95 24.82 -61.99 49.02
CA GLY D 95 24.37 -60.98 49.97
C GLY D 95 25.29 -59.77 49.94
N PRO D 96 24.92 -58.68 50.66
CA PRO D 96 25.76 -57.51 50.76
C PRO D 96 27.15 -57.83 51.33
N GLU D 97 27.23 -58.79 52.28
CA GLU D 97 28.50 -59.07 52.94
C GLU D 97 29.44 -59.82 52.00
N GLU D 98 28.89 -60.79 51.26
CA GLU D 98 29.63 -61.49 50.22
C GLU D 98 30.04 -60.52 49.12
N CYS D 99 29.13 -59.60 48.76
CA CYS D 99 29.36 -58.74 47.61
C CYS D 99 30.45 -57.71 47.91
N ALA D 100 30.56 -57.29 49.18
CA ALA D 100 31.55 -56.30 49.60
C ALA D 100 32.98 -56.85 49.55
N LYS D 101 33.12 -58.18 49.38
CA LYS D 101 34.41 -58.83 49.30
C LYS D 101 34.93 -58.88 47.87
N VAL D 102 34.08 -58.71 46.86
CA VAL D 102 34.59 -58.61 45.50
C VAL D 102 34.45 -57.18 44.95
N ASN D 103 33.98 -56.22 45.77
CA ASN D 103 33.67 -54.88 45.28
C ASN D 103 33.15 -54.00 46.41
N ASP D 104 34.05 -53.25 47.05
CA ASP D 104 33.69 -52.40 48.17
C ASP D 104 33.09 -51.09 47.64
N ARG D 105 33.05 -50.91 46.31
CA ARG D 105 32.49 -49.71 45.72
C ARG D 105 30.99 -49.88 45.43
N LEU D 106 30.48 -51.11 45.56
CA LEU D 106 29.19 -51.50 45.01
C LEU D 106 28.04 -50.81 45.75
N ILE D 107 27.05 -50.40 44.94
CA ILE D 107 25.76 -49.96 45.47
C ILE D 107 24.84 -51.17 45.48
N TYR D 108 24.46 -51.57 46.70
CA TYR D 108 23.69 -52.79 46.88
C TYR D 108 22.23 -52.40 47.08
N ALA D 109 21.44 -52.56 46.02
CA ALA D 109 20.09 -51.99 45.99
C ALA D 109 19.05 -53.08 46.24
N ARG D 110 18.36 -52.97 47.39
CA ARG D 110 17.38 -53.95 47.83
C ARG D 110 15.94 -53.42 47.73
N MET D 111 15.18 -53.96 46.77
CA MET D 111 13.80 -53.55 46.54
C MET D 111 12.78 -54.52 47.15
N THR D 112 12.14 -54.16 48.27
CA THR D 112 11.06 -54.97 48.84
C THR D 112 9.81 -54.13 49.11
N GLY D 113 8.70 -54.80 49.41
CA GLY D 113 7.49 -54.17 49.89
C GLY D 113 7.57 -53.84 51.38
N TRP D 114 7.99 -54.81 52.20
CA TRP D 114 7.79 -54.71 53.64
C TRP D 114 9.05 -54.24 54.36
N GLY D 115 10.20 -54.31 53.70
CA GLY D 115 11.45 -53.99 54.37
C GLY D 115 12.28 -55.26 54.63
N GLN D 116 13.43 -55.03 55.27
CA GLN D 116 14.36 -56.12 55.47
C GLN D 116 14.03 -56.85 56.76
N THR D 117 13.43 -56.16 57.74
CA THR D 117 13.12 -56.79 59.00
C THR D 117 11.66 -56.54 59.35
N GLY D 118 11.23 -57.20 60.42
CA GLY D 118 9.98 -56.90 61.09
C GLY D 118 8.96 -57.97 60.77
N PRO D 119 7.80 -57.94 61.44
CA PRO D 119 6.87 -59.06 61.47
C PRO D 119 6.23 -59.44 60.14
N ARG D 120 6.24 -58.53 59.14
CA ARG D 120 5.61 -58.84 57.85
C ARG D 120 6.66 -59.16 56.82
N SER D 121 7.94 -59.17 57.21
CA SER D 121 9.03 -59.06 56.25
C SER D 121 9.23 -60.31 55.42
N GLN D 122 8.59 -61.43 55.77
CA GLN D 122 8.66 -62.61 54.90
C GLN D 122 7.36 -62.89 54.13
N GLN D 123 6.32 -62.12 54.45
CA GLN D 123 4.98 -62.30 53.88
C GLN D 123 5.03 -61.86 52.42
N ALA D 124 4.56 -62.71 51.50
CA ALA D 124 4.37 -62.31 50.12
C ALA D 124 3.34 -61.19 50.04
N GLY D 125 3.39 -60.44 48.95
CA GLY D 125 2.55 -59.29 48.79
C GLY D 125 2.68 -58.64 47.41
N HIS D 126 1.71 -57.74 47.15
CA HIS D 126 1.79 -56.86 46.00
C HIS D 126 1.43 -55.42 46.37
N ASP D 127 1.48 -54.55 45.36
CA ASP D 127 1.31 -53.12 45.57
C ASP D 127 0.14 -52.91 46.52
N ILE D 128 -1.01 -53.50 46.19
CA ILE D 128 -2.23 -53.21 46.92
C ILE D 128 -2.07 -53.48 48.41
N ASN D 129 -1.24 -54.47 48.79
CA ASN D 129 -0.97 -54.80 50.19
C ASN D 129 -0.10 -53.77 50.89
N TYR D 130 0.91 -53.28 50.20
CA TYR D 130 1.82 -52.36 50.85
C TYR D 130 1.11 -51.03 51.09
N ILE D 131 0.26 -50.61 50.16
CA ILE D 131 -0.45 -49.34 50.35
C ILE D 131 -1.70 -49.50 51.22
N SER D 132 -2.14 -50.73 51.52
CA SER D 132 -3.23 -50.88 52.47
C SER D 132 -2.78 -50.60 53.90
N LEU D 133 -1.48 -50.75 54.18
CA LEU D 133 -1.04 -50.77 55.56
C LEU D 133 -0.69 -49.38 56.06
N ASN D 134 -0.42 -48.45 55.14
CA ASN D 134 0.08 -47.14 55.52
C ASN D 134 -0.95 -46.02 55.32
N GLY D 135 -2.22 -46.37 55.15
CA GLY D 135 -3.29 -45.37 55.09
C GLY D 135 -3.65 -44.95 53.66
N ILE D 136 -2.84 -45.34 52.68
CA ILE D 136 -2.95 -44.80 51.34
C ILE D 136 -4.20 -45.34 50.66
N LEU D 137 -4.36 -46.68 50.64
CA LEU D 137 -5.41 -47.30 49.87
C LEU D 137 -6.76 -46.82 50.40
N HIS D 138 -6.88 -46.74 51.71
CA HIS D 138 -8.11 -46.31 52.36
C HIS D 138 -8.60 -44.96 51.85
N ALA D 139 -7.68 -44.09 51.42
CA ALA D 139 -7.97 -42.71 51.06
C ALA D 139 -8.39 -42.56 49.62
N ILE D 140 -8.36 -43.64 48.84
CA ILE D 140 -8.60 -43.56 47.41
C ILE D 140 -9.95 -44.15 47.01
N GLY D 141 -10.74 -43.33 46.28
CA GLY D 141 -12.01 -43.74 45.70
C GLY D 141 -13.18 -42.99 46.33
N ARG D 142 -14.40 -43.31 45.89
CA ARG D 142 -15.59 -42.58 46.32
C ARG D 142 -15.96 -42.99 47.75
N GLY D 143 -16.61 -42.06 48.49
CA GLY D 143 -17.04 -42.26 49.87
C GLY D 143 -18.11 -43.34 50.02
N ASP D 144 -18.91 -43.52 48.98
CA ASP D 144 -20.08 -44.37 49.02
C ASP D 144 -19.70 -45.85 48.78
N GLU D 145 -18.40 -46.17 48.75
CA GLU D 145 -17.96 -47.41 48.15
C GLU D 145 -16.65 -47.87 48.78
N ARG D 146 -16.18 -49.03 48.38
CA ARG D 146 -14.95 -49.54 48.94
C ARG D 146 -13.75 -49.00 48.16
N PRO D 147 -12.57 -48.93 48.81
CA PRO D 147 -11.38 -48.36 48.21
C PRO D 147 -11.02 -49.00 46.88
N VAL D 148 -10.47 -48.17 46.00
CA VAL D 148 -10.13 -48.55 44.66
C VAL D 148 -8.61 -48.57 44.57
N PRO D 149 -7.99 -49.64 44.02
CA PRO D 149 -6.55 -49.61 43.80
C PRO D 149 -6.17 -48.65 42.69
N PRO D 150 -5.24 -47.71 42.95
CA PRO D 150 -4.72 -46.85 41.89
C PRO D 150 -3.72 -47.55 40.98
N LEU D 151 -4.23 -48.53 40.26
CA LEU D 151 -3.38 -49.49 39.59
C LEU D 151 -2.27 -49.90 40.54
N ASN D 152 -1.08 -50.17 40.03
CA ASN D 152 0.07 -50.39 40.88
C ASN D 152 1.05 -49.24 40.79
N LEU D 153 0.54 -48.01 40.73
CA LEU D 153 1.36 -46.84 40.48
C LEU D 153 2.03 -46.37 41.75
N VAL D 154 1.40 -46.60 42.90
CA VAL D 154 1.80 -45.86 44.09
C VAL D 154 2.79 -46.67 44.91
N GLY D 155 2.60 -47.99 44.98
CA GLY D 155 3.46 -48.86 45.76
C GLY D 155 4.68 -49.33 44.97
N ASP D 156 4.42 -49.99 43.82
CA ASP D 156 5.46 -50.49 42.94
C ASP D 156 6.35 -49.35 42.46
N PHE D 157 5.78 -48.33 41.79
CA PHE D 157 6.60 -47.39 41.04
C PHE D 157 6.85 -46.14 41.86
N GLY D 158 5.82 -45.30 42.05
CA GLY D 158 6.02 -44.04 42.71
C GLY D 158 6.78 -44.20 44.02
N GLY D 159 6.31 -45.15 44.85
CA GLY D 159 6.83 -45.32 46.21
C GLY D 159 7.82 -46.48 46.29
N GLY D 160 8.06 -47.15 45.17
CA GLY D 160 8.89 -48.33 45.13
C GLY D 160 10.15 -48.10 44.29
N SER D 161 10.07 -48.31 42.97
CA SER D 161 11.24 -48.15 42.12
C SER D 161 11.85 -46.73 42.21
N MET D 162 11.03 -45.70 42.36
CA MET D 162 11.53 -44.34 42.23
C MET D 162 12.43 -44.07 43.42
N PHE D 163 12.04 -44.58 44.58
CA PHE D 163 12.86 -44.41 45.76
C PHE D 163 14.12 -45.29 45.68
N LEU D 164 13.99 -46.49 45.11
CA LEU D 164 15.18 -47.26 44.80
C LEU D 164 16.13 -46.42 43.95
N LEU D 165 15.60 -45.70 42.94
CA LEU D 165 16.41 -44.91 42.02
C LEU D 165 17.08 -43.75 42.76
N VAL D 166 16.35 -43.07 43.61
CA VAL D 166 16.92 -41.97 44.37
C VAL D 166 18.02 -42.46 45.32
N GLY D 167 17.85 -43.65 45.90
CA GLY D 167 18.83 -44.21 46.82
C GLY D 167 20.12 -44.60 46.10
N ILE D 168 19.98 -45.29 44.97
CA ILE D 168 21.10 -45.66 44.13
C ILE D 168 21.89 -44.38 43.83
N LEU D 169 21.24 -43.42 43.16
CA LEU D 169 21.95 -42.27 42.66
C LEU D 169 22.47 -41.41 43.82
N ALA D 170 21.81 -41.40 44.98
CA ALA D 170 22.32 -40.62 46.09
C ALA D 170 23.52 -41.31 46.74
N ALA D 171 23.54 -42.65 46.66
CA ALA D 171 24.66 -43.42 47.18
C ALA D 171 25.90 -43.17 46.32
N LEU D 172 25.70 -43.08 44.98
CA LEU D 172 26.75 -42.79 43.99
C LEU D 172 27.36 -41.41 44.19
N TRP D 173 26.56 -40.46 44.65
CA TRP D 173 27.09 -39.18 45.08
C TRP D 173 27.94 -39.36 46.34
N GLU D 174 27.43 -40.12 47.32
CA GLU D 174 28.15 -40.30 48.57
C GLU D 174 29.50 -40.96 48.28
N ARG D 175 29.47 -41.98 47.40
CA ARG D 175 30.62 -42.75 46.96
C ARG D 175 31.73 -41.87 46.40
N GLN D 176 31.39 -40.71 45.84
CA GLN D 176 32.37 -39.91 45.14
C GLN D 176 33.31 -39.27 46.16
N SER D 177 32.82 -38.93 47.36
CA SER D 177 33.71 -38.41 48.40
C SER D 177 33.89 -39.41 49.54
N SER D 178 34.01 -40.72 49.23
CA SER D 178 34.16 -41.74 50.25
C SER D 178 34.92 -42.96 49.73
N GLY D 179 34.82 -43.26 48.44
CA GLY D 179 35.47 -44.43 47.83
C GLY D 179 34.61 -45.70 47.91
N LYS D 180 33.54 -45.67 48.73
CA LYS D 180 32.83 -46.85 49.22
C LYS D 180 31.33 -46.85 48.87
N GLY D 181 30.86 -48.02 48.39
CA GLY D 181 29.45 -48.31 48.21
C GLY D 181 28.71 -48.51 49.54
N GLN D 182 27.52 -49.13 49.47
CA GLN D 182 26.69 -49.35 50.64
C GLN D 182 25.37 -49.97 50.18
N VAL D 183 24.54 -50.26 51.19
CA VAL D 183 23.26 -50.94 51.01
C VAL D 183 22.14 -49.90 51.07
N VAL D 184 21.32 -49.92 50.01
CA VAL D 184 20.07 -49.17 49.93
C VAL D 184 18.90 -50.12 50.20
N ASP D 185 18.18 -49.86 51.30
CA ASP D 185 17.00 -50.63 51.68
C ASP D 185 15.77 -49.82 51.27
N ALA D 186 15.21 -50.10 50.09
CA ALA D 186 14.00 -49.43 49.64
C ALA D 186 12.77 -50.31 49.89
N ALA D 187 11.94 -49.91 50.85
CA ALA D 187 10.67 -50.58 51.09
C ALA D 187 9.48 -49.74 50.58
N MET D 188 8.66 -50.35 49.71
CA MET D 188 7.44 -49.77 49.17
C MET D 188 6.56 -49.17 50.25
N VAL D 189 6.54 -49.74 51.47
CA VAL D 189 5.67 -49.21 52.50
C VAL D 189 6.22 -47.89 53.04
N ASP D 190 7.56 -47.73 52.97
CA ASP D 190 8.20 -46.50 53.43
C ASP D 190 8.09 -45.43 52.35
N GLY D 191 8.49 -45.84 51.14
CA GLY D 191 8.61 -44.98 49.97
C GLY D 191 7.27 -44.33 49.68
N SER D 192 6.22 -45.14 49.71
CA SER D 192 4.89 -44.68 49.41
C SER D 192 4.42 -43.79 50.54
N SER D 193 4.90 -43.99 51.78
CA SER D 193 4.53 -43.08 52.86
C SER D 193 5.18 -41.69 52.69
N VAL D 194 6.39 -41.66 52.16
CA VAL D 194 7.02 -40.38 51.91
C VAL D 194 6.35 -39.73 50.70
N LEU D 195 5.95 -40.55 49.74
CA LEU D 195 5.29 -40.02 48.57
C LEU D 195 4.01 -39.28 48.97
N ILE D 196 3.37 -39.69 50.08
CA ILE D 196 2.11 -39.08 50.50
C ILE D 196 2.32 -38.15 51.67
N GLN D 197 3.53 -37.59 51.81
CA GLN D 197 3.84 -36.76 52.98
C GLN D 197 2.90 -35.54 53.10
N MET D 198 2.49 -35.00 51.96
CA MET D 198 1.57 -33.87 51.92
C MET D 198 0.32 -34.16 52.74
N MET D 199 -0.25 -35.35 52.57
CA MET D 199 -1.46 -35.67 53.31
C MET D 199 -1.17 -35.83 54.80
N TRP D 200 -0.01 -36.40 55.13
CA TRP D 200 0.38 -36.46 56.54
C TRP D 200 0.55 -35.06 57.12
N ALA D 201 1.08 -34.12 56.32
CA ALA D 201 1.17 -32.73 56.78
C ALA D 201 -0.20 -32.10 56.94
N MET D 202 -1.05 -32.21 55.92
CA MET D 202 -2.36 -31.59 55.93
C MET D 202 -3.19 -32.16 57.08
N ARG D 203 -2.97 -33.44 57.38
CA ARG D 203 -3.75 -34.12 58.38
C ARG D 203 -3.46 -33.49 59.74
N ALA D 204 -2.19 -33.14 59.96
CA ALA D 204 -1.71 -32.51 61.17
C ALA D 204 -2.27 -31.11 61.39
N THR D 205 -2.63 -30.38 60.32
CA THR D 205 -3.09 -29.00 60.43
C THR D 205 -4.62 -28.91 60.26
N GLY D 206 -5.34 -30.05 60.31
CA GLY D 206 -6.79 -30.04 60.18
C GLY D 206 -7.30 -29.86 58.74
N MET D 207 -6.44 -29.98 57.71
CA MET D 207 -6.78 -29.76 56.32
C MET D 207 -7.00 -31.07 55.54
N TRP D 208 -6.93 -32.22 56.22
CA TRP D 208 -7.21 -33.51 55.60
C TRP D 208 -7.89 -34.43 56.61
N THR D 209 -8.99 -35.09 56.24
CA THR D 209 -9.63 -36.03 57.16
C THR D 209 -9.56 -37.45 56.59
N ASP D 210 -9.88 -38.42 57.47
CA ASP D 210 -9.76 -39.83 57.14
C ASP D 210 -10.96 -40.32 56.35
N THR D 211 -11.98 -39.47 56.19
CA THR D 211 -13.16 -39.85 55.43
C THR D 211 -12.84 -39.85 53.94
N ARG D 212 -13.06 -40.97 53.27
CA ARG D 212 -12.77 -41.10 51.86
C ARG D 212 -13.78 -40.27 51.08
N GLY D 213 -13.31 -39.61 50.02
CA GLY D 213 -14.18 -38.89 49.10
C GLY D 213 -14.66 -37.55 49.66
N ALA D 214 -14.04 -37.07 50.75
CA ALA D 214 -14.47 -35.85 51.39
C ALA D 214 -13.35 -34.84 51.56
N ASN D 215 -12.34 -34.82 50.70
CA ASN D 215 -11.24 -33.88 50.89
C ASN D 215 -11.02 -33.11 49.59
N MET D 216 -10.07 -32.18 49.59
CA MET D 216 -9.91 -31.27 48.46
C MET D 216 -9.39 -32.02 47.24
N LEU D 217 -8.57 -33.07 47.43
CA LEU D 217 -7.85 -33.68 46.33
C LEU D 217 -8.22 -35.14 46.06
N ASP D 218 -9.31 -35.65 46.67
CA ASP D 218 -9.65 -37.05 46.57
C ASP D 218 -10.93 -37.26 45.77
N GLY D 219 -11.49 -36.17 45.22
CA GLY D 219 -12.74 -36.24 44.48
C GLY D 219 -13.91 -35.58 45.21
N GLY D 220 -13.77 -35.31 46.51
CA GLY D 220 -14.78 -34.62 47.32
C GLY D 220 -15.02 -33.15 46.93
N ALA D 221 -14.06 -32.43 46.36
CA ALA D 221 -14.33 -31.06 45.95
C ALA D 221 -14.93 -31.04 44.54
N PRO D 222 -16.05 -30.33 44.29
CA PRO D 222 -16.61 -30.26 42.95
C PRO D 222 -15.69 -29.65 41.91
N TYR D 223 -14.75 -28.84 42.38
CA TYR D 223 -13.79 -28.24 41.49
C TYR D 223 -12.52 -29.07 41.33
N TYR D 224 -12.47 -30.30 41.87
CA TYR D 224 -11.30 -31.14 41.65
C TYR D 224 -11.78 -32.57 41.47
N ASP D 225 -12.19 -32.88 40.24
CA ASP D 225 -12.88 -34.13 40.01
C ASP D 225 -13.10 -34.29 38.51
N THR D 226 -13.62 -35.45 38.11
CA THR D 226 -14.04 -35.66 36.74
C THR D 226 -15.54 -35.44 36.62
N TYR D 227 -15.98 -35.18 35.38
CA TYR D 227 -17.37 -34.95 35.04
C TYR D 227 -17.66 -35.72 33.76
N GLU D 228 -18.82 -36.36 33.74
CA GLU D 228 -19.32 -36.95 32.52
C GLU D 228 -19.94 -35.89 31.60
N CYS D 229 -19.61 -35.99 30.31
CA CYS D 229 -20.11 -35.12 29.27
C CYS D 229 -21.29 -35.76 28.55
N ALA D 230 -21.84 -35.08 27.53
CA ALA D 230 -23.04 -35.50 26.82
C ALA D 230 -22.80 -36.80 26.05
N ASP D 231 -21.56 -37.07 25.64
CA ASP D 231 -21.22 -38.26 24.86
C ASP D 231 -20.84 -39.45 25.75
N GLY D 232 -20.94 -39.35 27.07
CA GLY D 232 -20.50 -40.44 27.93
C GLY D 232 -18.99 -40.42 28.20
N ARG D 233 -18.21 -39.50 27.61
CA ARG D 233 -16.79 -39.37 27.94
C ARG D 233 -16.59 -38.34 29.07
N TYR D 234 -15.37 -38.10 29.51
CA TYR D 234 -15.15 -37.30 30.70
C TYR D 234 -14.17 -36.16 30.46
N VAL D 235 -14.30 -35.14 31.31
CA VAL D 235 -13.28 -34.13 31.49
C VAL D 235 -12.83 -34.14 32.95
N ALA D 236 -11.66 -33.59 33.15
CA ALA D 236 -11.09 -33.39 34.47
C ALA D 236 -11.06 -31.90 34.74
N VAL D 237 -11.43 -31.53 35.96
CA VAL D 237 -11.42 -30.19 36.45
C VAL D 237 -10.49 -30.15 37.64
N GLY D 238 -9.55 -29.20 37.62
CA GLY D 238 -8.59 -29.00 38.69
C GLY D 238 -8.45 -27.53 39.08
N ALA D 239 -9.57 -26.81 39.08
CA ALA D 239 -9.62 -25.38 39.32
C ALA D 239 -9.63 -25.06 40.80
N ILE D 240 -8.49 -25.27 41.42
CA ILE D 240 -8.35 -24.99 42.83
C ILE D 240 -8.32 -23.48 43.06
N GLU D 241 -7.49 -22.76 42.32
CA GLU D 241 -7.29 -21.33 42.60
C GLU D 241 -8.53 -20.53 42.17
N PRO D 242 -9.00 -19.55 42.98
CA PRO D 242 -10.23 -18.85 42.67
C PRO D 242 -10.29 -18.20 41.28
N GLN D 243 -9.13 -17.75 40.79
CA GLN D 243 -9.03 -17.12 39.48
C GLN D 243 -9.27 -18.15 38.37
N PHE D 244 -8.77 -19.39 38.55
CA PHE D 244 -8.93 -20.42 37.53
C PHE D 244 -10.36 -20.96 37.58
N TYR D 245 -10.89 -21.13 38.80
CA TYR D 245 -12.28 -21.49 38.99
C TYR D 245 -13.19 -20.49 38.29
N ALA D 246 -12.90 -19.19 38.37
CA ALA D 246 -13.78 -18.19 37.77
C ALA D 246 -13.71 -18.29 36.26
N ALA D 247 -12.53 -18.53 35.68
CA ALA D 247 -12.40 -18.71 34.24
C ALA D 247 -13.22 -19.91 33.79
N MET D 248 -13.31 -20.92 34.66
CA MET D 248 -14.06 -22.12 34.33
C MET D 248 -15.57 -21.82 34.31
N LEU D 249 -16.07 -21.11 35.34
CA LEU D 249 -17.50 -20.81 35.38
C LEU D 249 -17.93 -20.02 34.14
N ALA D 250 -17.09 -19.09 33.69
CA ALA D 250 -17.44 -18.26 32.56
C ALA D 250 -17.59 -19.11 31.30
N GLY D 251 -16.71 -20.11 31.14
CA GLY D 251 -16.72 -21.01 30.00
C GLY D 251 -17.89 -22.00 30.00
N LEU D 252 -18.41 -22.31 31.19
CA LEU D 252 -19.55 -23.20 31.31
C LEU D 252 -20.84 -22.42 31.07
N GLY D 253 -20.71 -21.09 31.10
CA GLY D 253 -21.86 -20.23 30.95
C GLY D 253 -22.62 -20.05 32.27
N LEU D 254 -21.95 -20.24 33.42
CA LEU D 254 -22.59 -20.16 34.73
C LEU D 254 -22.18 -18.86 35.42
N ASP D 255 -23.17 -18.10 35.89
CA ASP D 255 -22.89 -16.87 36.61
C ASP D 255 -22.52 -17.21 38.03
N ALA D 256 -21.39 -16.70 38.52
CA ALA D 256 -21.00 -16.84 39.92
C ALA D 256 -22.18 -16.52 40.86
N ALA D 257 -23.07 -15.60 40.47
CA ALA D 257 -24.10 -15.10 41.38
C ALA D 257 -25.17 -16.16 41.66
N GLU D 258 -25.34 -17.14 40.76
CA GLU D 258 -26.37 -18.15 40.89
C GLU D 258 -25.82 -19.42 41.57
N LEU D 259 -24.58 -19.37 42.06
CA LEU D 259 -23.89 -20.55 42.54
C LEU D 259 -23.55 -20.41 44.01
N PRO D 260 -23.47 -21.53 44.77
CA PRO D 260 -22.90 -21.48 46.09
C PRO D 260 -21.44 -21.10 46.00
N PRO D 261 -20.80 -20.56 47.06
CA PRO D 261 -19.37 -20.31 47.03
C PRO D 261 -18.53 -21.57 46.77
N GLN D 262 -17.40 -21.38 46.09
CA GLN D 262 -16.55 -22.46 45.66
C GLN D 262 -16.15 -23.37 46.81
N ASN D 263 -15.90 -22.76 47.97
CA ASN D 263 -15.35 -23.45 49.11
C ASN D 263 -16.32 -23.45 50.30
N ASP D 264 -17.63 -23.42 50.04
CA ASP D 264 -18.60 -23.70 51.11
C ASP D 264 -18.94 -25.20 51.09
N ARG D 265 -18.21 -26.00 51.88
CA ARG D 265 -18.29 -27.44 51.85
C ARG D 265 -19.73 -27.89 52.06
N ALA D 266 -20.48 -27.15 52.89
CA ALA D 266 -21.84 -27.55 53.20
C ALA D 266 -22.74 -27.46 51.98
N ARG D 267 -22.39 -26.66 50.97
CA ARG D 267 -23.22 -26.54 49.79
C ARG D 267 -22.62 -27.23 48.57
N TRP D 268 -21.60 -28.04 48.76
CA TRP D 268 -20.95 -28.73 47.65
C TRP D 268 -21.93 -29.62 46.89
N PRO D 269 -22.89 -30.27 47.56
CA PRO D 269 -23.91 -31.03 46.86
C PRO D 269 -24.64 -30.25 45.77
N GLU D 270 -25.03 -29.02 46.08
CA GLU D 270 -25.69 -28.18 45.10
C GLU D 270 -24.69 -27.77 44.03
N LEU D 271 -23.48 -27.41 44.47
CA LEU D 271 -22.48 -26.96 43.52
C LEU D 271 -22.20 -28.09 42.53
N ARG D 272 -22.02 -29.31 43.06
CA ARG D 272 -21.74 -30.45 42.20
C ARG D 272 -22.89 -30.65 41.21
N ALA D 273 -24.13 -30.54 41.66
CA ALA D 273 -25.26 -30.72 40.76
C ALA D 273 -25.26 -29.69 39.63
N LEU D 274 -24.93 -28.43 39.93
CA LEU D 274 -24.94 -27.38 38.92
C LEU D 274 -23.83 -27.65 37.91
N LEU D 275 -22.63 -27.99 38.41
CA LEU D 275 -21.53 -28.26 37.51
C LEU D 275 -21.83 -29.53 36.68
N THR D 276 -22.47 -30.53 37.29
CA THR D 276 -22.77 -31.79 36.61
C THR D 276 -23.69 -31.54 35.41
N GLU D 277 -24.76 -30.75 35.62
CA GLU D 277 -25.68 -30.38 34.55
C GLU D 277 -24.94 -29.61 33.46
N ALA D 278 -24.07 -28.66 33.82
CA ALA D 278 -23.40 -27.89 32.81
C ALA D 278 -22.52 -28.78 31.94
N PHE D 279 -21.66 -29.62 32.56
CA PHE D 279 -20.72 -30.39 31.76
C PHE D 279 -21.46 -31.44 30.93
N ALA D 280 -22.63 -31.90 31.37
CA ALA D 280 -23.37 -32.92 30.63
C ALA D 280 -24.08 -32.36 29.39
N SER D 281 -24.05 -31.05 29.17
CA SER D 281 -24.84 -30.47 28.08
C SER D 281 -24.06 -30.45 26.78
N HIS D 282 -22.75 -30.72 26.82
CA HIS D 282 -21.92 -30.76 25.65
C HIS D 282 -20.97 -31.96 25.73
N ASP D 283 -20.48 -32.38 24.56
CA ASP D 283 -19.57 -33.50 24.45
C ASP D 283 -18.20 -33.08 25.00
N ARG D 284 -17.33 -34.06 25.23
CA ARG D 284 -16.01 -33.81 25.77
C ARG D 284 -15.17 -32.96 24.83
N ASP D 285 -15.24 -33.25 23.53
CA ASP D 285 -14.40 -32.58 22.54
C ASP D 285 -14.78 -31.09 22.47
N HIS D 286 -16.06 -30.79 22.68
CA HIS D 286 -16.50 -29.40 22.82
C HIS D 286 -15.68 -28.69 23.89
N TRP D 287 -15.69 -29.29 25.11
CA TRP D 287 -15.10 -28.65 26.26
C TRP D 287 -13.60 -28.50 26.07
N GLY D 288 -12.98 -29.48 25.41
CA GLY D 288 -11.54 -29.48 25.21
C GLY D 288 -11.09 -28.30 24.33
N ALA D 289 -11.98 -27.88 23.41
CA ALA D 289 -11.73 -26.75 22.52
C ALA D 289 -11.96 -25.45 23.27
N VAL D 290 -13.18 -25.27 23.79
CA VAL D 290 -13.55 -24.12 24.59
C VAL D 290 -12.41 -23.73 25.54
N PHE D 291 -11.76 -24.71 26.16
CA PHE D 291 -10.83 -24.39 27.23
C PHE D 291 -9.37 -24.48 26.80
N ALA D 292 -9.11 -24.94 25.57
CA ALA D 292 -7.77 -24.85 25.03
C ALA D 292 -7.19 -23.45 25.28
N ASN D 293 -5.96 -23.42 25.78
CA ASN D 293 -5.21 -22.19 26.05
C ASN D 293 -5.82 -21.40 27.21
N SER D 294 -6.70 -22.01 28.02
CA SER D 294 -7.24 -21.31 29.17
C SER D 294 -6.62 -21.83 30.46
N ASP D 295 -6.79 -21.06 31.53
CA ASP D 295 -6.30 -21.41 32.85
C ASP D 295 -7.46 -21.98 33.68
N ALA D 296 -8.55 -22.34 33.01
CA ALA D 296 -9.70 -22.93 33.69
C ALA D 296 -9.42 -24.33 34.30
N CYS D 297 -8.33 -24.97 33.91
CA CYS D 297 -7.93 -26.27 34.45
C CYS D 297 -8.94 -27.35 34.13
N VAL D 298 -9.33 -27.39 32.86
CA VAL D 298 -10.31 -28.35 32.37
C VAL D 298 -9.68 -29.06 31.19
N THR D 299 -9.58 -30.40 31.25
CA THR D 299 -8.90 -31.16 30.24
C THR D 299 -9.70 -32.41 29.90
N PRO D 300 -9.61 -32.87 28.66
CA PRO D 300 -10.26 -34.12 28.32
C PRO D 300 -9.54 -35.29 28.99
N VAL D 301 -10.32 -36.24 29.53
CA VAL D 301 -9.80 -37.48 30.07
C VAL D 301 -9.69 -38.45 28.91
N LEU D 302 -8.45 -38.67 28.44
CA LEU D 302 -8.20 -39.53 27.29
C LEU D 302 -7.93 -40.97 27.73
N ALA D 303 -8.53 -41.89 26.99
CA ALA D 303 -8.17 -43.31 27.04
C ALA D 303 -6.77 -43.50 26.46
N PHE D 304 -6.07 -44.57 26.89
CA PHE D 304 -4.75 -44.89 26.38
C PHE D 304 -4.67 -44.76 24.86
N GLY D 305 -5.65 -45.38 24.20
CA GLY D 305 -5.66 -45.53 22.76
C GLY D 305 -5.89 -44.21 22.02
N GLU D 306 -6.26 -43.13 22.70
CA GLU D 306 -6.43 -41.84 22.05
C GLU D 306 -5.24 -40.93 22.31
N VAL D 307 -4.33 -41.33 23.18
CA VAL D 307 -3.29 -40.42 23.61
C VAL D 307 -2.41 -40.00 22.43
N HIS D 308 -2.18 -40.92 21.47
CA HIS D 308 -1.28 -40.67 20.35
C HIS D 308 -1.78 -39.52 19.46
N ASN D 309 -3.06 -39.09 19.59
CA ASN D 309 -3.62 -38.06 18.72
C ASN D 309 -3.68 -36.71 19.42
N GLU D 310 -3.20 -36.61 20.66
CA GLU D 310 -3.26 -35.34 21.35
C GLU D 310 -2.08 -34.48 20.89
N PRO D 311 -2.33 -33.27 20.35
CA PRO D 311 -1.26 -32.40 19.88
C PRO D 311 -0.08 -32.19 20.83
N HIS D 312 -0.36 -31.86 22.10
CA HIS D 312 0.70 -31.57 23.03
C HIS D 312 1.57 -32.81 23.25
N ILE D 313 0.96 -33.98 23.13
CA ILE D 313 1.66 -35.24 23.30
C ILE D 313 2.59 -35.49 22.11
N ILE D 314 2.03 -35.35 20.88
CA ILE D 314 2.77 -35.51 19.64
C ILE D 314 3.95 -34.54 19.60
N GLU D 315 3.68 -33.25 19.74
CA GLU D 315 4.71 -32.25 19.54
C GLU D 315 5.91 -32.44 20.46
N ARG D 316 5.68 -32.88 21.71
CA ARG D 316 6.77 -33.00 22.68
C ARG D 316 7.47 -34.37 22.62
N ASN D 317 6.95 -35.29 21.81
CA ASN D 317 7.55 -36.59 21.66
C ASN D 317 7.57 -37.31 23.01
N THR D 318 6.42 -37.38 23.67
CA THR D 318 6.35 -38.04 24.95
C THR D 318 6.42 -39.57 24.75
N PHE D 319 5.93 -40.03 23.59
CA PHE D 319 5.83 -41.44 23.22
C PHE D 319 6.63 -41.71 21.94
N TYR D 320 7.15 -42.93 21.77
CA TYR D 320 7.73 -43.40 20.50
C TYR D 320 6.93 -44.63 20.08
N GLU D 321 6.97 -44.98 18.80
CA GLU D 321 6.27 -46.15 18.31
C GLU D 321 7.25 -47.32 18.27
N ALA D 322 6.80 -48.50 18.70
CA ALA D 322 7.62 -49.70 18.75
C ALA D 322 6.74 -50.93 18.99
N ASN D 323 7.20 -52.11 18.53
CA ASN D 323 6.43 -53.34 18.70
C ASN D 323 5.10 -53.15 17.99
N GLY D 324 3.98 -53.36 18.69
CA GLY D 324 2.66 -53.07 18.16
C GLY D 324 1.90 -52.09 19.05
N GLY D 325 2.43 -50.86 19.16
CA GLY D 325 1.84 -49.80 19.97
C GLY D 325 2.89 -48.87 20.58
N TRP D 326 2.42 -47.84 21.26
CA TRP D 326 3.28 -46.76 21.74
C TRP D 326 3.83 -47.08 23.14
N GLN D 327 4.93 -46.40 23.47
CA GLN D 327 5.64 -46.57 24.73
C GLN D 327 6.20 -45.21 25.10
N PRO D 328 6.31 -44.89 26.40
CA PRO D 328 6.81 -43.59 26.83
C PRO D 328 8.32 -43.41 26.62
N MET D 329 8.71 -42.22 26.16
CA MET D 329 10.12 -41.89 26.02
C MET D 329 10.66 -41.70 27.41
N PRO D 330 12.00 -41.81 27.57
CA PRO D 330 12.64 -41.54 28.83
C PRO D 330 12.23 -40.21 29.42
N ALA D 331 12.22 -40.16 30.75
CA ALA D 331 11.99 -38.95 31.50
C ALA D 331 12.97 -39.00 32.66
N PRO D 332 13.37 -37.87 33.27
CA PRO D 332 13.13 -36.54 32.72
C PRO D 332 13.98 -36.29 31.47
N ARG D 333 14.15 -35.02 31.07
CA ARG D 333 14.93 -34.65 29.90
C ARG D 333 16.15 -33.81 30.32
N PHE D 334 17.26 -33.98 29.58
CA PHE D 334 18.51 -33.29 29.91
C PHE D 334 18.91 -32.40 28.71
N SER D 335 19.36 -31.17 28.99
CA SER D 335 19.72 -30.22 27.92
C SER D 335 20.93 -30.68 27.09
N ARG D 336 22.03 -31.13 27.75
CA ARG D 336 23.29 -31.50 27.08
C ARG D 336 23.39 -33.00 26.77
N THR D 337 23.29 -33.89 27.79
CA THR D 337 23.43 -35.33 27.59
C THR D 337 22.07 -36.01 27.45
N ALA D 338 21.47 -35.86 26.28
CA ALA D 338 20.09 -36.26 26.07
C ALA D 338 20.00 -37.77 25.95
N SER D 339 19.02 -38.38 26.63
CA SER D 339 18.66 -39.77 26.40
C SER D 339 18.35 -39.98 24.93
N SER D 340 18.31 -41.24 24.49
CA SER D 340 17.93 -41.59 23.14
C SER D 340 16.81 -42.60 23.21
N GLN D 341 16.15 -42.80 22.07
CA GLN D 341 15.11 -43.79 21.96
C GLN D 341 15.61 -45.11 22.56
N PRO D 342 14.80 -45.77 23.42
CA PRO D 342 15.16 -47.08 23.95
C PRO D 342 15.28 -48.17 22.90
N ARG D 343 16.28 -49.04 23.10
CA ARG D 343 16.50 -50.22 22.28
C ARG D 343 15.55 -51.30 22.77
N PRO D 344 14.93 -52.11 21.88
CA PRO D 344 14.06 -53.19 22.32
C PRO D 344 14.83 -54.23 23.13
N PRO D 345 14.12 -55.14 23.86
CA PRO D 345 14.83 -56.19 24.59
C PRO D 345 15.75 -56.98 23.67
N ALA D 346 17.03 -57.10 24.05
CA ALA D 346 18.05 -57.74 23.22
C ALA D 346 18.09 -59.23 23.55
N ALA D 347 18.23 -60.06 22.50
CA ALA D 347 18.28 -61.51 22.62
C ALA D 347 19.26 -61.94 23.71
N THR D 348 19.05 -63.16 24.25
CA THR D 348 19.95 -63.79 25.20
C THR D 348 21.37 -63.65 24.67
N ILE D 349 22.32 -63.53 25.59
CA ILE D 349 23.72 -63.64 25.22
C ILE D 349 24.46 -64.40 26.32
N ASP D 350 25.61 -64.96 25.92
CA ASP D 350 26.51 -65.65 26.82
C ASP D 350 27.05 -64.65 27.84
N ILE D 351 27.08 -65.06 29.12
CA ILE D 351 27.54 -64.21 30.21
C ILE D 351 29.06 -64.02 30.19
N GLU D 352 29.78 -64.90 29.46
CA GLU D 352 31.21 -64.77 29.23
C GLU D 352 31.48 -63.56 28.34
N ALA D 353 30.70 -63.46 27.25
CA ALA D 353 30.84 -62.41 26.24
C ALA D 353 30.68 -61.00 26.86
N VAL D 354 30.00 -60.92 28.01
CA VAL D 354 29.82 -59.65 28.69
C VAL D 354 31.04 -59.36 29.57
N LEU D 355 31.52 -60.38 30.31
CA LEU D 355 32.65 -60.20 31.22
C LEU D 355 33.90 -59.78 30.43
N THR D 356 33.95 -60.18 29.15
CA THR D 356 34.99 -59.79 28.19
C THR D 356 34.96 -58.29 27.94
N ASP D 357 33.78 -57.84 27.50
CA ASP D 357 33.44 -56.48 27.14
C ASP D 357 33.82 -55.50 28.24
N TRP D 358 33.43 -55.80 29.49
CA TRP D 358 33.84 -55.00 30.63
C TRP D 358 35.30 -55.33 30.96
N ASP D 359 36.21 -54.47 30.48
CA ASP D 359 37.67 -54.69 30.54
C ASP D 359 38.04 -55.86 29.61
N MET E 1 21.22 -32.06 -40.45
CA MET E 1 20.80 -31.14 -39.35
C MET E 1 19.80 -30.10 -39.86
N ALA E 2 18.64 -29.99 -39.18
CA ALA E 2 17.49 -29.22 -39.67
C ALA E 2 17.56 -27.77 -39.23
N GLY E 3 17.48 -26.87 -40.21
CA GLY E 3 17.10 -25.49 -39.95
C GLY E 3 17.88 -24.56 -40.85
N PRO E 4 17.65 -23.23 -40.79
CA PRO E 4 18.39 -22.30 -41.62
C PRO E 4 19.90 -22.24 -41.35
N LEU E 5 20.33 -22.71 -40.17
CA LEU E 5 21.71 -22.54 -39.70
C LEU E 5 22.50 -23.84 -39.83
N SER E 6 21.93 -24.87 -40.47
CA SER E 6 22.68 -26.04 -40.87
C SER E 6 23.94 -25.59 -41.61
N GLY E 7 25.09 -26.17 -41.22
CA GLY E 7 26.36 -25.67 -41.71
C GLY E 7 27.15 -24.98 -40.60
N LEU E 8 26.54 -23.98 -39.95
CA LEU E 8 27.22 -23.10 -38.99
C LEU E 8 27.81 -23.88 -37.81
N ARG E 9 29.09 -23.56 -37.51
CA ARG E 9 29.82 -24.25 -36.46
C ARG E 9 30.14 -23.30 -35.32
N VAL E 10 29.78 -23.75 -34.13
CA VAL E 10 29.70 -22.86 -32.97
C VAL E 10 30.39 -23.56 -31.82
N VAL E 11 31.36 -22.84 -31.22
CA VAL E 11 32.01 -23.25 -29.98
C VAL E 11 31.58 -22.31 -28.85
N GLU E 12 31.09 -22.95 -27.79
CA GLU E 12 30.55 -22.28 -26.63
C GLU E 12 31.41 -22.61 -25.41
N LEU E 13 31.93 -21.58 -24.76
CA LEU E 13 32.62 -21.80 -23.49
C LEU E 13 31.61 -21.75 -22.35
N ALA E 14 31.43 -22.90 -21.71
CA ALA E 14 30.37 -23.10 -20.72
C ALA E 14 30.29 -21.94 -19.72
N GLY E 15 29.18 -21.18 -19.81
CA GLY E 15 28.79 -20.15 -18.86
C GLY E 15 27.38 -20.41 -18.32
N ILE E 16 26.81 -19.38 -17.67
CA ILE E 16 25.45 -19.44 -17.13
C ILE E 16 24.66 -18.26 -17.69
N GLY E 17 23.35 -18.47 -17.96
CA GLY E 17 22.47 -17.38 -18.37
C GLY E 17 22.51 -17.09 -19.88
N PRO E 18 22.85 -15.86 -20.30
CA PRO E 18 22.68 -15.47 -21.69
C PRO E 18 23.52 -16.29 -22.66
N GLY E 19 24.73 -16.68 -22.22
CA GLY E 19 25.67 -17.32 -23.12
C GLY E 19 25.08 -18.62 -23.65
N PRO E 20 24.67 -19.52 -22.74
CA PRO E 20 24.04 -20.76 -23.17
C PRO E 20 22.65 -20.59 -23.78
N HIS E 21 22.03 -19.41 -23.66
CA HIS E 21 20.68 -19.27 -24.20
C HIS E 21 20.85 -18.98 -25.69
N ALA E 22 21.83 -18.13 -25.99
CA ALA E 22 22.20 -17.85 -27.37
C ALA E 22 22.64 -19.14 -28.04
N ALA E 23 23.47 -19.92 -27.36
CA ALA E 23 23.96 -21.11 -28.01
C ALA E 23 22.79 -22.06 -28.27
N MET E 24 21.78 -22.03 -27.36
CA MET E 24 20.64 -22.92 -27.51
C MET E 24 19.87 -22.59 -28.77
N ILE E 25 19.59 -21.31 -28.97
CA ILE E 25 18.84 -20.87 -30.12
C ILE E 25 19.63 -21.19 -31.40
N LEU E 26 20.96 -20.97 -31.41
CA LEU E 26 21.76 -21.30 -32.58
C LEU E 26 21.57 -22.78 -32.89
N GLY E 27 21.63 -23.61 -31.88
CA GLY E 27 21.42 -25.03 -32.06
C GLY E 27 19.98 -25.39 -32.46
N ASP E 28 19.01 -24.71 -31.85
CA ASP E 28 17.62 -24.91 -32.18
C ASP E 28 17.44 -24.76 -33.69
N LEU E 29 18.10 -23.76 -34.27
CA LEU E 29 17.95 -23.46 -35.68
C LEU E 29 18.94 -24.27 -36.52
N GLY E 30 19.49 -25.34 -35.94
CA GLY E 30 20.24 -26.36 -36.67
C GLY E 30 21.77 -26.18 -36.70
N ALA E 31 22.31 -25.10 -36.10
CA ALA E 31 23.75 -24.90 -35.99
C ALA E 31 24.41 -26.07 -35.26
N ASP E 32 25.70 -26.33 -35.59
CA ASP E 32 26.48 -27.37 -34.92
C ASP E 32 27.21 -26.76 -33.72
N VAL E 33 26.72 -27.11 -32.53
CA VAL E 33 27.08 -26.37 -31.34
C VAL E 33 27.87 -27.29 -30.44
N VAL E 34 29.11 -26.90 -30.14
CA VAL E 34 29.94 -27.72 -29.28
C VAL E 34 30.29 -26.87 -28.06
N ARG E 35 29.95 -27.43 -26.90
CA ARG E 35 30.03 -26.72 -25.64
C ARG E 35 31.16 -27.30 -24.79
N ILE E 36 32.13 -26.44 -24.44
CA ILE E 36 33.31 -26.85 -23.70
C ILE E 36 33.13 -26.50 -22.23
N ASP E 37 33.25 -27.54 -21.41
CA ASP E 37 32.96 -27.45 -19.99
C ASP E 37 34.16 -27.95 -19.19
N ARG E 38 34.31 -27.42 -17.95
CA ARG E 38 35.24 -27.95 -16.97
C ARG E 38 34.91 -29.42 -16.73
N PRO E 39 35.82 -30.28 -16.23
CA PRO E 39 35.42 -31.61 -15.76
C PRO E 39 34.61 -31.59 -14.46
N SER E 40 33.75 -30.56 -14.26
CA SER E 40 33.09 -30.30 -12.99
C SER E 40 32.44 -28.89 -12.98
N ILE E 45 24.98 -36.93 -17.64
CA ILE E 45 23.93 -36.30 -18.50
C ILE E 45 23.25 -35.18 -17.70
N SER E 46 23.37 -33.94 -18.20
CA SER E 46 22.77 -32.76 -17.59
C SER E 46 21.25 -32.82 -17.71
N ARG E 47 20.53 -32.35 -16.68
CA ARG E 47 19.08 -32.29 -16.77
C ARG E 47 18.61 -30.86 -17.03
N ASP E 48 19.55 -29.95 -17.34
CA ASP E 48 19.19 -28.62 -17.81
C ASP E 48 18.82 -28.67 -19.30
N ALA E 49 17.54 -28.40 -19.57
CA ALA E 49 17.01 -28.42 -20.92
C ALA E 49 17.53 -27.24 -21.75
N MET E 50 18.23 -26.26 -21.12
CA MET E 50 18.87 -25.19 -21.88
C MET E 50 20.08 -25.75 -22.66
N LEU E 51 20.53 -26.98 -22.34
CA LEU E 51 21.66 -27.60 -23.01
C LEU E 51 21.21 -28.65 -24.04
N ARG E 52 20.06 -28.39 -24.69
CA ARG E 52 19.58 -29.17 -25.82
C ARG E 52 20.31 -28.69 -27.07
N ASN E 53 20.22 -29.50 -28.13
CA ASN E 53 20.88 -29.21 -29.41
C ASN E 53 22.37 -28.93 -29.19
N ARG E 54 23.03 -29.82 -28.45
CA ARG E 54 24.40 -29.60 -28.00
C ARG E 54 25.24 -30.86 -28.20
N ARG E 55 26.56 -30.68 -28.39
CA ARG E 55 27.53 -31.69 -27.99
C ARG E 55 28.35 -31.13 -26.83
N ILE E 56 28.39 -31.86 -25.71
CA ILE E 56 29.13 -31.47 -24.51
C ILE E 56 30.52 -32.13 -24.53
N VAL E 57 31.58 -31.34 -24.30
CA VAL E 57 32.95 -31.86 -24.21
C VAL E 57 33.65 -31.30 -22.95
N THR E 58 34.53 -32.13 -22.36
CA THR E 58 35.38 -31.80 -21.22
C THR E 58 36.74 -31.30 -21.70
N ALA E 59 37.31 -30.33 -20.99
CA ALA E 59 38.69 -29.91 -21.16
C ALA E 59 39.07 -28.87 -20.12
N ASP E 60 40.13 -29.17 -19.35
CA ASP E 60 40.74 -28.21 -18.45
C ASP E 60 41.54 -27.21 -19.28
N LEU E 61 41.07 -25.95 -19.34
CA LEU E 61 41.59 -24.97 -20.28
C LEU E 61 42.84 -24.28 -19.74
N LYS E 62 43.11 -24.46 -18.44
CA LYS E 62 44.31 -23.94 -17.83
C LYS E 62 45.49 -24.87 -18.18
N SER E 63 45.23 -26.18 -18.21
CA SER E 63 46.25 -27.15 -18.60
C SER E 63 46.54 -26.99 -20.09
N ASP E 64 47.71 -27.50 -20.52
CA ASP E 64 48.25 -27.20 -21.84
C ASP E 64 47.66 -28.14 -22.90
N GLN E 65 47.18 -29.31 -22.47
CA GLN E 65 46.51 -30.26 -23.35
C GLN E 65 45.16 -29.69 -23.81
N GLY E 66 44.39 -29.15 -22.84
CA GLY E 66 43.11 -28.51 -23.09
C GLY E 66 43.22 -27.32 -24.04
N LEU E 67 44.10 -26.36 -23.78
CA LEU E 67 44.19 -25.15 -24.58
C LEU E 67 44.52 -25.49 -26.04
N GLU E 68 45.36 -26.51 -26.25
CA GLU E 68 45.71 -26.94 -27.60
C GLU E 68 44.44 -27.42 -28.30
N LEU E 69 43.71 -28.36 -27.67
CA LEU E 69 42.49 -28.96 -28.20
C LEU E 69 41.42 -27.90 -28.49
N ALA E 70 41.18 -27.04 -27.51
CA ALA E 70 40.22 -25.97 -27.62
C ALA E 70 40.57 -25.08 -28.81
N LEU E 71 41.86 -24.75 -28.98
CA LEU E 71 42.23 -23.89 -30.10
C LEU E 71 42.02 -24.60 -31.44
N LYS E 72 41.96 -25.95 -31.43
CA LYS E 72 41.76 -26.72 -32.66
C LYS E 72 40.28 -26.69 -33.05
N LEU E 73 39.37 -26.99 -32.11
CA LEU E 73 37.95 -26.75 -32.30
C LEU E 73 37.73 -25.37 -32.92
N ILE E 74 38.29 -24.33 -32.30
CA ILE E 74 38.02 -22.96 -32.71
C ILE E 74 38.51 -22.68 -34.14
N ALA E 75 39.55 -23.41 -34.60
CA ALA E 75 40.11 -23.16 -35.93
C ALA E 75 39.19 -23.69 -37.04
N LYS E 76 38.43 -24.76 -36.75
CA LYS E 76 37.47 -25.35 -37.68
C LYS E 76 36.08 -24.69 -37.61
N ALA E 77 35.88 -23.67 -36.76
CA ALA E 77 34.54 -23.21 -36.41
C ALA E 77 34.32 -21.76 -36.82
N ASP E 78 33.04 -21.38 -36.92
CA ASP E 78 32.63 -20.07 -37.38
C ASP E 78 32.47 -19.09 -36.22
N VAL E 79 32.06 -19.63 -35.07
CA VAL E 79 31.55 -18.77 -34.02
C VAL E 79 32.11 -19.26 -32.71
N LEU E 80 32.62 -18.31 -31.93
CA LEU E 80 32.90 -18.65 -30.54
C LEU E 80 32.07 -17.76 -29.63
N ILE E 81 31.50 -18.41 -28.60
CA ILE E 81 30.72 -17.71 -27.56
C ILE E 81 31.35 -17.93 -26.18
N GLU E 82 31.56 -16.81 -25.50
CA GLU E 82 32.09 -16.86 -24.16
C GLU E 82 31.41 -15.77 -23.34
N GLY E 83 31.08 -16.08 -22.08
CA GLY E 83 30.45 -15.10 -21.20
C GLY E 83 31.09 -15.10 -19.81
N TYR E 84 32.43 -15.04 -19.81
CA TYR E 84 33.24 -14.79 -18.61
C TYR E 84 33.55 -13.29 -18.55
N ARG E 85 34.16 -12.86 -17.44
CA ARG E 85 34.46 -11.45 -17.26
C ARG E 85 35.52 -11.08 -18.30
N PRO E 86 35.62 -9.81 -18.70
CA PRO E 86 36.67 -9.40 -19.62
C PRO E 86 38.05 -9.81 -19.10
N GLY E 87 38.93 -10.24 -20.00
CA GLY E 87 40.28 -10.61 -19.62
C GLY E 87 40.41 -12.10 -19.33
N VAL E 88 39.30 -12.79 -19.03
CA VAL E 88 39.42 -14.18 -18.63
C VAL E 88 39.86 -15.09 -19.79
N THR E 89 39.30 -14.87 -20.98
CA THR E 89 39.75 -15.69 -22.11
C THR E 89 41.17 -15.26 -22.51
N GLU E 90 41.49 -13.95 -22.45
CA GLU E 90 42.85 -13.51 -22.75
C GLU E 90 43.83 -14.36 -21.92
N ARG E 91 43.62 -14.40 -20.60
CA ARG E 91 44.50 -15.12 -19.69
C ARG E 91 44.65 -16.57 -20.11
N LEU E 92 43.54 -17.24 -20.46
CA LEU E 92 43.60 -18.67 -20.73
C LEU E 92 44.38 -18.92 -22.03
N GLY E 93 44.59 -17.85 -22.82
CA GLY E 93 45.13 -17.95 -24.18
C GLY E 93 44.04 -18.32 -25.20
N LEU E 94 42.81 -17.83 -24.95
CA LEU E 94 41.66 -18.06 -25.81
C LEU E 94 41.06 -16.73 -26.23
N GLY E 95 41.82 -15.65 -26.07
CA GLY E 95 41.37 -14.31 -26.36
C GLY E 95 41.18 -14.08 -27.86
N PRO E 96 40.59 -12.94 -28.27
CA PRO E 96 40.33 -12.67 -29.67
C PRO E 96 41.57 -12.79 -30.55
N GLU E 97 42.70 -12.20 -30.12
CA GLU E 97 43.92 -12.21 -30.91
C GLU E 97 44.50 -13.62 -31.07
N GLU E 98 44.55 -14.39 -29.99
CA GLU E 98 45.05 -15.76 -30.02
C GLU E 98 44.20 -16.64 -30.95
N CYS E 99 42.91 -16.33 -31.03
CA CYS E 99 41.99 -17.09 -31.85
C CYS E 99 42.18 -16.71 -33.31
N ALA E 100 42.33 -15.39 -33.57
CA ALA E 100 42.52 -14.83 -34.90
C ALA E 100 43.78 -15.38 -35.56
N LYS E 101 44.81 -15.70 -34.76
CA LYS E 101 46.00 -16.37 -35.23
C LYS E 101 45.64 -17.70 -35.90
N VAL E 102 44.63 -18.44 -35.40
CA VAL E 102 44.33 -19.76 -35.96
C VAL E 102 43.05 -19.75 -36.80
N ASN E 103 42.40 -18.58 -36.99
CA ASN E 103 41.13 -18.48 -37.70
C ASN E 103 40.73 -17.01 -37.92
N ASP E 104 41.15 -16.41 -39.03
CA ASP E 104 40.91 -14.99 -39.25
C ASP E 104 39.43 -14.72 -39.58
N ARG E 105 38.63 -15.79 -39.72
CA ARG E 105 37.24 -15.64 -40.14
C ARG E 105 36.30 -15.90 -38.96
N LEU E 106 36.80 -15.76 -37.73
CA LEU E 106 36.05 -16.14 -36.55
C LEU E 106 35.15 -14.98 -36.15
N ILE E 107 33.90 -15.34 -35.82
CA ILE E 107 33.04 -14.43 -35.09
C ILE E 107 33.23 -14.70 -33.61
N TYR E 108 33.79 -13.68 -32.96
CA TYR E 108 34.18 -13.79 -31.56
C TYR E 108 33.15 -13.05 -30.72
N ALA E 109 32.33 -13.84 -30.00
CA ALA E 109 31.15 -13.27 -29.40
C ALA E 109 31.27 -13.27 -27.88
N ARG E 110 31.26 -12.06 -27.33
CA ARG E 110 31.56 -11.77 -25.93
C ARG E 110 30.31 -11.25 -25.19
N MET E 111 29.78 -12.13 -24.34
CA MET E 111 28.52 -11.90 -23.60
C MET E 111 28.82 -11.41 -22.18
N THR E 112 28.59 -10.12 -21.91
CA THR E 112 28.79 -9.61 -20.55
C THR E 112 27.58 -8.78 -20.17
N GLY E 113 27.56 -8.32 -18.92
CA GLY E 113 26.51 -7.43 -18.45
C GLY E 113 26.91 -5.98 -18.61
N TRP E 114 28.12 -5.64 -18.12
CA TRP E 114 28.59 -4.26 -18.11
C TRP E 114 29.37 -3.88 -19.38
N GLY E 115 29.77 -4.90 -20.15
CA GLY E 115 30.62 -4.63 -21.30
C GLY E 115 32.11 -4.92 -21.03
N GLN E 116 32.91 -4.64 -22.06
CA GLN E 116 34.29 -5.10 -22.12
C GLN E 116 35.18 -4.09 -21.43
N THR E 117 34.75 -2.83 -21.35
CA THR E 117 35.57 -1.78 -20.74
C THR E 117 34.69 -0.89 -19.86
N GLY E 118 35.34 0.06 -19.17
CA GLY E 118 34.68 1.05 -18.34
C GLY E 118 34.70 0.59 -16.89
N PRO E 119 34.32 1.49 -15.96
CA PRO E 119 34.57 1.29 -14.54
C PRO E 119 33.85 0.08 -13.91
N ARG E 120 32.82 -0.47 -14.56
CA ARG E 120 32.13 -1.60 -13.93
C ARG E 120 32.50 -2.89 -14.63
N SER E 121 33.46 -2.84 -15.56
CA SER E 121 33.74 -3.98 -16.42
C SER E 121 34.12 -5.21 -15.62
N GLN E 122 34.63 -5.02 -14.39
CA GLN E 122 35.07 -6.17 -13.59
C GLN E 122 34.11 -6.47 -12.43
N GLN E 123 33.16 -5.57 -12.11
CA GLN E 123 32.14 -5.85 -11.11
C GLN E 123 31.29 -7.09 -11.43
N ALA E 124 31.05 -7.90 -10.40
CA ALA E 124 30.01 -8.91 -10.47
C ALA E 124 28.63 -8.26 -10.59
N GLY E 125 27.69 -9.05 -11.08
CA GLY E 125 26.35 -8.56 -11.29
C GLY E 125 25.42 -9.64 -11.81
N HIS E 126 24.13 -9.32 -11.78
CA HIS E 126 23.13 -10.14 -12.42
C HIS E 126 22.10 -9.22 -13.06
N ASP E 127 21.13 -9.85 -13.75
CA ASP E 127 20.15 -9.14 -14.55
C ASP E 127 19.69 -7.91 -13.81
N ILE E 128 19.25 -8.10 -12.57
CA ILE E 128 18.57 -7.03 -11.85
C ILE E 128 19.46 -5.79 -11.73
N ASN E 129 20.78 -6.02 -11.67
CA ASN E 129 21.75 -4.93 -11.51
C ASN E 129 21.87 -4.18 -12.83
N TYR E 130 21.94 -4.92 -13.94
CA TYR E 130 22.16 -4.25 -15.22
C TYR E 130 20.97 -3.36 -15.53
N ILE E 131 19.75 -3.83 -15.22
CA ILE E 131 18.56 -3.07 -15.55
C ILE E 131 18.28 -2.02 -14.51
N SER E 132 18.92 -2.10 -13.32
CA SER E 132 18.77 -1.00 -12.35
C SER E 132 19.42 0.30 -12.84
N LEU E 133 20.46 0.18 -13.66
CA LEU E 133 21.34 1.29 -13.93
C LEU E 133 20.92 2.09 -15.15
N ASN E 134 20.05 1.51 -15.98
CA ASN E 134 19.73 2.12 -17.25
C ASN E 134 18.28 2.58 -17.27
N GLY E 135 17.61 2.54 -16.11
CA GLY E 135 16.28 3.14 -15.97
C GLY E 135 15.12 2.16 -16.12
N ILE E 136 15.41 0.91 -16.51
CA ILE E 136 14.37 -0.05 -16.82
C ILE E 136 13.68 -0.54 -15.54
N LEU E 137 14.46 -0.98 -14.54
CA LEU E 137 13.88 -1.56 -13.34
C LEU E 137 12.99 -0.56 -12.64
N HIS E 138 13.39 0.72 -12.66
CA HIS E 138 12.66 1.77 -12.00
C HIS E 138 11.24 1.85 -12.56
N ALA E 139 11.06 1.44 -13.82
CA ALA E 139 9.83 1.75 -14.50
C ALA E 139 8.82 0.62 -14.37
N ILE E 140 9.22 -0.50 -13.75
CA ILE E 140 8.41 -1.71 -13.68
C ILE E 140 7.80 -1.90 -12.30
N GLY E 141 6.46 -1.88 -12.28
CA GLY E 141 5.66 -2.27 -11.13
C GLY E 141 4.66 -1.19 -10.73
N ARG E 142 3.98 -1.42 -9.63
CA ARG E 142 2.95 -0.47 -9.18
C ARG E 142 3.58 0.78 -8.58
N GLY E 143 2.86 1.88 -8.70
CA GLY E 143 3.35 3.19 -8.28
C GLY E 143 3.51 3.27 -6.75
N ASP E 144 2.65 2.59 -6.01
CA ASP E 144 2.67 2.73 -4.56
C ASP E 144 3.80 1.91 -3.92
N GLU E 145 4.74 1.35 -4.71
CA GLU E 145 5.49 0.20 -4.25
C GLU E 145 6.89 0.15 -4.83
N ARG E 146 7.74 -0.67 -4.24
CA ARG E 146 9.09 -0.76 -4.76
C ARG E 146 9.11 -1.51 -6.09
N PRO E 147 10.06 -1.17 -6.99
CA PRO E 147 10.11 -1.81 -8.31
C PRO E 147 10.19 -3.31 -8.21
N VAL E 148 9.62 -4.00 -9.21
CA VAL E 148 9.65 -5.44 -9.20
C VAL E 148 10.47 -5.92 -10.40
N PRO E 149 11.37 -6.91 -10.21
CA PRO E 149 12.13 -7.46 -11.30
C PRO E 149 11.27 -8.31 -12.22
N PRO E 150 11.38 -8.09 -13.54
CA PRO E 150 10.64 -8.88 -14.51
C PRO E 150 11.37 -10.16 -14.81
N LEU E 151 11.45 -10.99 -13.77
CA LEU E 151 12.39 -12.09 -13.71
C LEU E 151 13.74 -11.60 -14.22
N ASN E 152 14.45 -12.49 -14.91
CA ASN E 152 15.66 -12.12 -15.62
C ASN E 152 15.42 -12.09 -17.13
N LEU E 153 14.27 -11.57 -17.57
CA LEU E 153 13.90 -11.66 -18.97
C LEU E 153 14.52 -10.50 -19.74
N VAL E 154 14.69 -9.36 -19.10
CA VAL E 154 15.02 -8.18 -19.86
C VAL E 154 16.54 -8.04 -20.01
N GLY E 155 17.32 -8.39 -19.00
CA GLY E 155 18.76 -8.18 -19.07
C GLY E 155 19.44 -9.40 -19.68
N ASP E 156 19.23 -10.56 -19.06
CA ASP E 156 19.81 -11.78 -19.57
C ASP E 156 19.37 -12.10 -21.00
N PHE E 157 18.06 -12.06 -21.31
CA PHE E 157 17.62 -12.68 -22.57
C PHE E 157 17.28 -11.59 -23.57
N GLY E 158 16.23 -10.81 -23.29
CA GLY E 158 15.80 -9.78 -24.19
C GLY E 158 16.96 -8.92 -24.64
N GLY E 159 17.73 -8.43 -23.65
CA GLY E 159 18.73 -7.42 -23.92
C GLY E 159 20.13 -8.01 -23.88
N GLY E 160 20.20 -9.33 -23.81
CA GLY E 160 21.44 -10.05 -23.57
C GLY E 160 21.70 -11.05 -24.69
N SER E 161 21.32 -12.31 -24.48
CA SER E 161 21.44 -13.35 -25.46
C SER E 161 20.87 -12.94 -26.83
N MET E 162 19.75 -12.23 -26.88
CA MET E 162 19.13 -11.96 -28.16
C MET E 162 20.01 -11.02 -28.96
N PHE E 163 20.62 -10.05 -28.29
CA PHE E 163 21.47 -9.08 -28.96
C PHE E 163 22.80 -9.73 -29.35
N LEU E 164 23.25 -10.71 -28.57
CA LEU E 164 24.40 -11.48 -28.93
C LEU E 164 24.13 -12.19 -30.27
N LEU E 165 22.97 -12.84 -30.39
CA LEU E 165 22.54 -13.49 -31.62
C LEU E 165 22.54 -12.50 -32.77
N VAL E 166 21.90 -11.35 -32.59
CA VAL E 166 21.83 -10.41 -33.68
C VAL E 166 23.26 -10.05 -34.14
N GLY E 167 24.19 -9.93 -33.18
CA GLY E 167 25.56 -9.55 -33.46
C GLY E 167 26.28 -10.64 -34.25
N ILE E 168 26.16 -11.88 -33.79
CA ILE E 168 26.71 -13.02 -34.47
C ILE E 168 26.25 -13.05 -35.93
N LEU E 169 24.93 -13.06 -36.15
CA LEU E 169 24.39 -13.26 -37.50
C LEU E 169 24.66 -12.02 -38.35
N ALA E 170 24.58 -10.82 -37.78
CA ALA E 170 24.93 -9.62 -38.53
C ALA E 170 26.38 -9.66 -38.98
N ALA E 171 27.21 -10.31 -38.18
CA ALA E 171 28.63 -10.38 -38.45
C ALA E 171 28.90 -11.43 -39.52
N LEU E 172 28.13 -12.54 -39.48
CA LEU E 172 28.24 -13.58 -40.49
C LEU E 172 27.87 -13.01 -41.86
N TRP E 173 26.92 -12.07 -41.90
CA TRP E 173 26.55 -11.41 -43.14
C TRP E 173 27.73 -10.59 -43.67
N GLU E 174 28.31 -9.81 -42.78
CA GLU E 174 29.44 -8.94 -43.10
C GLU E 174 30.61 -9.78 -43.62
N ARG E 175 30.81 -10.99 -43.06
CA ARG E 175 31.88 -11.88 -43.44
C ARG E 175 31.70 -12.42 -44.86
N GLN E 176 30.47 -12.42 -45.38
CA GLN E 176 30.25 -12.91 -46.73
C GLN E 176 30.90 -11.94 -47.72
N SER E 177 30.90 -10.63 -47.43
CA SER E 177 31.37 -9.63 -48.36
C SER E 177 32.79 -9.11 -48.03
N SER E 178 33.31 -9.43 -46.83
CA SER E 178 34.61 -8.91 -46.41
C SER E 178 35.64 -10.03 -46.25
N GLY E 179 35.21 -11.28 -46.02
CA GLY E 179 36.13 -12.40 -45.85
C GLY E 179 36.60 -12.57 -44.40
N LYS E 180 36.53 -11.50 -43.58
CA LYS E 180 37.09 -11.51 -42.22
C LYS E 180 36.01 -11.71 -41.14
N GLY E 181 36.44 -12.28 -40.00
CA GLY E 181 35.68 -12.29 -38.77
C GLY E 181 35.77 -10.94 -38.06
N GLN E 182 35.42 -10.92 -36.77
CA GLN E 182 35.51 -9.72 -35.94
C GLN E 182 34.94 -10.04 -34.56
N VAL E 183 35.00 -9.06 -33.65
CA VAL E 183 34.60 -9.31 -32.28
C VAL E 183 33.24 -8.65 -32.00
N VAL E 184 32.35 -9.41 -31.37
CA VAL E 184 31.05 -8.88 -30.98
C VAL E 184 31.00 -8.67 -29.47
N ASP E 185 30.88 -7.40 -29.05
CA ASP E 185 30.72 -6.98 -27.67
C ASP E 185 29.23 -6.71 -27.39
N ALA E 186 28.57 -7.71 -26.78
CA ALA E 186 27.17 -7.63 -26.32
C ALA E 186 27.13 -7.46 -24.80
N ALA E 187 26.82 -6.23 -24.39
CA ALA E 187 26.60 -5.91 -23.00
C ALA E 187 25.10 -5.79 -22.69
N MET E 188 24.63 -6.51 -21.65
CA MET E 188 23.24 -6.52 -21.23
C MET E 188 22.72 -5.11 -20.98
N VAL E 189 23.55 -4.26 -20.36
CA VAL E 189 23.14 -2.90 -20.09
C VAL E 189 22.90 -2.14 -21.40
N ASP E 190 23.51 -2.60 -22.51
CA ASP E 190 23.36 -1.94 -23.82
C ASP E 190 22.09 -2.45 -24.52
N GLY E 191 22.05 -3.75 -24.78
CA GLY E 191 20.92 -4.38 -25.43
C GLY E 191 19.60 -3.96 -24.78
N SER E 192 19.53 -4.06 -23.44
CA SER E 192 18.30 -3.81 -22.72
C SER E 192 17.87 -2.37 -22.98
N SER E 193 18.84 -1.47 -23.16
CA SER E 193 18.56 -0.07 -23.45
C SER E 193 17.93 0.09 -24.84
N VAL E 194 18.38 -0.72 -25.79
CA VAL E 194 17.85 -0.63 -27.13
C VAL E 194 16.48 -1.27 -27.10
N LEU E 195 16.35 -2.27 -26.23
CA LEU E 195 15.11 -3.01 -26.13
C LEU E 195 14.01 -2.05 -25.71
N ILE E 196 14.38 -1.01 -24.94
CA ILE E 196 13.39 -0.13 -24.37
C ILE E 196 13.44 1.23 -25.10
N GLN E 197 14.03 1.22 -26.28
CA GLN E 197 14.13 2.43 -27.08
C GLN E 197 12.79 3.18 -27.17
N MET E 198 11.68 2.44 -27.28
CA MET E 198 10.37 3.06 -27.39
C MET E 198 10.10 4.01 -26.23
N MET E 199 10.42 3.59 -24.99
CA MET E 199 10.14 4.45 -23.85
C MET E 199 11.02 5.69 -23.93
N TRP E 200 12.28 5.51 -24.37
CA TRP E 200 13.19 6.63 -24.46
C TRP E 200 12.68 7.62 -25.50
N ALA E 201 12.07 7.11 -26.58
CA ALA E 201 11.43 7.93 -27.60
C ALA E 201 10.22 8.68 -27.04
N MET E 202 9.28 7.93 -26.42
CA MET E 202 8.06 8.51 -25.90
C MET E 202 8.39 9.60 -24.87
N ARG E 203 9.53 9.46 -24.18
CA ARG E 203 9.88 10.41 -23.12
C ARG E 203 10.24 11.77 -23.69
N ALA E 204 10.95 11.73 -24.83
CA ALA E 204 11.39 12.92 -25.55
C ALA E 204 10.21 13.77 -26.03
N THR E 205 9.06 13.14 -26.29
CA THR E 205 7.89 13.82 -26.81
C THR E 205 6.84 13.97 -25.71
N GLY E 206 7.25 13.78 -24.44
CA GLY E 206 6.38 13.96 -23.29
C GLY E 206 5.20 12.99 -23.23
N MET E 207 5.31 11.80 -23.85
CA MET E 207 4.27 10.80 -23.77
C MET E 207 4.66 9.59 -22.90
N TRP E 208 5.75 9.71 -22.13
CA TRP E 208 6.09 8.79 -21.07
C TRP E 208 6.74 9.58 -19.93
N THR E 209 6.27 9.38 -18.68
CA THR E 209 6.93 9.94 -17.50
C THR E 209 7.66 8.86 -16.70
N ASP E 210 8.58 9.34 -15.87
CA ASP E 210 9.40 8.52 -14.99
C ASP E 210 8.60 8.10 -13.74
N THR E 211 7.39 8.60 -13.57
CA THR E 211 6.53 8.10 -12.51
C THR E 211 6.13 6.65 -12.82
N ARG E 212 6.38 5.76 -11.87
CA ARG E 212 6.07 4.35 -12.05
C ARG E 212 4.57 4.17 -11.91
N GLY E 213 3.98 3.36 -12.80
CA GLY E 213 2.56 3.01 -12.69
C GLY E 213 1.63 4.13 -13.14
N ALA E 214 2.13 5.02 -14.01
CA ALA E 214 1.36 6.17 -14.46
C ALA E 214 1.40 6.34 -15.98
N ASN E 215 1.73 5.30 -16.74
CA ASN E 215 1.86 5.43 -18.20
C ASN E 215 0.93 4.43 -18.91
N MET E 216 0.92 4.46 -20.24
CA MET E 216 -0.04 3.67 -20.98
C MET E 216 0.25 2.16 -20.88
N LEU E 217 1.53 1.77 -20.76
CA LEU E 217 1.93 0.38 -20.89
C LEU E 217 2.56 -0.19 -19.63
N ASP E 218 2.49 0.52 -18.50
CA ASP E 218 3.13 0.03 -17.28
C ASP E 218 2.12 -0.48 -16.25
N GLY E 219 0.83 -0.46 -16.60
CA GLY E 219 -0.19 -0.90 -15.67
C GLY E 219 -0.98 0.30 -15.17
N GLY E 220 -0.50 1.50 -15.46
CA GLY E 220 -1.26 2.71 -15.13
C GLY E 220 -2.59 2.86 -15.86
N ALA E 221 -2.68 2.41 -17.13
CA ALA E 221 -3.93 2.57 -17.88
C ALA E 221 -4.93 1.49 -17.50
N PRO E 222 -6.20 1.83 -17.20
CA PRO E 222 -7.19 0.82 -16.87
C PRO E 222 -7.46 -0.18 -17.98
N TYR E 223 -7.16 0.24 -19.21
CA TYR E 223 -7.41 -0.58 -20.38
C TYR E 223 -6.17 -1.38 -20.79
N TYR E 224 -5.09 -1.30 -20.00
CA TYR E 224 -3.86 -2.04 -20.27
C TYR E 224 -3.30 -2.55 -18.95
N ASP E 225 -3.86 -3.66 -18.45
CA ASP E 225 -3.58 -4.14 -17.11
C ASP E 225 -4.25 -5.49 -16.90
N THR E 226 -4.04 -6.09 -15.72
CA THR E 226 -4.76 -7.28 -15.34
C THR E 226 -5.90 -6.91 -14.39
N TYR E 227 -6.87 -7.82 -14.31
CA TYR E 227 -8.00 -7.69 -13.41
C TYR E 227 -8.27 -9.03 -12.76
N GLU E 228 -8.59 -9.00 -11.49
CA GLU E 228 -8.89 -10.22 -10.77
C GLU E 228 -10.36 -10.54 -11.00
N CYS E 229 -10.67 -11.84 -11.12
CA CYS E 229 -12.00 -12.35 -11.44
C CYS E 229 -12.64 -12.94 -10.18
N ALA E 230 -13.87 -13.44 -10.33
CA ALA E 230 -14.67 -13.94 -9.22
C ALA E 230 -13.98 -15.10 -8.53
N ASP E 231 -13.19 -15.87 -9.30
CA ASP E 231 -12.54 -17.09 -8.81
C ASP E 231 -11.15 -16.79 -8.25
N GLY E 232 -10.71 -15.54 -8.23
CA GLY E 232 -9.39 -15.23 -7.71
C GLY E 232 -8.29 -15.39 -8.77
N ARG E 233 -8.64 -15.75 -10.00
CA ARG E 233 -7.71 -15.78 -11.12
C ARG E 233 -7.86 -14.49 -11.91
N TYR E 234 -7.05 -14.32 -12.96
CA TYR E 234 -6.87 -13.03 -13.59
C TYR E 234 -7.12 -13.11 -15.09
N VAL E 235 -7.48 -11.95 -15.66
CA VAL E 235 -7.49 -11.71 -17.09
C VAL E 235 -6.57 -10.53 -17.40
N ALA E 236 -6.10 -10.48 -18.65
CA ALA E 236 -5.38 -9.34 -19.16
C ALA E 236 -6.24 -8.59 -20.17
N VAL E 237 -6.22 -7.27 -20.04
CA VAL E 237 -6.87 -6.36 -20.93
C VAL E 237 -5.79 -5.55 -21.64
N GLY E 238 -5.85 -5.49 -22.97
CA GLY E 238 -4.91 -4.68 -23.74
C GLY E 238 -5.59 -3.84 -24.80
N ALA E 239 -6.70 -3.23 -24.43
CA ALA E 239 -7.61 -2.61 -25.37
C ALA E 239 -7.26 -1.14 -25.54
N ILE E 240 -6.17 -0.94 -26.27
CA ILE E 240 -5.62 0.39 -26.45
C ILE E 240 -6.43 1.17 -27.48
N GLU E 241 -6.72 0.54 -28.63
CA GLU E 241 -7.44 1.18 -29.73
C GLU E 241 -8.90 1.34 -29.34
N PRO E 242 -9.48 2.52 -29.62
CA PRO E 242 -10.84 2.82 -29.17
C PRO E 242 -11.88 1.78 -29.54
N GLN E 243 -11.70 1.16 -30.71
CA GLN E 243 -12.72 0.26 -31.23
C GLN E 243 -12.67 -1.02 -30.43
N PHE E 244 -11.45 -1.43 -30.04
CA PHE E 244 -11.29 -2.64 -29.26
C PHE E 244 -11.77 -2.38 -27.82
N TYR E 245 -11.47 -1.19 -27.30
CA TYR E 245 -11.98 -0.77 -26.00
C TYR E 245 -13.51 -0.84 -26.00
N ALA E 246 -14.16 -0.27 -27.03
CA ALA E 246 -15.62 -0.29 -27.09
C ALA E 246 -16.14 -1.70 -27.06
N ALA E 247 -15.51 -2.58 -27.83
CA ALA E 247 -15.93 -3.96 -27.87
C ALA E 247 -15.87 -4.57 -26.49
N MET E 248 -14.83 -4.18 -25.77
CA MET E 248 -14.60 -4.70 -24.43
C MET E 248 -15.74 -4.29 -23.50
N LEU E 249 -16.08 -2.99 -23.51
CA LEU E 249 -17.11 -2.49 -22.62
C LEU E 249 -18.42 -3.24 -22.87
N ALA E 250 -18.73 -3.47 -24.15
CA ALA E 250 -19.99 -4.08 -24.53
C ALA E 250 -20.04 -5.51 -24.02
N GLY E 251 -18.90 -6.20 -24.01
CA GLY E 251 -18.86 -7.55 -23.48
C GLY E 251 -19.03 -7.56 -21.96
N LEU E 252 -18.63 -6.48 -21.28
CA LEU E 252 -18.71 -6.42 -19.82
C LEU E 252 -20.09 -5.94 -19.39
N GLY E 253 -20.91 -5.51 -20.35
CA GLY E 253 -22.29 -5.13 -20.07
C GLY E 253 -22.34 -3.68 -19.57
N LEU E 254 -21.34 -2.89 -20.00
CA LEU E 254 -21.18 -1.54 -19.52
C LEU E 254 -21.45 -0.62 -20.68
N ASP E 255 -22.03 0.50 -20.34
CA ASP E 255 -22.57 1.40 -21.31
C ASP E 255 -21.60 2.57 -21.36
N ALA E 256 -21.00 2.82 -22.53
CA ALA E 256 -19.96 3.83 -22.67
C ALA E 256 -20.42 5.18 -22.13
N ALA E 257 -21.72 5.47 -22.20
CA ALA E 257 -22.26 6.76 -21.78
C ALA E 257 -22.18 6.93 -20.26
N GLU E 258 -22.11 5.83 -19.51
CA GLU E 258 -21.99 5.91 -18.06
C GLU E 258 -20.54 6.14 -17.62
N LEU E 259 -19.54 5.91 -18.50
CA LEU E 259 -18.16 5.78 -18.06
C LEU E 259 -17.38 7.05 -18.36
N PRO E 260 -16.30 7.31 -17.60
CA PRO E 260 -15.40 8.39 -17.94
C PRO E 260 -14.73 8.09 -19.27
N PRO E 261 -14.29 9.10 -20.04
CA PRO E 261 -13.60 8.82 -21.29
C PRO E 261 -12.42 7.86 -21.11
N GLN E 262 -12.07 7.10 -22.16
CA GLN E 262 -11.01 6.12 -22.09
C GLN E 262 -9.67 6.72 -21.66
N ASN E 263 -9.35 7.93 -22.15
CA ASN E 263 -8.03 8.51 -21.96
C ASN E 263 -8.08 9.81 -21.16
N ASP E 264 -9.08 9.96 -20.28
CA ASP E 264 -9.03 11.02 -19.27
C ASP E 264 -8.30 10.44 -18.06
N ARG E 265 -6.99 10.72 -18.00
CA ARG E 265 -6.13 10.17 -16.98
C ARG E 265 -6.60 10.59 -15.59
N ALA E 266 -7.16 11.79 -15.45
CA ALA E 266 -7.60 12.26 -14.14
C ALA E 266 -8.68 11.32 -13.57
N ARG E 267 -9.44 10.66 -14.45
CA ARG E 267 -10.57 9.83 -14.03
C ARG E 267 -10.26 8.34 -14.17
N TRP E 268 -9.00 7.99 -14.40
CA TRP E 268 -8.64 6.58 -14.51
C TRP E 268 -8.97 5.80 -13.24
N PRO E 269 -8.77 6.31 -12.01
CA PRO E 269 -9.17 5.55 -10.84
C PRO E 269 -10.65 5.21 -10.82
N GLU E 270 -11.51 6.17 -11.24
CA GLU E 270 -12.94 5.92 -11.36
C GLU E 270 -13.18 4.83 -12.42
N LEU E 271 -12.57 4.99 -13.61
CA LEU E 271 -12.68 3.98 -14.66
C LEU E 271 -12.24 2.61 -14.16
N ARG E 272 -11.12 2.54 -13.44
CA ARG E 272 -10.58 1.26 -13.00
C ARG E 272 -11.53 0.60 -12.01
N ALA E 273 -12.18 1.42 -11.17
CA ALA E 273 -13.11 0.86 -10.20
C ALA E 273 -14.29 0.20 -10.90
N LEU E 274 -14.83 0.85 -11.95
CA LEU E 274 -15.96 0.30 -12.69
C LEU E 274 -15.55 -0.99 -13.42
N LEU E 275 -14.37 -1.01 -14.05
CA LEU E 275 -13.89 -2.23 -14.71
C LEU E 275 -13.61 -3.33 -13.69
N THR E 276 -13.09 -2.96 -12.53
CA THR E 276 -12.74 -3.94 -11.52
C THR E 276 -13.99 -4.69 -11.09
N GLU E 277 -15.07 -3.96 -10.77
CA GLU E 277 -16.34 -4.55 -10.35
C GLU E 277 -16.91 -5.47 -11.45
N ALA E 278 -16.85 -5.04 -12.71
CA ALA E 278 -17.35 -5.86 -13.81
C ALA E 278 -16.57 -7.16 -13.94
N PHE E 279 -15.23 -7.11 -13.88
CA PHE E 279 -14.48 -8.34 -14.09
C PHE E 279 -14.62 -9.26 -12.88
N ALA E 280 -14.82 -8.70 -11.68
CA ALA E 280 -14.95 -9.50 -10.45
C ALA E 280 -16.26 -10.28 -10.37
N SER E 281 -17.23 -9.99 -11.25
CA SER E 281 -18.55 -10.61 -11.17
C SER E 281 -18.61 -11.97 -11.86
N HIS E 282 -17.64 -12.34 -12.72
CA HIS E 282 -17.56 -13.66 -13.31
C HIS E 282 -16.14 -14.22 -13.20
N ASP E 283 -16.00 -15.53 -13.43
CA ASP E 283 -14.73 -16.21 -13.25
C ASP E 283 -13.89 -16.10 -14.53
N ARG E 284 -12.62 -16.48 -14.44
CA ARG E 284 -11.70 -16.16 -15.54
C ARG E 284 -12.16 -16.85 -16.83
N ASP E 285 -12.60 -18.10 -16.70
CA ASP E 285 -12.89 -18.93 -17.87
C ASP E 285 -14.13 -18.38 -18.59
N HIS E 286 -15.09 -17.88 -17.82
CA HIS E 286 -16.23 -17.20 -18.38
C HIS E 286 -15.77 -16.08 -19.31
N TRP E 287 -14.83 -15.25 -18.86
CA TRP E 287 -14.39 -14.12 -19.66
C TRP E 287 -13.67 -14.60 -20.92
N GLY E 288 -12.95 -15.72 -20.80
CA GLY E 288 -12.26 -16.32 -21.92
C GLY E 288 -13.20 -16.74 -23.04
N ALA E 289 -14.36 -17.32 -22.68
CA ALA E 289 -15.41 -17.73 -23.62
C ALA E 289 -16.06 -16.52 -24.26
N VAL E 290 -16.59 -15.65 -23.41
CA VAL E 290 -17.26 -14.44 -23.84
C VAL E 290 -16.44 -13.69 -24.89
N PHE E 291 -15.12 -13.62 -24.71
CA PHE E 291 -14.27 -12.80 -25.55
C PHE E 291 -13.44 -13.59 -26.58
N ALA E 292 -13.60 -14.91 -26.63
CA ALA E 292 -13.15 -15.70 -27.78
C ALA E 292 -13.65 -15.09 -29.10
N ASN E 293 -12.75 -14.92 -30.05
CA ASN E 293 -13.02 -14.44 -31.40
C ASN E 293 -13.29 -12.94 -31.43
N SER E 294 -13.19 -12.23 -30.29
CA SER E 294 -13.37 -10.78 -30.30
C SER E 294 -12.05 -10.03 -30.41
N ASP E 295 -12.18 -8.75 -30.73
CA ASP E 295 -11.05 -7.83 -30.70
C ASP E 295 -11.06 -7.01 -29.42
N ALA E 296 -11.67 -7.52 -28.37
CA ALA E 296 -11.73 -6.81 -27.10
C ALA E 296 -10.37 -6.70 -26.42
N CYS E 297 -9.42 -7.55 -26.80
CA CYS E 297 -8.07 -7.62 -26.24
C CYS E 297 -8.12 -8.08 -24.79
N VAL E 298 -8.87 -9.16 -24.54
CA VAL E 298 -9.08 -9.69 -23.22
C VAL E 298 -8.74 -11.16 -23.33
N THR E 299 -7.81 -11.60 -22.49
CA THR E 299 -7.31 -12.97 -22.53
C THR E 299 -7.15 -13.45 -21.09
N PRO E 300 -7.30 -14.76 -20.83
CA PRO E 300 -7.03 -15.30 -19.52
C PRO E 300 -5.54 -15.31 -19.22
N VAL E 301 -5.20 -14.99 -17.97
CA VAL E 301 -3.83 -15.05 -17.53
C VAL E 301 -3.54 -16.45 -17.05
N LEU E 302 -2.79 -17.23 -17.85
CA LEU E 302 -2.55 -18.61 -17.52
C LEU E 302 -1.24 -18.74 -16.75
N ALA E 303 -1.28 -19.65 -15.78
CA ALA E 303 -0.09 -20.12 -15.10
C ALA E 303 0.61 -21.19 -15.96
N PHE E 304 1.94 -21.24 -15.85
CA PHE E 304 2.75 -22.21 -16.55
C PHE E 304 2.08 -23.58 -16.65
N GLY E 305 1.60 -24.11 -15.52
CA GLY E 305 1.06 -25.46 -15.49
C GLY E 305 -0.22 -25.65 -16.34
N GLU E 306 -0.89 -24.57 -16.76
CA GLU E 306 -2.15 -24.61 -17.50
C GLU E 306 -1.95 -24.38 -19.01
N VAL E 307 -0.77 -23.92 -19.41
CA VAL E 307 -0.52 -23.46 -20.77
C VAL E 307 -0.70 -24.57 -21.80
N HIS E 308 -0.30 -25.79 -21.40
CA HIS E 308 -0.36 -26.96 -22.26
C HIS E 308 -1.81 -27.36 -22.59
N ASN E 309 -2.81 -26.82 -21.85
CA ASN E 309 -4.22 -27.09 -22.13
C ASN E 309 -4.89 -25.98 -22.95
N GLU E 310 -4.14 -25.02 -23.46
CA GLU E 310 -4.77 -23.92 -24.17
C GLU E 310 -4.80 -24.27 -25.65
N PRO E 311 -6.00 -24.34 -26.28
CA PRO E 311 -6.13 -24.73 -27.67
C PRO E 311 -5.14 -24.10 -28.63
N HIS E 312 -4.91 -22.79 -28.52
CA HIS E 312 -4.05 -22.12 -29.47
C HIS E 312 -2.57 -22.47 -29.30
N ILE E 313 -2.19 -22.79 -28.05
CA ILE E 313 -0.86 -23.27 -27.72
C ILE E 313 -0.71 -24.65 -28.34
N ILE E 314 -1.69 -25.54 -28.10
CA ILE E 314 -1.64 -26.92 -28.59
C ILE E 314 -1.53 -26.99 -30.10
N GLU E 315 -2.40 -26.28 -30.80
CA GLU E 315 -2.58 -26.45 -32.24
C GLU E 315 -1.40 -25.87 -33.04
N ARG E 316 -0.71 -24.84 -32.51
CA ARG E 316 0.47 -24.30 -33.18
C ARG E 316 1.74 -25.04 -32.74
N ASN E 317 1.64 -26.00 -31.81
CA ASN E 317 2.80 -26.73 -31.31
C ASN E 317 3.87 -25.76 -30.81
N THR E 318 3.46 -24.87 -29.90
CA THR E 318 4.41 -23.92 -29.33
C THR E 318 5.32 -24.67 -28.34
N PHE E 319 4.83 -25.78 -27.76
CA PHE E 319 5.59 -26.56 -26.79
C PHE E 319 5.72 -28.02 -27.27
N TYR E 320 6.71 -28.74 -26.74
CA TYR E 320 6.85 -30.18 -26.90
C TYR E 320 7.10 -30.79 -25.52
N GLU E 321 6.84 -32.09 -25.34
CA GLU E 321 7.02 -32.70 -24.03
C GLU E 321 8.40 -33.35 -23.97
N ALA E 322 9.11 -33.13 -22.86
CA ALA E 322 10.42 -33.72 -22.63
C ALA E 322 10.56 -34.12 -21.16
N ASN E 323 10.43 -35.44 -20.90
CA ASN E 323 10.55 -36.04 -19.58
C ASN E 323 10.14 -35.08 -18.46
N GLY E 324 8.90 -35.26 -17.96
CA GLY E 324 8.42 -34.61 -16.75
C GLY E 324 8.38 -33.08 -16.83
N GLY E 325 8.12 -32.54 -18.05
CA GLY E 325 7.98 -31.10 -18.23
C GLY E 325 7.99 -30.69 -19.71
N TRP E 326 7.04 -29.83 -20.06
CA TRP E 326 6.97 -29.17 -21.36
C TRP E 326 8.06 -28.12 -21.55
N GLN E 327 8.49 -27.91 -22.79
CA GLN E 327 9.54 -26.96 -23.13
C GLN E 327 9.13 -26.26 -24.41
N PRO E 328 9.53 -24.99 -24.63
CA PRO E 328 9.21 -24.32 -25.87
C PRO E 328 9.94 -24.91 -27.08
N MET E 329 9.22 -24.93 -28.21
CA MET E 329 9.77 -25.32 -29.48
C MET E 329 10.50 -24.13 -30.07
N PRO E 330 11.42 -24.37 -31.00
CA PRO E 330 12.21 -23.30 -31.57
C PRO E 330 11.39 -22.13 -32.09
N ALA E 331 12.04 -20.97 -32.19
CA ALA E 331 11.39 -19.81 -32.76
C ALA E 331 12.47 -18.94 -33.34
N PRO E 332 12.21 -18.15 -34.41
CA PRO E 332 10.94 -18.16 -35.10
C PRO E 332 10.85 -19.38 -36.00
N ARG E 333 9.88 -19.39 -36.93
CA ARG E 333 9.63 -20.53 -37.80
C ARG E 333 9.96 -20.16 -39.26
N PHE E 334 10.28 -21.19 -40.05
CA PHE E 334 10.76 -21.00 -41.43
C PHE E 334 9.95 -21.87 -42.40
N SER E 335 9.52 -21.25 -43.51
CA SER E 335 8.73 -21.92 -44.57
C SER E 335 9.47 -23.10 -45.19
N ARG E 336 10.66 -22.84 -45.74
CA ARG E 336 11.44 -23.84 -46.46
C ARG E 336 12.33 -24.68 -45.53
N THR E 337 13.35 -24.07 -44.89
CA THR E 337 14.26 -24.83 -44.03
C THR E 337 13.74 -24.82 -42.61
N ALA E 338 12.77 -25.70 -42.34
CA ALA E 338 12.12 -25.67 -41.05
C ALA E 338 13.09 -26.24 -40.03
N SER E 339 12.98 -25.77 -38.78
CA SER E 339 13.65 -26.40 -37.65
C SER E 339 12.99 -27.72 -37.33
N SER E 340 13.67 -28.52 -36.52
CA SER E 340 13.14 -29.79 -36.07
C SER E 340 13.03 -29.74 -34.56
N GLN E 341 12.49 -30.81 -33.98
CA GLN E 341 12.39 -30.90 -32.55
C GLN E 341 13.79 -30.96 -31.93
N PRO E 342 14.07 -30.18 -30.87
CA PRO E 342 15.34 -30.25 -30.14
C PRO E 342 15.72 -31.64 -29.65
N ARG E 343 17.03 -31.95 -29.84
CA ARG E 343 17.70 -33.10 -29.24
C ARG E 343 17.93 -32.82 -27.76
N PRO E 344 17.56 -33.75 -26.85
CA PRO E 344 17.86 -33.57 -25.43
C PRO E 344 19.36 -33.60 -25.15
N PRO E 345 19.83 -33.06 -24.00
CA PRO E 345 21.26 -33.03 -23.73
C PRO E 345 21.92 -34.39 -23.93
N ALA E 346 23.06 -34.40 -24.65
CA ALA E 346 23.79 -35.62 -24.93
C ALA E 346 24.62 -36.03 -23.70
N ALA E 347 25.03 -37.30 -23.67
CA ALA E 347 26.20 -37.70 -22.91
C ALA E 347 27.41 -36.97 -23.49
N THR E 348 28.53 -37.02 -22.73
CA THR E 348 29.77 -36.37 -23.13
C THR E 348 30.45 -37.15 -24.25
N ILE E 349 30.10 -36.83 -25.49
CA ILE E 349 31.01 -37.02 -26.61
C ILE E 349 32.31 -36.31 -26.20
N ASP E 350 33.46 -37.00 -26.24
CA ASP E 350 34.74 -36.38 -25.88
C ASP E 350 35.52 -36.04 -27.15
N ILE E 351 36.52 -35.17 -26.97
CA ILE E 351 36.73 -34.02 -27.82
C ILE E 351 37.48 -34.37 -29.11
N GLU E 352 38.17 -35.51 -29.13
CA GLU E 352 38.85 -36.01 -30.31
C GLU E 352 37.85 -36.36 -31.41
N ALA E 353 36.74 -37.01 -31.00
CA ALA E 353 35.71 -37.52 -31.89
C ALA E 353 35.05 -36.39 -32.68
N VAL E 354 35.01 -35.19 -32.06
CA VAL E 354 34.45 -34.00 -32.66
C VAL E 354 35.37 -33.50 -33.78
N LEU E 355 36.69 -33.43 -33.47
CA LEU E 355 37.72 -33.01 -34.41
C LEU E 355 37.79 -33.98 -35.59
N THR E 356 37.64 -35.29 -35.32
CA THR E 356 37.34 -36.28 -36.35
C THR E 356 36.25 -35.72 -37.29
N ASP E 357 35.02 -35.58 -36.76
CA ASP E 357 33.86 -35.17 -37.54
C ASP E 357 34.17 -33.94 -38.39
N TRP E 358 34.79 -32.91 -37.80
CA TRP E 358 35.08 -31.65 -38.49
C TRP E 358 36.38 -31.77 -39.29
N ASP E 359 36.25 -31.94 -40.62
CA ASP E 359 37.37 -31.97 -41.57
C ASP E 359 38.48 -32.90 -41.07
N MET F 1 27.03 3.76 -45.69
CA MET F 1 26.35 3.55 -44.37
C MET F 1 27.21 2.67 -43.47
N ALA F 2 27.41 3.09 -42.20
CA ALA F 2 28.30 2.38 -41.28
C ALA F 2 27.63 1.15 -40.67
N GLY F 3 28.37 0.04 -40.62
CA GLY F 3 28.01 -1.09 -39.78
C GLY F 3 28.00 -2.40 -40.56
N PRO F 4 27.79 -3.53 -39.88
CA PRO F 4 27.97 -4.85 -40.49
C PRO F 4 26.88 -5.27 -41.47
N LEU F 5 25.72 -4.61 -41.40
CA LEU F 5 24.62 -4.89 -42.32
C LEU F 5 24.62 -3.87 -43.47
N SER F 6 25.80 -3.32 -43.77
CA SER F 6 25.96 -2.38 -44.87
C SER F 6 25.58 -3.10 -46.17
N GLY F 7 24.76 -2.41 -46.97
CA GLY F 7 24.34 -2.91 -48.27
C GLY F 7 23.08 -3.78 -48.21
N LEU F 8 22.64 -4.20 -47.02
CA LEU F 8 21.38 -4.90 -46.89
C LEU F 8 20.23 -3.90 -47.03
N ARG F 9 19.21 -4.32 -47.80
CA ARG F 9 18.13 -3.45 -48.22
C ARG F 9 16.81 -3.93 -47.66
N VAL F 10 16.04 -3.01 -47.07
CA VAL F 10 14.92 -3.44 -46.26
C VAL F 10 13.71 -2.58 -46.57
N VAL F 11 12.60 -3.28 -46.77
CA VAL F 11 11.32 -2.63 -46.95
C VAL F 11 10.41 -2.98 -45.79
N GLU F 12 9.92 -1.93 -45.13
CA GLU F 12 9.11 -2.08 -43.93
C GLU F 12 7.71 -1.55 -44.23
N LEU F 13 6.72 -2.43 -44.19
CA LEU F 13 5.35 -1.95 -44.22
C LEU F 13 4.93 -1.43 -42.83
N ALA F 14 4.65 -0.13 -42.72
CA ALA F 14 4.39 0.54 -41.46
C ALA F 14 3.39 -0.21 -40.58
N GLY F 15 3.87 -0.55 -39.38
CA GLY F 15 3.07 -1.14 -38.32
C GLY F 15 3.36 -0.49 -36.96
N ILE F 16 3.05 -1.21 -35.88
CA ILE F 16 3.37 -0.74 -34.54
C ILE F 16 4.09 -1.86 -33.79
N GLY F 17 4.99 -1.44 -32.89
CA GLY F 17 5.58 -2.36 -31.94
C GLY F 17 6.79 -3.08 -32.52
N PRO F 18 6.73 -4.42 -32.67
CA PRO F 18 7.89 -5.20 -33.04
C PRO F 18 8.43 -4.93 -34.45
N GLY F 19 7.53 -4.76 -35.42
CA GLY F 19 7.95 -4.55 -36.80
C GLY F 19 8.86 -3.33 -36.90
N PRO F 20 8.40 -2.15 -36.50
CA PRO F 20 9.29 -0.99 -36.47
C PRO F 20 10.55 -1.15 -35.61
N HIS F 21 10.49 -2.01 -34.58
CA HIS F 21 11.65 -2.12 -33.69
C HIS F 21 12.71 -2.92 -34.43
N ALA F 22 12.28 -4.01 -35.10
CA ALA F 22 13.20 -4.84 -35.85
C ALA F 22 13.78 -4.01 -37.00
N ALA F 23 12.99 -3.11 -37.57
CA ALA F 23 13.51 -2.35 -38.68
C ALA F 23 14.59 -1.43 -38.15
N MET F 24 14.31 -0.79 -37.01
CA MET F 24 15.22 0.18 -36.43
C MET F 24 16.60 -0.44 -36.23
N ILE F 25 16.61 -1.67 -35.75
CA ILE F 25 17.86 -2.31 -35.39
C ILE F 25 18.62 -2.66 -36.67
N LEU F 26 17.90 -3.04 -37.74
CA LEU F 26 18.54 -3.31 -39.03
C LEU F 26 19.23 -2.05 -39.55
N GLY F 27 18.53 -0.91 -39.51
CA GLY F 27 19.08 0.40 -39.84
C GLY F 27 20.21 0.85 -38.90
N ASP F 28 19.99 0.70 -37.58
CA ASP F 28 21.01 0.90 -36.58
C ASP F 28 22.34 0.30 -37.02
N LEU F 29 22.31 -0.96 -37.50
CA LEU F 29 23.49 -1.73 -37.90
C LEU F 29 23.90 -1.53 -39.38
N GLY F 30 23.32 -0.56 -40.10
CA GLY F 30 23.85 -0.13 -41.39
C GLY F 30 23.01 -0.53 -42.62
N ALA F 31 21.92 -1.29 -42.44
CA ALA F 31 20.98 -1.57 -43.51
C ALA F 31 20.27 -0.31 -43.99
N ASP F 32 19.93 -0.34 -45.30
CA ASP F 32 19.15 0.71 -45.94
C ASP F 32 17.67 0.33 -45.84
N VAL F 33 16.90 1.16 -45.12
CA VAL F 33 15.59 0.72 -44.70
C VAL F 33 14.56 1.69 -45.26
N VAL F 34 13.57 1.12 -45.94
CA VAL F 34 12.54 1.96 -46.54
C VAL F 34 11.21 1.54 -45.96
N ARG F 35 10.56 2.52 -45.37
CA ARG F 35 9.31 2.31 -44.66
C ARG F 35 8.15 2.92 -45.44
N ILE F 36 7.20 2.08 -45.87
CA ILE F 36 6.00 2.52 -46.57
C ILE F 36 4.83 2.76 -45.59
N ASP F 37 4.48 4.03 -45.39
CA ASP F 37 3.33 4.40 -44.57
C ASP F 37 2.12 4.78 -45.45
N ARG F 38 0.92 4.68 -44.85
CA ARG F 38 -0.33 5.21 -45.39
C ARG F 38 -0.15 6.71 -45.66
N PRO F 39 -0.69 7.31 -46.76
CA PRO F 39 -0.61 8.77 -46.92
C PRO F 39 -1.48 9.53 -45.92
N SER F 40 -2.53 8.84 -45.44
CA SER F 40 -3.41 9.32 -44.38
C SER F 40 -2.74 9.24 -43.02
N SER F 41 -1.55 9.86 -42.88
CA SER F 41 -0.76 9.86 -41.65
C SER F 41 0.72 10.09 -41.96
N VAL F 42 1.13 11.36 -42.10
CA VAL F 42 2.54 11.68 -42.26
C VAL F 42 2.81 13.11 -41.77
N ASP F 43 2.32 14.11 -42.52
CA ASP F 43 2.77 15.49 -42.42
C ASP F 43 4.18 15.63 -43.00
N SER F 46 8.24 13.00 -38.67
CA SER F 46 7.73 12.15 -37.56
C SER F 46 8.64 12.30 -36.34
N ARG F 47 8.05 12.59 -35.19
CA ARG F 47 8.82 12.85 -33.99
C ARG F 47 8.96 11.57 -33.15
N ASP F 48 8.46 10.43 -33.68
CA ASP F 48 8.86 9.14 -33.14
C ASP F 48 10.32 8.91 -33.53
N ALA F 49 11.16 8.66 -32.52
CA ALA F 49 12.57 8.41 -32.74
C ALA F 49 12.82 6.92 -32.98
N MET F 50 11.78 6.08 -33.05
CA MET F 50 11.94 4.67 -33.42
C MET F 50 12.03 4.56 -34.94
N LEU F 51 11.72 5.66 -35.64
CA LEU F 51 11.77 5.74 -37.09
C LEU F 51 13.10 6.33 -37.54
N ARG F 52 14.08 6.27 -36.64
CA ARG F 52 15.46 6.59 -36.95
C ARG F 52 16.04 5.55 -37.90
N ASN F 53 17.11 5.93 -38.61
CA ASN F 53 17.80 5.10 -39.60
C ASN F 53 16.82 4.51 -40.64
N ARG F 54 15.94 5.37 -41.18
CA ARG F 54 14.90 5.01 -42.11
C ARG F 54 14.73 6.08 -43.20
N ARG F 55 14.31 5.63 -44.40
CA ARG F 55 13.61 6.50 -45.34
C ARG F 55 12.11 6.18 -45.30
N ILE F 56 11.27 7.23 -45.18
CA ILE F 56 9.82 7.09 -45.11
C ILE F 56 9.19 7.50 -46.45
N VAL F 57 8.43 6.59 -47.07
CA VAL F 57 7.62 6.90 -48.25
C VAL F 57 6.12 6.73 -47.97
N THR F 58 5.27 7.59 -48.56
CA THR F 58 3.82 7.40 -48.58
C THR F 58 3.46 6.57 -49.82
N ALA F 59 2.39 5.77 -49.74
CA ALA F 59 1.92 4.99 -50.86
C ALA F 59 0.65 4.20 -50.50
N ASP F 60 -0.52 4.65 -51.00
CA ASP F 60 -1.78 3.93 -50.83
C ASP F 60 -1.69 2.57 -51.54
N LEU F 61 -1.57 1.49 -50.76
CA LEU F 61 -1.31 0.15 -51.26
C LEU F 61 -2.58 -0.50 -51.77
N LYS F 62 -3.71 0.17 -51.54
CA LYS F 62 -4.99 -0.29 -52.03
C LYS F 62 -5.18 0.14 -53.49
N SER F 63 -4.60 1.28 -53.91
CA SER F 63 -4.63 1.71 -55.30
C SER F 63 -3.69 0.85 -56.13
N ASP F 64 -3.82 0.92 -57.46
CA ASP F 64 -3.05 0.08 -58.37
C ASP F 64 -1.65 0.66 -58.51
N GLN F 65 -1.58 2.00 -58.55
CA GLN F 65 -0.33 2.74 -58.61
C GLN F 65 0.50 2.53 -57.34
N GLY F 66 -0.18 2.51 -56.18
CA GLY F 66 0.45 2.19 -54.92
C GLY F 66 1.06 0.79 -54.90
N LEU F 67 0.29 -0.23 -55.30
CA LEU F 67 0.73 -1.62 -55.22
C LEU F 67 1.95 -1.86 -56.09
N GLU F 68 1.96 -1.23 -57.27
CA GLU F 68 2.97 -1.52 -58.26
C GLU F 68 4.29 -0.82 -57.88
N LEU F 69 4.21 0.40 -57.33
CA LEU F 69 5.39 1.09 -56.82
C LEU F 69 6.04 0.29 -55.69
N ALA F 70 5.23 -0.42 -54.88
CA ALA F 70 5.75 -1.16 -53.76
C ALA F 70 6.30 -2.51 -54.20
N LEU F 71 5.69 -3.14 -55.21
CA LEU F 71 6.16 -4.43 -55.67
C LEU F 71 7.53 -4.30 -56.34
N LYS F 72 7.86 -3.08 -56.79
CA LYS F 72 9.12 -2.80 -57.45
C LYS F 72 10.22 -2.66 -56.40
N LEU F 73 10.03 -1.77 -55.41
CA LEU F 73 10.90 -1.72 -54.24
C LEU F 73 11.24 -3.14 -53.81
N ILE F 74 10.22 -3.99 -53.68
CA ILE F 74 10.41 -5.29 -53.09
C ILE F 74 11.25 -6.19 -53.98
N ALA F 75 11.21 -5.89 -55.28
CA ALA F 75 11.88 -6.72 -56.28
C ALA F 75 13.40 -6.54 -56.17
N LYS F 76 13.78 -5.31 -55.80
CA LYS F 76 15.17 -4.85 -55.69
C LYS F 76 15.72 -5.05 -54.28
N ALA F 77 14.89 -5.52 -53.33
CA ALA F 77 15.26 -5.50 -51.92
C ALA F 77 15.48 -6.91 -51.39
N ASP F 78 16.10 -6.97 -50.20
CA ASP F 78 16.55 -8.20 -49.55
C ASP F 78 15.53 -8.72 -48.55
N VAL F 79 14.89 -7.77 -47.87
CA VAL F 79 14.07 -8.06 -46.71
C VAL F 79 12.76 -7.25 -46.80
N LEU F 80 11.67 -7.98 -46.50
CA LEU F 80 10.36 -7.37 -46.33
C LEU F 80 9.86 -7.64 -44.92
N ILE F 81 9.47 -6.54 -44.27
CA ILE F 81 8.85 -6.63 -42.95
C ILE F 81 7.42 -6.14 -43.01
N GLU F 82 6.53 -6.99 -42.48
CA GLU F 82 5.14 -6.64 -42.27
C GLU F 82 4.66 -7.18 -40.92
N GLY F 83 3.86 -6.35 -40.22
CA GLY F 83 3.29 -6.76 -38.94
C GLY F 83 1.79 -6.53 -38.87
N TYR F 84 1.06 -7.00 -39.89
CA TYR F 84 -0.38 -6.90 -39.93
C TYR F 84 -0.93 -8.28 -39.62
N ARG F 85 -2.26 -8.37 -39.45
CA ARG F 85 -2.89 -9.64 -39.21
C ARG F 85 -2.63 -10.57 -40.38
N PRO F 86 -2.67 -11.90 -40.19
CA PRO F 86 -2.54 -12.80 -41.31
C PRO F 86 -3.61 -12.52 -42.37
N GLY F 87 -3.24 -12.54 -43.65
CA GLY F 87 -4.20 -12.26 -44.71
C GLY F 87 -4.08 -10.82 -45.21
N VAL F 88 -3.59 -9.90 -44.40
CA VAL F 88 -3.66 -8.52 -44.85
C VAL F 88 -2.78 -8.28 -46.08
N THR F 89 -1.62 -8.95 -46.16
CA THR F 89 -0.71 -8.66 -47.26
C THR F 89 -1.16 -9.45 -48.50
N GLU F 90 -1.69 -10.67 -48.33
CA GLU F 90 -2.30 -11.40 -49.43
C GLU F 90 -3.28 -10.46 -50.17
N ARG F 91 -4.27 -9.98 -49.42
CA ARG F 91 -5.39 -9.25 -50.00
C ARG F 91 -4.94 -7.92 -50.58
N LEU F 92 -3.79 -7.42 -50.13
CA LEU F 92 -3.19 -6.23 -50.70
C LEU F 92 -2.50 -6.52 -52.04
N GLY F 93 -2.23 -7.81 -52.32
CA GLY F 93 -1.40 -8.23 -53.44
C GLY F 93 0.10 -8.09 -53.14
N LEU F 94 0.49 -8.23 -51.86
CA LEU F 94 1.88 -8.18 -51.41
C LEU F 94 2.19 -9.39 -50.55
N GLY F 95 1.43 -10.45 -50.69
CA GLY F 95 1.70 -11.66 -49.92
C GLY F 95 3.01 -12.31 -50.32
N PRO F 96 3.44 -13.41 -49.65
CA PRO F 96 4.68 -14.08 -49.99
C PRO F 96 4.74 -14.65 -51.42
N GLU F 97 3.62 -15.19 -51.93
CA GLU F 97 3.60 -15.78 -53.27
C GLU F 97 3.72 -14.70 -54.33
N GLU F 98 2.95 -13.62 -54.20
CA GLU F 98 3.10 -12.44 -55.06
C GLU F 98 4.54 -11.92 -55.06
N CYS F 99 5.18 -11.95 -53.87
CA CYS F 99 6.53 -11.43 -53.69
C CYS F 99 7.57 -12.41 -54.27
N ALA F 100 7.34 -13.73 -54.13
CA ALA F 100 8.27 -14.78 -54.58
C ALA F 100 8.28 -14.96 -56.11
N LYS F 101 7.69 -14.00 -56.83
CA LYS F 101 7.58 -13.97 -58.27
C LYS F 101 8.35 -12.77 -58.83
N VAL F 102 8.43 -11.67 -58.08
CA VAL F 102 9.22 -10.54 -58.52
C VAL F 102 10.60 -10.57 -57.85
N ASN F 103 10.89 -11.56 -56.97
CA ASN F 103 12.10 -11.60 -56.17
C ASN F 103 12.07 -12.83 -55.26
N ASP F 104 12.55 -13.97 -55.77
CA ASP F 104 12.57 -15.20 -55.03
C ASP F 104 13.75 -15.23 -54.04
N ARG F 105 14.47 -14.10 -53.93
CA ARG F 105 15.56 -13.94 -52.96
C ARG F 105 15.07 -13.23 -51.69
N LEU F 106 13.77 -12.92 -51.63
CA LEU F 106 13.19 -12.12 -50.57
C LEU F 106 13.21 -12.91 -49.27
N ILE F 107 13.71 -12.26 -48.23
CA ILE F 107 13.37 -12.66 -46.88
C ILE F 107 12.08 -11.94 -46.48
N TYR F 108 11.07 -12.78 -46.26
CA TYR F 108 9.68 -12.34 -46.14
C TYR F 108 9.32 -12.45 -44.66
N ALA F 109 9.35 -11.32 -43.96
CA ALA F 109 9.38 -11.42 -42.49
C ALA F 109 8.04 -11.00 -41.89
N ARG F 110 7.37 -11.98 -41.26
CA ARG F 110 6.02 -11.82 -40.71
C ARG F 110 5.99 -11.81 -39.18
N MET F 111 5.68 -10.63 -38.65
CA MET F 111 5.66 -10.31 -37.23
C MET F 111 4.22 -10.31 -36.73
N THR F 112 3.82 -11.34 -35.98
CA THR F 112 2.53 -11.27 -35.35
C THR F 112 2.64 -11.56 -33.85
N GLY F 113 1.48 -11.44 -33.17
CA GLY F 113 1.28 -11.90 -31.82
C GLY F 113 0.98 -13.39 -31.77
N TRP F 114 -0.13 -13.82 -32.40
CA TRP F 114 -0.59 -15.20 -32.22
C TRP F 114 -0.01 -16.14 -33.29
N GLY F 115 0.62 -15.61 -34.33
CA GLY F 115 1.03 -16.46 -35.43
C GLY F 115 0.10 -16.41 -36.64
N GLN F 116 0.34 -17.33 -37.58
CA GLN F 116 -0.24 -17.23 -38.89
C GLN F 116 -1.54 -18.03 -38.96
N THR F 117 -1.67 -19.09 -38.12
CA THR F 117 -2.86 -19.91 -38.10
C THR F 117 -3.27 -20.22 -36.66
N GLY F 118 -4.41 -20.88 -36.51
CA GLY F 118 -4.90 -21.28 -35.21
C GLY F 118 -6.03 -20.36 -34.76
N PRO F 119 -6.74 -20.77 -33.69
CA PRO F 119 -7.98 -20.11 -33.25
C PRO F 119 -7.89 -18.64 -32.83
N ARG F 120 -6.70 -18.18 -32.41
CA ARG F 120 -6.59 -16.81 -31.95
C ARG F 120 -5.98 -15.92 -33.02
N SER F 121 -5.76 -16.46 -34.22
CA SER F 121 -4.88 -15.82 -35.19
C SER F 121 -5.50 -14.57 -35.80
N GLN F 122 -6.83 -14.38 -35.64
CA GLN F 122 -7.38 -13.12 -36.13
C GLN F 122 -7.76 -12.19 -34.98
N GLN F 123 -7.63 -12.63 -33.72
CA GLN F 123 -7.88 -11.72 -32.60
C GLN F 123 -6.85 -10.59 -32.51
N ALA F 124 -7.34 -9.36 -32.41
CA ALA F 124 -6.54 -8.22 -31.99
C ALA F 124 -5.87 -8.51 -30.66
N GLY F 125 -4.79 -7.78 -30.41
CA GLY F 125 -3.92 -8.15 -29.31
C GLY F 125 -2.77 -7.16 -29.14
N HIS F 126 -2.24 -7.16 -27.91
CA HIS F 126 -0.99 -6.50 -27.64
C HIS F 126 -0.15 -7.38 -26.72
N ASP F 127 1.08 -6.91 -26.50
CA ASP F 127 2.07 -7.57 -25.67
C ASP F 127 1.44 -8.23 -24.47
N ILE F 128 0.70 -7.46 -23.63
CA ILE F 128 0.11 -8.03 -22.41
C ILE F 128 -0.70 -9.28 -22.70
N ASN F 129 -1.40 -9.32 -23.86
CA ASN F 129 -2.23 -10.48 -24.20
C ASN F 129 -1.40 -11.71 -24.56
N TYR F 130 -0.39 -11.52 -25.41
CA TYR F 130 0.46 -12.64 -25.86
C TYR F 130 1.18 -13.26 -24.66
N ILE F 131 1.67 -12.45 -23.70
CA ILE F 131 2.37 -13.03 -22.56
C ILE F 131 1.42 -13.57 -21.50
N SER F 132 0.12 -13.24 -21.56
CA SER F 132 -0.83 -13.79 -20.59
C SER F 132 -1.10 -15.26 -20.87
N LEU F 133 -0.98 -15.69 -22.13
CA LEU F 133 -1.40 -17.03 -22.53
C LEU F 133 -0.31 -18.07 -22.32
N ASN F 134 0.96 -17.66 -22.17
CA ASN F 134 2.05 -18.60 -22.13
C ASN F 134 2.74 -18.63 -20.76
N GLY F 135 2.10 -18.06 -19.73
CA GLY F 135 2.54 -18.27 -18.35
C GLY F 135 3.42 -17.12 -17.84
N ILE F 136 3.87 -16.25 -18.72
CA ILE F 136 4.87 -15.27 -18.37
C ILE F 136 4.27 -14.20 -17.46
N LEU F 137 3.17 -13.58 -17.88
CA LEU F 137 2.60 -12.48 -17.14
C LEU F 137 2.23 -12.90 -15.71
N HIS F 138 1.70 -14.11 -15.58
CA HIS F 138 1.29 -14.64 -14.30
C HIS F 138 2.46 -14.69 -13.30
N ALA F 139 3.67 -14.90 -13.82
CA ALA F 139 4.84 -15.10 -12.99
C ALA F 139 5.47 -13.78 -12.55
N ILE F 140 4.94 -12.65 -13.00
CA ILE F 140 5.55 -11.36 -12.75
C ILE F 140 4.74 -10.48 -11.79
N GLY F 141 5.41 -10.05 -10.71
CA GLY F 141 4.82 -9.14 -9.75
C GLY F 141 4.89 -9.76 -8.36
N ARG F 142 4.32 -9.06 -7.37
CA ARG F 142 4.34 -9.55 -6.00
C ARG F 142 3.22 -10.57 -5.78
N GLY F 143 3.39 -11.42 -4.76
CA GLY F 143 2.55 -12.57 -4.48
C GLY F 143 1.14 -12.20 -3.99
N ASP F 144 1.04 -11.13 -3.24
CA ASP F 144 -0.23 -10.73 -2.64
C ASP F 144 -1.08 -9.99 -3.67
N GLU F 145 -0.53 -9.73 -4.87
CA GLU F 145 -1.10 -8.78 -5.81
C GLU F 145 -1.36 -9.44 -7.15
N ARG F 146 -2.06 -8.71 -8.01
CA ARG F 146 -2.35 -9.20 -9.35
C ARG F 146 -1.14 -8.96 -10.25
N PRO F 147 -0.92 -9.80 -11.28
CA PRO F 147 0.26 -9.70 -12.10
C PRO F 147 0.44 -8.29 -12.66
N VAL F 148 1.71 -7.92 -12.84
CA VAL F 148 1.99 -6.59 -13.32
C VAL F 148 2.70 -6.74 -14.66
N PRO F 149 2.31 -5.96 -15.68
CA PRO F 149 2.96 -6.09 -16.97
C PRO F 149 4.39 -5.53 -16.95
N PRO F 150 5.40 -6.26 -17.48
CA PRO F 150 6.75 -5.73 -17.63
C PRO F 150 6.88 -4.76 -18.77
N LEU F 151 6.20 -3.63 -18.70
CA LEU F 151 5.98 -2.80 -19.87
C LEU F 151 5.64 -3.70 -21.06
N ASN F 152 6.09 -3.31 -22.27
CA ASN F 152 5.92 -4.16 -23.42
C ASN F 152 7.25 -4.77 -23.84
N LEU F 153 8.08 -5.18 -22.89
CA LEU F 153 9.47 -5.51 -23.19
C LEU F 153 9.58 -6.95 -23.63
N VAL F 154 8.67 -7.78 -23.13
CA VAL F 154 8.87 -9.21 -23.23
C VAL F 154 8.18 -9.76 -24.46
N GLY F 155 7.02 -9.21 -24.82
CA GLY F 155 6.25 -9.78 -25.93
C GLY F 155 6.63 -9.11 -27.25
N ASP F 156 6.54 -7.79 -27.29
CA ASP F 156 6.90 -7.03 -28.47
C ASP F 156 8.37 -7.12 -28.85
N PHE F 157 9.28 -7.00 -27.88
CA PHE F 157 10.67 -6.74 -28.22
C PHE F 157 11.48 -8.00 -27.94
N GLY F 158 11.64 -8.33 -26.67
CA GLY F 158 12.42 -9.48 -26.30
C GLY F 158 11.98 -10.74 -27.02
N GLY F 159 10.66 -11.01 -27.01
CA GLY F 159 10.09 -12.24 -27.56
C GLY F 159 9.48 -12.03 -28.96
N GLY F 160 9.63 -10.81 -29.50
CA GLY F 160 8.97 -10.36 -30.70
C GLY F 160 9.99 -9.93 -31.75
N SER F 161 10.31 -8.65 -31.80
CA SER F 161 11.27 -8.08 -32.74
C SER F 161 12.55 -8.88 -32.77
N MET F 162 13.12 -9.18 -31.60
CA MET F 162 14.44 -9.78 -31.57
C MET F 162 14.42 -11.14 -32.26
N PHE F 163 13.31 -11.89 -32.16
CA PHE F 163 13.25 -13.19 -32.80
C PHE F 163 12.99 -13.02 -34.31
N LEU F 164 12.30 -11.95 -34.69
CA LEU F 164 12.15 -11.62 -36.09
C LEU F 164 13.51 -11.29 -36.70
N LEU F 165 14.34 -10.56 -35.95
CA LEU F 165 15.70 -10.24 -36.39
C LEU F 165 16.54 -11.50 -36.52
N VAL F 166 16.47 -12.40 -35.54
CA VAL F 166 17.18 -13.67 -35.60
C VAL F 166 16.75 -14.46 -36.83
N GLY F 167 15.47 -14.38 -37.21
CA GLY F 167 14.96 -15.12 -38.35
C GLY F 167 15.47 -14.51 -39.65
N ILE F 168 15.29 -13.20 -39.79
CA ILE F 168 15.78 -12.49 -40.94
C ILE F 168 17.25 -12.83 -41.18
N LEU F 169 18.07 -12.74 -40.13
CA LEU F 169 19.53 -12.86 -40.29
C LEU F 169 19.91 -14.32 -40.44
N ALA F 170 19.24 -15.24 -39.77
CA ALA F 170 19.50 -16.64 -40.03
C ALA F 170 19.09 -16.99 -41.46
N ALA F 171 18.06 -16.31 -41.98
CA ALA F 171 17.55 -16.70 -43.28
C ALA F 171 18.50 -16.15 -44.34
N LEU F 172 19.09 -14.98 -44.08
CA LEU F 172 20.09 -14.42 -44.97
C LEU F 172 21.34 -15.30 -45.05
N TRP F 173 21.63 -16.09 -44.00
CA TRP F 173 22.79 -16.97 -44.01
C TRP F 173 22.49 -18.23 -44.82
N GLU F 174 21.27 -18.75 -44.70
CA GLU F 174 20.83 -19.89 -45.50
C GLU F 174 20.77 -19.48 -46.98
N ARG F 175 20.28 -18.27 -47.26
CA ARG F 175 20.20 -17.72 -48.60
C ARG F 175 21.57 -17.76 -49.28
N GLN F 176 22.65 -17.58 -48.51
CA GLN F 176 23.97 -17.45 -49.10
C GLN F 176 24.37 -18.77 -49.78
N SER F 177 23.90 -19.92 -49.29
CA SER F 177 24.23 -21.21 -49.88
C SER F 177 23.00 -21.94 -50.42
N SER F 178 22.08 -21.24 -51.08
CA SER F 178 20.94 -21.91 -51.70
C SER F 178 20.26 -21.03 -52.74
N GLY F 179 20.58 -19.72 -52.75
CA GLY F 179 20.14 -18.77 -53.75
C GLY F 179 18.76 -18.16 -53.46
N LYS F 180 18.06 -18.76 -52.46
CA LYS F 180 16.63 -18.60 -52.26
C LYS F 180 16.35 -17.76 -51.00
N GLY F 181 15.31 -16.93 -51.08
CA GLY F 181 14.67 -16.32 -49.91
C GLY F 181 13.74 -17.32 -49.20
N GLN F 182 12.84 -16.77 -48.37
CA GLN F 182 11.82 -17.57 -47.69
C GLN F 182 11.06 -16.69 -46.69
N VAL F 183 10.10 -17.33 -45.99
CA VAL F 183 9.19 -16.67 -45.07
C VAL F 183 9.59 -16.99 -43.64
N VAL F 184 9.77 -15.93 -42.85
CA VAL F 184 9.94 -16.05 -41.41
C VAL F 184 8.62 -15.74 -40.70
N ASP F 185 8.09 -16.75 -39.98
CA ASP F 185 6.91 -16.60 -39.12
C ASP F 185 7.37 -16.37 -37.67
N ALA F 186 7.38 -15.12 -37.23
CA ALA F 186 7.74 -14.76 -35.86
C ALA F 186 6.47 -14.42 -35.08
N ALA F 187 6.03 -15.32 -34.20
CA ALA F 187 4.94 -15.02 -33.28
C ALA F 187 5.43 -14.69 -31.87
N MET F 188 4.99 -13.54 -31.35
CA MET F 188 5.32 -13.10 -30.00
C MET F 188 5.01 -14.17 -28.95
N VAL F 189 4.00 -15.01 -29.15
CA VAL F 189 3.70 -16.02 -28.15
C VAL F 189 4.73 -17.14 -28.19
N ASP F 190 5.41 -17.32 -29.33
CA ASP F 190 6.45 -18.34 -29.40
C ASP F 190 7.80 -17.78 -28.93
N GLY F 191 8.17 -16.62 -29.44
CA GLY F 191 9.44 -15.98 -29.16
C GLY F 191 9.62 -15.72 -27.66
N SER F 192 8.55 -15.24 -27.01
CA SER F 192 8.56 -14.97 -25.58
C SER F 192 8.67 -16.27 -24.80
N SER F 193 8.12 -17.37 -25.31
CA SER F 193 8.19 -18.65 -24.62
C SER F 193 9.63 -19.17 -24.66
N VAL F 194 10.32 -18.90 -25.77
CA VAL F 194 11.71 -19.33 -25.89
C VAL F 194 12.57 -18.42 -25.01
N LEU F 195 12.25 -17.14 -24.99
CA LEU F 195 12.89 -16.19 -24.11
C LEU F 195 12.91 -16.71 -22.66
N ILE F 196 11.81 -17.31 -22.20
CA ILE F 196 11.72 -17.74 -20.82
C ILE F 196 12.01 -19.23 -20.68
N GLN F 197 12.84 -19.76 -21.59
CA GLN F 197 13.13 -21.18 -21.60
C GLN F 197 13.72 -21.61 -20.25
N MET F 198 14.53 -20.72 -19.65
CA MET F 198 15.13 -21.03 -18.36
C MET F 198 14.07 -21.44 -17.34
N MET F 199 12.98 -20.66 -17.24
CA MET F 199 12.01 -20.98 -16.21
C MET F 199 11.39 -22.32 -16.53
N TRP F 200 11.18 -22.61 -17.83
CA TRP F 200 10.60 -23.91 -18.19
C TRP F 200 11.56 -25.03 -17.78
N ALA F 201 12.87 -24.79 -17.93
CA ALA F 201 13.88 -25.76 -17.51
C ALA F 201 13.95 -25.87 -15.98
N MET F 202 13.96 -24.72 -15.28
CA MET F 202 14.00 -24.78 -13.82
C MET F 202 12.75 -25.48 -13.29
N ARG F 203 11.61 -25.28 -13.96
CA ARG F 203 10.35 -25.88 -13.53
C ARG F 203 10.41 -27.40 -13.65
N ALA F 204 11.11 -27.90 -14.68
CA ALA F 204 11.19 -29.33 -14.92
C ALA F 204 12.02 -30.02 -13.84
N THR F 205 12.90 -29.30 -13.14
CA THR F 205 13.76 -29.91 -12.13
C THR F 205 13.37 -29.47 -10.73
N GLY F 206 12.16 -28.90 -10.58
CA GLY F 206 11.66 -28.50 -9.26
C GLY F 206 12.36 -27.28 -8.66
N MET F 207 13.07 -26.47 -9.46
CA MET F 207 13.71 -25.26 -8.95
C MET F 207 12.90 -24.00 -9.30
N TRP F 208 11.63 -24.15 -9.71
CA TRP F 208 10.75 -23.02 -9.97
C TRP F 208 9.30 -23.45 -9.78
N THR F 209 8.50 -22.70 -9.01
CA THR F 209 7.06 -22.98 -8.86
C THR F 209 6.22 -21.89 -9.53
N ASP F 210 4.95 -22.24 -9.82
CA ASP F 210 3.99 -21.34 -10.45
C ASP F 210 3.49 -20.30 -9.46
N THR F 211 3.83 -20.39 -8.18
CA THR F 211 3.43 -19.37 -7.23
C THR F 211 4.21 -18.09 -7.48
N ARG F 212 3.50 -16.96 -7.64
CA ARG F 212 4.10 -15.66 -7.90
C ARG F 212 4.78 -15.10 -6.64
N GLY F 213 5.97 -14.51 -6.82
CA GLY F 213 6.67 -13.85 -5.73
C GLY F 213 7.30 -14.84 -4.76
N ALA F 214 7.51 -16.09 -5.18
CA ALA F 214 8.07 -17.09 -4.29
C ALA F 214 9.23 -17.85 -4.92
N ASN F 215 9.97 -17.26 -5.87
CA ASN F 215 11.06 -17.95 -6.54
C ASN F 215 12.36 -17.16 -6.37
N MET F 216 13.45 -17.68 -6.95
CA MET F 216 14.77 -17.11 -6.74
C MET F 216 14.90 -15.76 -7.44
N LEU F 217 14.24 -15.60 -8.60
CA LEU F 217 14.49 -14.46 -9.48
C LEU F 217 13.26 -13.59 -9.68
N ASP F 218 12.17 -13.80 -8.90
CA ASP F 218 10.95 -13.07 -9.15
C ASP F 218 10.71 -12.00 -8.09
N GLY F 219 11.63 -11.86 -7.13
CA GLY F 219 11.42 -10.97 -6.00
C GLY F 219 11.15 -11.71 -4.69
N GLY F 220 10.91 -13.02 -4.73
CA GLY F 220 10.74 -13.82 -3.53
C GLY F 220 12.00 -14.00 -2.67
N ALA F 221 13.21 -14.05 -3.27
CA ALA F 221 14.42 -14.20 -2.47
C ALA F 221 14.87 -12.83 -1.95
N PRO F 222 15.12 -12.65 -0.63
CA PRO F 222 15.57 -11.37 -0.09
C PRO F 222 16.87 -10.80 -0.66
N TYR F 223 17.66 -11.69 -1.28
CA TYR F 223 18.92 -11.29 -1.89
C TYR F 223 18.79 -11.05 -3.39
N TYR F 224 17.59 -11.15 -3.98
CA TYR F 224 17.37 -10.74 -5.36
C TYR F 224 16.07 -9.94 -5.43
N ASP F 225 16.16 -8.63 -5.19
CA ASP F 225 14.97 -7.81 -5.07
C ASP F 225 15.42 -6.38 -4.89
N THR F 226 14.47 -5.45 -4.91
CA THR F 226 14.77 -4.07 -4.57
C THR F 226 14.44 -3.79 -3.10
N TYR F 227 14.98 -2.69 -2.56
CA TYR F 227 14.82 -2.25 -1.19
C TYR F 227 14.66 -0.73 -1.21
N GLU F 228 13.74 -0.26 -0.39
CA GLU F 228 13.55 1.16 -0.25
C GLU F 228 14.59 1.69 0.74
N CYS F 229 15.16 2.84 0.37
CA CYS F 229 16.13 3.55 1.19
C CYS F 229 15.45 4.64 2.00
N ALA F 230 16.24 5.26 2.88
CA ALA F 230 15.76 6.28 3.81
C ALA F 230 15.18 7.48 3.08
N ASP F 231 15.67 7.80 1.86
CA ASP F 231 15.14 8.91 1.07
C ASP F 231 13.97 8.51 0.15
N GLY F 232 13.44 7.27 0.23
CA GLY F 232 12.34 6.86 -0.64
C GLY F 232 12.77 6.37 -2.04
N ARG F 233 14.06 6.46 -2.37
CA ARG F 233 14.60 5.89 -3.59
C ARG F 233 14.94 4.42 -3.31
N TYR F 234 15.55 3.71 -4.27
CA TYR F 234 15.61 2.26 -4.19
C TYR F 234 16.99 1.79 -4.62
N VAL F 235 17.44 0.67 -4.03
CA VAL F 235 18.56 -0.08 -4.58
C VAL F 235 18.08 -1.45 -4.99
N ALA F 236 18.86 -2.09 -5.85
CA ALA F 236 18.62 -3.46 -6.26
C ALA F 236 19.72 -4.34 -5.72
N VAL F 237 19.36 -5.54 -5.32
CA VAL F 237 20.31 -6.47 -4.75
C VAL F 237 20.22 -7.74 -5.57
N GLY F 238 21.37 -8.23 -6.04
CA GLY F 238 21.40 -9.42 -6.86
C GLY F 238 22.47 -10.40 -6.40
N ALA F 239 22.55 -10.58 -5.07
CA ALA F 239 23.69 -11.21 -4.44
C ALA F 239 23.41 -12.68 -4.25
N ILE F 240 23.41 -13.41 -5.35
CA ILE F 240 23.00 -14.80 -5.33
C ILE F 240 24.14 -15.64 -4.76
N GLU F 241 25.34 -15.47 -5.33
CA GLU F 241 26.47 -16.29 -4.93
C GLU F 241 26.81 -15.95 -3.47
N PRO F 242 27.06 -16.95 -2.63
CA PRO F 242 27.30 -16.71 -1.21
C PRO F 242 28.40 -15.68 -0.93
N GLN F 243 29.43 -15.66 -1.79
CA GLN F 243 30.55 -14.76 -1.60
C GLN F 243 30.11 -13.31 -1.89
N PHE F 244 29.22 -13.08 -2.86
CA PHE F 244 28.74 -11.72 -3.08
C PHE F 244 27.78 -11.34 -1.96
N TYR F 245 26.95 -12.30 -1.52
CA TYR F 245 26.04 -12.06 -0.42
C TYR F 245 26.78 -11.64 0.86
N ALA F 246 27.92 -12.29 1.14
CA ALA F 246 28.74 -11.95 2.29
C ALA F 246 29.28 -10.53 2.15
N ALA F 247 29.66 -10.14 0.93
CA ALA F 247 30.16 -8.78 0.76
C ALA F 247 29.04 -7.77 1.03
N MET F 248 27.83 -8.15 0.66
CA MET F 248 26.70 -7.27 0.79
C MET F 248 26.45 -7.06 2.28
N LEU F 249 26.40 -8.16 3.05
CA LEU F 249 26.22 -8.09 4.49
C LEU F 249 27.30 -7.21 5.13
N ALA F 250 28.55 -7.35 4.71
CA ALA F 250 29.62 -6.56 5.31
C ALA F 250 29.39 -5.07 5.10
N GLY F 251 28.91 -4.68 3.91
CA GLY F 251 28.65 -3.27 3.68
C GLY F 251 27.47 -2.74 4.49
N LEU F 252 26.51 -3.63 4.80
CA LEU F 252 25.33 -3.22 5.54
C LEU F 252 25.65 -3.09 7.02
N GLY F 253 26.75 -3.69 7.46
CA GLY F 253 27.09 -3.64 8.86
C GLY F 253 26.34 -4.72 9.64
N LEU F 254 25.89 -5.76 8.93
CA LEU F 254 25.18 -6.85 9.56
C LEU F 254 26.11 -8.03 9.72
N ASP F 255 26.10 -8.62 10.91
CA ASP F 255 26.99 -9.72 11.18
C ASP F 255 26.27 -11.01 10.75
N ALA F 256 26.86 -11.75 9.80
CA ALA F 256 26.30 -13.00 9.34
C ALA F 256 25.76 -13.85 10.50
N ALA F 257 26.37 -13.80 11.69
CA ALA F 257 26.01 -14.69 12.79
C ALA F 257 24.65 -14.34 13.44
N GLU F 258 24.17 -13.10 13.28
CA GLU F 258 22.89 -12.66 13.83
C GLU F 258 21.72 -13.03 12.90
N LEU F 259 22.03 -13.63 11.75
CA LEU F 259 21.10 -13.66 10.65
C LEU F 259 20.67 -15.09 10.37
N PRO F 260 19.45 -15.29 9.85
CA PRO F 260 19.12 -16.56 9.25
C PRO F 260 20.06 -16.87 8.09
N PRO F 261 20.27 -18.16 7.77
CA PRO F 261 21.04 -18.49 6.58
C PRO F 261 20.39 -17.94 5.30
N GLN F 262 21.23 -17.69 4.30
CA GLN F 262 20.79 -17.02 3.08
C GLN F 262 19.69 -17.80 2.37
N ASN F 263 19.78 -19.12 2.38
CA ASN F 263 18.87 -19.94 1.60
C ASN F 263 18.04 -20.83 2.51
N ASP F 264 17.86 -20.44 3.78
CA ASP F 264 16.75 -21.01 4.56
C ASP F 264 15.47 -20.26 4.20
N ARG F 265 14.75 -20.83 3.22
CA ARG F 265 13.53 -20.29 2.68
C ARG F 265 12.52 -20.06 3.79
N ALA F 266 12.46 -20.97 4.77
CA ALA F 266 11.45 -20.87 5.80
C ALA F 266 11.67 -19.60 6.65
N ARG F 267 12.86 -18.99 6.59
CA ARG F 267 13.16 -17.85 7.44
C ARG F 267 13.44 -16.58 6.63
N TRP F 268 13.12 -16.61 5.34
CA TRP F 268 13.19 -15.44 4.48
C TRP F 268 12.36 -14.29 5.07
N PRO F 269 11.22 -14.51 5.74
CA PRO F 269 10.51 -13.39 6.36
C PRO F 269 11.41 -12.61 7.33
N GLU F 270 12.14 -13.32 8.18
CA GLU F 270 13.00 -12.67 9.15
C GLU F 270 14.15 -11.99 8.40
N LEU F 271 14.76 -12.72 7.47
CA LEU F 271 15.89 -12.17 6.73
C LEU F 271 15.46 -10.89 6.00
N ARG F 272 14.32 -10.95 5.33
CA ARG F 272 13.82 -9.81 4.58
C ARG F 272 13.60 -8.62 5.50
N ALA F 273 13.10 -8.86 6.71
CA ALA F 273 12.88 -7.78 7.65
C ALA F 273 14.22 -7.15 8.08
N LEU F 274 15.23 -7.99 8.31
CA LEU F 274 16.54 -7.48 8.68
C LEU F 274 17.15 -6.66 7.56
N LEU F 275 17.09 -7.15 6.31
CA LEU F 275 17.69 -6.42 5.20
C LEU F 275 16.92 -5.13 4.95
N THR F 276 15.59 -5.17 5.10
CA THR F 276 14.72 -4.02 4.86
C THR F 276 15.09 -2.90 5.83
N GLU F 277 15.27 -3.24 7.10
CA GLU F 277 15.59 -2.25 8.13
C GLU F 277 16.98 -1.67 7.84
N ALA F 278 17.90 -2.55 7.46
CA ALA F 278 19.25 -2.12 7.17
C ALA F 278 19.31 -1.12 6.02
N PHE F 279 18.73 -1.48 4.84
CA PHE F 279 18.75 -0.57 3.70
C PHE F 279 17.91 0.70 3.98
N ALA F 280 16.87 0.60 4.82
CA ALA F 280 16.02 1.75 5.08
C ALA F 280 16.73 2.78 5.96
N SER F 281 17.89 2.45 6.52
CA SER F 281 18.52 3.29 7.54
C SER F 281 19.47 4.34 6.94
N HIS F 282 19.69 4.30 5.63
CA HIS F 282 20.44 5.32 4.93
C HIS F 282 19.87 5.52 3.52
N ASP F 283 20.27 6.62 2.87
CA ASP F 283 19.73 6.98 1.57
C ASP F 283 20.51 6.24 0.47
N ARG F 284 19.97 6.31 -0.74
CA ARG F 284 20.48 5.51 -1.85
C ARG F 284 21.91 5.90 -2.21
N ASP F 285 22.14 7.22 -2.26
CA ASP F 285 23.49 7.77 -2.40
C ASP F 285 24.43 7.09 -1.41
N HIS F 286 24.02 6.97 -0.15
CA HIS F 286 24.90 6.35 0.83
C HIS F 286 25.31 4.95 0.36
N TRP F 287 24.35 4.13 -0.09
CA TRP F 287 24.66 2.76 -0.49
C TRP F 287 25.47 2.73 -1.78
N GLY F 288 25.20 3.70 -2.65
CA GLY F 288 26.01 3.88 -3.85
C GLY F 288 27.50 4.02 -3.54
N ALA F 289 27.81 4.72 -2.44
CA ALA F 289 29.18 4.96 -2.02
C ALA F 289 29.77 3.73 -1.31
N VAL F 290 29.00 3.13 -0.41
CA VAL F 290 29.46 1.93 0.27
C VAL F 290 29.78 0.84 -0.76
N PHE F 291 28.92 0.62 -1.77
CA PHE F 291 29.07 -0.61 -2.56
C PHE F 291 29.80 -0.33 -3.86
N ALA F 292 29.79 0.93 -4.31
CA ALA F 292 30.70 1.41 -5.34
C ALA F 292 31.87 0.44 -5.53
N ASN F 293 31.97 -0.11 -6.75
CA ASN F 293 33.13 -0.85 -7.24
C ASN F 293 33.24 -2.21 -6.54
N SER F 294 32.15 -2.79 -6.00
CA SER F 294 32.26 -4.02 -5.23
C SER F 294 31.46 -5.17 -5.84
N ASP F 295 31.77 -6.39 -5.41
CA ASP F 295 31.11 -7.57 -5.91
C ASP F 295 29.86 -7.90 -5.08
N ALA F 296 29.37 -6.91 -4.33
CA ALA F 296 28.21 -7.10 -3.48
C ALA F 296 26.92 -7.21 -4.30
N CYS F 297 26.96 -6.84 -5.59
CA CYS F 297 25.80 -6.88 -6.48
C CYS F 297 24.68 -6.00 -5.95
N VAL F 298 25.05 -4.79 -5.57
CA VAL F 298 24.09 -3.80 -5.11
C VAL F 298 24.26 -2.55 -5.95
N THR F 299 23.16 -2.05 -6.53
CA THR F 299 23.19 -0.94 -7.47
C THR F 299 22.00 -0.05 -7.17
N PRO F 300 22.14 1.27 -7.42
CA PRO F 300 21.01 2.17 -7.30
C PRO F 300 20.05 1.94 -8.45
N VAL F 301 18.77 2.04 -8.15
CA VAL F 301 17.73 1.94 -9.18
C VAL F 301 17.48 3.33 -9.75
N LEU F 302 18.16 3.64 -10.85
CA LEU F 302 18.06 4.96 -11.45
C LEU F 302 16.78 5.05 -12.29
N ALA F 303 16.10 6.20 -12.16
CA ALA F 303 15.08 6.68 -13.08
C ALA F 303 15.75 7.10 -14.38
N PHE F 304 14.97 7.10 -15.48
CA PHE F 304 15.49 7.39 -16.80
C PHE F 304 16.29 8.71 -16.79
N GLY F 305 15.71 9.72 -16.19
CA GLY F 305 16.24 11.08 -16.16
C GLY F 305 17.59 11.19 -15.46
N GLU F 306 18.03 10.16 -14.73
CA GLU F 306 19.28 10.23 -13.99
C GLU F 306 20.36 9.38 -14.68
N VAL F 307 19.98 8.65 -15.72
CA VAL F 307 20.88 7.68 -16.32
C VAL F 307 22.10 8.36 -16.91
N HIS F 308 21.87 9.54 -17.51
CA HIS F 308 22.88 10.30 -18.21
C HIS F 308 24.02 10.71 -17.27
N ASN F 309 23.78 10.74 -15.93
CA ASN F 309 24.81 11.14 -14.97
C ASN F 309 25.56 9.95 -14.37
N GLU F 310 25.49 8.79 -15.02
CA GLU F 310 26.06 7.59 -14.42
C GLU F 310 27.36 7.27 -15.15
N PRO F 311 28.50 7.31 -14.42
CA PRO F 311 29.83 7.19 -15.00
C PRO F 311 30.03 6.03 -15.97
N HIS F 312 29.63 4.81 -15.59
CA HIS F 312 29.80 3.69 -16.50
C HIS F 312 28.99 3.88 -17.79
N ILE F 313 27.84 4.58 -17.67
CA ILE F 313 26.95 4.81 -18.79
C ILE F 313 27.60 5.81 -19.73
N ILE F 314 28.06 6.94 -19.17
CA ILE F 314 28.72 8.00 -19.92
C ILE F 314 29.93 7.46 -20.69
N GLU F 315 30.84 6.73 -20.00
CA GLU F 315 32.13 6.34 -20.57
C GLU F 315 32.01 5.33 -21.71
N ARG F 316 30.96 4.49 -21.68
CA ARG F 316 30.73 3.54 -22.76
C ARG F 316 29.86 4.15 -23.86
N ASN F 317 29.41 5.41 -23.70
CA ASN F 317 28.52 6.02 -24.70
C ASN F 317 27.41 5.04 -25.05
N THR F 318 26.67 4.61 -24.02
CA THR F 318 25.51 3.75 -24.20
C THR F 318 24.38 4.57 -24.82
N PHE F 319 24.34 5.89 -24.53
CA PHE F 319 23.33 6.81 -25.00
C PHE F 319 23.98 7.94 -25.83
N TYR F 320 23.24 8.49 -26.80
CA TYR F 320 23.56 9.75 -27.45
C TYR F 320 22.40 10.73 -27.28
N GLU F 321 22.64 12.02 -27.57
CA GLU F 321 21.68 13.10 -27.38
C GLU F 321 21.02 13.46 -28.72
N ALA F 322 19.73 13.83 -28.70
CA ALA F 322 19.00 14.19 -29.90
C ALA F 322 17.79 15.04 -29.54
N ASN F 323 16.96 15.38 -30.55
CA ASN F 323 15.55 15.69 -30.36
C ASN F 323 15.36 16.34 -28.98
N GLY F 324 14.63 15.66 -28.08
CA GLY F 324 14.26 16.20 -26.77
C GLY F 324 15.10 15.66 -25.62
N GLY F 325 15.81 14.55 -25.85
CA GLY F 325 16.73 14.00 -24.86
C GLY F 325 17.53 12.82 -25.42
N TRP F 326 17.97 11.94 -24.52
CA TRP F 326 18.90 10.85 -24.84
C TRP F 326 18.19 9.68 -25.51
N GLN F 327 18.96 8.88 -26.27
CA GLN F 327 18.43 7.71 -26.95
C GLN F 327 19.53 6.66 -26.95
N PRO F 328 19.16 5.37 -26.91
CA PRO F 328 20.19 4.34 -26.88
C PRO F 328 20.97 4.29 -28.17
N MET F 329 22.29 4.18 -28.05
CA MET F 329 23.16 3.89 -29.17
C MET F 329 22.95 2.45 -29.61
N PRO F 330 23.30 2.09 -30.86
CA PRO F 330 23.15 0.74 -31.35
C PRO F 330 23.81 -0.29 -30.47
N ALA F 331 23.25 -1.49 -30.55
CA ALA F 331 23.79 -2.63 -29.86
C ALA F 331 23.51 -3.84 -30.74
N PRO F 332 24.34 -4.92 -30.70
CA PRO F 332 25.62 -4.91 -29.99
C PRO F 332 26.73 -4.14 -30.70
N ARG F 333 27.97 -4.24 -30.21
CA ARG F 333 29.09 -3.48 -30.76
C ARG F 333 30.01 -4.42 -31.55
N PHE F 334 30.66 -3.81 -32.56
CA PHE F 334 31.50 -4.55 -33.48
C PHE F 334 32.90 -3.92 -33.48
N SER F 335 33.93 -4.77 -33.44
CA SER F 335 35.33 -4.36 -33.46
C SER F 335 35.71 -3.67 -34.78
N ARG F 336 35.34 -4.28 -35.93
CA ARG F 336 35.71 -3.78 -37.25
C ARG F 336 34.66 -2.85 -37.88
N THR F 337 33.44 -3.32 -38.12
CA THR F 337 32.46 -2.49 -38.84
C THR F 337 31.53 -1.83 -37.83
N ALA F 338 32.05 -0.82 -37.11
CA ALA F 338 31.31 -0.25 -36.01
C ALA F 338 30.11 0.52 -36.55
N SER F 339 28.95 0.38 -35.89
CA SER F 339 27.73 1.09 -36.26
C SER F 339 27.99 2.56 -36.04
N SER F 340 27.07 3.45 -36.46
CA SER F 340 27.29 4.87 -36.28
C SER F 340 26.11 5.50 -35.57
N GLN F 341 26.27 6.76 -35.15
CA GLN F 341 25.21 7.48 -34.47
C GLN F 341 24.00 7.46 -35.40
N PRO F 342 22.82 6.97 -34.93
CA PRO F 342 21.60 7.01 -35.73
C PRO F 342 21.27 8.40 -36.26
N ARG F 343 20.82 8.45 -37.53
CA ARG F 343 20.33 9.67 -38.15
C ARG F 343 18.84 9.83 -37.83
N PRO F 344 18.33 11.07 -37.59
CA PRO F 344 16.88 11.26 -37.42
C PRO F 344 16.07 10.72 -38.59
N PRO F 345 14.72 10.70 -38.51
CA PRO F 345 13.92 10.10 -39.57
C PRO F 345 13.89 10.96 -40.84
N ALA F 346 13.98 10.31 -42.01
CA ALA F 346 14.25 10.99 -43.28
C ALA F 346 12.97 11.38 -44.00
N ALA F 347 12.64 12.69 -43.93
CA ALA F 347 11.34 13.26 -44.26
C ALA F 347 10.77 12.66 -45.56
N THR F 348 9.42 12.66 -45.64
CA THR F 348 8.64 11.96 -46.65
C THR F 348 9.21 12.21 -48.05
N ILE F 349 10.16 11.37 -48.46
CA ILE F 349 10.70 11.48 -49.80
C ILE F 349 9.80 10.68 -50.75
N ASP F 350 9.64 11.20 -51.97
CA ASP F 350 8.83 10.56 -53.01
C ASP F 350 9.51 9.25 -53.42
N ILE F 351 8.71 8.26 -53.81
CA ILE F 351 9.15 6.87 -53.88
C ILE F 351 9.81 6.56 -55.22
N GLU F 352 9.57 7.39 -56.25
CA GLU F 352 10.34 7.35 -57.50
C GLU F 352 11.81 7.59 -57.18
N ALA F 353 12.09 8.67 -56.42
CA ALA F 353 13.44 9.09 -56.07
C ALA F 353 14.24 7.95 -55.44
N VAL F 354 13.56 7.00 -54.77
CA VAL F 354 14.20 5.86 -54.13
C VAL F 354 14.51 4.77 -55.17
N LEU F 355 13.57 4.53 -56.09
CA LEU F 355 13.75 3.49 -57.09
C LEU F 355 14.95 3.81 -58.00
N THR F 356 15.21 5.12 -58.24
CA THR F 356 16.37 5.60 -58.98
C THR F 356 17.63 5.10 -58.27
N ASP F 357 17.79 5.61 -57.03
CA ASP F 357 18.95 5.40 -56.17
C ASP F 357 19.36 3.92 -56.16
N TRP F 358 18.38 3.01 -56.16
CA TRP F 358 18.64 1.59 -56.31
C TRP F 358 18.76 1.26 -57.81
N ASP F 359 20.02 1.29 -58.29
CA ASP F 359 20.39 1.16 -59.70
C ASP F 359 19.67 2.23 -60.53
N MET G 1 41.29 -11.97 36.76
CA MET G 1 42.09 -11.44 35.63
C MET G 1 41.61 -12.02 34.29
N ALA G 2 41.32 -11.12 33.33
CA ALA G 2 40.62 -11.51 32.10
C ALA G 2 41.62 -11.96 31.02
N GLY G 3 41.48 -13.22 30.59
CA GLY G 3 42.14 -13.74 29.40
C GLY G 3 42.36 -15.24 29.49
N PRO G 4 42.87 -15.93 28.46
CA PRO G 4 43.14 -17.36 28.55
C PRO G 4 44.38 -17.77 29.32
N LEU G 5 45.21 -16.79 29.72
CA LEU G 5 46.38 -17.10 30.51
C LEU G 5 46.16 -16.56 31.92
N SER G 6 44.88 -16.60 32.36
CA SER G 6 44.51 -16.26 33.72
C SER G 6 45.10 -17.33 34.62
N GLY G 7 45.68 -16.89 35.75
CA GLY G 7 46.37 -17.77 36.69
C GLY G 7 47.75 -18.27 36.21
N LEU G 8 48.31 -17.73 35.12
CA LEU G 8 49.71 -17.97 34.80
C LEU G 8 50.56 -16.87 35.45
N ARG G 9 51.68 -17.29 36.06
CA ARG G 9 52.51 -16.40 36.83
C ARG G 9 53.87 -16.22 36.15
N VAL G 10 54.27 -14.93 36.04
CA VAL G 10 55.41 -14.57 35.20
C VAL G 10 56.35 -13.64 35.96
N VAL G 11 57.63 -14.04 35.95
CA VAL G 11 58.66 -13.13 36.45
C VAL G 11 59.55 -12.71 35.30
N GLU G 12 59.71 -11.39 35.19
CA GLU G 12 60.42 -10.76 34.08
C GLU G 12 61.60 -9.99 34.65
N LEU G 13 62.81 -10.37 34.21
CA LEU G 13 64.01 -9.60 34.52
C LEU G 13 64.16 -8.40 33.57
N ALA G 14 63.98 -7.18 34.09
CA ALA G 14 63.91 -5.99 33.25
C ALA G 14 65.04 -5.91 32.22
N GLY G 15 64.62 -5.80 30.95
CA GLY G 15 65.52 -5.70 29.81
C GLY G 15 64.97 -4.68 28.80
N ILE G 16 65.42 -4.80 27.54
CA ILE G 16 64.91 -3.91 26.52
C ILE G 16 64.50 -4.74 25.31
N GLY G 17 63.46 -4.23 24.61
CA GLY G 17 63.06 -4.83 23.35
C GLY G 17 62.24 -6.08 23.56
N PRO G 18 62.70 -7.25 23.08
CA PRO G 18 61.85 -8.43 23.00
C PRO G 18 61.36 -8.94 24.34
N GLY G 19 62.23 -8.89 25.35
CA GLY G 19 61.88 -9.45 26.64
C GLY G 19 60.62 -8.78 27.14
N PRO G 20 60.64 -7.44 27.34
CA PRO G 20 59.43 -6.74 27.76
C PRO G 20 58.22 -6.94 26.85
N HIS G 21 58.42 -7.25 25.56
CA HIS G 21 57.29 -7.32 24.64
C HIS G 21 56.64 -8.70 24.84
N ALA G 22 57.46 -9.74 24.97
CA ALA G 22 56.95 -11.06 25.29
C ALA G 22 56.15 -11.02 26.60
N ALA G 23 56.60 -10.21 27.56
CA ALA G 23 55.97 -10.17 28.86
C ALA G 23 54.65 -9.42 28.74
N MET G 24 54.67 -8.33 27.97
CA MET G 24 53.46 -7.57 27.65
C MET G 24 52.37 -8.51 27.13
N ILE G 25 52.68 -9.37 26.16
CA ILE G 25 51.66 -10.16 25.48
C ILE G 25 51.08 -11.17 26.47
N LEU G 26 51.96 -11.80 27.26
CA LEU G 26 51.54 -12.72 28.32
C LEU G 26 50.56 -12.04 29.27
N GLY G 27 50.85 -10.84 29.75
CA GLY G 27 49.95 -10.11 30.63
C GLY G 27 48.82 -9.41 29.90
N ASP G 28 48.95 -9.26 28.57
CA ASP G 28 47.86 -8.80 27.73
C ASP G 28 46.70 -9.79 27.86
N LEU G 29 47.07 -11.08 27.84
CA LEU G 29 46.19 -12.24 27.74
C LEU G 29 45.81 -12.81 29.13
N GLY G 30 46.20 -12.13 30.22
CA GLY G 30 45.66 -12.39 31.55
C GLY G 30 46.66 -12.92 32.58
N ALA G 31 47.92 -13.16 32.20
CA ALA G 31 48.95 -13.68 33.11
C ALA G 31 49.33 -12.62 34.14
N ASP G 32 49.78 -13.11 35.31
CA ASP G 32 50.25 -12.24 36.39
C ASP G 32 51.75 -12.03 36.21
N VAL G 33 52.11 -10.76 35.94
CA VAL G 33 53.45 -10.45 35.47
C VAL G 33 54.13 -9.58 36.52
N VAL G 34 55.28 -10.08 36.98
CA VAL G 34 56.09 -9.32 37.91
C VAL G 34 57.40 -8.99 37.23
N ARG G 35 57.64 -7.70 37.07
CA ARG G 35 58.90 -7.25 36.50
C ARG G 35 59.81 -6.74 37.63
N ILE G 36 61.01 -7.34 37.75
CA ILE G 36 62.05 -6.82 38.63
C ILE G 36 62.99 -5.90 37.84
N ASP G 37 62.89 -4.58 38.08
CA ASP G 37 63.86 -3.61 37.61
C ASP G 37 64.79 -3.27 38.77
N ARG G 38 65.97 -2.72 38.46
CA ARG G 38 66.90 -2.27 39.47
C ARG G 38 66.37 -0.95 40.04
N PRO G 39 66.70 -0.63 41.31
CA PRO G 39 66.21 0.60 41.95
C PRO G 39 66.65 1.90 41.29
N SER G 40 67.81 1.87 40.60
CA SER G 40 68.32 3.00 39.82
C SER G 40 67.28 3.58 38.85
N SER G 41 66.23 2.80 38.50
CA SER G 41 65.12 3.28 37.69
C SER G 41 63.78 2.88 38.32
N GLY G 44 60.08 7.61 39.27
CA GLY G 44 58.69 7.95 38.90
C GLY G 44 57.87 6.69 38.59
N ILE G 45 56.66 6.89 38.04
CA ILE G 45 55.81 5.80 37.57
C ILE G 45 56.15 5.57 36.10
N SER G 46 56.30 4.29 35.71
CA SER G 46 57.07 3.92 34.52
C SER G 46 56.22 4.12 33.25
N ARG G 47 56.36 5.30 32.62
CA ARG G 47 55.43 5.77 31.59
C ARG G 47 55.61 5.04 30.26
N ASP G 48 56.48 4.01 30.20
CA ASP G 48 56.50 3.12 29.05
C ASP G 48 55.25 2.24 29.08
N ALA G 49 54.39 2.42 28.07
CA ALA G 49 53.19 1.62 27.99
C ALA G 49 53.50 0.18 27.55
N MET G 50 54.76 -0.12 27.16
CA MET G 50 55.12 -1.52 26.93
C MET G 50 55.12 -2.26 28.27
N LEU G 51 55.17 -1.49 29.37
CA LEU G 51 55.10 -2.04 30.71
C LEU G 51 53.66 -2.01 31.23
N ARG G 52 52.69 -2.21 30.33
CA ARG G 52 51.30 -2.35 30.72
C ARG G 52 51.10 -3.78 31.19
N ASN G 53 50.07 -4.01 32.01
CA ASN G 53 49.70 -5.35 32.46
C ASN G 53 50.80 -6.00 33.29
N ARG G 54 51.34 -5.22 34.24
CA ARG G 54 52.62 -5.48 34.87
C ARG G 54 52.62 -4.99 36.32
N ARG G 55 53.23 -5.76 37.23
CA ARG G 55 53.65 -5.17 38.51
C ARG G 55 55.16 -4.98 38.52
N ILE G 56 55.58 -3.75 38.86
CA ILE G 56 56.98 -3.34 38.89
C ILE G 56 57.54 -3.46 40.32
N VAL G 57 58.57 -4.29 40.52
CA VAL G 57 59.27 -4.37 41.80
C VAL G 57 60.74 -3.98 41.66
N THR G 58 61.24 -3.29 42.70
CA THR G 58 62.64 -2.86 42.83
C THR G 58 63.42 -3.90 43.63
N ALA G 59 64.68 -4.16 43.21
CA ALA G 59 65.55 -5.13 43.86
C ALA G 59 66.93 -5.18 43.20
N ASP G 60 67.91 -4.51 43.82
CA ASP G 60 69.32 -4.73 43.51
C ASP G 60 69.64 -6.22 43.66
N LEU G 61 69.91 -6.88 42.52
CA LEU G 61 70.05 -8.33 42.44
C LEU G 61 71.46 -8.78 42.78
N LYS G 62 72.36 -7.80 42.94
CA LYS G 62 73.75 -8.07 43.27
C LYS G 62 73.87 -8.32 44.77
N SER G 63 73.06 -7.55 45.55
CA SER G 63 72.93 -7.71 47.00
C SER G 63 72.23 -9.02 47.35
N ASP G 64 72.43 -9.48 48.59
CA ASP G 64 71.99 -10.80 49.01
C ASP G 64 70.50 -10.77 49.32
N GLN G 65 70.05 -9.59 49.78
CA GLN G 65 68.66 -9.28 50.08
C GLN G 65 67.83 -9.31 48.80
N GLY G 66 68.37 -8.72 47.72
CA GLY G 66 67.79 -8.81 46.39
C GLY G 66 67.68 -10.24 45.88
N LEU G 67 68.78 -11.01 45.89
CA LEU G 67 68.81 -12.32 45.27
C LEU G 67 67.82 -13.27 45.96
N GLU G 68 67.59 -13.09 47.26
CA GLU G 68 66.76 -14.04 47.98
C GLU G 68 65.28 -13.75 47.73
N LEU G 69 64.89 -12.47 47.81
CA LEU G 69 63.54 -12.02 47.50
C LEU G 69 63.11 -12.46 46.08
N ALA G 70 64.07 -12.44 45.14
CA ALA G 70 63.80 -12.75 43.74
C ALA G 70 63.83 -14.26 43.49
N LEU G 71 64.57 -15.00 44.30
CA LEU G 71 64.54 -16.45 44.20
C LEU G 71 63.23 -16.98 44.78
N LYS G 72 62.54 -16.16 45.60
CA LYS G 72 61.30 -16.58 46.23
C LYS G 72 60.08 -15.98 45.53
N LEU G 73 60.28 -15.01 44.61
CA LEU G 73 59.29 -14.76 43.58
C LEU G 73 59.29 -15.91 42.60
N ILE G 74 60.49 -16.33 42.14
CA ILE G 74 60.61 -17.38 41.13
C ILE G 74 60.11 -18.71 41.66
N ALA G 75 60.08 -18.85 43.00
CA ALA G 75 59.70 -20.10 43.63
C ALA G 75 58.21 -20.38 43.41
N LYS G 76 57.39 -19.32 43.49
CA LYS G 76 55.94 -19.38 43.39
C LYS G 76 55.50 -18.90 42.00
N ALA G 77 56.19 -19.35 40.94
CA ALA G 77 55.96 -18.83 39.61
C ALA G 77 56.17 -19.90 38.54
N ASP G 78 55.59 -19.62 37.35
CA ASP G 78 55.51 -20.55 36.23
C ASP G 78 56.60 -20.29 35.19
N VAL G 79 56.87 -19.00 34.97
CA VAL G 79 57.74 -18.57 33.89
C VAL G 79 58.71 -17.47 34.36
N LEU G 80 59.96 -17.66 33.94
CA LEU G 80 60.96 -16.62 34.09
C LEU G 80 61.50 -16.16 32.72
N ILE G 81 61.55 -14.84 32.58
CA ILE G 81 62.03 -14.25 31.34
C ILE G 81 63.25 -13.41 31.66
N GLU G 82 64.35 -13.68 30.94
CA GLU G 82 65.52 -12.80 30.99
C GLU G 82 66.07 -12.55 29.60
N GLY G 83 66.41 -11.26 29.35
CA GLY G 83 67.01 -10.87 28.08
C GLY G 83 68.39 -10.20 28.22
N TYR G 84 69.24 -10.74 29.10
CA TYR G 84 70.62 -10.27 29.25
C TYR G 84 71.55 -11.13 28.42
N ARG G 85 72.78 -10.65 28.25
CA ARG G 85 73.80 -11.44 27.57
C ARG G 85 73.96 -12.75 28.31
N PRO G 86 74.39 -13.83 27.65
CA PRO G 86 74.53 -15.10 28.34
C PRO G 86 75.60 -15.07 29.44
N GLY G 87 75.33 -15.72 30.58
CA GLY G 87 76.23 -15.80 31.72
C GLY G 87 75.71 -14.88 32.82
N VAL G 88 74.98 -13.84 32.42
CA VAL G 88 74.66 -12.79 33.37
C VAL G 88 73.85 -13.35 34.54
N THR G 89 72.83 -14.18 34.24
CA THR G 89 71.90 -14.60 35.27
C THR G 89 72.57 -15.61 36.22
N GLU G 90 73.41 -16.51 35.68
CA GLU G 90 74.25 -17.41 36.44
C GLU G 90 74.99 -16.63 37.54
N ARG G 91 75.84 -15.71 37.10
CA ARG G 91 76.71 -14.95 37.98
C ARG G 91 75.89 -14.11 38.95
N LEU G 92 74.64 -13.84 38.61
CA LEU G 92 73.82 -13.04 39.50
C LEU G 92 73.32 -13.90 40.68
N GLY G 93 73.24 -15.22 40.48
CA GLY G 93 72.58 -16.12 41.43
C GLY G 93 71.28 -16.75 40.91
N LEU G 94 70.79 -16.25 39.74
CA LEU G 94 69.45 -16.50 39.22
C LEU G 94 69.51 -17.33 37.93
N GLY G 95 70.55 -18.15 37.73
CA GLY G 95 70.69 -18.89 36.49
C GLY G 95 69.68 -20.03 36.41
N PRO G 96 69.69 -20.90 35.36
CA PRO G 96 68.75 -21.99 35.28
C PRO G 96 68.90 -23.04 36.41
N GLU G 97 70.15 -23.47 36.68
CA GLU G 97 70.42 -24.50 37.69
C GLU G 97 69.85 -24.08 39.04
N GLU G 98 70.19 -22.85 39.48
CA GLU G 98 69.75 -22.29 40.75
C GLU G 98 68.25 -22.03 40.77
N CYS G 99 67.62 -22.02 39.58
CA CYS G 99 66.17 -21.91 39.49
C CYS G 99 65.57 -23.33 39.57
N ALA G 100 66.16 -24.31 38.86
CA ALA G 100 65.77 -25.72 39.00
C ALA G 100 66.16 -26.26 40.38
N LYS G 101 65.60 -25.67 41.43
CA LYS G 101 65.97 -25.95 42.81
C LYS G 101 64.92 -25.37 43.74
N VAL G 102 64.57 -24.09 43.54
CA VAL G 102 63.45 -23.51 44.28
C VAL G 102 62.14 -23.73 43.51
N ASN G 103 62.16 -24.48 42.39
CA ASN G 103 60.99 -24.56 41.51
C ASN G 103 61.37 -25.21 40.17
N ASP G 104 61.47 -26.55 40.11
CA ASP G 104 61.79 -27.22 38.85
C ASP G 104 60.55 -27.42 37.96
N ARG G 105 59.44 -26.72 38.30
CA ARG G 105 58.32 -26.54 37.39
C ARG G 105 58.62 -25.45 36.37
N LEU G 106 59.69 -24.67 36.59
CA LEU G 106 59.87 -23.36 35.99
C LEU G 106 60.24 -23.48 34.51
N ILE G 107 59.51 -22.68 33.72
CA ILE G 107 59.85 -22.37 32.35
C ILE G 107 60.81 -21.17 32.34
N TYR G 108 62.06 -21.48 31.94
CA TYR G 108 63.17 -20.56 32.03
C TYR G 108 63.44 -20.01 30.63
N ALA G 109 63.01 -18.75 30.44
CA ALA G 109 62.90 -18.28 29.06
C ALA G 109 64.03 -17.31 28.74
N ARG G 110 64.95 -17.73 27.85
CA ARG G 110 66.15 -16.96 27.53
C ARG G 110 66.06 -16.28 26.16
N MET G 111 65.98 -14.94 26.20
CA MET G 111 65.78 -14.08 25.04
C MET G 111 67.06 -13.33 24.67
N THR G 112 67.76 -13.76 23.62
CA THR G 112 68.94 -13.06 23.14
C THR G 112 68.84 -12.84 21.64
N GLY G 113 69.88 -12.23 21.09
CA GLY G 113 69.99 -12.00 19.66
C GLY G 113 70.78 -13.12 19.01
N TRP G 114 71.96 -13.38 19.56
CA TRP G 114 72.91 -14.24 18.90
C TRP G 114 72.77 -15.66 19.42
N GLY G 115 72.03 -15.84 20.52
CA GLY G 115 71.93 -17.14 21.17
C GLY G 115 72.87 -17.32 22.36
N GLN G 116 72.96 -18.56 22.87
CA GLN G 116 73.55 -18.79 24.18
C GLN G 116 75.04 -19.13 24.02
N THR G 117 75.47 -19.59 22.82
CA THR G 117 76.87 -19.91 22.54
C THR G 117 77.28 -19.47 21.14
N GLY G 118 78.59 -19.55 20.86
CA GLY G 118 79.16 -19.35 19.53
C GLY G 118 79.87 -18.01 19.50
N PRO G 119 80.59 -17.70 18.39
CA PRO G 119 81.53 -16.58 18.35
C PRO G 119 80.95 -15.19 18.61
N ARG G 120 79.63 -15.01 18.42
CA ARG G 120 79.07 -13.67 18.50
C ARG G 120 78.29 -13.57 19.79
N SER G 121 78.29 -14.63 20.60
CA SER G 121 77.38 -14.73 21.72
C SER G 121 77.57 -13.64 22.79
N GLN G 122 78.77 -13.01 22.85
CA GLN G 122 78.99 -11.91 23.80
C GLN G 122 79.00 -10.54 23.13
N GLN G 123 78.82 -10.46 21.80
CA GLN G 123 78.73 -9.16 21.16
C GLN G 123 77.42 -8.46 21.50
N ALA G 124 77.53 -7.19 21.91
CA ALA G 124 76.42 -6.26 21.93
C ALA G 124 75.81 -6.19 20.54
N GLY G 125 74.49 -5.98 20.49
CA GLY G 125 73.79 -5.92 19.22
C GLY G 125 72.37 -5.38 19.40
N HIS G 126 71.78 -4.97 18.30
CA HIS G 126 70.36 -4.70 18.26
C HIS G 126 69.75 -5.36 17.01
N ASP G 127 68.44 -5.12 16.80
CA ASP G 127 67.68 -5.71 15.72
C ASP G 127 68.48 -5.68 14.42
N ILE G 128 68.88 -4.47 14.00
CA ILE G 128 69.53 -4.27 12.72
C ILE G 128 70.71 -5.25 12.51
N ASN G 129 71.45 -5.51 13.59
CA ASN G 129 72.60 -6.39 13.50
C ASN G 129 72.19 -7.85 13.29
N TYR G 130 71.20 -8.29 14.06
CA TYR G 130 70.77 -9.69 14.03
C TYR G 130 70.20 -10.04 12.66
N ILE G 131 69.43 -9.12 12.05
CA ILE G 131 68.89 -9.39 10.73
C ILE G 131 69.92 -9.12 9.63
N SER G 132 71.04 -8.44 9.92
CA SER G 132 72.04 -8.23 8.88
C SER G 132 72.70 -9.55 8.50
N LEU G 133 72.78 -10.48 9.47
CA LEU G 133 73.64 -11.64 9.35
C LEU G 133 72.94 -12.82 8.68
N ASN G 134 71.60 -12.83 8.65
CA ASN G 134 70.86 -14.00 8.18
C ASN G 134 70.13 -13.71 6.86
N GLY G 135 70.52 -12.63 6.17
CA GLY G 135 70.06 -12.38 4.81
C GLY G 135 68.88 -11.38 4.74
N ILE G 136 68.21 -11.15 5.86
CA ILE G 136 66.95 -10.42 5.84
C ILE G 136 67.13 -8.94 5.51
N LEU G 137 68.11 -8.28 6.15
CA LEU G 137 68.26 -6.84 6.00
C LEU G 137 68.61 -6.54 4.56
N HIS G 138 69.43 -7.41 3.98
CA HIS G 138 69.90 -7.23 2.61
C HIS G 138 68.73 -7.20 1.60
N ALA G 139 67.61 -7.84 1.95
CA ALA G 139 66.51 -8.05 1.04
C ALA G 139 65.52 -6.89 1.08
N ILE G 140 65.70 -5.90 1.96
CA ILE G 140 64.72 -4.86 2.22
C ILE G 140 65.17 -3.52 1.61
N GLY G 141 64.28 -2.84 0.88
CA GLY G 141 64.54 -1.52 0.34
C GLY G 141 64.60 -1.57 -1.18
N ARG G 142 64.85 -0.42 -1.79
CA ARG G 142 64.97 -0.30 -3.23
C ARG G 142 66.31 -0.86 -3.69
N GLY G 143 66.40 -1.25 -4.98
CA GLY G 143 67.60 -1.86 -5.53
C GLY G 143 68.73 -0.85 -5.75
N ASP G 144 68.35 0.40 -6.04
CA ASP G 144 69.33 1.43 -6.40
C ASP G 144 69.95 2.05 -5.13
N GLU G 145 69.74 1.43 -3.94
CA GLU G 145 69.89 2.13 -2.67
C GLU G 145 70.33 1.13 -1.60
N ARG G 146 70.85 1.66 -0.50
CA ARG G 146 71.32 0.78 0.55
C ARG G 146 70.13 0.24 1.34
N PRO G 147 70.26 -0.98 1.95
CA PRO G 147 69.16 -1.62 2.64
C PRO G 147 68.57 -0.73 3.73
N VAL G 148 67.27 -0.86 3.95
CA VAL G 148 66.60 -0.03 4.93
C VAL G 148 66.09 -0.94 6.06
N PRO G 149 66.31 -0.54 7.31
CA PRO G 149 65.76 -1.27 8.42
C PRO G 149 64.24 -1.19 8.51
N PRO G 150 63.56 -2.36 8.56
CA PRO G 150 62.14 -2.41 8.82
C PRO G 150 61.80 -2.16 10.30
N LEU G 151 62.12 -0.95 10.77
CA LEU G 151 62.10 -0.59 12.18
C LEU G 151 62.78 -1.69 12.97
N ASN G 152 62.28 -2.01 14.16
CA ASN G 152 62.76 -3.21 14.84
C ASN G 152 61.67 -4.29 14.92
N LEU G 153 60.92 -4.46 13.83
CA LEU G 153 59.76 -5.33 13.81
C LEU G 153 60.14 -6.77 13.56
N VAL G 154 61.22 -7.01 12.79
CA VAL G 154 61.55 -8.34 12.35
C VAL G 154 62.44 -9.08 13.36
N GLY G 155 63.46 -8.41 13.91
CA GLY G 155 64.42 -9.04 14.83
C GLY G 155 63.92 -9.06 16.27
N ASP G 156 63.53 -7.89 16.80
CA ASP G 156 63.05 -7.78 18.16
C ASP G 156 61.71 -8.49 18.37
N PHE G 157 60.70 -8.22 17.52
CA PHE G 157 59.34 -8.67 17.83
C PHE G 157 58.97 -9.91 17.01
N GLY G 158 58.85 -9.77 15.70
CA GLY G 158 58.53 -10.89 14.83
C GLY G 158 59.39 -12.12 15.04
N GLY G 159 60.71 -11.94 15.12
CA GLY G 159 61.63 -13.07 15.21
C GLY G 159 62.21 -13.18 16.61
N GLY G 160 61.65 -12.40 17.54
CA GLY G 160 62.17 -12.28 18.88
C GLY G 160 61.14 -12.62 19.94
N SER G 161 60.42 -11.61 20.41
CA SER G 161 59.38 -11.82 21.38
C SER G 161 58.46 -12.95 20.91
N MET G 162 58.06 -12.96 19.65
CA MET G 162 57.01 -13.89 19.23
C MET G 162 57.52 -15.33 19.31
N PHE G 163 58.79 -15.59 19.00
CA PHE G 163 59.32 -16.93 19.12
C PHE G 163 59.57 -17.30 20.59
N LEU G 164 59.83 -16.32 21.45
CA LEU G 164 59.96 -16.60 22.87
C LEU G 164 58.62 -17.12 23.35
N LEU G 165 57.57 -16.36 23.04
CA LEU G 165 56.21 -16.66 23.44
C LEU G 165 55.84 -18.08 22.98
N VAL G 166 56.09 -18.38 21.71
CA VAL G 166 55.81 -19.70 21.20
C VAL G 166 56.46 -20.73 22.13
N GLY G 167 57.75 -20.50 22.40
CA GLY G 167 58.57 -21.45 23.15
C GLY G 167 58.02 -21.61 24.56
N ILE G 168 57.73 -20.50 25.23
CA ILE G 168 57.19 -20.51 26.57
C ILE G 168 55.90 -21.31 26.57
N LEU G 169 55.06 -21.06 25.56
CA LEU G 169 53.72 -21.64 25.57
C LEU G 169 53.81 -23.11 25.16
N ALA G 170 54.70 -23.47 24.23
CA ALA G 170 54.87 -24.87 23.82
C ALA G 170 55.45 -25.71 24.96
N ALA G 171 56.18 -25.04 25.86
CA ALA G 171 56.87 -25.72 26.95
C ALA G 171 55.89 -25.95 28.08
N LEU G 172 55.01 -24.96 28.30
CA LEU G 172 53.90 -25.05 29.24
C LEU G 172 52.96 -26.19 28.86
N TRP G 173 52.91 -26.53 27.57
CA TRP G 173 52.11 -27.65 27.12
C TRP G 173 52.82 -28.94 27.50
N GLU G 174 54.11 -29.02 27.16
CA GLU G 174 54.92 -30.19 27.49
C GLU G 174 54.84 -30.48 28.99
N ARG G 175 54.79 -29.42 29.82
CA ARG G 175 54.69 -29.48 31.28
C ARG G 175 53.31 -29.96 31.72
N GLN G 176 52.64 -30.80 30.91
CA GLN G 176 51.42 -31.47 31.33
C GLN G 176 51.69 -32.98 31.32
N SER G 177 52.42 -33.48 30.30
CA SER G 177 53.00 -34.82 30.33
C SER G 177 53.85 -35.05 31.57
N SER G 178 54.77 -34.11 31.85
CA SER G 178 56.00 -34.43 32.58
C SER G 178 56.12 -33.71 33.92
N GLY G 179 55.35 -32.63 34.16
CA GLY G 179 55.38 -31.94 35.44
C GLY G 179 56.64 -31.09 35.65
N LYS G 180 57.55 -31.14 34.66
CA LYS G 180 58.88 -30.54 34.69
C LYS G 180 58.95 -29.29 33.81
N GLY G 181 59.42 -28.17 34.39
CA GLY G 181 59.85 -27.00 33.64
C GLY G 181 60.97 -27.35 32.65
N GLN G 182 61.60 -26.33 32.05
CA GLN G 182 62.73 -26.49 31.14
C GLN G 182 63.18 -25.12 30.59
N VAL G 183 64.24 -25.16 29.76
CA VAL G 183 64.90 -23.97 29.24
C VAL G 183 64.58 -23.80 27.76
N VAL G 184 64.07 -22.61 27.45
CA VAL G 184 63.84 -22.14 26.09
C VAL G 184 64.92 -21.14 25.70
N ASP G 185 65.73 -21.51 24.69
CA ASP G 185 66.68 -20.61 24.06
C ASP G 185 66.07 -19.96 22.81
N ALA G 186 65.57 -18.72 22.94
CA ALA G 186 65.11 -17.90 21.81
C ALA G 186 66.18 -16.95 21.31
N ALA G 187 66.71 -17.21 20.12
CA ALA G 187 67.66 -16.29 19.53
C ALA G 187 67.07 -15.57 18.31
N MET G 188 67.13 -14.24 18.31
CA MET G 188 66.58 -13.42 17.23
C MET G 188 67.07 -13.83 15.86
N VAL G 189 68.35 -14.22 15.73
CA VAL G 189 68.88 -14.61 14.43
C VAL G 189 68.24 -15.94 13.96
N ASP G 190 67.68 -16.70 14.92
CA ASP G 190 67.04 -17.98 14.62
C ASP G 190 65.56 -17.71 14.29
N GLY G 191 64.87 -17.09 15.24
CA GLY G 191 63.47 -16.70 15.08
C GLY G 191 63.26 -16.05 13.72
N SER G 192 64.03 -14.97 13.45
CA SER G 192 63.82 -14.18 12.25
C SER G 192 64.14 -15.02 11.00
N SER G 193 65.02 -16.01 11.09
CA SER G 193 65.28 -16.88 9.94
C SER G 193 64.05 -17.77 9.65
N VAL G 194 63.34 -18.21 10.70
CA VAL G 194 62.16 -19.05 10.52
C VAL G 194 61.03 -18.17 10.01
N LEU G 195 61.02 -16.92 10.45
CA LEU G 195 60.02 -15.95 10.06
C LEU G 195 60.03 -15.75 8.53
N ILE G 196 61.20 -15.84 7.89
CA ILE G 196 61.33 -15.57 6.47
C ILE G 196 61.52 -16.87 5.69
N GLN G 197 61.02 -17.98 6.25
CA GLN G 197 61.13 -19.29 5.62
C GLN G 197 60.55 -19.30 4.20
N MET G 198 59.46 -18.56 3.96
CA MET G 198 58.92 -18.49 2.61
C MET G 198 60.00 -18.06 1.62
N MET G 199 60.82 -17.05 1.96
CA MET G 199 61.80 -16.63 0.97
C MET G 199 62.82 -17.74 0.74
N TRP G 200 63.22 -18.42 1.83
CA TRP G 200 64.15 -19.54 1.73
C TRP G 200 63.53 -20.63 0.83
N ALA G 201 62.24 -20.93 1.01
CA ALA G 201 61.52 -21.88 0.16
C ALA G 201 61.49 -21.44 -1.31
N MET G 202 61.08 -20.19 -1.55
CA MET G 202 60.99 -19.69 -2.92
C MET G 202 62.38 -19.61 -3.56
N ARG G 203 63.40 -19.36 -2.74
CA ARG G 203 64.77 -19.28 -3.22
C ARG G 203 65.25 -20.59 -3.85
N ALA G 204 64.92 -21.71 -3.18
CA ALA G 204 65.28 -23.05 -3.63
C ALA G 204 64.65 -23.37 -5.00
N THR G 205 63.43 -22.88 -5.25
CA THR G 205 62.68 -23.23 -6.45
C THR G 205 62.81 -22.16 -7.55
N GLY G 206 63.75 -21.20 -7.38
CA GLY G 206 64.03 -20.20 -8.42
C GLY G 206 63.00 -19.07 -8.48
N MET G 207 62.16 -18.92 -7.46
CA MET G 207 61.15 -17.86 -7.48
C MET G 207 61.57 -16.64 -6.63
N TRP G 208 62.84 -16.58 -6.19
CA TRP G 208 63.30 -15.43 -5.43
C TRP G 208 64.80 -15.30 -5.66
N THR G 209 65.28 -14.07 -5.93
CA THR G 209 66.70 -13.83 -6.10
C THR G 209 67.21 -12.87 -5.03
N ASP G 210 68.54 -12.84 -4.89
CA ASP G 210 69.22 -12.06 -3.87
C ASP G 210 69.33 -10.58 -4.28
N THR G 211 69.05 -10.25 -5.53
CA THR G 211 68.95 -8.85 -5.95
C THR G 211 67.80 -8.15 -5.23
N ARG G 212 68.16 -7.08 -4.54
CA ARG G 212 67.21 -6.26 -3.81
C ARG G 212 66.33 -5.51 -4.82
N GLY G 213 65.02 -5.51 -4.52
CA GLY G 213 64.05 -4.78 -5.31
C GLY G 213 63.66 -5.46 -6.61
N ALA G 214 63.90 -6.77 -6.77
CA ALA G 214 63.64 -7.44 -8.05
C ALA G 214 62.77 -8.68 -7.86
N ASN G 215 61.94 -8.72 -6.83
CA ASN G 215 61.18 -9.88 -6.47
C ASN G 215 59.69 -9.50 -6.42
N MET G 216 58.85 -10.51 -6.19
CA MET G 216 57.41 -10.29 -6.27
C MET G 216 56.92 -9.51 -5.05
N LEU G 217 57.57 -9.71 -3.89
CA LEU G 217 57.05 -9.18 -2.63
C LEU G 217 57.95 -8.10 -1.99
N ASP G 218 59.01 -7.63 -2.67
CA ASP G 218 59.95 -6.67 -2.09
C ASP G 218 59.81 -5.28 -2.70
N GLY G 219 58.83 -5.11 -3.59
CA GLY G 219 58.58 -3.83 -4.23
C GLY G 219 59.01 -3.85 -5.68
N GLY G 220 59.60 -4.94 -6.14
CA GLY G 220 60.04 -5.02 -7.52
C GLY G 220 58.87 -5.22 -8.50
N ALA G 221 57.73 -5.76 -8.01
CA ALA G 221 56.57 -6.00 -8.86
C ALA G 221 55.67 -4.77 -8.87
N PRO G 222 55.27 -4.25 -10.07
CA PRO G 222 54.44 -3.06 -10.12
C PRO G 222 53.09 -3.21 -9.47
N TYR G 223 52.61 -4.45 -9.36
CA TYR G 223 51.32 -4.71 -8.76
C TYR G 223 51.45 -4.97 -7.26
N TYR G 224 52.67 -4.90 -6.69
CA TYR G 224 52.85 -5.12 -5.25
C TYR G 224 53.86 -4.09 -4.75
N ASP G 225 53.37 -2.86 -4.51
CA ASP G 225 54.23 -1.74 -4.16
C ASP G 225 53.34 -0.56 -3.77
N THR G 226 53.95 0.53 -3.30
CA THR G 226 53.21 1.74 -2.99
C THR G 226 53.35 2.70 -4.18
N TYR G 227 52.45 3.67 -4.22
CA TYR G 227 52.45 4.63 -5.31
C TYR G 227 52.16 6.01 -4.72
N GLU G 228 52.89 7.01 -5.22
CA GLU G 228 52.59 8.38 -4.85
C GLU G 228 51.38 8.88 -5.62
N CYS G 229 50.49 9.57 -4.89
CA CYS G 229 49.29 10.20 -5.42
C CYS G 229 49.53 11.69 -5.69
N ALA G 230 48.49 12.40 -6.16
CA ALA G 230 48.61 13.79 -6.61
C ALA G 230 48.94 14.74 -5.46
N ASP G 231 48.50 14.36 -4.25
CA ASP G 231 48.63 15.17 -3.04
C ASP G 231 49.91 14.85 -2.27
N GLY G 232 50.75 13.93 -2.77
CA GLY G 232 51.99 13.58 -2.08
C GLY G 232 51.79 12.47 -1.03
N ARG G 233 50.57 11.95 -0.87
CA ARG G 233 50.35 10.80 -0.01
C ARG G 233 50.39 9.53 -0.88
N TYR G 234 50.18 8.35 -0.28
CA TYR G 234 50.51 7.08 -0.92
C TYR G 234 49.35 6.10 -0.82
N VAL G 235 49.23 5.23 -1.83
CA VAL G 235 48.39 4.06 -1.75
C VAL G 235 49.30 2.84 -1.83
N ALA G 236 48.79 1.71 -1.32
CA ALA G 236 49.46 0.44 -1.47
C ALA G 236 48.64 -0.37 -2.44
N VAL G 237 49.32 -1.04 -3.35
CA VAL G 237 48.71 -1.96 -4.29
C VAL G 237 49.25 -3.34 -3.97
N GLY G 238 48.35 -4.32 -3.81
CA GLY G 238 48.74 -5.71 -3.63
C GLY G 238 48.03 -6.68 -4.54
N ALA G 239 47.84 -6.28 -5.78
CA ALA G 239 46.95 -6.98 -6.69
C ALA G 239 47.69 -8.10 -7.40
N ILE G 240 47.98 -9.19 -6.67
CA ILE G 240 48.79 -10.28 -7.20
C ILE G 240 47.92 -11.14 -8.12
N GLU G 241 46.77 -11.57 -7.60
CA GLU G 241 45.87 -12.42 -8.38
C GLU G 241 45.35 -11.61 -9.58
N PRO G 242 45.33 -12.23 -10.77
CA PRO G 242 44.97 -11.50 -11.99
C PRO G 242 43.59 -10.85 -11.95
N GLN G 243 42.65 -11.51 -11.26
CA GLN G 243 41.28 -11.03 -11.16
C GLN G 243 41.25 -9.77 -10.30
N PHE G 244 42.16 -9.67 -9.32
CA PHE G 244 42.23 -8.49 -8.49
C PHE G 244 42.95 -7.39 -9.26
N TYR G 245 44.02 -7.77 -9.97
CA TYR G 245 44.72 -6.82 -10.82
C TYR G 245 43.74 -6.22 -11.83
N ALA G 246 42.89 -7.04 -12.45
CA ALA G 246 41.93 -6.54 -13.42
C ALA G 246 41.00 -5.51 -12.79
N ALA G 247 40.49 -5.81 -11.59
CA ALA G 247 39.65 -4.85 -10.87
C ALA G 247 40.41 -3.55 -10.63
N MET G 248 41.73 -3.67 -10.40
CA MET G 248 42.53 -2.50 -10.11
C MET G 248 42.61 -1.62 -11.37
N LEU G 249 42.90 -2.21 -12.53
CA LEU G 249 42.94 -1.48 -13.79
C LEU G 249 41.63 -0.74 -14.08
N ALA G 250 40.50 -1.40 -13.77
CA ALA G 250 39.20 -0.86 -14.10
C ALA G 250 38.92 0.40 -13.29
N GLY G 251 39.32 0.38 -12.01
CA GLY G 251 39.22 1.59 -11.21
C GLY G 251 40.15 2.71 -11.64
N LEU G 252 41.33 2.36 -12.21
CA LEU G 252 42.31 3.36 -12.65
C LEU G 252 41.88 3.99 -13.97
N GLY G 253 40.92 3.34 -14.63
CA GLY G 253 40.48 3.77 -15.94
C GLY G 253 41.51 3.39 -17.00
N LEU G 254 42.29 2.33 -16.74
CA LEU G 254 43.24 1.86 -17.75
C LEU G 254 42.65 0.69 -18.51
N ASP G 255 42.83 0.70 -19.83
CA ASP G 255 42.33 -0.39 -20.63
C ASP G 255 43.46 -1.40 -20.77
N ALA G 256 43.19 -2.66 -20.37
CA ALA G 256 44.18 -3.74 -20.29
C ALA G 256 44.82 -4.08 -21.65
N ALA G 257 44.11 -3.83 -22.75
CA ALA G 257 44.67 -4.05 -24.09
C ALA G 257 45.85 -3.11 -24.35
N GLU G 258 45.88 -1.90 -23.75
CA GLU G 258 46.93 -0.91 -24.00
C GLU G 258 48.16 -1.11 -23.11
N LEU G 259 48.20 -2.15 -22.25
CA LEU G 259 49.23 -2.31 -21.22
C LEU G 259 50.05 -3.56 -21.50
N PRO G 260 51.32 -3.63 -21.06
CA PRO G 260 52.02 -4.90 -21.07
C PRO G 260 51.31 -5.92 -20.17
N PRO G 261 51.53 -7.24 -20.35
CA PRO G 261 50.99 -8.23 -19.41
C PRO G 261 51.52 -8.06 -17.98
N GLN G 262 50.67 -8.42 -17.03
CA GLN G 262 50.94 -8.21 -15.61
C GLN G 262 52.28 -8.82 -15.24
N ASN G 263 52.56 -10.04 -15.73
CA ASN G 263 53.75 -10.78 -15.32
C ASN G 263 54.76 -10.98 -16.45
N ASP G 264 54.76 -10.11 -17.47
CA ASP G 264 55.94 -9.96 -18.33
C ASP G 264 56.98 -9.10 -17.60
N ARG G 265 57.91 -9.72 -16.86
CA ARG G 265 58.86 -9.01 -16.02
C ARG G 265 59.73 -8.06 -16.85
N ALA G 266 59.97 -8.42 -18.11
CA ALA G 266 60.81 -7.61 -18.98
C ALA G 266 60.14 -6.30 -19.35
N ARG G 267 58.82 -6.19 -19.15
CA ARG G 267 58.11 -4.97 -19.51
C ARG G 267 57.60 -4.24 -18.26
N TRP G 268 58.08 -4.65 -17.09
CA TRP G 268 57.70 -4.02 -15.83
C TRP G 268 58.06 -2.53 -15.80
N PRO G 269 59.20 -2.08 -16.39
CA PRO G 269 59.49 -0.66 -16.50
C PRO G 269 58.37 0.16 -17.12
N GLU G 270 57.89 -0.31 -18.26
CA GLU G 270 56.78 0.38 -18.88
C GLU G 270 55.55 0.28 -17.99
N LEU G 271 55.27 -0.92 -17.44
CA LEU G 271 54.06 -1.13 -16.66
C LEU G 271 54.09 -0.19 -15.45
N ARG G 272 55.23 -0.15 -14.75
CA ARG G 272 55.38 0.76 -13.62
C ARG G 272 55.14 2.21 -14.07
N ALA G 273 55.67 2.61 -15.23
CA ALA G 273 55.49 4.01 -15.64
C ALA G 273 54.01 4.32 -15.84
N LEU G 274 53.22 3.36 -16.35
CA LEU G 274 51.82 3.57 -16.63
C LEU G 274 51.03 3.67 -15.33
N LEU G 275 51.31 2.77 -14.39
CA LEU G 275 50.59 2.79 -13.13
C LEU G 275 50.97 4.03 -12.35
N THR G 276 52.24 4.46 -12.44
CA THR G 276 52.73 5.61 -11.69
C THR G 276 51.93 6.85 -12.07
N GLU G 277 51.76 7.06 -13.40
CA GLU G 277 51.03 8.18 -13.96
C GLU G 277 49.56 8.11 -13.58
N ALA G 278 48.98 6.91 -13.66
CA ALA G 278 47.59 6.77 -13.27
C ALA G 278 47.42 7.19 -11.81
N PHE G 279 48.19 6.60 -10.89
CA PHE G 279 47.95 6.89 -9.49
C PHE G 279 48.31 8.34 -9.19
N ALA G 280 49.29 8.90 -9.90
CA ALA G 280 49.72 10.27 -9.61
C ALA G 280 48.70 11.29 -10.10
N SER G 281 47.62 10.85 -10.75
CA SER G 281 46.71 11.78 -11.43
C SER G 281 45.60 12.25 -10.49
N HIS G 282 45.33 11.49 -9.43
CA HIS G 282 44.36 11.90 -8.43
C HIS G 282 44.95 11.76 -7.02
N ASP G 283 44.28 12.33 -6.01
CA ASP G 283 44.73 12.30 -4.63
C ASP G 283 44.34 10.97 -3.97
N ARG G 284 44.90 10.74 -2.78
CA ARG G 284 44.77 9.46 -2.12
C ARG G 284 43.31 9.20 -1.74
N ASP G 285 42.59 10.26 -1.33
CA ASP G 285 41.17 10.13 -0.99
C ASP G 285 40.35 9.69 -2.20
N HIS G 286 40.73 10.18 -3.40
CA HIS G 286 40.03 9.82 -4.63
C HIS G 286 40.13 8.30 -4.78
N TRP G 287 41.34 7.76 -4.62
CA TRP G 287 41.53 6.33 -4.77
C TRP G 287 40.80 5.58 -3.65
N GLY G 288 40.79 6.14 -2.44
CA GLY G 288 40.11 5.51 -1.32
C GLY G 288 38.61 5.37 -1.59
N ALA G 289 38.01 6.31 -2.31
CA ALA G 289 36.61 6.21 -2.67
C ALA G 289 36.41 5.24 -3.83
N VAL G 290 37.24 5.36 -4.88
CA VAL G 290 37.12 4.53 -6.07
C VAL G 290 37.27 3.05 -5.69
N PHE G 291 38.16 2.73 -4.74
CA PHE G 291 38.41 1.32 -4.43
C PHE G 291 37.70 0.88 -3.14
N ALA G 292 37.25 1.83 -2.31
CA ALA G 292 36.28 1.61 -1.24
C ALA G 292 36.21 0.17 -0.76
N ASN G 293 35.38 -0.63 -1.44
CA ASN G 293 34.92 -1.92 -0.96
C ASN G 293 35.53 -3.07 -1.75
N SER G 294 36.39 -2.74 -2.71
CA SER G 294 36.65 -3.62 -3.84
C SER G 294 37.71 -4.66 -3.51
N ASP G 295 37.77 -5.70 -4.33
CA ASP G 295 38.84 -6.69 -4.32
C ASP G 295 40.05 -6.24 -5.16
N ALA G 296 40.18 -4.94 -5.41
CA ALA G 296 41.32 -4.42 -6.16
C ALA G 296 42.64 -4.44 -5.36
N CYS G 297 42.59 -4.60 -4.03
CA CYS G 297 43.76 -4.67 -3.18
C CYS G 297 44.55 -3.35 -3.28
N VAL G 298 43.82 -2.23 -3.22
CA VAL G 298 44.40 -0.91 -3.20
C VAL G 298 43.89 -0.24 -1.93
N THR G 299 44.81 0.19 -1.05
CA THR G 299 44.45 0.73 0.25
C THR G 299 45.23 2.02 0.47
N PRO G 300 44.67 2.98 1.22
CA PRO G 300 45.42 4.16 1.63
C PRO G 300 46.55 3.77 2.60
N VAL G 301 47.72 4.35 2.40
CA VAL G 301 48.84 4.19 3.34
C VAL G 301 48.69 5.26 4.42
N LEU G 302 48.20 4.83 5.56
CA LEU G 302 47.86 5.77 6.61
C LEU G 302 49.06 5.96 7.53
N ALA G 303 49.24 7.20 7.97
CA ALA G 303 50.17 7.52 9.04
C ALA G 303 49.50 7.20 10.38
N PHE G 304 50.33 6.87 11.39
CA PHE G 304 49.84 6.57 12.72
C PHE G 304 48.71 7.52 13.12
N GLY G 305 48.94 8.81 12.90
CA GLY G 305 48.07 9.83 13.43
C GLY G 305 46.68 9.81 12.82
N GLU G 306 46.50 9.06 11.72
CA GLU G 306 45.21 9.02 11.03
C GLU G 306 44.50 7.68 11.20
N VAL G 307 45.17 6.69 11.84
CA VAL G 307 44.67 5.32 11.92
C VAL G 307 43.32 5.27 12.65
N HIS G 308 43.18 6.07 13.71
CA HIS G 308 41.97 6.15 14.53
C HIS G 308 40.74 6.72 13.79
N ASN G 309 40.89 7.30 12.58
CA ASN G 309 39.73 7.74 11.81
C ASN G 309 39.28 6.71 10.77
N GLU G 310 39.80 5.48 10.86
CA GLU G 310 39.59 4.51 9.81
C GLU G 310 38.46 3.58 10.24
N PRO G 311 37.31 3.58 9.51
CA PRO G 311 36.14 2.78 9.87
C PRO G 311 36.44 1.38 10.37
N HIS G 312 37.18 0.57 9.62
CA HIS G 312 37.42 -0.82 10.00
C HIS G 312 38.19 -0.92 11.32
N ILE G 313 39.06 0.06 11.58
CA ILE G 313 39.87 0.07 12.78
C ILE G 313 38.99 0.40 13.98
N ILE G 314 38.11 1.39 13.82
CA ILE G 314 37.22 1.81 14.90
C ILE G 314 36.26 0.68 15.28
N GLU G 315 35.54 0.11 14.31
CA GLU G 315 34.49 -0.85 14.61
C GLU G 315 35.02 -2.11 15.30
N ARG G 316 36.27 -2.53 14.99
CA ARG G 316 36.79 -3.74 15.61
C ARG G 316 37.54 -3.45 16.93
N ASN G 317 37.66 -2.19 17.35
CA ASN G 317 38.38 -1.85 18.57
C ASN G 317 39.78 -2.48 18.52
N THR G 318 40.52 -2.16 17.46
CA THR G 318 41.90 -2.57 17.33
C THR G 318 42.74 -1.78 18.35
N PHE G 319 42.36 -0.53 18.62
CA PHE G 319 43.02 0.36 19.55
C PHE G 319 42.10 0.81 20.69
N TYR G 320 42.70 1.29 21.80
CA TYR G 320 42.00 1.97 22.90
C TYR G 320 42.71 3.30 23.20
N GLU G 321 42.00 4.26 23.80
CA GLU G 321 42.62 5.50 24.25
C GLU G 321 43.22 5.29 25.64
N ALA G 322 44.46 5.76 25.83
CA ALA G 322 45.08 5.80 27.14
C ALA G 322 46.08 6.95 27.20
N ASN G 323 45.88 7.86 28.15
CA ASN G 323 46.88 8.86 28.48
C ASN G 323 47.27 9.62 27.20
N GLY G 324 46.30 10.36 26.62
CA GLY G 324 46.52 11.15 25.41
C GLY G 324 47.39 10.42 24.38
N GLY G 325 46.87 9.30 23.86
CA GLY G 325 47.60 8.51 22.87
C GLY G 325 47.02 7.10 22.75
N TRP G 326 46.71 6.69 21.50
CA TRP G 326 46.14 5.39 21.23
C TRP G 326 47.18 4.29 21.40
N GLN G 327 46.72 3.10 21.81
CA GLN G 327 47.56 1.93 22.01
C GLN G 327 46.82 0.74 21.45
N PRO G 328 47.50 -0.31 20.95
CA PRO G 328 46.78 -1.46 20.40
C PRO G 328 46.16 -2.34 21.48
N MET G 329 44.94 -2.83 21.20
CA MET G 329 44.32 -3.82 22.06
C MET G 329 45.00 -5.17 21.87
N PRO G 330 44.92 -6.06 22.87
CA PRO G 330 45.54 -7.37 22.73
C PRO G 330 45.10 -8.18 21.53
N ALA G 331 45.99 -9.10 21.14
CA ALA G 331 45.77 -9.98 20.03
C ALA G 331 46.49 -11.27 20.34
N PRO G 332 46.05 -12.42 19.79
CA PRO G 332 44.82 -12.50 19.01
C PRO G 332 43.60 -12.37 19.91
N ARG G 333 42.42 -12.62 19.34
CA ARG G 333 41.15 -12.59 20.06
C ARG G 333 40.63 -14.00 20.34
N PHE G 334 39.88 -14.11 21.47
CA PHE G 334 39.37 -15.37 22.01
C PHE G 334 37.85 -15.28 22.18
N SER G 335 37.12 -16.33 21.75
CA SER G 335 35.65 -16.30 21.78
C SER G 335 35.11 -16.43 23.22
N ARG G 336 35.68 -17.33 24.02
CA ARG G 336 35.22 -17.56 25.39
C ARG G 336 35.94 -16.65 26.41
N THR G 337 37.28 -16.75 26.47
CA THR G 337 38.07 -16.09 27.53
C THR G 337 38.74 -14.84 26.99
N ALA G 338 37.99 -13.75 26.92
CA ALA G 338 38.40 -12.54 26.22
C ALA G 338 39.23 -11.63 27.12
N SER G 339 40.37 -11.18 26.58
CA SER G 339 41.25 -10.26 27.27
C SER G 339 40.51 -8.95 27.53
N SER G 340 40.99 -8.17 28.50
CA SER G 340 40.36 -6.90 28.82
C SER G 340 41.25 -5.78 28.32
N GLN G 341 40.76 -4.55 28.42
CA GLN G 341 41.59 -3.38 28.21
C GLN G 341 42.80 -3.50 29.15
N PRO G 342 44.05 -3.32 28.66
CA PRO G 342 45.20 -3.34 29.56
C PRO G 342 45.15 -2.22 30.61
N ARG G 343 45.64 -2.54 31.82
CA ARG G 343 45.84 -1.53 32.85
C ARG G 343 47.18 -0.82 32.62
N PRO G 344 47.29 0.51 32.85
CA PRO G 344 48.59 1.17 32.80
C PRO G 344 49.56 0.53 33.80
N PRO G 345 50.87 0.87 33.70
CA PRO G 345 51.87 0.26 34.58
C PRO G 345 51.61 0.52 36.06
N ALA G 346 51.76 -0.54 36.87
CA ALA G 346 51.34 -0.51 38.26
C ALA G 346 52.46 0.03 39.14
N ALA G 347 52.32 1.31 39.54
CA ALA G 347 53.19 2.02 40.47
C ALA G 347 53.86 1.07 41.46
N THR G 348 55.12 1.39 41.82
CA THR G 348 56.06 0.43 42.40
C THR G 348 55.41 -0.36 43.56
N ILE G 349 54.68 -1.41 43.19
CA ILE G 349 54.35 -2.43 44.17
C ILE G 349 55.68 -2.91 44.74
N ASP G 350 55.63 -3.34 46.01
CA ASP G 350 56.82 -3.55 46.80
C ASP G 350 56.90 -5.06 47.11
N ILE G 351 58.06 -5.66 46.84
CA ILE G 351 58.17 -7.09 46.56
C ILE G 351 57.70 -7.96 47.72
N GLU G 352 57.73 -7.38 48.93
CA GLU G 352 57.24 -8.07 50.12
C GLU G 352 55.78 -8.43 49.88
N ALA G 353 54.98 -7.41 49.51
CA ALA G 353 53.52 -7.47 49.41
C ALA G 353 53.06 -8.42 48.30
N VAL G 354 53.96 -8.77 47.37
CA VAL G 354 53.62 -9.66 46.26
C VAL G 354 53.68 -11.11 46.72
N LEU G 355 54.54 -11.42 47.70
CA LEU G 355 54.68 -12.79 48.19
C LEU G 355 53.51 -13.17 49.09
N THR G 356 52.82 -12.17 49.68
CA THR G 356 51.59 -12.34 50.43
C THR G 356 50.46 -12.77 49.48
N ASP G 357 50.08 -11.84 48.60
CA ASP G 357 49.11 -12.03 47.53
C ASP G 357 49.29 -13.42 46.89
N TRP G 358 50.54 -13.86 46.73
CA TRP G 358 50.85 -15.21 46.24
C TRP G 358 51.06 -16.16 47.40
N ASP G 359 50.03 -16.96 47.71
CA ASP G 359 50.08 -17.94 48.78
C ASP G 359 50.31 -17.22 50.11
N MET H 1 57.91 -38.63 17.45
CA MET H 1 58.09 -37.23 16.96
C MET H 1 58.77 -36.39 18.05
N ALA H 2 59.86 -35.70 17.66
CA ALA H 2 60.67 -34.92 18.61
C ALA H 2 60.14 -33.48 18.74
N GLY H 3 59.86 -33.06 19.99
CA GLY H 3 59.71 -31.64 20.33
C GLY H 3 58.79 -31.47 21.53
N PRO H 4 58.59 -30.25 22.06
CA PRO H 4 57.76 -30.04 23.24
C PRO H 4 56.26 -30.08 22.99
N LEU H 5 55.85 -30.26 21.73
CA LEU H 5 54.43 -30.29 21.40
C LEU H 5 54.07 -31.71 21.00
N SER H 6 54.84 -32.70 21.48
CA SER H 6 54.75 -34.06 20.96
C SER H 6 53.36 -34.61 21.26
N GLY H 7 52.78 -35.23 20.23
CA GLY H 7 51.45 -35.82 20.27
C GLY H 7 50.30 -34.81 20.29
N LEU H 8 50.57 -33.55 19.88
CA LEU H 8 49.53 -32.55 19.63
C LEU H 8 49.07 -32.72 18.18
N ARG H 9 47.75 -32.70 18.01
CA ARG H 9 47.12 -33.08 16.74
C ARG H 9 46.44 -31.88 16.13
N VAL H 10 46.77 -31.66 14.86
CA VAL H 10 46.48 -30.44 14.15
C VAL H 10 45.97 -30.79 12.77
N VAL H 11 44.82 -30.20 12.41
CA VAL H 11 44.38 -30.22 11.03
C VAL H 11 44.48 -28.82 10.43
N GLU H 12 45.11 -28.76 9.26
CA GLU H 12 45.28 -27.53 8.51
C GLU H 12 44.44 -27.62 7.24
N LEU H 13 43.54 -26.64 7.02
CA LEU H 13 42.93 -26.49 5.70
C LEU H 13 43.84 -25.65 4.79
N ALA H 14 44.45 -26.30 3.79
CA ALA H 14 45.35 -25.65 2.84
C ALA H 14 44.90 -24.23 2.48
N GLY H 15 45.73 -23.25 2.87
CA GLY H 15 45.75 -21.91 2.30
C GLY H 15 47.18 -21.52 1.92
N ILE H 16 47.42 -20.21 1.80
CA ILE H 16 48.74 -19.65 1.49
C ILE H 16 49.16 -18.72 2.62
N GLY H 17 50.47 -18.65 2.90
CA GLY H 17 50.97 -17.58 3.76
C GLY H 17 50.87 -17.95 5.23
N PRO H 18 50.18 -17.14 6.08
CA PRO H 18 50.29 -17.33 7.51
C PRO H 18 49.82 -18.70 7.99
N GLY H 19 48.82 -19.25 7.30
CA GLY H 19 48.23 -20.48 7.77
C GLY H 19 49.26 -21.60 7.73
N PRO H 20 49.79 -21.91 6.54
CA PRO H 20 50.84 -22.92 6.45
C PRO H 20 52.05 -22.60 7.34
N HIS H 21 52.36 -21.30 7.51
CA HIS H 21 53.52 -20.95 8.27
C HIS H 21 53.31 -21.40 9.71
N ALA H 22 52.17 -21.07 10.31
CA ALA H 22 51.93 -21.44 11.69
C ALA H 22 51.92 -22.97 11.83
N ALA H 23 51.26 -23.63 10.88
CA ALA H 23 51.16 -25.07 10.90
C ALA H 23 52.57 -25.65 10.92
N MET H 24 53.44 -25.11 10.05
CA MET H 24 54.82 -25.55 9.93
C MET H 24 55.54 -25.42 11.27
N ILE H 25 55.34 -24.31 11.96
CA ILE H 25 56.07 -24.12 13.20
C ILE H 25 55.58 -25.18 14.20
N LEU H 26 54.26 -25.39 14.28
CA LEU H 26 53.72 -26.41 15.16
C LEU H 26 54.38 -27.76 14.87
N GLY H 27 54.43 -28.14 13.60
CA GLY H 27 55.06 -29.38 13.19
C GLY H 27 56.56 -29.40 13.42
N ASP H 28 57.19 -28.22 13.38
CA ASP H 28 58.62 -28.09 13.61
C ASP H 28 58.96 -28.61 15.00
N LEU H 29 58.14 -28.17 15.98
CA LEU H 29 58.19 -28.49 17.40
C LEU H 29 57.53 -29.83 17.76
N GLY H 30 57.30 -30.70 16.76
CA GLY H 30 56.82 -32.06 16.98
C GLY H 30 55.31 -32.15 17.25
N ALA H 31 54.50 -31.45 16.46
CA ALA H 31 53.06 -31.67 16.49
C ALA H 31 52.70 -32.54 15.29
N ASP H 32 51.65 -33.35 15.47
CA ASP H 32 51.14 -34.16 14.39
C ASP H 32 50.20 -33.30 13.54
N VAL H 33 50.62 -33.06 12.29
CA VAL H 33 49.99 -32.04 11.47
C VAL H 33 49.60 -32.67 10.15
N VAL H 34 48.30 -32.51 9.84
CA VAL H 34 47.65 -33.11 8.68
C VAL H 34 47.02 -31.99 7.86
N ARG H 35 47.45 -31.90 6.61
CA ARG H 35 47.02 -30.81 5.76
C ARG H 35 46.08 -31.35 4.68
N ILE H 36 44.80 -30.94 4.76
CA ILE H 36 43.77 -31.27 3.79
C ILE H 36 43.84 -30.28 2.62
N ASP H 37 44.25 -30.76 1.45
CA ASP H 37 44.32 -29.96 0.24
C ASP H 37 43.23 -30.46 -0.73
N ARG H 38 43.28 -30.02 -2.00
CA ARG H 38 42.13 -30.09 -2.91
C ARG H 38 42.18 -31.32 -3.81
N PRO H 39 41.21 -31.49 -4.74
CA PRO H 39 41.46 -32.21 -5.98
C PRO H 39 42.92 -32.13 -6.41
N SER H 40 43.36 -30.92 -6.80
CA SER H 40 44.75 -30.65 -7.16
C SER H 40 45.36 -29.65 -6.17
N GLY H 44 51.74 -34.02 -7.89
CA GLY H 44 52.76 -35.00 -7.48
C GLY H 44 53.21 -34.79 -6.03
N ILE H 45 54.52 -34.56 -5.84
CA ILE H 45 55.14 -34.45 -4.52
C ILE H 45 55.70 -33.04 -4.37
N SER H 46 55.33 -32.34 -3.27
CA SER H 46 55.55 -30.90 -3.15
C SER H 46 56.99 -30.57 -2.74
N ARG H 47 57.46 -29.40 -3.19
CA ARG H 47 58.77 -28.90 -2.79
C ARG H 47 58.67 -27.49 -2.20
N ASP H 48 57.45 -27.03 -1.84
CA ASP H 48 57.36 -25.89 -0.93
C ASP H 48 57.81 -26.39 0.44
N ALA H 49 59.00 -25.94 0.85
CA ALA H 49 59.61 -26.42 2.08
C ALA H 49 58.80 -25.97 3.30
N MET H 50 57.83 -25.06 3.11
CA MET H 50 56.94 -24.67 4.20
C MET H 50 56.01 -25.84 4.58
N LEU H 51 55.89 -26.83 3.68
CA LEU H 51 55.04 -28.00 3.87
C LEU H 51 55.85 -29.17 4.43
N ARG H 52 56.96 -28.86 5.11
CA ARG H 52 57.73 -29.82 5.89
C ARG H 52 56.92 -30.16 7.15
N ASN H 53 57.27 -31.26 7.84
CA ASN H 53 56.63 -31.69 9.08
C ASN H 53 55.11 -31.85 8.93
N ARG H 54 54.66 -32.36 7.76
CA ARG H 54 53.25 -32.55 7.45
C ARG H 54 52.97 -33.98 6.96
N ARG H 55 51.70 -34.39 7.09
CA ARG H 55 51.10 -35.35 6.16
C ARG H 55 50.08 -34.63 5.27
N ILE H 56 50.27 -34.72 3.93
CA ILE H 56 49.35 -34.17 2.93
C ILE H 56 48.30 -35.21 2.54
N VAL H 57 47.03 -34.97 2.91
CA VAL H 57 45.88 -35.74 2.44
C VAL H 57 45.03 -34.84 1.53
N THR H 58 44.26 -35.46 0.62
CA THR H 58 43.35 -34.70 -0.23
C THR H 58 41.90 -35.04 0.15
N ALA H 59 41.00 -34.27 -0.47
CA ALA H 59 39.56 -34.38 -0.25
C ALA H 59 38.85 -33.37 -1.16
N ASP H 60 37.53 -33.51 -1.22
CA ASP H 60 36.63 -32.48 -1.74
C ASP H 60 35.64 -32.18 -0.62
N LEU H 61 35.75 -31.00 -0.01
CA LEU H 61 34.96 -30.63 1.16
C LEU H 61 33.57 -30.19 0.74
N LYS H 62 33.40 -29.96 -0.57
CA LYS H 62 32.11 -29.68 -1.18
C LYS H 62 31.34 -30.98 -1.46
N SER H 63 32.03 -32.14 -1.50
CA SER H 63 31.37 -33.45 -1.49
C SER H 63 30.66 -33.73 -0.15
N ASP H 64 29.85 -34.80 -0.12
CA ASP H 64 29.26 -35.29 1.12
C ASP H 64 30.28 -36.19 1.81
N GLN H 65 31.05 -36.88 0.96
CA GLN H 65 32.15 -37.75 1.35
C GLN H 65 33.21 -36.95 2.11
N GLY H 66 33.93 -36.06 1.39
CA GLY H 66 35.02 -35.27 1.94
C GLY H 66 34.66 -34.56 3.24
N LEU H 67 33.44 -34.00 3.33
CA LEU H 67 33.00 -33.28 4.52
C LEU H 67 33.02 -34.23 5.73
N GLU H 68 32.58 -35.48 5.51
CA GLU H 68 32.42 -36.42 6.61
C GLU H 68 33.79 -36.84 7.14
N LEU H 69 34.75 -37.12 6.22
CA LEU H 69 36.13 -37.47 6.55
C LEU H 69 36.81 -36.36 7.36
N ALA H 70 36.85 -35.17 6.79
CA ALA H 70 37.32 -33.96 7.46
C ALA H 70 36.84 -33.90 8.92
N LEU H 71 35.52 -34.11 9.12
CA LEU H 71 34.87 -33.97 10.41
C LEU H 71 35.27 -35.10 11.37
N LYS H 72 35.71 -36.24 10.81
CA LYS H 72 36.23 -37.35 11.60
C LYS H 72 37.63 -37.02 12.09
N LEU H 73 38.51 -36.56 11.17
CA LEU H 73 39.86 -36.08 11.47
C LEU H 73 39.81 -35.06 12.61
N ILE H 74 38.85 -34.15 12.52
CA ILE H 74 38.73 -33.03 13.42
C ILE H 74 38.18 -33.47 14.77
N ALA H 75 37.49 -34.61 14.79
CA ALA H 75 36.96 -35.13 16.03
C ALA H 75 38.11 -35.60 16.93
N LYS H 76 39.16 -36.12 16.30
CA LYS H 76 40.29 -36.71 17.01
C LYS H 76 41.43 -35.70 17.23
N ALA H 77 41.33 -34.49 16.64
CA ALA H 77 42.43 -33.53 16.67
C ALA H 77 42.26 -32.54 17.82
N ASP H 78 43.32 -31.75 18.10
CA ASP H 78 43.29 -30.76 19.16
C ASP H 78 43.04 -29.40 18.56
N VAL H 79 43.53 -29.20 17.33
CA VAL H 79 43.59 -27.87 16.74
C VAL H 79 43.21 -27.91 15.28
N LEU H 80 42.39 -26.91 14.90
CA LEU H 80 42.09 -26.64 13.49
C LEU H 80 42.55 -25.25 13.05
N ILE H 81 43.22 -25.25 11.89
CA ILE H 81 43.76 -24.06 11.27
C ILE H 81 43.09 -23.86 9.91
N GLU H 82 42.41 -22.71 9.80
CA GLU H 82 41.86 -22.29 8.50
C GLU H 82 42.18 -20.82 8.25
N GLY H 83 42.60 -20.54 7.00
CA GLY H 83 42.88 -19.19 6.56
C GLY H 83 42.06 -18.75 5.33
N TYR H 84 40.77 -19.13 5.25
CA TYR H 84 39.92 -18.64 4.17
C TYR H 84 39.15 -17.42 4.64
N ARG H 85 38.46 -16.74 3.71
CA ARG H 85 37.64 -15.59 4.09
C ARG H 85 36.58 -16.05 5.08
N PRO H 86 36.12 -15.17 5.98
CA PRO H 86 35.05 -15.52 6.90
C PRO H 86 33.75 -15.94 6.19
N GLY H 87 33.10 -16.99 6.70
CA GLY H 87 31.90 -17.60 6.13
C GLY H 87 32.25 -18.85 5.32
N VAL H 88 33.49 -19.00 4.93
CA VAL H 88 33.79 -20.04 3.97
C VAL H 88 33.71 -21.39 4.65
N THR H 89 34.24 -21.50 5.89
CA THR H 89 34.20 -22.79 6.55
C THR H 89 32.76 -23.06 7.00
N GLU H 90 32.00 -22.03 7.41
CA GLU H 90 30.60 -22.21 7.74
C GLU H 90 29.84 -22.87 6.58
N ARG H 91 30.01 -22.36 5.35
CA ARG H 91 29.31 -22.87 4.18
C ARG H 91 29.83 -24.22 3.70
N LEU H 92 31.01 -24.65 4.16
CA LEU H 92 31.49 -25.96 3.77
C LEU H 92 30.90 -27.06 4.66
N GLY H 93 30.34 -26.66 5.82
CA GLY H 93 29.94 -27.58 6.88
C GLY H 93 30.98 -27.73 8.01
N LEU H 94 32.04 -26.90 7.98
CA LEU H 94 33.26 -27.05 8.77
C LEU H 94 33.48 -25.86 9.70
N GLY H 95 32.42 -25.13 10.03
CA GLY H 95 32.52 -23.94 10.86
C GLY H 95 32.70 -24.29 12.34
N PRO H 96 32.88 -23.28 13.22
CA PRO H 96 33.00 -23.49 14.65
C PRO H 96 31.89 -24.34 15.24
N GLU H 97 30.62 -24.02 14.94
CA GLU H 97 29.48 -24.71 15.52
C GLU H 97 29.44 -26.16 15.06
N GLU H 98 29.64 -26.43 13.76
CA GLU H 98 29.68 -27.79 13.25
C GLU H 98 30.84 -28.59 13.85
N CYS H 99 31.92 -27.90 14.20
CA CYS H 99 33.11 -28.57 14.72
C CYS H 99 32.90 -28.88 16.20
N ALA H 100 32.20 -28.00 16.95
CA ALA H 100 31.96 -28.15 18.39
C ALA H 100 30.94 -29.25 18.69
N LYS H 101 30.25 -29.75 17.66
CA LYS H 101 29.37 -30.88 17.79
C LYS H 101 30.19 -32.17 17.85
N VAL H 102 31.30 -32.24 17.11
CA VAL H 102 32.08 -33.47 17.07
C VAL H 102 33.31 -33.38 17.97
N ASN H 103 33.48 -32.27 18.71
CA ASN H 103 34.65 -32.04 19.55
C ASN H 103 34.47 -30.74 20.33
N ASP H 104 34.10 -30.84 21.61
CA ASP H 104 33.86 -29.68 22.46
C ASP H 104 35.18 -29.15 23.03
N ARG H 105 36.32 -29.74 22.61
CA ARG H 105 37.64 -29.38 23.14
C ARG H 105 38.52 -28.78 22.05
N LEU H 106 37.94 -28.39 20.90
CA LEU H 106 38.74 -28.02 19.75
C LEU H 106 39.28 -26.61 19.93
N ILE H 107 40.53 -26.44 19.49
CA ILE H 107 41.06 -25.10 19.28
C ILE H 107 40.86 -24.79 17.80
N TYR H 108 39.99 -23.79 17.57
CA TYR H 108 39.54 -23.46 16.23
C TYR H 108 40.16 -22.12 15.84
N ALA H 109 41.15 -22.19 14.93
CA ALA H 109 42.09 -21.10 14.72
C ALA H 109 41.87 -20.51 13.34
N ARG H 110 41.45 -19.24 13.35
CA ARG H 110 41.06 -18.55 12.13
C ARG H 110 42.05 -17.43 11.84
N MET H 111 42.80 -17.63 10.76
CA MET H 111 43.83 -16.73 10.26
C MET H 111 43.25 -15.82 9.18
N THR H 112 43.03 -14.53 9.47
CA THR H 112 42.67 -13.60 8.39
C THR H 112 43.53 -12.35 8.44
N GLY H 113 43.31 -11.48 7.45
CA GLY H 113 43.97 -10.20 7.41
C GLY H 113 43.16 -9.16 8.13
N TRP H 114 41.88 -9.03 7.74
CA TRP H 114 41.06 -7.94 8.24
C TRP H 114 40.27 -8.33 9.49
N GLY H 115 40.19 -9.64 9.76
CA GLY H 115 39.40 -10.14 10.86
C GLY H 115 38.05 -10.75 10.43
N GLN H 116 37.29 -11.18 11.44
CA GLN H 116 36.11 -12.00 11.23
C GLN H 116 34.89 -11.12 10.94
N THR H 117 34.88 -9.88 11.43
CA THR H 117 33.72 -9.01 11.25
C THR H 117 34.22 -7.62 10.83
N GLY H 118 33.27 -6.75 10.47
CA GLY H 118 33.60 -5.37 10.14
C GLY H 118 33.66 -5.14 8.64
N PRO H 119 33.70 -3.85 8.24
CA PRO H 119 33.47 -3.43 6.86
C PRO H 119 34.42 -4.05 5.83
N ARG H 120 35.63 -4.41 6.26
CA ARG H 120 36.59 -4.95 5.32
C ARG H 120 36.67 -6.44 5.46
N SER H 121 35.75 -7.05 6.22
CA SER H 121 35.86 -8.46 6.54
C SER H 121 35.88 -9.35 5.31
N GLN H 122 35.33 -8.88 4.17
CA GLN H 122 35.21 -9.74 2.99
C GLN H 122 36.09 -9.25 1.86
N GLN H 123 36.85 -8.17 2.13
CA GLN H 123 37.68 -7.54 1.12
C GLN H 123 38.96 -8.36 0.90
N ALA H 124 39.33 -8.57 -0.36
CA ALA H 124 40.58 -9.26 -0.64
C ALA H 124 41.74 -8.37 -0.19
N GLY H 125 42.89 -9.00 0.04
CA GLY H 125 44.03 -8.24 0.53
C GLY H 125 45.27 -9.12 0.62
N HIS H 126 46.40 -8.43 0.75
CA HIS H 126 47.64 -9.08 1.10
C HIS H 126 48.36 -8.25 2.16
N ASP H 127 49.48 -8.79 2.65
CA ASP H 127 50.28 -8.16 3.70
C ASP H 127 50.33 -6.64 3.55
N ILE H 128 50.83 -6.19 2.38
CA ILE H 128 51.02 -4.77 2.13
C ILE H 128 49.75 -3.99 2.45
N ASN H 129 48.57 -4.59 2.21
CA ASN H 129 47.31 -3.87 2.45
C ASN H 129 47.03 -3.75 3.96
N TYR H 130 47.23 -4.86 4.68
CA TYR H 130 46.94 -4.92 6.11
C TYR H 130 47.86 -3.93 6.85
N ILE H 131 49.13 -3.86 6.45
CA ILE H 131 50.08 -3.01 7.17
C ILE H 131 49.93 -1.57 6.72
N SER H 132 49.20 -1.32 5.63
CA SER H 132 49.01 0.07 5.17
C SER H 132 47.96 0.81 5.98
N LEU H 133 47.02 0.08 6.57
CA LEU H 133 45.83 0.68 7.19
C LEU H 133 46.10 1.06 8.66
N ASN H 134 47.14 0.46 9.27
CA ASN H 134 47.40 0.63 10.69
C ASN H 134 48.70 1.37 10.98
N GLY H 135 49.26 2.04 9.95
CA GLY H 135 50.31 3.03 10.15
C GLY H 135 51.73 2.48 9.97
N ILE H 136 51.89 1.17 9.87
CA ILE H 136 53.17 0.49 9.82
C ILE H 136 53.90 0.77 8.51
N LEU H 137 53.26 0.51 7.36
CA LEU H 137 53.92 0.69 6.08
C LEU H 137 54.39 2.13 5.94
N HIS H 138 53.58 3.08 6.42
CA HIS H 138 53.93 4.48 6.29
C HIS H 138 55.30 4.76 6.91
N ALA H 139 55.62 4.06 7.98
CA ALA H 139 56.81 4.32 8.77
C ALA H 139 58.05 3.65 8.18
N ILE H 140 57.94 2.86 7.11
CA ILE H 140 59.08 2.10 6.65
C ILE H 140 59.65 2.71 5.36
N GLY H 141 60.96 3.03 5.38
CA GLY H 141 61.71 3.49 4.21
C GLY H 141 62.33 4.86 4.46
N ARG H 142 63.02 5.36 3.43
CA ARG H 142 63.66 6.67 3.50
C ARG H 142 62.62 7.79 3.38
N GLY H 143 62.96 8.96 3.93
CA GLY H 143 62.05 10.08 4.08
C GLY H 143 61.64 10.72 2.75
N ASP H 144 62.58 10.80 1.80
CA ASP H 144 62.29 11.37 0.49
C ASP H 144 61.26 10.52 -0.24
N GLU H 145 61.45 9.20 -0.16
CA GLU H 145 60.99 8.20 -1.10
C GLU H 145 59.62 7.69 -0.65
N ARG H 146 58.97 6.89 -1.48
CA ARG H 146 57.72 6.27 -1.05
C ARG H 146 57.98 5.06 -0.16
N PRO H 147 57.03 4.71 0.73
CA PRO H 147 57.23 3.63 1.67
C PRO H 147 57.64 2.36 0.97
N VAL H 148 58.46 1.57 1.66
CA VAL H 148 58.91 0.32 1.09
C VAL H 148 58.35 -0.83 1.93
N PRO H 149 57.75 -1.84 1.26
CA PRO H 149 57.23 -2.99 1.97
C PRO H 149 58.32 -3.86 2.54
N PRO H 150 58.20 -4.21 3.84
CA PRO H 150 59.18 -5.09 4.49
C PRO H 150 58.94 -6.54 4.11
N LEU H 151 59.07 -6.79 2.80
CA LEU H 151 58.59 -8.04 2.22
C LEU H 151 57.19 -8.26 2.80
N ASN H 152 56.86 -9.51 3.11
CA ASN H 152 55.62 -9.79 3.80
C ASN H 152 55.90 -10.31 5.22
N LEU H 153 56.90 -9.74 5.90
CA LEU H 153 57.35 -10.29 7.18
C LEU H 153 56.42 -9.82 8.31
N VAL H 154 55.82 -8.63 8.18
CA VAL H 154 55.22 -7.95 9.31
C VAL H 154 53.74 -8.33 9.41
N GLY H 155 53.05 -8.45 8.26
CA GLY H 155 51.62 -8.76 8.26
C GLY H 155 51.37 -10.27 8.29
N ASP H 156 51.87 -11.00 7.28
CA ASP H 156 51.73 -12.44 7.23
C ASP H 156 52.37 -13.16 8.44
N PHE H 157 53.64 -12.89 8.77
CA PHE H 157 54.34 -13.76 9.72
C PHE H 157 54.36 -13.10 11.09
N GLY H 158 55.03 -11.96 11.20
CA GLY H 158 55.24 -11.40 12.53
C GLY H 158 53.94 -11.06 13.22
N GLY H 159 52.98 -10.51 12.46
CA GLY H 159 51.71 -10.03 12.96
C GLY H 159 50.57 -10.98 12.62
N GLY H 160 50.93 -12.15 12.08
CA GLY H 160 50.00 -13.05 11.43
C GLY H 160 50.12 -14.47 11.99
N SER H 161 50.85 -15.34 11.32
CA SER H 161 51.14 -16.67 11.83
C SER H 161 51.51 -16.64 13.32
N MET H 162 52.39 -15.71 13.72
CA MET H 162 52.98 -15.80 15.04
C MET H 162 51.92 -15.51 16.10
N PHE H 163 50.98 -14.61 15.80
CA PHE H 163 49.91 -14.41 16.76
C PHE H 163 48.89 -15.55 16.69
N LEU H 164 48.73 -16.17 15.52
CA LEU H 164 47.93 -17.37 15.44
C LEU H 164 48.47 -18.36 16.47
N LEU H 165 49.78 -18.65 16.38
CA LEU H 165 50.42 -19.62 17.26
C LEU H 165 50.26 -19.27 18.73
N VAL H 166 50.45 -18.01 19.08
CA VAL H 166 50.30 -17.62 20.48
C VAL H 166 48.87 -17.89 20.94
N GLY H 167 47.89 -17.65 20.07
CA GLY H 167 46.50 -17.78 20.47
C GLY H 167 46.13 -19.25 20.68
N ILE H 168 46.60 -20.06 19.76
CA ILE H 168 46.47 -21.50 19.82
C ILE H 168 46.99 -22.00 21.17
N LEU H 169 48.28 -21.76 21.40
CA LEU H 169 48.96 -22.34 22.55
C LEU H 169 48.40 -21.70 23.81
N ALA H 170 48.06 -20.41 23.77
CA ALA H 170 47.44 -19.78 24.93
C ALA H 170 46.08 -20.41 25.25
N ALA H 171 45.44 -21.02 24.25
CA ALA H 171 44.11 -21.59 24.43
C ALA H 171 44.23 -23.06 24.81
N LEU H 172 45.25 -23.76 24.26
CA LEU H 172 45.63 -25.08 24.73
C LEU H 172 45.90 -25.06 26.23
N TRP H 173 46.55 -24.01 26.72
CA TRP H 173 46.85 -23.91 28.13
C TRP H 173 45.55 -23.72 28.90
N GLU H 174 44.75 -22.74 28.46
CA GLU H 174 43.50 -22.44 29.14
C GLU H 174 42.60 -23.67 29.15
N ARG H 175 42.72 -24.54 28.14
CA ARG H 175 41.93 -25.75 28.01
C ARG H 175 42.19 -26.71 29.18
N GLN H 176 43.45 -26.79 29.60
CA GLN H 176 43.81 -27.77 30.63
C GLN H 176 43.10 -27.43 31.94
N SER H 177 42.69 -26.16 32.14
CA SER H 177 42.00 -25.74 33.36
C SER H 177 40.48 -25.88 33.27
N SER H 178 39.88 -25.71 32.09
CA SER H 178 38.43 -25.75 32.00
C SER H 178 37.93 -26.82 31.01
N GLY H 179 38.85 -27.60 30.41
CA GLY H 179 38.47 -28.75 29.60
C GLY H 179 37.81 -28.38 28.26
N LYS H 180 37.79 -27.07 27.94
CA LYS H 180 36.99 -26.52 26.85
C LYS H 180 37.86 -25.92 25.73
N GLY H 181 37.44 -26.17 24.47
CA GLY H 181 37.99 -25.50 23.31
C GLY H 181 37.46 -24.07 23.13
N GLN H 182 37.92 -23.37 22.08
CA GLN H 182 37.37 -22.06 21.75
C GLN H 182 37.88 -21.62 20.38
N VAL H 183 37.42 -20.44 19.95
CA VAL H 183 37.80 -19.82 18.69
C VAL H 183 38.90 -18.76 18.91
N VAL H 184 39.93 -18.88 18.06
CA VAL H 184 41.00 -17.91 17.93
C VAL H 184 40.84 -17.17 16.61
N ASP H 185 40.45 -15.90 16.73
CA ASP H 185 40.40 -14.91 15.66
C ASP H 185 41.74 -14.12 15.61
N ALA H 186 42.67 -14.60 14.79
CA ALA H 186 43.92 -13.91 14.51
C ALA H 186 43.81 -13.07 13.24
N ALA H 187 43.81 -11.74 13.40
CA ALA H 187 43.73 -10.80 12.29
C ALA H 187 45.06 -10.05 12.11
N MET H 188 45.62 -10.09 10.91
CA MET H 188 46.94 -9.51 10.65
C MET H 188 46.98 -8.04 11.02
N VAL H 189 45.87 -7.33 10.88
CA VAL H 189 45.88 -5.91 11.15
C VAL H 189 45.93 -5.65 12.66
N ASP H 190 45.52 -6.63 13.48
CA ASP H 190 45.64 -6.45 14.92
C ASP H 190 47.00 -6.94 15.39
N GLY H 191 47.35 -8.15 15.00
CA GLY H 191 48.61 -8.73 15.36
C GLY H 191 49.76 -7.77 15.02
N SER H 192 49.69 -7.16 13.83
CA SER H 192 50.79 -6.32 13.37
C SER H 192 50.77 -5.04 14.19
N SER H 193 49.60 -4.62 14.71
CA SER H 193 49.53 -3.42 15.53
C SER H 193 50.15 -3.67 16.91
N VAL H 194 50.00 -4.89 17.45
CA VAL H 194 50.62 -5.16 18.72
C VAL H 194 52.12 -5.29 18.52
N LEU H 195 52.51 -5.91 17.41
CA LEU H 195 53.90 -6.06 17.03
C LEU H 195 54.63 -4.73 17.15
N ILE H 196 53.93 -3.63 16.85
CA ILE H 196 54.54 -2.31 16.76
C ILE H 196 54.11 -1.45 17.94
N GLN H 197 53.69 -2.09 19.04
CA GLN H 197 53.24 -1.33 20.21
C GLN H 197 54.31 -0.37 20.74
N MET H 198 55.59 -0.75 20.61
CA MET H 198 56.68 0.14 21.01
C MET H 198 56.51 1.55 20.41
N MET H 199 56.29 1.59 19.10
CA MET H 199 56.17 2.87 18.40
C MET H 199 54.93 3.61 18.89
N TRP H 200 53.86 2.88 19.17
CA TRP H 200 52.66 3.57 19.62
C TRP H 200 52.92 4.16 21.01
N ALA H 201 53.68 3.43 21.83
CA ALA H 201 54.09 3.90 23.16
C ALA H 201 55.00 5.12 23.08
N MET H 202 56.12 5.00 22.33
CA MET H 202 57.04 6.11 22.11
C MET H 202 56.33 7.33 21.53
N ARG H 203 55.29 7.11 20.71
CA ARG H 203 54.56 8.21 20.10
C ARG H 203 53.85 9.05 21.16
N ALA H 204 53.31 8.36 22.17
CA ALA H 204 52.58 8.97 23.27
C ALA H 204 53.46 9.91 24.08
N THR H 205 54.76 9.56 24.24
CA THR H 205 55.70 10.35 25.02
C THR H 205 56.57 11.28 24.15
N GLY H 206 56.26 11.45 22.85
CA GLY H 206 57.04 12.32 21.99
C GLY H 206 58.44 11.78 21.59
N MET H 207 58.69 10.47 21.73
CA MET H 207 59.96 9.89 21.32
C MET H 207 59.87 9.21 19.94
N TRP H 208 58.79 9.46 19.19
CA TRP H 208 58.63 8.94 17.84
C TRP H 208 57.70 9.85 17.07
N THR H 209 58.09 10.27 15.87
CA THR H 209 57.15 11.05 15.07
C THR H 209 56.73 10.27 13.83
N ASP H 210 55.65 10.77 13.21
CA ASP H 210 55.07 10.19 12.00
C ASP H 210 55.86 10.56 10.75
N THR H 211 56.90 11.39 10.86
CA THR H 211 57.75 11.65 9.72
C THR H 211 58.60 10.41 9.42
N ARG H 212 58.52 9.88 8.20
CA ARG H 212 59.31 8.72 7.81
C ARG H 212 60.79 9.09 7.69
N GLY H 213 61.68 8.24 8.20
CA GLY H 213 63.13 8.41 8.02
C GLY H 213 63.75 9.39 9.01
N ALA H 214 63.08 9.65 10.15
CA ALA H 214 63.50 10.69 11.09
C ALA H 214 63.42 10.23 12.55
N ASN H 215 63.56 8.94 12.82
CA ASN H 215 63.44 8.42 14.18
C ASN H 215 64.65 7.55 14.52
N MET H 216 64.73 7.13 15.78
CA MET H 216 65.90 6.41 16.23
C MET H 216 66.06 5.09 15.46
N LEU H 217 64.94 4.46 15.06
CA LEU H 217 64.99 3.06 14.67
C LEU H 217 64.54 2.80 13.24
N ASP H 218 64.43 3.84 12.43
CA ASP H 218 63.84 3.74 11.08
C ASP H 218 64.87 4.02 9.99
N GLY H 219 66.14 4.27 10.37
CA GLY H 219 67.19 4.60 9.42
C GLY H 219 67.60 6.07 9.49
N GLY H 220 66.83 6.90 10.17
CA GLY H 220 67.20 8.30 10.33
C GLY H 220 68.37 8.60 11.27
N ALA H 221 68.61 7.74 12.30
CA ALA H 221 69.78 7.86 13.15
C ALA H 221 71.01 7.35 12.39
N PRO H 222 72.09 8.15 12.26
CA PRO H 222 73.35 7.67 11.69
C PRO H 222 73.98 6.49 12.40
N TYR H 223 73.62 6.27 13.67
CA TYR H 223 74.15 5.11 14.39
C TYR H 223 73.24 3.88 14.39
N TYR H 224 72.15 3.94 13.61
CA TYR H 224 71.20 2.85 13.50
C TYR H 224 70.78 2.78 12.03
N ASP H 225 71.68 2.27 11.20
CA ASP H 225 71.48 2.36 9.77
C ASP H 225 72.51 1.49 9.07
N THR H 226 72.40 1.36 7.74
CA THR H 226 73.44 0.72 6.95
C THR H 226 74.32 1.77 6.29
N TYR H 227 75.52 1.33 5.92
CA TYR H 227 76.54 2.13 5.28
C TYR H 227 77.08 1.27 4.16
N GLU H 228 77.38 1.92 3.05
CA GLU H 228 78.06 1.27 1.97
C GLU H 228 79.57 1.32 2.20
N CYS H 229 80.27 0.24 1.82
CA CYS H 229 81.70 0.08 1.94
C CYS H 229 82.39 0.21 0.58
N ALA H 230 83.72 0.07 0.56
CA ALA H 230 84.51 0.34 -0.63
C ALA H 230 84.19 -0.63 -1.77
N ASP H 231 83.73 -1.85 -1.43
CA ASP H 231 83.42 -2.89 -2.40
C ASP H 231 81.95 -2.85 -2.84
N GLY H 232 81.17 -1.86 -2.40
CA GLY H 232 79.77 -1.77 -2.82
C GLY H 232 78.89 -2.70 -1.99
N ARG H 233 79.44 -3.37 -0.96
CA ARG H 233 78.66 -4.19 -0.04
C ARG H 233 78.41 -3.36 1.22
N TYR H 234 77.64 -3.89 2.18
CA TYR H 234 77.10 -3.05 3.24
C TYR H 234 77.46 -3.61 4.61
N VAL H 235 77.49 -2.70 5.57
CA VAL H 235 77.47 -3.04 6.97
C VAL H 235 76.26 -2.38 7.60
N ALA H 236 75.88 -2.96 8.73
CA ALA H 236 74.84 -2.46 9.60
C ALA H 236 75.48 -1.98 10.88
N VAL H 237 75.06 -0.78 11.28
CA VAL H 237 75.43 -0.13 12.51
C VAL H 237 74.20 -0.03 13.42
N GLY H 238 74.36 -0.49 14.67
CA GLY H 238 73.28 -0.42 15.65
C GLY H 238 73.73 0.10 17.01
N ALA H 239 74.70 1.03 17.02
CA ALA H 239 75.36 1.46 18.25
C ALA H 239 74.55 2.57 18.94
N ILE H 240 73.46 2.15 19.58
CA ILE H 240 72.55 3.08 20.24
C ILE H 240 73.14 3.60 21.56
N GLU H 241 73.61 2.69 22.40
CA GLU H 241 74.14 3.09 23.71
C GLU H 241 75.49 3.82 23.54
N PRO H 242 75.73 4.90 24.30
CA PRO H 242 76.94 5.70 24.12
C PRO H 242 78.27 4.93 24.11
N GLN H 243 78.34 3.94 24.98
CA GLN H 243 79.58 3.18 25.11
C GLN H 243 79.82 2.36 23.85
N PHE H 244 78.74 1.85 23.22
CA PHE H 244 78.92 1.05 22.02
C PHE H 244 79.28 1.99 20.88
N TYR H 245 78.65 3.17 20.88
CA TYR H 245 78.96 4.19 19.87
C TYR H 245 80.44 4.58 19.97
N ALA H 246 80.89 4.86 21.19
CA ALA H 246 82.29 5.24 21.43
C ALA H 246 83.21 4.15 20.89
N ALA H 247 82.87 2.88 21.16
CA ALA H 247 83.68 1.76 20.65
C ALA H 247 83.75 1.81 19.13
N MET H 248 82.62 2.14 18.47
CA MET H 248 82.62 2.18 17.01
C MET H 248 83.48 3.32 16.46
N LEU H 249 83.42 4.51 17.08
CA LEU H 249 84.18 5.68 16.63
C LEU H 249 85.67 5.38 16.65
N ALA H 250 86.12 4.76 17.73
CA ALA H 250 87.52 4.38 17.89
C ALA H 250 87.98 3.40 16.82
N GLY H 251 87.12 2.43 16.47
CA GLY H 251 87.44 1.45 15.43
C GLY H 251 87.44 2.04 14.01
N LEU H 252 86.72 3.16 13.80
CA LEU H 252 86.70 3.83 12.51
C LEU H 252 87.82 4.86 12.41
N GLY H 253 88.59 5.01 13.47
CA GLY H 253 89.67 5.98 13.48
C GLY H 253 89.14 7.40 13.70
N LEU H 254 87.92 7.55 14.25
CA LEU H 254 87.31 8.86 14.34
C LEU H 254 87.40 9.33 15.78
N ASP H 255 87.73 10.61 15.90
CA ASP H 255 87.97 11.23 17.18
C ASP H 255 86.70 11.97 17.57
N ALA H 256 86.18 11.66 18.77
CA ALA H 256 84.89 12.12 19.25
C ALA H 256 84.79 13.64 19.33
N ALA H 257 85.85 14.33 19.76
CA ALA H 257 85.81 15.78 19.91
C ALA H 257 85.76 16.49 18.55
N GLU H 258 85.99 15.76 17.45
CA GLU H 258 85.91 16.31 16.10
C GLU H 258 84.53 16.11 15.44
N LEU H 259 83.55 15.56 16.17
CA LEU H 259 82.30 15.09 15.57
C LEU H 259 81.14 15.80 16.25
N PRO H 260 79.98 15.94 15.60
CA PRO H 260 78.81 16.38 16.33
C PRO H 260 78.43 15.40 17.43
N PRO H 261 77.72 15.80 18.49
CA PRO H 261 77.15 14.83 19.43
C PRO H 261 76.28 13.77 18.75
N GLN H 262 76.22 12.60 19.40
CA GLN H 262 75.59 11.42 18.85
C GLN H 262 74.10 11.69 18.64
N ASN H 263 73.47 12.41 19.57
CA ASN H 263 72.03 12.63 19.59
C ASN H 263 71.66 14.11 19.39
N ASP H 264 72.54 14.92 18.78
CA ASP H 264 72.11 16.19 18.20
C ASP H 264 71.54 15.92 16.81
N ARG H 265 70.22 15.78 16.74
CA ARG H 265 69.48 15.43 15.51
C ARG H 265 69.61 16.49 14.43
N ALA H 266 69.81 17.76 14.81
CA ALA H 266 70.00 18.81 13.82
C ALA H 266 71.27 18.57 12.99
N ARG H 267 72.28 17.92 13.57
CA ARG H 267 73.57 17.72 12.93
C ARG H 267 73.74 16.29 12.41
N TRP H 268 72.67 15.50 12.45
CA TRP H 268 72.74 14.12 12.02
C TRP H 268 73.20 14.02 10.56
N PRO H 269 72.80 14.92 9.64
CA PRO H 269 73.34 14.87 8.28
C PRO H 269 74.85 15.02 8.23
N GLU H 270 75.39 15.87 9.11
CA GLU H 270 76.83 16.06 9.22
C GLU H 270 77.49 14.78 9.73
N LEU H 271 77.01 14.25 10.87
CA LEU H 271 77.50 13.00 11.43
C LEU H 271 77.48 11.87 10.38
N ARG H 272 76.35 11.74 9.68
CA ARG H 272 76.19 10.69 8.69
C ARG H 272 77.22 10.85 7.60
N ALA H 273 77.50 12.07 7.17
CA ALA H 273 78.50 12.29 6.12
C ALA H 273 79.91 11.84 6.55
N LEU H 274 80.28 12.12 7.79
CA LEU H 274 81.55 11.66 8.34
C LEU H 274 81.59 10.13 8.49
N LEU H 275 80.54 9.49 9.02
CA LEU H 275 80.52 8.03 9.12
C LEU H 275 80.57 7.40 7.73
N THR H 276 79.91 8.03 6.76
CA THR H 276 79.84 7.53 5.39
C THR H 276 81.25 7.47 4.79
N GLU H 277 81.98 8.58 4.85
CA GLU H 277 83.37 8.61 4.41
C GLU H 277 84.20 7.52 5.10
N ALA H 278 84.05 7.31 6.41
CA ALA H 278 84.87 6.32 7.09
C ALA H 278 84.58 4.90 6.56
N PHE H 279 83.32 4.48 6.58
CA PHE H 279 83.00 3.12 6.16
C PHE H 279 83.38 2.89 4.71
N ALA H 280 83.37 3.96 3.88
CA ALA H 280 83.64 3.84 2.45
C ALA H 280 85.12 3.60 2.17
N SER H 281 86.00 3.73 3.17
CA SER H 281 87.43 3.65 2.87
C SER H 281 87.92 2.21 2.90
N HIS H 282 87.07 1.26 3.33
CA HIS H 282 87.47 -0.15 3.36
C HIS H 282 86.29 -1.05 2.99
N ASP H 283 86.61 -2.31 2.63
CA ASP H 283 85.61 -3.27 2.17
C ASP H 283 84.80 -3.77 3.38
N ARG H 284 83.65 -4.38 3.10
CA ARG H 284 82.77 -4.88 4.15
C ARG H 284 83.49 -5.90 5.06
N ASP H 285 84.26 -6.81 4.47
CA ASP H 285 84.87 -7.88 5.26
C ASP H 285 85.92 -7.30 6.21
N HIS H 286 86.57 -6.20 5.82
CA HIS H 286 87.48 -5.51 6.71
C HIS H 286 86.74 -5.12 7.98
N TRP H 287 85.55 -4.48 7.85
CA TRP H 287 84.89 -3.96 9.04
C TRP H 287 84.39 -5.10 9.93
N GLY H 288 84.02 -6.22 9.30
CA GLY H 288 83.51 -7.37 10.03
C GLY H 288 84.56 -7.98 10.94
N ALA H 289 85.78 -8.08 10.41
CA ALA H 289 86.96 -8.54 11.14
C ALA H 289 87.39 -7.52 12.20
N VAL H 290 87.50 -6.24 11.82
CA VAL H 290 87.88 -5.20 12.76
C VAL H 290 86.96 -5.16 13.98
N PHE H 291 85.66 -5.42 13.78
CA PHE H 291 84.70 -5.29 14.84
C PHE H 291 84.24 -6.64 15.41
N ALA H 292 84.83 -7.76 14.98
CA ALA H 292 84.61 -9.03 15.67
C ALA H 292 85.04 -8.93 17.14
N ASN H 293 84.16 -9.38 18.03
CA ASN H 293 84.37 -9.54 19.47
C ASN H 293 84.13 -8.22 20.17
N SER H 294 83.61 -7.27 19.40
CA SER H 294 83.50 -5.90 19.82
C SER H 294 82.05 -5.66 20.19
N ASP H 295 81.84 -4.73 21.12
CA ASP H 295 80.55 -4.12 21.38
C ASP H 295 80.24 -2.92 20.48
N ALA H 296 80.88 -2.77 19.31
CA ALA H 296 80.62 -1.61 18.47
C ALA H 296 79.26 -1.66 17.74
N CYS H 297 78.63 -2.84 17.67
CA CYS H 297 77.34 -3.07 17.01
C CYS H 297 77.45 -2.80 15.51
N VAL H 298 78.48 -3.37 14.89
CA VAL H 298 78.65 -3.27 13.46
C VAL H 298 78.78 -4.69 12.92
N THR H 299 77.97 -5.03 11.90
CA THR H 299 77.96 -6.39 11.37
C THR H 299 77.90 -6.32 9.86
N PRO H 300 78.47 -7.32 9.15
CA PRO H 300 78.30 -7.38 7.72
C PRO H 300 76.84 -7.66 7.36
N VAL H 301 76.39 -7.07 6.25
CA VAL H 301 75.05 -7.31 5.76
C VAL H 301 75.20 -8.40 4.72
N LEU H 302 74.78 -9.62 5.06
CA LEU H 302 74.95 -10.75 4.17
C LEU H 302 73.69 -10.94 3.31
N ALA H 303 73.94 -11.26 2.04
CA ALA H 303 72.90 -11.77 1.15
C ALA H 303 72.62 -13.23 1.49
N PHE H 304 71.38 -13.70 1.26
CA PHE H 304 70.98 -15.07 1.57
C PHE H 304 72.06 -16.10 1.19
N GLY H 305 72.64 -15.95 -0.01
CA GLY H 305 73.57 -16.91 -0.58
C GLY H 305 74.96 -16.92 0.07
N GLU H 306 75.20 -16.05 1.05
CA GLU H 306 76.45 -16.00 1.79
C GLU H 306 76.26 -16.54 3.19
N VAL H 307 75.02 -16.68 3.63
CA VAL H 307 74.74 -16.91 5.03
C VAL H 307 75.30 -18.25 5.49
N HIS H 308 75.34 -19.24 4.57
CA HIS H 308 75.84 -20.58 4.86
C HIS H 308 77.32 -20.56 5.22
N ASN H 309 78.08 -19.52 4.80
CA ASN H 309 79.51 -19.40 5.09
C ASN H 309 79.83 -18.52 6.31
N GLU H 310 78.86 -18.25 7.19
CA GLU H 310 79.06 -17.33 8.31
C GLU H 310 79.29 -18.15 9.57
N PRO H 311 80.49 -18.06 10.21
CA PRO H 311 80.84 -18.92 11.34
C PRO H 311 79.77 -19.05 12.40
N HIS H 312 79.19 -17.93 12.82
CA HIS H 312 78.20 -17.95 13.89
C HIS H 312 76.92 -18.69 13.47
N ILE H 313 76.65 -18.70 12.17
CA ILE H 313 75.46 -19.32 11.62
C ILE H 313 75.68 -20.82 11.65
N ILE H 314 76.85 -21.24 11.11
CA ILE H 314 77.31 -22.61 11.05
C ILE H 314 77.33 -23.27 12.44
N GLU H 315 77.99 -22.62 13.38
CA GLU H 315 78.27 -23.26 14.64
C GLU H 315 76.99 -23.52 15.42
N ARG H 316 75.98 -22.66 15.29
CA ARG H 316 74.74 -22.89 16.03
C ARG H 316 73.72 -23.75 15.25
N ASN H 317 74.06 -24.23 14.05
CA ASN H 317 73.15 -24.91 13.15
C ASN H 317 71.81 -24.15 13.13
N THR H 318 71.89 -22.90 12.69
CA THR H 318 70.71 -22.11 12.44
C THR H 318 70.02 -22.67 11.20
N PHE H 319 70.78 -23.21 10.24
CA PHE H 319 70.27 -23.72 8.97
C PHE H 319 70.64 -25.20 8.79
N TYR H 320 69.90 -25.89 7.90
CA TYR H 320 70.23 -27.25 7.46
C TYR H 320 70.06 -27.31 5.95
N GLU H 321 70.74 -28.25 5.32
CA GLU H 321 70.63 -28.40 3.88
C GLU H 321 69.68 -29.55 3.58
N ALA H 322 68.44 -29.20 3.21
CA ALA H 322 67.54 -30.11 2.50
C ALA H 322 67.50 -29.69 1.02
N ASN H 323 66.42 -30.05 0.32
CA ASN H 323 65.99 -29.36 -0.89
C ASN H 323 67.12 -29.39 -1.92
N GLY H 324 67.15 -28.35 -2.77
CA GLY H 324 68.37 -27.83 -3.37
C GLY H 324 68.69 -26.44 -2.79
N GLY H 325 69.03 -26.40 -1.50
CA GLY H 325 69.41 -25.17 -0.83
C GLY H 325 69.00 -25.18 0.63
N TRP H 326 69.53 -24.21 1.37
CA TRP H 326 69.44 -24.16 2.83
C TRP H 326 68.06 -23.74 3.33
N GLN H 327 67.78 -24.11 4.57
CA GLN H 327 66.50 -23.88 5.20
C GLN H 327 66.73 -23.67 6.69
N PRO H 328 65.99 -22.76 7.35
CA PRO H 328 66.16 -22.57 8.78
C PRO H 328 65.65 -23.75 9.60
N MET H 329 66.37 -24.01 10.69
CA MET H 329 66.01 -25.05 11.63
C MET H 329 64.93 -24.51 12.56
N PRO H 330 64.17 -25.40 13.21
CA PRO H 330 63.18 -24.96 14.15
C PRO H 330 63.71 -23.92 15.11
N ALA H 331 62.81 -23.08 15.57
CA ALA H 331 63.04 -22.14 16.64
C ALA H 331 61.72 -22.04 17.37
N PRO H 332 61.71 -21.68 18.66
CA PRO H 332 62.95 -21.58 19.43
C PRO H 332 63.57 -22.95 19.74
N ARG H 333 64.56 -22.97 20.65
CA ARG H 333 65.22 -24.22 21.03
C ARG H 333 64.94 -24.55 22.49
N PHE H 334 64.91 -25.86 22.78
CA PHE H 334 64.48 -26.41 24.06
C PHE H 334 65.57 -27.27 24.68
N SER H 335 65.70 -27.20 26.02
CA SER H 335 66.75 -27.92 26.75
C SER H 335 66.50 -29.44 26.74
N ARG H 336 65.34 -29.88 27.27
CA ARG H 336 65.01 -31.31 27.32
C ARG H 336 64.46 -31.87 25.99
N THR H 337 63.29 -31.34 25.56
CA THR H 337 62.53 -31.90 24.44
C THR H 337 62.92 -31.21 23.13
N ALA H 338 64.10 -31.55 22.61
CA ALA H 338 64.67 -30.83 21.50
C ALA H 338 63.92 -31.21 20.24
N SER H 339 63.68 -30.22 19.39
CA SER H 339 63.18 -30.46 18.06
C SER H 339 64.25 -31.24 17.30
N SER H 340 63.88 -31.70 16.11
CA SER H 340 64.75 -32.47 15.24
C SER H 340 64.73 -31.84 13.87
N GLN H 341 65.60 -32.34 12.98
CA GLN H 341 65.62 -31.86 11.61
C GLN H 341 64.21 -32.00 11.06
N PRO H 342 63.65 -30.99 10.37
CA PRO H 342 62.34 -31.12 9.77
C PRO H 342 62.29 -32.26 8.73
N ARG H 343 61.19 -33.04 8.81
CA ARG H 343 60.91 -34.08 7.83
C ARG H 343 60.43 -33.40 6.55
N PRO H 344 61.02 -33.70 5.36
CA PRO H 344 60.59 -33.04 4.13
C PRO H 344 59.14 -33.38 3.76
N PRO H 345 58.58 -32.78 2.68
CA PRO H 345 57.13 -32.86 2.43
C PRO H 345 56.65 -34.27 2.07
N ALA H 346 55.59 -34.74 2.77
CA ALA H 346 55.22 -36.15 2.77
C ALA H 346 54.18 -36.49 1.70
N ALA H 347 54.64 -37.08 0.59
CA ALA H 347 53.84 -37.55 -0.55
C ALA H 347 52.41 -37.95 -0.13
N THR H 348 51.45 -37.72 -1.05
CA THR H 348 50.02 -37.71 -0.76
C THR H 348 49.60 -39.06 -0.19
N ILE H 349 49.51 -39.16 1.14
CA ILE H 349 49.02 -40.37 1.76
C ILE H 349 47.49 -40.31 1.75
N ASP H 350 46.86 -41.46 2.03
CA ASP H 350 45.40 -41.58 1.97
C ASP H 350 44.78 -41.27 3.34
N ILE H 351 43.64 -40.57 3.32
CA ILE H 351 43.05 -39.96 4.50
C ILE H 351 42.50 -40.99 5.48
N GLU H 352 42.23 -42.22 5.00
CA GLU H 352 41.77 -43.30 5.85
C GLU H 352 42.95 -43.84 6.68
N ALA H 353 44.14 -43.91 6.07
CA ALA H 353 45.36 -44.40 6.71
C ALA H 353 45.70 -43.58 7.96
N VAL H 354 45.31 -42.29 7.95
CA VAL H 354 45.49 -41.41 9.08
C VAL H 354 44.45 -41.76 10.14
N LEU H 355 43.23 -42.07 9.69
CA LEU H 355 42.14 -42.38 10.61
C LEU H 355 42.32 -43.77 11.24
N THR H 356 43.04 -44.68 10.55
CA THR H 356 43.54 -45.89 11.17
C THR H 356 44.44 -45.48 12.35
N ASP H 357 45.52 -44.74 12.03
CA ASP H 357 46.58 -44.35 12.97
C ASP H 357 45.99 -43.59 14.17
N TRP H 358 45.01 -42.69 13.96
CA TRP H 358 44.45 -41.93 15.07
C TRP H 358 43.27 -42.65 15.73
N ASP H 359 42.98 -43.89 15.31
CA ASP H 359 41.75 -44.59 15.68
C ASP H 359 40.56 -43.95 14.95
N MET I 1 -49.44 47.16 -16.22
CA MET I 1 -48.29 47.75 -15.47
C MET I 1 -47.64 48.86 -16.31
N ALA I 2 -47.49 50.05 -15.69
CA ALA I 2 -46.98 51.25 -16.33
C ALA I 2 -45.45 51.23 -16.40
N GLY I 3 -44.92 51.46 -17.60
CA GLY I 3 -43.54 51.85 -17.78
C GLY I 3 -42.96 51.10 -18.96
N PRO I 4 -41.73 51.38 -19.38
CA PRO I 4 -41.21 50.77 -20.58
C PRO I 4 -40.91 49.28 -20.46
N LEU I 5 -40.86 48.73 -19.24
CA LEU I 5 -40.55 47.32 -19.08
C LEU I 5 -41.82 46.54 -18.75
N SER I 6 -42.99 47.00 -19.20
CA SER I 6 -44.22 46.20 -19.12
C SER I 6 -43.98 44.85 -19.77
N GLY I 7 -44.44 43.77 -19.12
CA GLY I 7 -44.36 42.43 -19.66
C GLY I 7 -43.03 41.70 -19.40
N LEU I 8 -41.99 42.38 -18.92
CA LEU I 8 -40.74 41.72 -18.57
C LEU I 8 -40.95 41.03 -17.22
N ARG I 9 -40.45 39.79 -17.12
CA ARG I 9 -40.67 38.96 -15.93
C ARG I 9 -39.33 38.70 -15.25
N VAL I 10 -39.33 38.98 -13.96
CA VAL I 10 -38.08 38.94 -13.22
C VAL I 10 -38.27 38.08 -11.97
N VAL I 11 -37.32 37.17 -11.78
CA VAL I 11 -37.26 36.44 -10.52
C VAL I 11 -36.06 36.90 -9.70
N GLU I 12 -36.34 37.26 -8.44
CA GLU I 12 -35.30 37.76 -7.55
C GLU I 12 -35.09 36.79 -6.38
N LEU I 13 -33.90 36.22 -6.31
CA LEU I 13 -33.53 35.44 -5.13
C LEU I 13 -33.11 36.43 -4.04
N ALA I 14 -33.94 36.54 -2.99
CA ALA I 14 -33.76 37.57 -1.96
C ALA I 14 -32.36 37.56 -1.35
N GLY I 15 -31.71 38.72 -1.45
CA GLY I 15 -30.43 39.02 -0.82
C GLY I 15 -30.43 40.45 -0.26
N ILE I 16 -29.26 41.10 -0.22
CA ILE I 16 -29.15 42.43 0.37
C ILE I 16 -28.33 43.33 -0.54
N GLY I 17 -28.68 44.62 -0.59
CA GLY I 17 -27.84 45.60 -1.29
C GLY I 17 -28.13 45.69 -2.78
N PRO I 18 -27.14 45.41 -3.66
CA PRO I 18 -27.30 45.63 -5.09
C PRO I 18 -28.43 44.82 -5.72
N GLY I 19 -28.56 43.55 -5.36
CA GLY I 19 -29.54 42.69 -5.98
C GLY I 19 -30.94 43.28 -5.86
N PRO I 20 -31.40 43.55 -4.63
CA PRO I 20 -32.72 44.14 -4.45
C PRO I 20 -32.90 45.52 -5.07
N HIS I 21 -31.85 46.34 -5.07
CA HIS I 21 -31.98 47.68 -5.61
C HIS I 21 -32.20 47.60 -7.13
N ALA I 22 -31.46 46.71 -7.80
CA ALA I 22 -31.68 46.38 -9.21
C ALA I 22 -33.10 45.89 -9.44
N ALA I 23 -33.58 45.01 -8.58
CA ALA I 23 -34.92 44.47 -8.77
C ALA I 23 -35.95 45.59 -8.65
N MET I 24 -35.69 46.51 -7.72
CA MET I 24 -36.57 47.64 -7.47
C MET I 24 -36.67 48.52 -8.72
N ILE I 25 -35.56 48.81 -9.39
CA ILE I 25 -35.62 49.67 -10.55
C ILE I 25 -36.37 48.98 -11.69
N LEU I 26 -36.05 47.72 -12.01
CA LEU I 26 -36.85 46.99 -12.97
C LEU I 26 -38.33 47.12 -12.62
N GLY I 27 -38.71 46.93 -11.35
CA GLY I 27 -40.12 47.02 -11.01
C GLY I 27 -40.67 48.43 -11.14
N ASP I 28 -39.89 49.41 -10.63
CA ASP I 28 -40.15 50.82 -10.84
C ASP I 28 -40.56 51.10 -12.29
N LEU I 29 -39.81 50.56 -13.25
CA LEU I 29 -40.04 50.80 -14.68
C LEU I 29 -41.07 49.83 -15.29
N GLY I 30 -41.87 49.14 -14.46
CA GLY I 30 -43.01 48.34 -14.89
C GLY I 30 -42.73 46.85 -15.18
N ALA I 31 -41.52 46.36 -14.90
CA ALA I 31 -41.28 44.91 -14.89
C ALA I 31 -42.11 44.18 -13.82
N ASP I 32 -42.41 42.89 -14.11
CA ASP I 32 -43.13 42.00 -13.21
C ASP I 32 -42.11 41.23 -12.38
N VAL I 33 -41.97 41.61 -11.09
CA VAL I 33 -40.83 41.17 -10.29
C VAL I 33 -41.31 40.23 -9.20
N VAL I 34 -40.75 39.02 -9.15
CA VAL I 34 -41.14 38.07 -8.11
C VAL I 34 -39.91 37.74 -7.27
N ARG I 35 -40.02 38.07 -5.97
CA ARG I 35 -38.91 37.87 -5.05
C ARG I 35 -39.15 36.61 -4.20
N ILE I 36 -38.24 35.63 -4.30
CA ILE I 36 -38.30 34.43 -3.46
C ILE I 36 -37.44 34.67 -2.22
N ASP I 37 -38.07 34.70 -1.04
CA ASP I 37 -37.35 34.77 0.23
C ASP I 37 -37.57 33.50 1.06
N ARG I 38 -36.61 33.17 1.95
CA ARG I 38 -36.75 32.09 2.93
C ARG I 38 -38.00 32.28 3.79
N PRO I 39 -38.73 31.21 4.20
CA PRO I 39 -39.84 31.35 5.14
C PRO I 39 -39.42 31.83 6.53
N SER I 40 -38.20 31.45 6.94
CA SER I 40 -37.63 31.85 8.22
C SER I 40 -37.67 33.37 8.38
N SER I 41 -36.73 34.09 7.74
CA SER I 41 -36.75 35.55 7.74
C SER I 41 -37.85 36.06 6.80
N VAL I 42 -39.07 36.21 7.33
CA VAL I 42 -40.27 36.62 6.59
C VAL I 42 -41.43 36.79 7.59
N ASP I 43 -42.05 37.98 7.60
CA ASP I 43 -43.07 38.30 8.57
C ASP I 43 -44.44 38.18 7.91
N ILE I 45 -46.00 42.09 6.23
CA ILE I 45 -45.79 43.25 5.30
C ILE I 45 -44.40 43.82 5.59
N SER I 46 -43.52 43.78 4.59
CA SER I 46 -42.11 44.11 4.80
C SER I 46 -41.94 45.59 5.14
N ARG I 47 -40.93 45.89 5.97
CA ARG I 47 -40.66 47.25 6.44
C ARG I 47 -40.00 48.10 5.35
N ASP I 48 -39.18 47.43 4.52
CA ASP I 48 -38.21 48.08 3.65
C ASP I 48 -38.91 48.63 2.41
N ALA I 49 -38.90 49.95 2.24
CA ALA I 49 -39.45 50.54 1.03
C ALA I 49 -38.59 50.20 -0.19
N MET I 50 -37.43 49.53 -0.01
CA MET I 50 -36.66 49.03 -1.16
C MET I 50 -37.33 47.81 -1.79
N LEU I 51 -38.33 47.23 -1.08
CA LEU I 51 -39.03 46.08 -1.62
C LEU I 51 -40.36 46.50 -2.23
N ARG I 52 -40.44 47.76 -2.69
CA ARG I 52 -41.59 48.28 -3.44
C ARG I 52 -41.63 47.61 -4.82
N ASN I 53 -42.80 47.68 -5.47
CA ASN I 53 -42.97 47.18 -6.84
C ASN I 53 -42.57 45.71 -6.94
N ARG I 54 -43.03 44.91 -6.00
CA ARG I 54 -42.55 43.56 -5.84
C ARG I 54 -43.74 42.64 -5.56
N ARG I 55 -43.67 41.39 -6.04
CA ARG I 55 -44.45 40.31 -5.42
C ARG I 55 -43.51 39.39 -4.62
N ILE I 56 -43.85 39.16 -3.33
CA ILE I 56 -43.00 38.42 -2.41
C ILE I 56 -43.56 37.02 -2.23
N VAL I 57 -42.72 36.00 -2.51
CA VAL I 57 -43.05 34.60 -2.27
C VAL I 57 -41.99 33.95 -1.38
N THR I 58 -42.40 32.84 -0.75
CA THR I 58 -41.68 32.13 0.30
C THR I 58 -41.36 30.72 -0.18
N ALA I 59 -40.12 30.27 0.01
CA ALA I 59 -39.76 28.91 -0.34
C ALA I 59 -38.42 28.54 0.27
N ASP I 60 -38.35 27.30 0.78
CA ASP I 60 -37.11 26.70 1.24
C ASP I 60 -36.50 25.96 0.06
N LEU I 61 -35.43 26.54 -0.51
CA LEU I 61 -34.83 26.04 -1.74
C LEU I 61 -33.90 24.87 -1.45
N LYS I 62 -33.77 24.52 -0.16
CA LYS I 62 -33.04 23.33 0.22
C LYS I 62 -33.94 22.10 0.07
N SER I 63 -35.26 22.29 0.22
CA SER I 63 -36.27 21.25 0.02
C SER I 63 -36.43 20.90 -1.47
N ASP I 64 -37.17 19.83 -1.76
CA ASP I 64 -37.36 19.41 -3.14
C ASP I 64 -38.57 20.13 -3.75
N GLN I 65 -39.57 20.41 -2.91
CA GLN I 65 -40.72 21.20 -3.32
C GLN I 65 -40.32 22.65 -3.55
N GLY I 66 -39.25 23.10 -2.89
CA GLY I 66 -38.73 24.45 -3.08
C GLY I 66 -37.99 24.59 -4.41
N LEU I 67 -36.95 23.77 -4.64
CA LEU I 67 -36.21 23.79 -5.89
C LEU I 67 -37.15 23.57 -7.08
N GLU I 68 -38.17 22.71 -6.92
CA GLU I 68 -39.15 22.43 -7.98
C GLU I 68 -39.96 23.69 -8.33
N LEU I 69 -40.56 24.34 -7.31
CA LEU I 69 -41.42 25.49 -7.52
C LEU I 69 -40.65 26.67 -8.12
N ALA I 70 -39.42 26.89 -7.63
CA ALA I 70 -38.54 27.94 -8.11
C ALA I 70 -38.17 27.69 -9.56
N LEU I 71 -37.79 26.45 -9.88
CA LEU I 71 -37.46 26.10 -11.26
C LEU I 71 -38.67 26.29 -12.18
N LYS I 72 -39.90 26.34 -11.64
CA LYS I 72 -41.08 26.58 -12.44
C LYS I 72 -41.21 28.08 -12.76
N LEU I 73 -41.09 28.96 -11.75
CA LEU I 73 -41.10 30.41 -11.99
C LEU I 73 -40.04 30.76 -13.02
N ILE I 74 -38.87 30.19 -12.88
CA ILE I 74 -37.74 30.55 -13.73
C ILE I 74 -38.00 30.12 -15.17
N ALA I 75 -38.80 29.05 -15.36
CA ALA I 75 -39.08 28.55 -16.71
C ALA I 75 -39.89 29.60 -17.48
N LYS I 76 -40.75 30.35 -16.78
CA LYS I 76 -41.68 31.29 -17.39
C LYS I 76 -41.18 32.74 -17.31
N ALA I 77 -39.89 32.97 -17.04
CA ALA I 77 -39.38 34.30 -16.68
C ALA I 77 -38.30 34.75 -17.67
N ASP I 78 -38.03 36.06 -17.70
CA ASP I 78 -37.03 36.62 -18.61
C ASP I 78 -35.70 36.75 -17.89
N VAL I 79 -35.77 37.09 -16.59
CA VAL I 79 -34.58 37.42 -15.83
C VAL I 79 -34.57 36.72 -14.48
N LEU I 80 -33.40 36.16 -14.16
CA LEU I 80 -33.13 35.74 -12.80
C LEU I 80 -32.03 36.61 -12.20
N ILE I 81 -32.28 37.10 -10.98
CA ILE I 81 -31.28 37.83 -10.19
C ILE I 81 -30.91 37.05 -8.93
N GLU I 82 -29.62 36.78 -8.75
CA GLU I 82 -29.13 36.28 -7.46
C GLU I 82 -27.87 37.06 -7.05
N GLY I 83 -27.73 37.29 -5.72
CA GLY I 83 -26.55 37.96 -5.18
C GLY I 83 -25.90 37.18 -4.02
N TYR I 84 -25.90 35.85 -4.12
CA TYR I 84 -25.25 35.00 -3.14
C TYR I 84 -23.79 34.87 -3.54
N ARG I 85 -23.00 34.22 -2.69
CA ARG I 85 -21.60 34.00 -3.04
C ARG I 85 -21.58 33.02 -4.21
N PRO I 86 -20.50 32.98 -5.01
CA PRO I 86 -20.35 31.95 -6.02
C PRO I 86 -20.46 30.56 -5.44
N GLY I 87 -21.10 29.66 -6.20
CA GLY I 87 -21.28 28.27 -5.81
C GLY I 87 -22.65 28.09 -5.17
N VAL I 88 -23.24 29.16 -4.62
CA VAL I 88 -24.43 28.96 -3.82
C VAL I 88 -25.57 28.43 -4.69
N THR I 89 -25.79 29.06 -5.84
CA THR I 89 -26.93 28.66 -6.66
C THR I 89 -26.61 27.29 -7.27
N GLU I 90 -25.36 27.06 -7.65
CA GLU I 90 -24.99 25.74 -8.15
C GLU I 90 -25.51 24.68 -7.17
N ARG I 91 -24.99 24.69 -5.93
CA ARG I 91 -25.27 23.70 -4.89
C ARG I 91 -26.75 23.66 -4.49
N LEU I 92 -27.53 24.70 -4.78
CA LEU I 92 -28.97 24.65 -4.57
C LEU I 92 -29.67 23.95 -5.75
N GLY I 93 -28.93 23.76 -6.85
CA GLY I 93 -29.48 23.28 -8.11
C GLY I 93 -30.11 24.38 -8.98
N LEU I 94 -29.85 25.68 -8.66
CA LEU I 94 -30.46 26.81 -9.36
C LEU I 94 -29.38 27.56 -10.12
N GLY I 95 -28.34 26.88 -10.52
CA GLY I 95 -27.20 27.52 -11.16
C GLY I 95 -27.54 27.77 -12.63
N PRO I 96 -26.66 28.48 -13.36
CA PRO I 96 -26.93 28.81 -14.75
C PRO I 96 -27.22 27.56 -15.58
N GLU I 97 -26.30 26.60 -15.55
CA GLU I 97 -26.39 25.36 -16.33
C GLU I 97 -27.74 24.65 -16.17
N GLU I 98 -28.25 24.60 -14.93
CA GLU I 98 -29.52 23.96 -14.63
C GLU I 98 -30.70 24.83 -15.08
N CYS I 99 -30.54 26.15 -14.93
CA CYS I 99 -31.57 27.10 -15.34
C CYS I 99 -31.67 27.09 -16.87
N ALA I 100 -30.52 26.93 -17.56
CA ALA I 100 -30.44 26.95 -19.01
C ALA I 100 -31.07 25.70 -19.65
N LYS I 101 -31.49 24.73 -18.81
CA LYS I 101 -32.10 23.50 -19.27
C LYS I 101 -33.62 23.64 -19.32
N VAL I 102 -34.20 24.46 -18.43
CA VAL I 102 -35.66 24.70 -18.40
C VAL I 102 -36.05 25.99 -19.14
N ASN I 103 -35.07 26.78 -19.62
CA ASN I 103 -35.34 28.08 -20.24
C ASN I 103 -34.02 28.68 -20.74
N ASP I 104 -33.66 28.40 -22.00
CA ASP I 104 -32.42 28.88 -22.60
C ASP I 104 -32.56 30.32 -23.10
N ARG I 105 -33.73 30.93 -22.87
CA ARG I 105 -33.94 32.34 -23.15
C ARG I 105 -33.46 33.22 -21.98
N LEU I 106 -33.12 32.60 -20.83
CA LEU I 106 -33.05 33.27 -19.54
C LEU I 106 -31.85 34.21 -19.46
N ILE I 107 -32.10 35.39 -18.87
CA ILE I 107 -31.02 36.26 -18.45
C ILE I 107 -30.69 35.95 -16.99
N TYR I 108 -29.47 35.44 -16.80
CA TYR I 108 -29.07 34.90 -15.51
C TYR I 108 -28.14 35.95 -14.91
N ALA I 109 -28.69 36.76 -13.99
CA ALA I 109 -27.94 37.92 -13.52
C ALA I 109 -27.32 37.65 -12.13
N ARG I 110 -25.98 37.65 -12.10
CA ARG I 110 -25.20 37.31 -10.92
C ARG I 110 -24.54 38.55 -10.32
N MET I 111 -25.09 38.99 -9.18
CA MET I 111 -24.60 40.18 -8.50
C MET I 111 -23.61 39.83 -7.40
N THR I 112 -22.29 40.03 -7.60
CA THR I 112 -21.35 39.87 -6.49
C THR I 112 -20.54 41.13 -6.25
N GLY I 113 -19.67 41.10 -5.21
CA GLY I 113 -18.66 42.14 -5.04
C GLY I 113 -17.32 41.77 -5.66
N TRP I 114 -16.87 40.54 -5.41
CA TRP I 114 -15.53 40.19 -5.84
C TRP I 114 -15.57 39.50 -7.21
N GLY I 115 -16.76 39.07 -7.62
CA GLY I 115 -16.85 38.26 -8.84
C GLY I 115 -16.93 36.75 -8.55
N GLN I 116 -16.91 35.96 -9.63
CA GLN I 116 -17.23 34.54 -9.56
C GLN I 116 -15.98 33.69 -9.36
N THR I 117 -14.80 34.23 -9.64
CA THR I 117 -13.55 33.51 -9.50
C THR I 117 -12.54 34.42 -8.81
N GLY I 118 -11.47 33.80 -8.33
CA GLY I 118 -10.27 34.52 -7.93
C GLY I 118 -10.11 34.47 -6.41
N PRO I 119 -8.97 34.96 -5.87
CA PRO I 119 -8.61 34.70 -4.48
C PRO I 119 -9.62 35.15 -3.44
N ARG I 120 -10.40 36.20 -3.73
CA ARG I 120 -11.28 36.79 -2.74
C ARG I 120 -12.72 36.39 -2.99
N SER I 121 -12.95 35.53 -3.99
CA SER I 121 -14.31 35.21 -4.43
C SER I 121 -15.19 34.67 -3.31
N GLN I 122 -14.60 34.13 -2.22
CA GLN I 122 -15.40 33.52 -1.16
C GLN I 122 -15.40 34.35 0.12
N GLN I 123 -14.59 35.43 0.13
CA GLN I 123 -14.60 36.34 1.27
C GLN I 123 -15.90 37.13 1.32
N ALA I 124 -16.52 37.12 2.49
CA ALA I 124 -17.56 38.05 2.86
C ALA I 124 -17.04 39.47 2.72
N GLY I 125 -17.98 40.38 2.52
CA GLY I 125 -17.60 41.74 2.19
C GLY I 125 -18.81 42.65 2.06
N HIS I 126 -18.49 43.94 2.06
CA HIS I 126 -19.48 44.98 1.87
C HIS I 126 -18.85 46.07 1.02
N ASP I 127 -19.70 47.03 0.67
CA ASP I 127 -19.33 48.13 -0.21
C ASP I 127 -17.91 48.61 0.08
N ILE I 128 -17.68 48.99 1.34
CA ILE I 128 -16.42 49.63 1.73
C ILE I 128 -15.21 48.76 1.35
N ASN I 129 -15.41 47.44 1.43
CA ASN I 129 -14.36 46.50 1.08
C ASN I 129 -14.08 46.50 -0.41
N TYR I 130 -15.14 46.46 -1.23
CA TYR I 130 -14.94 46.33 -2.69
C TYR I 130 -14.25 47.59 -3.21
N ILE I 131 -14.65 48.75 -2.69
CA ILE I 131 -14.00 49.98 -3.14
C ILE I 131 -12.64 50.22 -2.50
N SER I 132 -12.28 49.51 -1.41
CA SER I 132 -10.94 49.74 -0.88
C SER I 132 -9.90 49.16 -1.82
N LEU I 133 -10.24 48.13 -2.58
CA LEU I 133 -9.24 47.37 -3.31
C LEU I 133 -8.90 48.00 -4.67
N ASN I 134 -9.75 48.87 -5.20
CA ASN I 134 -9.54 49.34 -6.57
C ASN I 134 -9.24 50.85 -6.61
N GLY I 135 -8.95 51.46 -5.46
CA GLY I 135 -8.37 52.80 -5.41
C GLY I 135 -9.39 53.90 -5.05
N ILE I 136 -10.68 53.57 -5.06
CA ILE I 136 -11.76 54.52 -4.93
C ILE I 136 -11.81 55.08 -3.51
N LEU I 137 -11.92 54.21 -2.52
CA LEU I 137 -12.04 54.67 -1.14
C LEU I 137 -10.87 55.56 -0.77
N HIS I 138 -9.67 55.22 -1.26
CA HIS I 138 -8.47 55.96 -0.89
C HIS I 138 -8.57 57.41 -1.35
N ALA I 139 -9.33 57.65 -2.43
CA ALA I 139 -9.35 58.95 -3.09
C ALA I 139 -10.40 59.88 -2.50
N ILE I 140 -11.17 59.40 -1.50
CA ILE I 140 -12.29 60.13 -0.94
C ILE I 140 -11.97 60.57 0.49
N GLY I 141 -12.10 61.89 0.72
CA GLY I 141 -11.99 62.49 2.04
C GLY I 141 -10.97 63.61 2.05
N ARG I 142 -10.77 64.22 3.22
CA ARG I 142 -9.77 65.26 3.32
C ARG I 142 -8.36 64.66 3.36
N GLY I 143 -7.37 65.46 2.95
CA GLY I 143 -6.01 64.99 2.80
C GLY I 143 -5.31 64.78 4.15
N ASP I 144 -5.80 65.48 5.17
CA ASP I 144 -5.19 65.44 6.49
C ASP I 144 -5.81 64.32 7.33
N GLU I 145 -6.67 63.48 6.73
CA GLU I 145 -7.49 62.54 7.48
C GLU I 145 -7.56 61.18 6.78
N ARG I 146 -8.14 60.20 7.48
CA ARG I 146 -8.24 58.87 6.92
C ARG I 146 -9.44 58.83 5.97
N PRO I 147 -9.44 57.92 4.97
CA PRO I 147 -10.47 57.94 3.95
C PRO I 147 -11.86 57.79 4.54
N VAL I 148 -12.88 58.42 3.94
CA VAL I 148 -14.21 58.33 4.47
C VAL I 148 -15.07 57.62 3.43
N PRO I 149 -15.94 56.71 3.86
CA PRO I 149 -16.82 56.02 2.94
C PRO I 149 -17.95 56.89 2.45
N PRO I 150 -18.15 56.95 1.11
CA PRO I 150 -19.29 57.62 0.53
C PRO I 150 -20.57 56.80 0.66
N LEU I 151 -21.02 56.62 1.92
CA LEU I 151 -22.09 55.70 2.23
C LEU I 151 -21.79 54.41 1.48
N ASN I 152 -22.83 53.75 0.99
CA ASN I 152 -22.63 52.58 0.14
C ASN I 152 -23.12 52.88 -1.27
N LEU I 153 -22.88 54.11 -1.73
CA LEU I 153 -23.43 54.55 -3.00
C LEU I 153 -22.60 54.07 -4.18
N VAL I 154 -21.30 53.86 -4.00
CA VAL I 154 -20.42 53.73 -5.15
C VAL I 154 -20.19 52.26 -5.48
N GLY I 155 -20.18 51.40 -4.46
CA GLY I 155 -19.93 49.97 -4.65
C GLY I 155 -21.22 49.18 -4.84
N ASP I 156 -22.16 49.30 -3.89
CA ASP I 156 -23.47 48.68 -3.94
C ASP I 156 -24.34 49.14 -5.10
N PHE I 157 -24.50 50.45 -5.29
CA PHE I 157 -25.49 50.95 -6.23
C PHE I 157 -24.83 51.40 -7.54
N GLY I 158 -24.07 52.49 -7.50
CA GLY I 158 -23.50 53.04 -8.73
C GLY I 158 -22.66 52.05 -9.51
N GLY I 159 -21.83 51.26 -8.80
CA GLY I 159 -20.88 50.32 -9.42
C GLY I 159 -21.37 48.88 -9.31
N GLY I 160 -22.54 48.70 -8.73
CA GLY I 160 -23.09 47.38 -8.48
C GLY I 160 -24.40 47.17 -9.23
N SER I 161 -25.49 47.58 -8.61
CA SER I 161 -26.82 47.38 -9.12
C SER I 161 -27.01 48.03 -10.49
N MET I 162 -26.44 49.22 -10.69
CA MET I 162 -26.65 49.90 -11.96
C MET I 162 -26.00 49.10 -13.07
N PHE I 163 -24.88 48.44 -12.80
CA PHE I 163 -24.19 47.68 -13.84
C PHE I 163 -24.89 46.35 -14.10
N LEU I 164 -25.52 45.79 -13.08
CA LEU I 164 -26.35 44.60 -13.23
C LEU I 164 -27.44 44.93 -14.23
N LEU I 165 -28.09 46.07 -13.99
CA LEU I 165 -29.22 46.55 -14.78
C LEU I 165 -28.81 46.76 -16.23
N VAL I 166 -27.67 47.40 -16.43
CA VAL I 166 -27.18 47.59 -17.78
C VAL I 166 -26.94 46.22 -18.41
N GLY I 167 -26.48 45.25 -17.62
CA GLY I 167 -26.14 43.94 -18.14
C GLY I 167 -27.40 43.19 -18.58
N ILE I 168 -28.38 43.17 -17.67
CA ILE I 168 -29.66 42.56 -17.92
C ILE I 168 -30.27 43.11 -19.20
N LEU I 169 -30.35 44.45 -19.30
CA LEU I 169 -31.04 45.08 -20.43
C LEU I 169 -30.21 44.96 -21.69
N ALA I 170 -28.89 45.07 -21.58
CA ALA I 170 -28.04 44.84 -22.75
C ALA I 170 -28.22 43.40 -23.25
N ALA I 171 -28.46 42.45 -22.33
CA ALA I 171 -28.51 41.04 -22.71
C ALA I 171 -29.85 40.76 -23.37
N LEU I 172 -30.93 41.30 -22.80
CA LEU I 172 -32.26 41.30 -23.40
C LEU I 172 -32.27 41.85 -24.83
N TRP I 173 -31.51 42.93 -25.09
CA TRP I 173 -31.38 43.44 -26.44
C TRP I 173 -30.75 42.39 -27.36
N GLU I 174 -29.61 41.80 -26.93
CA GLU I 174 -28.88 40.83 -27.75
C GLU I 174 -29.75 39.60 -28.01
N ARG I 175 -30.64 39.25 -27.06
CA ARG I 175 -31.53 38.11 -27.16
C ARG I 175 -32.50 38.28 -28.32
N GLN I 176 -32.93 39.53 -28.59
CA GLN I 176 -33.81 39.81 -29.72
C GLN I 176 -33.22 39.21 -31.00
N SER I 177 -31.92 39.40 -31.28
CA SER I 177 -31.24 38.86 -32.46
C SER I 177 -30.99 37.34 -32.40
N SER I 178 -30.66 36.82 -31.21
CA SER I 178 -29.98 35.53 -31.08
C SER I 178 -30.94 34.42 -30.70
N GLY I 179 -32.09 34.79 -30.12
CA GLY I 179 -33.04 33.86 -29.53
C GLY I 179 -32.61 33.32 -28.15
N LYS I 180 -31.40 33.68 -27.68
CA LYS I 180 -30.80 32.96 -26.56
C LYS I 180 -30.39 33.89 -25.42
N GLY I 181 -30.71 33.46 -24.19
CA GLY I 181 -30.24 34.10 -22.96
C GLY I 181 -28.73 33.96 -22.78
N GLN I 182 -28.26 34.38 -21.60
CA GLN I 182 -26.85 34.23 -21.24
C GLN I 182 -26.67 34.63 -19.78
N VAL I 183 -25.41 34.58 -19.34
CA VAL I 183 -25.08 34.93 -17.96
C VAL I 183 -24.33 36.27 -17.93
N VAL I 184 -24.83 37.11 -17.03
CA VAL I 184 -24.25 38.41 -16.70
C VAL I 184 -23.60 38.35 -15.32
N ASP I 185 -22.27 38.55 -15.28
CA ASP I 185 -21.48 38.57 -14.06
C ASP I 185 -21.16 40.04 -13.71
N ALA I 186 -21.94 40.61 -12.79
CA ALA I 186 -21.74 41.95 -12.25
C ALA I 186 -21.00 41.93 -10.90
N ALA I 187 -19.71 42.31 -10.95
CA ALA I 187 -18.86 42.44 -9.78
C ALA I 187 -18.67 43.92 -9.39
N MET I 188 -19.03 44.27 -8.14
CA MET I 188 -18.94 45.64 -7.65
C MET I 188 -17.55 46.18 -7.82
N VAL I 189 -16.54 45.32 -7.77
CA VAL I 189 -15.18 45.81 -7.91
C VAL I 189 -14.87 46.21 -9.34
N ASP I 190 -15.59 45.60 -10.31
CA ASP I 190 -15.42 45.93 -11.71
C ASP I 190 -16.27 47.17 -12.03
N GLY I 191 -17.55 47.12 -11.68
CA GLY I 191 -18.50 48.17 -11.98
C GLY I 191 -18.05 49.51 -11.40
N SER I 192 -17.66 49.52 -10.13
CA SER I 192 -17.17 50.72 -9.50
C SER I 192 -15.91 51.22 -10.23
N SER I 193 -15.08 50.31 -10.74
CA SER I 193 -13.90 50.73 -11.49
C SER I 193 -14.25 51.48 -12.79
N VAL I 194 -15.28 51.01 -13.51
CA VAL I 194 -15.68 51.66 -14.74
C VAL I 194 -16.34 53.00 -14.40
N LEU I 195 -17.14 53.01 -13.33
CA LEU I 195 -17.76 54.21 -12.84
C LEU I 195 -16.74 55.31 -12.60
N ILE I 196 -15.53 54.96 -12.22
CA ILE I 196 -14.52 55.97 -11.93
C ILE I 196 -13.50 56.03 -13.06
N GLN I 197 -13.92 55.66 -14.27
CA GLN I 197 -12.98 55.62 -15.38
C GLN I 197 -12.35 57.00 -15.64
N MET I 198 -13.10 58.08 -15.37
CA MET I 198 -12.58 59.43 -15.60
C MET I 198 -11.25 59.64 -14.89
N MET I 199 -11.17 59.22 -13.63
CA MET I 199 -9.96 59.40 -12.84
C MET I 199 -8.79 58.62 -13.43
N TRP I 200 -9.05 57.39 -13.89
CA TRP I 200 -7.99 56.56 -14.45
C TRP I 200 -7.48 57.22 -15.74
N ALA I 201 -8.37 57.94 -16.41
CA ALA I 201 -8.03 58.66 -17.64
C ALA I 201 -7.21 59.89 -17.31
N MET I 202 -7.68 60.68 -16.34
CA MET I 202 -6.96 61.88 -15.93
C MET I 202 -5.59 61.51 -15.35
N ARG I 203 -5.48 60.38 -14.63
CA ARG I 203 -4.22 60.00 -14.02
C ARG I 203 -3.19 59.75 -15.12
N ALA I 204 -3.64 59.16 -16.22
CA ALA I 204 -2.74 58.80 -17.31
C ALA I 204 -2.10 60.05 -17.95
N THR I 205 -2.81 61.20 -17.93
CA THR I 205 -2.35 62.42 -18.59
C THR I 205 -1.84 63.46 -17.58
N GLY I 206 -1.55 63.03 -16.34
CA GLY I 206 -1.03 63.90 -15.31
C GLY I 206 -2.06 64.87 -14.70
N MET I 207 -3.36 64.61 -14.85
CA MET I 207 -4.39 65.55 -14.41
C MET I 207 -5.07 65.08 -13.12
N TRP I 208 -4.56 64.00 -12.53
CA TRP I 208 -5.05 63.51 -11.25
C TRP I 208 -3.91 62.79 -10.53
N THR I 209 -3.78 63.01 -9.20
CA THR I 209 -2.75 62.35 -8.42
C THR I 209 -3.39 61.49 -7.32
N ASP I 210 -2.58 60.56 -6.78
CA ASP I 210 -2.97 59.65 -5.72
C ASP I 210 -3.08 60.37 -4.36
N THR I 211 -2.55 61.58 -4.25
CA THR I 211 -2.71 62.39 -3.05
C THR I 211 -4.18 62.77 -2.81
N ARG I 212 -4.70 62.30 -1.68
CA ARG I 212 -6.08 62.55 -1.31
C ARG I 212 -6.25 64.04 -1.01
N GLY I 213 -7.41 64.60 -1.42
CA GLY I 213 -7.74 66.00 -1.18
C GLY I 213 -6.89 67.04 -1.91
N ALA I 214 -6.26 66.71 -3.06
CA ALA I 214 -5.38 67.62 -3.78
C ALA I 214 -5.64 67.59 -5.30
N ASN I 215 -6.90 67.42 -5.70
CA ASN I 215 -7.28 67.31 -7.10
C ASN I 215 -8.50 68.21 -7.35
N MET I 216 -8.89 68.36 -8.61
CA MET I 216 -9.92 69.31 -8.97
C MET I 216 -11.28 68.93 -8.39
N LEU I 217 -11.58 67.64 -8.20
CA LEU I 217 -12.95 67.23 -7.95
C LEU I 217 -13.10 66.49 -6.61
N ASP I 218 -12.06 66.46 -5.79
CA ASP I 218 -12.11 65.71 -4.56
C ASP I 218 -12.19 66.64 -3.35
N GLY I 219 -12.33 67.96 -3.59
CA GLY I 219 -12.46 68.94 -2.54
C GLY I 219 -11.16 69.72 -2.33
N GLY I 220 -10.13 69.42 -3.15
CA GLY I 220 -8.86 70.12 -3.05
C GLY I 220 -8.87 71.49 -3.71
N ALA I 221 -9.73 71.69 -4.73
CA ALA I 221 -9.88 72.95 -5.41
C ALA I 221 -10.83 73.86 -4.66
N PRO I 222 -10.47 75.14 -4.39
CA PRO I 222 -11.36 76.05 -3.68
C PRO I 222 -12.69 76.33 -4.38
N TYR I 223 -12.77 76.09 -5.69
CA TYR I 223 -13.99 76.34 -6.47
C TYR I 223 -14.86 75.09 -6.64
N TYR I 224 -14.39 73.95 -6.05
CA TYR I 224 -15.15 72.73 -6.06
C TYR I 224 -15.13 72.10 -4.67
N ASP I 225 -16.00 72.58 -3.79
CA ASP I 225 -15.97 72.16 -2.41
C ASP I 225 -17.17 72.73 -1.69
N THR I 226 -17.41 72.29 -0.43
CA THR I 226 -18.37 72.92 0.43
C THR I 226 -17.71 74.00 1.29
N TYR I 227 -18.54 74.91 1.79
CA TYR I 227 -18.09 75.98 2.67
C TYR I 227 -19.15 76.22 3.74
N GLU I 228 -18.68 76.49 4.94
CA GLU I 228 -19.55 76.79 6.06
C GLU I 228 -19.94 78.26 6.04
N CYS I 229 -21.21 78.49 6.37
CA CYS I 229 -21.85 79.80 6.43
C CYS I 229 -21.97 80.26 7.88
N ALA I 230 -22.58 81.44 8.10
CA ALA I 230 -22.60 82.09 9.41
C ALA I 230 -23.47 81.34 10.40
N ASP I 231 -24.46 80.60 9.90
CA ASP I 231 -25.39 79.82 10.71
C ASP I 231 -24.87 78.40 10.97
N GLY I 232 -23.64 78.08 10.56
CA GLY I 232 -23.13 76.72 10.70
C GLY I 232 -23.69 75.75 9.64
N ARG I 233 -24.44 76.24 8.63
CA ARG I 233 -24.87 75.39 7.53
C ARG I 233 -23.93 75.56 6.33
N TYR I 234 -24.14 74.79 5.26
CA TYR I 234 -23.13 74.75 4.22
C TYR I 234 -23.73 75.09 2.86
N VAL I 235 -22.88 75.60 1.98
CA VAL I 235 -23.19 75.68 0.57
C VAL I 235 -22.16 74.84 -0.18
N ALA I 236 -22.53 74.46 -1.41
CA ALA I 236 -21.61 73.80 -2.32
C ALA I 236 -21.28 74.73 -3.50
N VAL I 237 -19.98 74.70 -3.85
CA VAL I 237 -19.41 75.52 -4.89
C VAL I 237 -18.83 74.57 -5.92
N GLY I 238 -19.30 74.72 -7.16
CA GLY I 238 -18.88 73.88 -8.28
C GLY I 238 -18.47 74.70 -9.49
N ALA I 239 -17.86 75.86 -9.27
CA ALA I 239 -17.64 76.82 -10.33
C ALA I 239 -16.33 76.52 -11.07
N ILE I 240 -16.32 75.45 -11.86
CA ILE I 240 -15.12 75.00 -12.53
C ILE I 240 -14.80 75.99 -13.67
N GLU I 241 -15.82 76.33 -14.46
CA GLU I 241 -15.60 77.12 -15.66
C GLU I 241 -15.37 78.58 -15.27
N PRO I 242 -14.38 79.25 -15.89
CA PRO I 242 -13.99 80.59 -15.49
C PRO I 242 -15.13 81.60 -15.44
N GLN I 243 -16.07 81.49 -16.38
CA GLN I 243 -17.20 82.41 -16.46
C GLN I 243 -18.09 82.23 -15.22
N PHE I 244 -18.24 80.97 -14.79
CA PHE I 244 -19.12 80.68 -13.66
C PHE I 244 -18.43 81.13 -12.38
N TYR I 245 -17.15 80.79 -12.27
CA TYR I 245 -16.31 81.26 -11.16
C TYR I 245 -16.41 82.78 -11.02
N ALA I 246 -16.37 83.52 -12.14
CA ALA I 246 -16.39 84.98 -12.07
C ALA I 246 -17.74 85.46 -11.58
N ALA I 247 -18.84 84.80 -11.99
CA ALA I 247 -20.14 85.18 -11.45
C ALA I 247 -20.12 84.98 -9.95
N MET I 248 -19.47 83.90 -9.52
CA MET I 248 -19.53 83.62 -8.10
C MET I 248 -18.79 84.69 -7.29
N LEU I 249 -17.61 85.10 -7.75
CA LEU I 249 -16.83 86.14 -7.08
C LEU I 249 -17.63 87.45 -6.95
N ALA I 250 -18.24 87.86 -8.06
CA ALA I 250 -19.06 89.06 -8.06
C ALA I 250 -20.18 88.94 -7.01
N GLY I 251 -20.82 87.77 -6.93
CA GLY I 251 -21.86 87.58 -5.94
C GLY I 251 -21.34 87.58 -4.50
N LEU I 252 -20.09 87.20 -4.28
CA LEU I 252 -19.49 87.21 -2.95
C LEU I 252 -18.98 88.59 -2.55
N GLY I 253 -18.92 89.51 -3.52
CA GLY I 253 -18.43 90.86 -3.23
C GLY I 253 -16.91 90.89 -3.26
N LEU I 254 -16.30 89.96 -3.99
CA LEU I 254 -14.85 89.84 -4.04
C LEU I 254 -14.39 90.30 -5.41
N ASP I 255 -13.31 91.07 -5.37
CA ASP I 255 -12.76 91.71 -6.54
C ASP I 255 -11.71 90.76 -7.11
N ALA I 256 -11.94 90.30 -8.33
CA ALA I 256 -11.02 89.41 -9.01
C ALA I 256 -9.56 89.87 -8.87
N ALA I 257 -9.31 91.19 -8.77
CA ALA I 257 -7.93 91.68 -8.77
C ALA I 257 -7.24 91.40 -7.43
N GLU I 258 -8.02 91.29 -6.36
CA GLU I 258 -7.50 91.03 -5.03
C GLU I 258 -7.20 89.54 -4.79
N LEU I 259 -7.55 88.64 -5.73
CA LEU I 259 -7.44 87.22 -5.46
C LEU I 259 -6.33 86.60 -6.31
N PRO I 260 -5.72 85.48 -5.86
CA PRO I 260 -4.90 84.67 -6.76
C PRO I 260 -5.72 84.17 -7.95
N PRO I 261 -5.06 83.80 -9.07
CA PRO I 261 -5.73 83.09 -10.16
C PRO I 261 -6.42 81.81 -9.69
N GLN I 262 -7.52 81.46 -10.38
CA GLN I 262 -8.42 80.41 -9.98
C GLN I 262 -7.68 79.07 -9.96
N ASN I 263 -6.74 78.90 -10.92
CA ASN I 263 -6.05 77.65 -11.16
C ASN I 263 -4.56 77.76 -10.86
N ASP I 264 -4.14 78.73 -10.02
CA ASP I 264 -2.80 78.74 -9.44
C ASP I 264 -2.83 77.92 -8.15
N ARG I 265 -2.46 76.63 -8.25
CA ARG I 265 -2.59 75.68 -7.15
C ARG I 265 -1.65 76.05 -6.02
N ALA I 266 -0.47 76.58 -6.35
CA ALA I 266 0.46 77.03 -5.32
C ALA I 266 -0.19 78.07 -4.40
N ARG I 267 -1.25 78.76 -4.85
CA ARG I 267 -1.89 79.76 -4.02
C ARG I 267 -3.31 79.38 -3.65
N TRP I 268 -3.68 78.12 -3.86
CA TRP I 268 -5.02 77.70 -3.44
C TRP I 268 -5.25 77.97 -1.95
N PRO I 269 -4.26 77.84 -1.04
CA PRO I 269 -4.51 78.12 0.38
C PRO I 269 -4.99 79.54 0.65
N GLU I 270 -4.36 80.53 0.02
CA GLU I 270 -4.78 81.91 0.15
C GLU I 270 -6.22 82.07 -0.39
N LEU I 271 -6.44 81.49 -1.58
CA LEU I 271 -7.74 81.58 -2.25
C LEU I 271 -8.83 80.97 -1.37
N ARG I 272 -8.53 79.80 -0.80
CA ARG I 272 -9.50 79.10 0.03
C ARG I 272 -9.86 79.98 1.23
N ALA I 273 -8.86 80.64 1.77
CA ALA I 273 -9.07 81.45 2.97
C ALA I 273 -9.93 82.67 2.64
N LEU I 274 -9.74 83.26 1.46
CA LEU I 274 -10.61 84.36 1.04
C LEU I 274 -12.05 83.89 0.83
N LEU I 275 -12.25 82.77 0.14
CA LEU I 275 -13.62 82.29 -0.10
C LEU I 275 -14.32 81.93 1.22
N THR I 276 -13.54 81.29 2.13
CA THR I 276 -14.00 80.86 3.44
C THR I 276 -14.55 82.05 4.18
N GLU I 277 -13.74 83.12 4.28
CA GLU I 277 -14.15 84.32 4.97
C GLU I 277 -15.42 84.88 4.31
N ALA I 278 -15.44 84.90 2.97
CA ALA I 278 -16.60 85.42 2.27
C ALA I 278 -17.88 84.61 2.56
N PHE I 279 -17.85 83.29 2.41
CA PHE I 279 -19.09 82.54 2.66
C PHE I 279 -19.51 82.55 4.13
N ALA I 280 -18.56 82.65 5.07
CA ALA I 280 -18.91 82.64 6.49
C ALA I 280 -19.63 83.92 6.92
N SER I 281 -19.64 84.97 6.09
CA SER I 281 -20.13 86.27 6.55
C SER I 281 -21.65 86.32 6.46
N HIS I 282 -22.28 85.38 5.74
CA HIS I 282 -23.73 85.33 5.64
C HIS I 282 -24.19 83.88 5.75
N ASP I 283 -25.49 83.71 6.00
CA ASP I 283 -26.04 82.40 6.29
C ASP I 283 -26.36 81.68 4.97
N ARG I 284 -26.66 80.39 5.09
CA ARG I 284 -26.84 79.55 3.92
C ARG I 284 -28.00 80.05 3.05
N ASP I 285 -29.13 80.37 3.68
CA ASP I 285 -30.29 80.85 2.94
C ASP I 285 -30.00 82.16 2.19
N HIS I 286 -29.18 83.03 2.76
CA HIS I 286 -28.81 84.27 2.07
C HIS I 286 -28.11 83.93 0.75
N TRP I 287 -27.21 82.95 0.75
CA TRP I 287 -26.50 82.60 -0.47
C TRP I 287 -27.41 81.91 -1.48
N GLY I 288 -28.42 81.20 -0.95
CA GLY I 288 -29.37 80.53 -1.81
C GLY I 288 -30.11 81.54 -2.67
N ALA I 289 -30.50 82.68 -2.06
CA ALA I 289 -31.21 83.79 -2.69
C ALA I 289 -30.32 84.58 -3.67
N VAL I 290 -29.20 85.10 -3.16
CA VAL I 290 -28.21 85.77 -3.99
C VAL I 290 -27.92 84.98 -5.27
N PHE I 291 -27.81 83.64 -5.19
CA PHE I 291 -27.34 82.90 -6.35
C PHE I 291 -28.46 82.12 -7.06
N ALA I 292 -29.72 82.27 -6.63
CA ALA I 292 -30.87 81.82 -7.42
C ALA I 292 -30.82 82.38 -8.85
N ASN I 293 -31.07 81.51 -9.82
CA ASN I 293 -31.04 81.84 -11.24
C ASN I 293 -29.65 82.24 -11.74
N SER I 294 -28.56 81.99 -11.01
CA SER I 294 -27.25 82.33 -11.56
C SER I 294 -26.50 81.10 -12.04
N ASP I 295 -25.46 81.34 -12.84
CA ASP I 295 -24.56 80.30 -13.30
C ASP I 295 -23.33 80.24 -12.41
N ALA I 296 -23.43 80.79 -11.18
CA ALA I 296 -22.32 80.78 -10.23
C ALA I 296 -22.01 79.38 -9.68
N CYS I 297 -22.89 78.39 -9.83
CA CYS I 297 -22.65 77.04 -9.36
C CYS I 297 -22.52 77.04 -7.83
N VAL I 298 -23.40 77.76 -7.14
CA VAL I 298 -23.48 77.78 -5.70
C VAL I 298 -24.88 77.34 -5.28
N THR I 299 -24.96 76.30 -4.42
CA THR I 299 -26.24 75.73 -4.00
C THR I 299 -26.19 75.42 -2.51
N PRO I 300 -27.32 75.51 -1.80
CA PRO I 300 -27.36 75.15 -0.40
C PRO I 300 -27.22 73.64 -0.25
N VAL I 301 -26.52 73.20 0.80
CA VAL I 301 -26.41 71.79 1.11
C VAL I 301 -27.56 71.45 2.05
N LEU I 302 -28.60 70.82 1.51
CA LEU I 302 -29.79 70.46 2.26
C LEU I 302 -29.61 69.11 2.92
N ALA I 303 -30.08 69.01 4.16
CA ALA I 303 -30.24 67.74 4.87
C ALA I 303 -31.47 67.01 4.32
N PHE I 304 -31.51 65.69 4.46
CA PHE I 304 -32.64 64.89 3.97
C PHE I 304 -33.96 65.53 4.41
N GLY I 305 -34.03 65.94 5.67
CA GLY I 305 -35.25 66.42 6.29
C GLY I 305 -35.79 67.69 5.64
N GLU I 306 -34.93 68.47 4.96
CA GLU I 306 -35.33 69.75 4.37
C GLU I 306 -35.63 69.62 2.87
N VAL I 307 -35.27 68.49 2.26
CA VAL I 307 -35.36 68.33 0.83
C VAL I 307 -36.79 68.59 0.34
N HIS I 308 -37.80 68.16 1.12
CA HIS I 308 -39.20 68.24 0.70
C HIS I 308 -39.70 69.69 0.62
N ASN I 309 -38.98 70.68 1.19
CA ASN I 309 -39.36 72.09 1.10
C ASN I 309 -38.66 72.85 -0.04
N GLU I 310 -37.89 72.17 -0.89
CA GLU I 310 -37.13 72.86 -1.93
C GLU I 310 -37.94 72.99 -3.22
N PRO I 311 -38.25 74.23 -3.67
CA PRO I 311 -39.10 74.40 -4.84
C PRO I 311 -38.76 73.51 -6.02
N HIS I 312 -37.47 73.33 -6.34
CA HIS I 312 -37.18 72.58 -7.57
C HIS I 312 -37.46 71.08 -7.40
N ILE I 313 -37.41 70.60 -6.14
CA ILE I 313 -37.69 69.21 -5.82
C ILE I 313 -39.20 68.99 -5.91
N ILE I 314 -39.97 69.84 -5.23
CA ILE I 314 -41.43 69.80 -5.27
C ILE I 314 -41.98 69.86 -6.71
N GLU I 315 -41.52 70.83 -7.50
CA GLU I 315 -42.13 71.07 -8.80
C GLU I 315 -41.94 69.90 -9.77
N ARG I 316 -40.78 69.21 -9.72
CA ARG I 316 -40.54 68.13 -10.66
C ARG I 316 -41.05 66.78 -10.15
N ASN I 317 -41.58 66.75 -8.91
CA ASN I 317 -42.06 65.51 -8.31
C ASN I 317 -40.95 64.45 -8.26
N THR I 318 -39.79 64.83 -7.70
CA THR I 318 -38.68 63.91 -7.58
C THR I 318 -38.96 62.85 -6.51
N PHE I 319 -39.80 63.21 -5.52
CA PHE I 319 -40.22 62.38 -4.41
C PHE I 319 -41.75 62.25 -4.40
N TYR I 320 -42.24 61.15 -3.77
CA TYR I 320 -43.63 60.96 -3.41
C TYR I 320 -43.66 60.62 -1.92
N GLU I 321 -44.81 60.80 -1.26
CA GLU I 321 -44.95 60.47 0.14
C GLU I 321 -45.53 59.06 0.29
N ALA I 322 -44.96 58.27 1.20
CA ALA I 322 -45.57 57.01 1.58
C ALA I 322 -45.12 56.63 2.98
N ASN I 323 -45.87 57.08 4.00
CA ASN I 323 -45.99 56.33 5.25
C ASN I 323 -44.66 56.41 6.01
N GLY I 324 -44.63 57.29 7.02
CA GLY I 324 -43.37 57.74 7.60
C GLY I 324 -42.92 59.01 6.89
N GLY I 325 -42.45 58.88 5.65
CA GLY I 325 -42.07 60.05 4.87
C GLY I 325 -41.78 59.73 3.40
N TRP I 326 -40.84 60.52 2.85
CA TRP I 326 -40.65 60.69 1.42
C TRP I 326 -39.76 59.59 0.84
N GLN I 327 -40.02 59.23 -0.43
CA GLN I 327 -39.23 58.26 -1.15
C GLN I 327 -39.04 58.78 -2.57
N PRO I 328 -37.91 58.48 -3.23
CA PRO I 328 -37.70 58.93 -4.60
C PRO I 328 -38.61 58.28 -5.63
N MET I 329 -39.25 59.10 -6.47
CA MET I 329 -39.97 58.60 -7.64
C MET I 329 -39.00 57.91 -8.57
N PRO I 330 -39.51 57.00 -9.41
CA PRO I 330 -38.70 56.31 -10.41
C PRO I 330 -37.88 57.23 -11.31
N ALA I 331 -36.74 56.71 -11.73
CA ALA I 331 -35.85 57.39 -12.63
C ALA I 331 -35.22 56.35 -13.54
N PRO I 332 -34.85 56.72 -14.78
CA PRO I 332 -35.17 58.04 -15.31
C PRO I 332 -36.64 58.10 -15.74
N ARG I 333 -36.97 59.17 -16.49
CA ARG I 333 -38.33 59.46 -16.93
C ARG I 333 -38.44 59.21 -18.43
N PHE I 334 -39.69 58.91 -18.88
CA PHE I 334 -39.96 58.47 -20.24
C PHE I 334 -41.14 59.24 -20.80
N SER I 335 -40.98 59.80 -22.01
CA SER I 335 -41.99 60.69 -22.59
C SER I 335 -43.33 59.98 -22.86
N ARG I 336 -43.29 58.73 -23.35
CA ARG I 336 -44.48 58.02 -23.82
C ARG I 336 -44.95 56.93 -22.83
N THR I 337 -44.09 55.96 -22.49
CA THR I 337 -44.48 54.90 -21.55
C THR I 337 -43.98 55.28 -20.16
N ALA I 338 -44.74 56.11 -19.46
CA ALA I 338 -44.22 56.72 -18.26
C ALA I 338 -44.49 55.78 -17.08
N SER I 339 -43.57 55.80 -16.10
CA SER I 339 -43.73 55.04 -14.88
C SER I 339 -44.84 55.63 -14.03
N SER I 340 -45.49 54.76 -13.26
CA SER I 340 -46.39 55.20 -12.20
C SER I 340 -45.70 55.19 -10.84
N GLN I 341 -46.38 55.80 -9.88
CA GLN I 341 -45.94 55.82 -8.49
C GLN I 341 -45.74 54.38 -8.04
N PRO I 342 -44.67 54.08 -7.26
CA PRO I 342 -44.41 52.73 -6.77
C PRO I 342 -45.51 52.18 -5.87
N ARG I 343 -45.69 50.85 -5.93
CA ARG I 343 -46.64 50.16 -5.07
C ARG I 343 -45.92 49.75 -3.79
N PRO I 344 -46.55 49.93 -2.59
CA PRO I 344 -45.98 49.41 -1.36
C PRO I 344 -45.62 47.92 -1.46
N PRO I 345 -44.77 47.39 -0.56
CA PRO I 345 -44.69 45.95 -0.41
C PRO I 345 -46.02 45.37 0.05
N ALA I 346 -46.50 44.36 -0.70
CA ALA I 346 -47.75 43.67 -0.40
C ALA I 346 -47.43 42.51 0.55
N ALA I 347 -48.48 41.87 1.10
CA ALA I 347 -48.29 40.67 1.91
C ALA I 347 -47.79 39.52 1.03
N THR I 348 -47.21 38.51 1.69
CA THR I 348 -46.84 37.25 1.04
C THR I 348 -48.01 36.80 0.16
N ILE I 349 -47.75 36.66 -1.13
CA ILE I 349 -48.62 35.94 -2.04
C ILE I 349 -48.16 34.49 -2.01
N ASP I 350 -49.05 33.55 -2.38
CA ASP I 350 -48.70 32.13 -2.44
C ASP I 350 -48.07 31.82 -3.80
N ILE I 351 -46.96 31.07 -3.81
CA ILE I 351 -46.17 30.84 -5.01
C ILE I 351 -46.91 30.05 -6.11
N GLU I 352 -48.02 29.36 -5.77
CA GLU I 352 -48.82 28.66 -6.77
C GLU I 352 -49.65 29.66 -7.59
N ALA I 353 -50.24 30.66 -6.90
CA ALA I 353 -51.14 31.64 -7.49
C ALA I 353 -50.43 32.53 -8.53
N VAL I 354 -49.09 32.55 -8.46
CA VAL I 354 -48.24 33.31 -9.36
C VAL I 354 -48.00 32.52 -10.64
N LEU I 355 -47.78 31.19 -10.50
CA LEU I 355 -47.60 30.31 -11.63
C LEU I 355 -48.90 30.21 -12.42
N THR I 356 -50.05 30.31 -11.72
CA THR I 356 -51.34 30.43 -12.37
C THR I 356 -51.25 31.62 -13.32
N ASP I 357 -51.05 32.82 -12.72
CA ASP I 357 -51.13 34.11 -13.38
C ASP I 357 -50.18 34.16 -14.59
N TRP I 358 -49.04 33.45 -14.52
CA TRP I 358 -48.17 33.28 -15.69
C TRP I 358 -48.59 32.02 -16.46
N ASP I 359 -49.31 32.19 -17.57
CA ASP I 359 -49.79 31.08 -18.41
C ASP I 359 -50.58 30.08 -17.56
N MET J 1 -17.87 43.71 -34.45
CA MET J 1 -17.73 44.40 -33.12
C MET J 1 -18.23 43.49 -32.00
N ALA J 2 -17.38 43.25 -31.00
CA ALA J 2 -17.66 42.30 -29.92
C ALA J 2 -18.56 42.95 -28.86
N GLY J 3 -19.53 42.18 -28.38
CA GLY J 3 -20.25 42.48 -27.16
C GLY J 3 -21.74 42.29 -27.38
N PRO J 4 -22.58 42.33 -26.32
CA PRO J 4 -24.02 42.18 -26.48
C PRO J 4 -24.74 43.31 -27.23
N LEU J 5 -24.10 44.48 -27.36
CA LEU J 5 -24.80 45.61 -27.98
C LEU J 5 -24.34 45.76 -29.43
N SER J 6 -23.76 44.70 -30.00
CA SER J 6 -23.35 44.65 -31.39
C SER J 6 -24.53 45.02 -32.27
N GLY J 7 -24.34 46.04 -33.14
CA GLY J 7 -25.34 46.44 -34.12
C GLY J 7 -26.21 47.63 -33.68
N LEU J 8 -25.96 48.14 -32.47
CA LEU J 8 -26.67 49.32 -31.98
C LEU J 8 -25.91 50.54 -32.46
N ARG J 9 -26.64 51.52 -33.02
CA ARG J 9 -26.04 52.75 -33.49
C ARG J 9 -26.40 53.91 -32.57
N VAL J 10 -25.35 54.59 -32.11
CA VAL J 10 -25.53 55.65 -31.15
C VAL J 10 -24.90 56.90 -31.73
N VAL J 11 -25.65 58.01 -31.65
CA VAL J 11 -25.04 59.28 -31.95
C VAL J 11 -24.97 60.07 -30.66
N GLU J 12 -23.76 60.59 -30.42
CA GLU J 12 -23.43 61.30 -29.20
C GLU J 12 -23.06 62.73 -29.56
N LEU J 13 -23.82 63.71 -29.02
CA LEU J 13 -23.44 65.11 -29.08
C LEU J 13 -22.47 65.45 -27.94
N ALA J 14 -21.22 65.69 -28.31
CA ALA J 14 -20.13 65.93 -27.39
C ALA J 14 -20.51 66.91 -26.30
N GLY J 15 -20.45 66.42 -25.05
CA GLY J 15 -20.52 67.24 -23.86
C GLY J 15 -19.48 66.81 -22.84
N ILE J 16 -19.81 66.97 -21.56
CA ILE J 16 -18.87 66.59 -20.50
C ILE J 16 -19.60 65.76 -19.46
N GLY J 17 -18.85 64.81 -18.88
CA GLY J 17 -19.32 64.10 -17.70
C GLY J 17 -20.21 62.92 -18.08
N PRO J 18 -21.50 62.94 -17.71
CA PRO J 18 -22.35 61.78 -17.89
C PRO J 18 -22.59 61.35 -19.34
N GLY J 19 -22.90 62.31 -20.21
CA GLY J 19 -23.12 62.02 -21.61
C GLY J 19 -22.03 61.12 -22.17
N PRO J 20 -20.76 61.56 -22.15
CA PRO J 20 -19.68 60.74 -22.68
C PRO J 20 -19.46 59.43 -21.95
N HIS J 21 -19.87 59.34 -20.67
CA HIS J 21 -19.65 58.13 -19.89
C HIS J 21 -20.67 57.06 -20.29
N ALA J 22 -21.94 57.44 -20.49
CA ALA J 22 -22.95 56.56 -21.07
C ALA J 22 -22.54 56.10 -22.48
N ALA J 23 -22.05 57.04 -23.28
CA ALA J 23 -21.61 56.71 -24.63
C ALA J 23 -20.49 55.68 -24.56
N MET J 24 -19.58 55.86 -23.59
CA MET J 24 -18.42 54.98 -23.45
C MET J 24 -18.86 53.56 -23.15
N ILE J 25 -19.82 53.43 -22.24
CA ILE J 25 -20.25 52.10 -21.82
C ILE J 25 -20.96 51.40 -22.98
N LEU J 26 -21.86 52.12 -23.68
CA LEU J 26 -22.49 51.56 -24.86
C LEU J 26 -21.41 51.11 -25.84
N GLY J 27 -20.39 51.93 -26.05
CA GLY J 27 -19.28 51.56 -26.91
C GLY J 27 -18.54 50.31 -26.41
N ASP J 28 -18.32 50.24 -25.10
CA ASP J 28 -17.55 49.18 -24.47
C ASP J 28 -18.20 47.83 -24.75
N LEU J 29 -19.53 47.81 -24.72
CA LEU J 29 -20.36 46.63 -24.89
C LEU J 29 -20.71 46.37 -26.37
N GLY J 30 -20.05 47.08 -27.30
CA GLY J 30 -20.07 46.75 -28.71
C GLY J 30 -20.98 47.61 -29.59
N ALA J 31 -21.66 48.62 -29.01
CA ALA J 31 -22.45 49.55 -29.80
C ALA J 31 -21.53 50.35 -30.71
N ASP J 32 -22.12 50.83 -31.80
CA ASP J 32 -21.40 51.62 -32.79
C ASP J 32 -21.65 53.08 -32.50
N VAL J 33 -20.64 53.77 -31.95
CA VAL J 33 -20.92 55.04 -31.31
C VAL J 33 -20.24 56.12 -32.14
N VAL J 34 -21.03 57.13 -32.53
CA VAL J 34 -20.45 58.22 -33.29
C VAL J 34 -20.68 59.52 -32.52
N ARG J 35 -19.58 60.20 -32.25
CA ARG J 35 -19.59 61.42 -31.46
C ARG J 35 -19.30 62.62 -32.34
N ILE J 36 -20.21 63.60 -32.30
CA ILE J 36 -20.07 64.85 -33.02
C ILE J 36 -19.58 65.93 -32.06
N ASP J 37 -18.33 66.38 -32.27
CA ASP J 37 -17.79 67.54 -31.56
C ASP J 37 -17.78 68.72 -32.53
N ARG J 38 -17.34 69.89 -32.05
CA ARG J 38 -17.28 71.09 -32.87
C ARG J 38 -15.88 71.24 -33.45
N PRO J 39 -15.74 71.86 -34.64
CA PRO J 39 -14.46 71.88 -35.35
C PRO J 39 -13.31 72.43 -34.52
N SER J 40 -13.63 73.33 -33.58
CA SER J 40 -12.66 73.97 -32.72
C SER J 40 -12.29 73.10 -31.50
N SER J 41 -11.86 71.84 -31.72
CA SER J 41 -11.43 70.97 -30.63
C SER J 41 -10.27 70.05 -31.07
N GLY J 44 -5.48 67.05 -33.24
CA GLY J 44 -4.79 65.78 -32.90
C GLY J 44 -5.74 64.79 -32.21
N ILE J 45 -5.30 63.51 -32.14
CA ILE J 45 -6.03 62.43 -31.48
C ILE J 45 -6.20 62.82 -30.01
N SER J 46 -7.38 62.52 -29.43
CA SER J 46 -7.70 62.92 -28.07
C SER J 46 -7.05 61.97 -27.05
N ARG J 47 -6.68 62.52 -25.89
CA ARG J 47 -5.99 61.76 -24.86
C ARG J 47 -6.98 61.29 -23.78
N ASP J 48 -8.19 61.85 -23.73
CA ASP J 48 -9.19 61.38 -22.78
C ASP J 48 -9.63 59.97 -23.19
N ALA J 49 -9.14 59.00 -22.43
CA ALA J 49 -9.54 57.62 -22.63
C ALA J 49 -11.04 57.45 -22.38
N MET J 50 -11.74 58.50 -21.89
CA MET J 50 -13.18 58.37 -21.75
C MET J 50 -13.81 58.32 -23.15
N LEU J 51 -13.03 58.76 -24.17
CA LEU J 51 -13.50 58.79 -25.55
C LEU J 51 -13.09 57.51 -26.30
N ARG J 52 -12.93 56.40 -25.57
CA ARG J 52 -12.63 55.10 -26.16
C ARG J 52 -13.89 54.56 -26.80
N ASN J 53 -13.70 53.62 -27.73
CA ASN J 53 -14.79 52.89 -28.36
C ASN J 53 -15.75 53.87 -29.04
N ARG J 54 -15.18 54.76 -29.88
CA ARG J 54 -15.94 55.79 -30.58
C ARG J 54 -15.27 56.14 -31.92
N ARG J 55 -16.11 56.60 -32.87
CA ARG J 55 -15.63 57.45 -33.95
C ARG J 55 -16.02 58.91 -33.66
N ILE J 56 -15.04 59.82 -33.76
CA ILE J 56 -15.19 61.24 -33.55
C ILE J 56 -15.34 61.91 -34.91
N VAL J 57 -16.41 62.70 -35.09
CA VAL J 57 -16.54 63.56 -36.27
C VAL J 57 -16.75 65.00 -35.82
N THR J 58 -16.19 65.95 -36.59
CA THR J 58 -16.42 67.37 -36.36
C THR J 58 -17.59 67.79 -37.24
N ALA J 59 -18.34 68.79 -36.77
CA ALA J 59 -19.39 69.42 -37.54
C ALA J 59 -19.86 70.66 -36.78
N ASP J 60 -19.99 71.78 -37.48
CA ASP J 60 -20.58 72.98 -36.92
C ASP J 60 -22.09 72.85 -37.07
N LEU J 61 -22.82 72.68 -35.95
CA LEU J 61 -24.25 72.40 -35.96
C LEU J 61 -25.04 73.70 -36.08
N LYS J 62 -24.38 74.85 -35.93
CA LYS J 62 -25.08 76.11 -36.14
C LYS J 62 -25.19 76.40 -37.64
N SER J 63 -24.19 75.95 -38.43
CA SER J 63 -24.23 76.06 -39.89
C SER J 63 -25.30 75.14 -40.46
N ASP J 64 -25.71 75.40 -41.71
CA ASP J 64 -26.84 74.73 -42.33
C ASP J 64 -26.48 73.31 -42.74
N GLN J 65 -25.22 73.13 -43.13
CA GLN J 65 -24.70 71.90 -43.73
C GLN J 65 -24.19 70.97 -42.62
N GLY J 66 -23.70 71.57 -41.53
CA GLY J 66 -23.48 70.86 -40.28
C GLY J 66 -24.77 70.19 -39.78
N LEU J 67 -25.85 70.96 -39.67
CA LEU J 67 -27.14 70.45 -39.21
C LEU J 67 -27.63 69.34 -40.13
N GLU J 68 -27.43 69.52 -41.44
CA GLU J 68 -27.96 68.57 -42.39
C GLU J 68 -27.26 67.22 -42.19
N LEU J 69 -25.92 67.23 -42.03
CA LEU J 69 -25.17 65.99 -41.87
C LEU J 69 -25.60 65.24 -40.60
N ALA J 70 -25.84 65.97 -39.51
CA ALA J 70 -26.24 65.42 -38.22
C ALA J 70 -27.64 64.81 -38.30
N LEU J 71 -28.60 65.50 -38.93
CA LEU J 71 -29.91 64.90 -39.12
C LEU J 71 -29.79 63.61 -39.97
N LYS J 72 -28.78 63.57 -40.85
CA LYS J 72 -28.55 62.41 -41.68
C LYS J 72 -28.04 61.25 -40.82
N LEU J 73 -27.05 61.48 -39.94
CA LEU J 73 -26.59 60.46 -39.00
C LEU J 73 -27.74 59.99 -38.12
N ILE J 74 -28.50 60.93 -37.56
CA ILE J 74 -29.53 60.56 -36.62
C ILE J 74 -30.62 59.70 -37.28
N ALA J 75 -30.81 59.87 -38.59
CA ALA J 75 -31.85 59.17 -39.34
C ALA J 75 -31.58 57.67 -39.34
N LYS J 76 -30.30 57.33 -39.47
CA LYS J 76 -29.84 55.96 -39.64
C LYS J 76 -29.35 55.39 -38.30
N ALA J 77 -29.93 55.82 -37.17
CA ALA J 77 -29.38 55.49 -35.86
C ALA J 77 -30.48 55.11 -34.88
N ASP J 78 -30.07 54.48 -33.77
CA ASP J 78 -30.99 53.94 -32.76
C ASP J 78 -31.14 54.89 -31.58
N VAL J 79 -30.06 55.59 -31.27
CA VAL J 79 -29.97 56.34 -30.02
C VAL J 79 -29.27 57.65 -30.28
N LEU J 80 -29.85 58.71 -29.69
CA LEU J 80 -29.19 60.02 -29.61
C LEU J 80 -28.97 60.39 -28.14
N ILE J 81 -27.76 60.85 -27.87
CA ILE J 81 -27.37 61.34 -26.55
C ILE J 81 -27.00 62.81 -26.67
N GLU J 82 -27.63 63.64 -25.84
CA GLU J 82 -27.31 65.05 -25.73
C GLU J 82 -27.26 65.42 -24.23
N GLY J 83 -26.24 66.19 -23.81
CA GLY J 83 -26.21 66.67 -22.43
C GLY J 83 -25.95 68.16 -22.31
N TYR J 84 -26.74 68.96 -23.07
CA TYR J 84 -26.71 70.41 -23.06
C TYR J 84 -27.86 70.85 -22.18
N ARG J 85 -27.97 72.15 -21.84
CA ARG J 85 -29.11 72.59 -21.06
C ARG J 85 -30.36 72.43 -21.91
N PRO J 86 -31.55 72.35 -21.27
CA PRO J 86 -32.79 72.26 -22.03
C PRO J 86 -32.95 73.46 -22.95
N GLY J 87 -33.44 73.21 -24.17
CA GLY J 87 -33.64 74.25 -25.17
C GLY J 87 -32.54 74.21 -26.21
N VAL J 88 -31.34 73.75 -25.84
CA VAL J 88 -30.22 73.89 -26.75
C VAL J 88 -30.36 73.08 -28.04
N THR J 89 -30.81 71.82 -27.96
CA THR J 89 -30.88 71.03 -29.18
C THR J 89 -32.06 71.53 -30.01
N GLU J 90 -33.14 71.95 -29.35
CA GLU J 90 -34.28 72.53 -30.03
C GLU J 90 -33.82 73.66 -30.97
N ARG J 91 -33.01 74.58 -30.44
CA ARG J 91 -32.56 75.75 -31.19
C ARG J 91 -31.55 75.37 -32.27
N LEU J 92 -30.85 74.25 -32.10
CA LEU J 92 -29.98 73.77 -33.16
C LEU J 92 -30.80 73.20 -34.32
N GLY J 93 -32.10 72.95 -34.10
CA GLY J 93 -32.90 72.14 -35.02
C GLY J 93 -32.65 70.64 -34.85
N LEU J 94 -32.22 70.20 -33.65
CA LEU J 94 -31.91 68.80 -33.34
C LEU J 94 -32.75 68.32 -32.15
N GLY J 95 -33.89 68.93 -31.92
CA GLY J 95 -34.73 68.58 -30.79
C GLY J 95 -35.50 67.30 -31.05
N PRO J 96 -36.24 66.78 -30.03
CA PRO J 96 -36.97 65.54 -30.18
C PRO J 96 -37.94 65.55 -31.37
N GLU J 97 -38.69 66.66 -31.54
CA GLU J 97 -39.68 66.79 -32.60
C GLU J 97 -39.02 66.75 -33.97
N GLU J 98 -37.92 67.48 -34.16
CA GLU J 98 -37.21 67.45 -35.42
C GLU J 98 -36.64 66.05 -35.70
N CYS J 99 -36.17 65.35 -34.66
CA CYS J 99 -35.59 64.02 -34.85
C CYS J 99 -36.70 62.98 -35.10
N ALA J 100 -37.88 63.17 -34.50
CA ALA J 100 -39.02 62.27 -34.66
C ALA J 100 -39.65 62.35 -36.07
N LYS J 101 -39.09 63.20 -36.94
CA LYS J 101 -39.56 63.39 -38.29
C LYS J 101 -38.64 62.65 -39.27
N VAL J 102 -37.35 62.56 -38.94
CA VAL J 102 -36.48 61.71 -39.74
C VAL J 102 -36.38 60.28 -39.15
N ASN J 103 -37.04 59.97 -38.01
CA ASN J 103 -36.81 58.68 -37.37
C ASN J 103 -37.64 58.53 -36.09
N ASP J 104 -38.84 57.99 -36.21
CA ASP J 104 -39.68 57.80 -35.04
C ASP J 104 -39.30 56.56 -34.24
N ARG J 105 -38.20 55.89 -34.63
CA ARG J 105 -37.68 54.77 -33.87
C ARG J 105 -36.61 55.23 -32.86
N LEU J 106 -36.14 56.47 -33.01
CA LEU J 106 -34.99 56.96 -32.27
C LEU J 106 -35.28 57.02 -30.78
N ILE J 107 -34.30 56.55 -29.98
CA ILE J 107 -34.35 56.78 -28.55
C ILE J 107 -33.62 58.08 -28.26
N TYR J 108 -34.37 59.05 -27.73
CA TYR J 108 -33.85 60.40 -27.62
C TYR J 108 -33.42 60.61 -26.16
N ALA J 109 -32.10 60.59 -25.93
CA ALA J 109 -31.59 60.53 -24.56
C ALA J 109 -31.02 61.87 -24.07
N ARG J 110 -31.70 62.45 -23.05
CA ARG J 110 -31.38 63.78 -22.54
C ARG J 110 -30.81 63.74 -21.10
N MET J 111 -29.53 64.06 -21.00
CA MET J 111 -28.74 63.97 -19.77
C MET J 111 -28.56 65.35 -19.14
N THR J 112 -29.29 65.68 -18.07
CA THR J 112 -29.06 66.93 -17.37
C THR J 112 -28.84 66.70 -15.87
N GLY J 113 -28.49 67.77 -15.13
CA GLY J 113 -28.45 67.71 -13.68
C GLY J 113 -29.83 68.00 -13.09
N TRP J 114 -30.43 69.11 -13.53
CA TRP J 114 -31.62 69.60 -12.87
C TRP J 114 -32.90 69.09 -13.53
N GLY J 115 -32.80 68.49 -14.72
CA GLY J 115 -34.01 68.09 -15.42
C GLY J 115 -34.42 69.07 -16.52
N GLN J 116 -35.59 68.80 -17.12
CA GLN J 116 -35.97 69.49 -18.34
C GLN J 116 -36.74 70.77 -18.05
N THR J 117 -37.39 70.87 -16.88
CA THR J 117 -38.20 72.03 -16.55
C THR J 117 -38.01 72.35 -15.07
N GLY J 118 -38.60 73.46 -14.63
CA GLY J 118 -38.57 73.85 -13.22
C GLY J 118 -37.56 74.96 -12.96
N PRO J 119 -37.58 75.50 -11.72
CA PRO J 119 -36.87 76.74 -11.38
C PRO J 119 -35.36 76.71 -11.62
N ARG J 120 -34.74 75.53 -11.57
CA ARG J 120 -33.29 75.52 -11.73
C ARG J 120 -32.90 74.94 -13.08
N SER J 121 -33.85 74.76 -14.02
CA SER J 121 -33.56 74.05 -15.25
C SER J 121 -32.53 74.76 -16.14
N GLN J 122 -32.26 76.05 -15.93
CA GLN J 122 -31.30 76.75 -16.78
C GLN J 122 -30.01 77.12 -16.04
N GLN J 123 -29.95 76.77 -14.76
CA GLN J 123 -28.80 77.11 -13.94
C GLN J 123 -27.64 76.17 -14.26
N ALA J 124 -26.48 76.76 -14.57
CA ALA J 124 -25.25 75.99 -14.70
C ALA J 124 -25.01 75.19 -13.41
N GLY J 125 -24.35 74.05 -13.54
CA GLY J 125 -24.11 73.22 -12.37
C GLY J 125 -23.14 72.09 -12.66
N HIS J 126 -22.69 71.48 -11.57
CA HIS J 126 -21.87 70.28 -11.62
C HIS J 126 -22.34 69.32 -10.55
N ASP J 127 -21.71 68.13 -10.53
CA ASP J 127 -22.08 67.04 -9.66
C ASP J 127 -22.39 67.53 -8.25
N ILE J 128 -21.40 68.18 -7.64
CA ILE J 128 -21.54 68.69 -6.27
C ILE J 128 -22.83 69.46 -6.07
N ASN J 129 -23.24 70.29 -7.05
CA ASN J 129 -24.47 71.05 -6.91
C ASN J 129 -25.71 70.14 -6.94
N TYR J 130 -25.72 69.15 -7.83
CA TYR J 130 -26.89 68.29 -7.98
C TYR J 130 -27.09 67.51 -6.67
N ILE J 131 -25.99 67.02 -6.11
CA ILE J 131 -26.13 66.20 -4.91
C ILE J 131 -26.26 67.05 -3.63
N SER J 132 -25.97 68.36 -3.71
CA SER J 132 -26.21 69.21 -2.54
C SER J 132 -27.70 69.36 -2.26
N LEU J 133 -28.53 69.22 -3.30
CA LEU J 133 -29.93 69.64 -3.22
C LEU J 133 -30.85 68.52 -2.71
N ASN J 134 -30.42 67.26 -2.82
CA ASN J 134 -31.30 66.14 -2.57
C ASN J 134 -30.90 65.37 -1.32
N GLY J 135 -29.99 65.95 -0.51
CA GLY J 135 -29.66 65.43 0.80
C GLY J 135 -28.37 64.62 0.82
N ILE J 136 -27.92 64.19 -0.36
CA ILE J 136 -26.79 63.28 -0.46
C ILE J 136 -25.51 63.90 0.10
N LEU J 137 -25.09 65.06 -0.41
CA LEU J 137 -23.80 65.61 -0.04
C LEU J 137 -23.73 65.85 1.48
N HIS J 138 -24.87 66.24 2.08
CA HIS J 138 -24.86 66.57 3.49
C HIS J 138 -24.53 65.32 4.30
N ALA J 139 -24.80 64.14 3.75
CA ALA J 139 -24.65 62.90 4.50
C ALA J 139 -23.22 62.37 4.47
N ILE J 140 -22.32 63.02 3.74
CA ILE J 140 -21.01 62.49 3.42
C ILE J 140 -19.90 63.25 4.15
N GLY J 141 -19.09 62.53 4.95
CA GLY J 141 -17.92 63.07 5.62
C GLY J 141 -17.97 62.87 7.13
N ARG J 142 -16.92 63.25 7.83
CA ARG J 142 -16.95 63.19 9.28
C ARG J 142 -17.93 64.22 9.84
N GLY J 143 -18.48 63.93 11.01
CA GLY J 143 -19.50 64.74 11.64
C GLY J 143 -19.00 66.11 12.15
N ASP J 144 -17.70 66.22 12.47
CA ASP J 144 -17.19 67.49 13.00
C ASP J 144 -16.92 68.47 11.84
N GLU J 145 -16.64 67.96 10.64
CA GLU J 145 -16.17 68.78 9.55
C GLU J 145 -17.26 69.01 8.51
N ARG J 146 -16.93 69.78 7.50
CA ARG J 146 -17.89 70.10 6.48
C ARG J 146 -17.94 68.97 5.45
N PRO J 147 -19.07 68.86 4.73
CA PRO J 147 -19.31 67.72 3.86
C PRO J 147 -18.20 67.60 2.81
N VAL J 148 -17.88 66.36 2.45
CA VAL J 148 -16.82 66.15 1.49
C VAL J 148 -17.41 65.56 0.22
N PRO J 149 -17.03 66.08 -0.97
CA PRO J 149 -17.58 65.55 -2.20
C PRO J 149 -17.05 64.16 -2.48
N PRO J 150 -17.93 63.18 -2.78
CA PRO J 150 -17.48 61.85 -3.18
C PRO J 150 -17.02 61.81 -4.63
N LEU J 151 -15.93 62.53 -4.88
CA LEU J 151 -15.51 62.87 -6.23
C LEU J 151 -16.76 63.28 -7.01
N ASN J 152 -16.80 62.96 -8.30
CA ASN J 152 -18.01 63.16 -9.07
C ASN J 152 -18.64 61.81 -9.43
N LEU J 153 -18.75 60.93 -8.44
CA LEU J 153 -19.14 59.54 -8.68
C LEU J 153 -20.65 59.38 -8.57
N VAL J 154 -21.31 60.19 -7.74
CA VAL J 154 -22.68 59.92 -7.35
C VAL J 154 -23.65 60.68 -8.25
N GLY J 155 -23.28 61.90 -8.66
CA GLY J 155 -24.14 62.74 -9.49
C GLY J 155 -23.98 62.41 -10.97
N ASP J 156 -22.75 62.55 -11.46
CA ASP J 156 -22.43 62.37 -12.85
C ASP J 156 -22.61 60.93 -13.30
N PHE J 157 -22.14 59.95 -12.51
CA PHE J 157 -22.01 58.59 -13.05
C PHE J 157 -23.07 57.70 -12.44
N GLY J 158 -22.90 57.38 -11.15
CA GLY J 158 -23.89 56.63 -10.41
C GLY J 158 -25.32 57.05 -10.68
N GLY J 159 -25.63 58.34 -10.50
CA GLY J 159 -27.01 58.79 -10.57
C GLY J 159 -27.31 59.58 -11.86
N GLY J 160 -26.34 59.54 -12.77
CA GLY J 160 -26.34 60.30 -14.01
C GLY J 160 -26.31 59.36 -15.22
N SER J 161 -25.11 59.07 -15.70
CA SER J 161 -24.90 58.22 -16.86
C SER J 161 -25.55 56.85 -16.70
N MET J 162 -25.55 56.28 -15.47
CA MET J 162 -26.02 54.91 -15.31
C MET J 162 -27.53 54.86 -15.53
N PHE J 163 -28.24 55.87 -15.04
CA PHE J 163 -29.67 55.94 -15.23
C PHE J 163 -30.02 56.28 -16.69
N LEU J 164 -29.19 57.10 -17.34
CA LEU J 164 -29.35 57.35 -18.76
C LEU J 164 -29.31 56.00 -19.48
N LEU J 165 -28.28 55.19 -19.17
CA LEU J 165 -28.04 53.91 -19.82
C LEU J 165 -29.23 52.98 -19.62
N VAL J 166 -29.75 52.93 -18.40
CA VAL J 166 -30.91 52.10 -18.08
C VAL J 166 -32.12 52.59 -18.85
N GLY J 167 -32.33 53.90 -18.89
CA GLY J 167 -33.43 54.48 -19.65
C GLY J 167 -33.33 54.13 -21.13
N ILE J 168 -32.13 54.30 -21.68
CA ILE J 168 -31.91 53.98 -23.07
C ILE J 168 -32.25 52.51 -23.34
N LEU J 169 -31.79 51.59 -22.47
CA LEU J 169 -31.89 50.17 -22.77
C LEU J 169 -33.30 49.73 -22.45
N ALA J 170 -33.90 50.32 -21.42
CA ALA J 170 -35.29 50.04 -21.16
C ALA J 170 -36.14 50.47 -22.36
N ALA J 171 -35.79 51.61 -22.96
CA ALA J 171 -36.56 52.16 -24.05
C ALA J 171 -36.46 51.27 -25.29
N LEU J 172 -35.26 50.75 -25.57
CA LEU J 172 -35.02 49.82 -26.67
C LEU J 172 -35.85 48.54 -26.51
N TRP J 173 -35.94 48.03 -25.28
CA TRP J 173 -36.80 46.89 -25.06
C TRP J 173 -38.23 47.26 -25.41
N GLU J 174 -38.67 48.45 -24.97
CA GLU J 174 -40.08 48.82 -25.12
C GLU J 174 -40.38 48.96 -26.61
N ARG J 175 -39.40 49.48 -27.34
CA ARG J 175 -39.45 49.66 -28.78
C ARG J 175 -39.70 48.34 -29.52
N GLN J 176 -39.40 47.20 -28.91
CA GLN J 176 -39.44 45.97 -29.68
C GLN J 176 -40.90 45.54 -29.85
N SER J 177 -41.80 45.90 -28.94
CA SER J 177 -43.20 45.57 -29.16
C SER J 177 -44.05 46.77 -29.62
N SER J 178 -43.49 48.00 -29.66
CA SER J 178 -44.25 49.21 -29.98
C SER J 178 -43.98 49.70 -31.40
N GLY J 179 -42.78 49.46 -31.92
CA GLY J 179 -42.29 49.98 -33.19
C GLY J 179 -41.71 51.40 -33.07
N LYS J 180 -41.80 51.99 -31.86
CA LYS J 180 -41.67 53.42 -31.62
C LYS J 180 -40.57 53.80 -30.61
N GLY J 181 -39.79 54.84 -30.95
CA GLY J 181 -38.85 55.50 -30.05
C GLY J 181 -39.55 56.31 -28.96
N GLN J 182 -38.80 57.12 -28.21
CA GLN J 182 -39.37 58.03 -27.22
C GLN J 182 -38.23 58.82 -26.57
N VAL J 183 -38.60 59.74 -25.67
CA VAL J 183 -37.62 60.59 -25.02
C VAL J 183 -37.36 60.09 -23.59
N VAL J 184 -36.06 59.90 -23.32
CA VAL J 184 -35.53 59.58 -22.01
C VAL J 184 -34.96 60.82 -21.34
N ASP J 185 -35.57 61.22 -20.21
CA ASP J 185 -35.17 62.39 -19.42
C ASP J 185 -34.47 61.93 -18.13
N ALA J 186 -33.14 61.98 -18.15
CA ALA J 186 -32.32 61.57 -17.03
C ALA J 186 -31.77 62.78 -16.30
N ALA J 187 -32.36 63.09 -15.15
CA ALA J 187 -31.78 64.15 -14.33
C ALA J 187 -30.94 63.55 -13.20
N MET J 188 -29.70 64.03 -13.06
CA MET J 188 -28.77 63.65 -11.98
C MET J 188 -29.37 63.82 -10.58
N VAL J 189 -30.23 64.81 -10.39
CA VAL J 189 -30.85 65.00 -9.09
C VAL J 189 -31.87 63.90 -8.80
N ASP J 190 -32.41 63.30 -9.88
CA ASP J 190 -33.42 62.24 -9.78
C ASP J 190 -32.69 60.90 -9.62
N GLY J 191 -31.78 60.61 -10.55
CA GLY J 191 -31.02 59.37 -10.54
C GLY J 191 -30.35 59.15 -9.18
N SER J 192 -29.69 60.20 -8.68
CA SER J 192 -28.92 60.10 -7.45
C SER J 192 -29.87 59.91 -6.28
N SER J 193 -31.08 60.47 -6.37
CA SER J 193 -32.06 60.19 -5.34
C SER J 193 -32.46 58.70 -5.32
N VAL J 194 -32.57 58.04 -6.47
CA VAL J 194 -32.98 56.64 -6.47
C VAL J 194 -31.80 55.79 -6.03
N LEU J 195 -30.60 56.25 -6.39
CA LEU J 195 -29.38 55.55 -6.03
C LEU J 195 -29.27 55.47 -4.51
N ILE J 196 -29.77 56.50 -3.81
CA ILE J 196 -29.69 56.54 -2.35
C ILE J 196 -31.02 56.13 -1.73
N GLN J 197 -31.88 55.41 -2.45
CA GLN J 197 -33.21 55.09 -1.91
C GLN J 197 -33.12 54.32 -0.58
N MET J 198 -32.03 53.56 -0.39
CA MET J 198 -31.89 52.77 0.83
C MET J 198 -31.89 53.68 2.05
N MET J 199 -31.17 54.81 2.00
CA MET J 199 -31.14 55.73 3.13
C MET J 199 -32.52 56.33 3.33
N TRP J 200 -33.27 56.57 2.25
CA TRP J 200 -34.59 57.14 2.44
C TRP J 200 -35.50 56.10 3.10
N ALA J 201 -35.27 54.81 2.80
CA ALA J 201 -36.00 53.71 3.42
C ALA J 201 -35.63 53.53 4.89
N MET J 202 -34.33 53.56 5.21
CA MET J 202 -33.92 53.49 6.61
C MET J 202 -34.42 54.72 7.36
N ARG J 203 -34.37 55.90 6.75
CA ARG J 203 -34.82 57.09 7.43
C ARG J 203 -36.29 56.97 7.85
N ALA J 204 -37.13 56.39 6.99
CA ALA J 204 -38.55 56.23 7.30
C ALA J 204 -38.82 55.30 8.49
N THR J 205 -37.90 54.34 8.76
CA THR J 205 -38.09 53.35 9.82
C THR J 205 -37.20 53.62 11.03
N GLY J 206 -36.69 54.85 11.20
CA GLY J 206 -35.84 55.20 12.34
C GLY J 206 -34.46 54.53 12.35
N MET J 207 -33.90 54.17 11.19
CA MET J 207 -32.59 53.52 11.15
C MET J 207 -31.52 54.41 10.48
N TRP J 208 -31.84 55.66 10.24
CA TRP J 208 -30.91 56.60 9.62
C TRP J 208 -31.29 57.99 10.11
N THR J 209 -30.31 58.76 10.58
CA THR J 209 -30.59 60.15 10.94
C THR J 209 -29.76 61.09 10.07
N ASP J 210 -30.17 62.36 10.12
CA ASP J 210 -29.61 63.42 9.32
C ASP J 210 -28.29 63.90 9.91
N THR J 211 -27.93 63.45 11.11
CA THR J 211 -26.65 63.85 11.67
C THR J 211 -25.53 63.13 10.92
N ARG J 212 -24.56 63.90 10.41
CA ARG J 212 -23.47 63.33 9.64
C ARG J 212 -22.53 62.58 10.58
N GLY J 213 -22.01 61.43 10.11
CA GLY J 213 -21.04 60.62 10.85
C GLY J 213 -21.62 59.89 12.07
N ALA J 214 -22.93 59.58 12.06
CA ALA J 214 -23.56 58.92 13.20
C ALA J 214 -24.51 57.81 12.77
N ASN J 215 -24.21 57.18 11.61
CA ASN J 215 -25.06 56.15 11.03
C ASN J 215 -24.21 54.93 10.75
N MET J 216 -24.87 53.84 10.34
CA MET J 216 -24.24 52.55 10.11
C MET J 216 -23.25 52.59 8.95
N LEU J 217 -23.54 53.36 7.89
CA LEU J 217 -22.77 53.26 6.67
C LEU J 217 -22.04 54.55 6.29
N ASP J 218 -22.01 55.55 7.18
CA ASP J 218 -21.41 56.81 6.82
C ASP J 218 -20.03 56.96 7.44
N GLY J 219 -19.56 55.92 8.15
CA GLY J 219 -18.30 55.99 8.87
C GLY J 219 -18.47 56.22 10.38
N GLY J 220 -19.70 56.42 10.86
CA GLY J 220 -19.95 56.54 12.29
C GLY J 220 -19.85 55.22 13.07
N ALA J 221 -20.12 54.08 12.44
CA ALA J 221 -19.98 52.77 13.08
C ALA J 221 -18.52 52.33 13.11
N PRO J 222 -17.97 51.95 14.28
CA PRO J 222 -16.59 51.49 14.38
C PRO J 222 -16.26 50.27 13.53
N TYR J 223 -17.29 49.49 13.16
CA TYR J 223 -17.14 48.31 12.32
C TYR J 223 -17.36 48.56 10.83
N TYR J 224 -17.68 49.81 10.44
CA TYR J 224 -17.81 50.20 9.05
C TYR J 224 -17.11 51.55 8.85
N ASP J 225 -15.79 51.48 8.62
CA ASP J 225 -14.93 52.63 8.60
C ASP J 225 -13.53 52.18 8.24
N THR J 226 -12.65 53.15 7.98
CA THR J 226 -11.22 52.91 7.82
C THR J 226 -10.49 53.12 9.15
N TYR J 227 -9.29 52.57 9.21
CA TYR J 227 -8.39 52.69 10.33
C TYR J 227 -6.99 52.87 9.77
N GLU J 228 -6.22 53.70 10.45
CA GLU J 228 -4.83 53.91 10.13
C GLU J 228 -4.00 52.82 10.79
N CYS J 229 -3.00 52.33 10.04
CA CYS J 229 -2.11 51.26 10.47
C CYS J 229 -0.77 51.88 10.88
N ALA J 230 0.18 51.03 11.32
CA ALA J 230 1.43 51.49 11.91
C ALA J 230 2.29 52.17 10.86
N ASP J 231 2.11 51.79 9.59
CA ASP J 231 2.89 52.32 8.49
C ASP J 231 2.25 53.60 7.95
N GLY J 232 1.14 54.03 8.54
CA GLY J 232 0.44 55.22 8.06
C GLY J 232 -0.46 54.94 6.84
N ARG J 233 -0.60 53.66 6.42
CA ARG J 233 -1.54 53.28 5.37
C ARG J 233 -2.83 52.84 6.05
N TYR J 234 -3.86 52.49 5.26
CA TYR J 234 -5.17 52.23 5.84
C TYR J 234 -5.71 50.84 5.53
N VAL J 235 -6.60 50.38 6.41
CA VAL J 235 -7.46 49.26 6.14
C VAL J 235 -8.89 49.74 6.22
N ALA J 236 -9.77 49.00 5.53
CA ALA J 236 -11.20 49.19 5.64
C ALA J 236 -11.81 48.01 6.36
N VAL J 237 -12.77 48.34 7.21
CA VAL J 237 -13.51 47.37 7.96
C VAL J 237 -14.97 47.50 7.59
N GLY J 238 -15.61 46.38 7.28
CA GLY J 238 -17.01 46.41 6.90
C GLY J 238 -17.80 45.28 7.53
N ALA J 239 -17.45 44.94 8.77
CA ALA J 239 -18.00 43.79 9.47
C ALA J 239 -19.35 44.10 10.11
N ILE J 240 -20.40 44.15 9.28
CA ILE J 240 -21.72 44.46 9.78
C ILE J 240 -22.34 43.27 10.53
N GLU J 241 -22.32 42.09 9.89
CA GLU J 241 -22.93 40.91 10.47
C GLU J 241 -22.15 40.51 11.72
N PRO J 242 -22.84 40.16 12.81
CA PRO J 242 -22.15 39.81 14.05
C PRO J 242 -21.05 38.74 13.92
N GLN J 243 -21.32 37.74 13.06
N GLN J 243 -21.27 37.69 13.10
CA GLN J 243 -20.41 36.62 12.86
CA GLN J 243 -20.29 36.60 12.97
C GLN J 243 -19.09 37.15 12.35
C GLN J 243 -19.02 37.16 12.36
N PHE J 244 -19.17 38.16 11.47
CA PHE J 244 -18.00 38.71 10.77
C PHE J 244 -17.25 39.63 11.72
N TYR J 245 -18.00 40.40 12.49
CA TYR J 245 -17.43 41.27 13.50
C TYR J 245 -16.66 40.45 14.55
N ALA J 246 -17.28 39.36 15.02
CA ALA J 246 -16.63 38.47 15.99
C ALA J 246 -15.31 37.94 15.44
N ALA J 247 -15.31 37.57 14.15
CA ALA J 247 -14.10 37.08 13.52
C ALA J 247 -13.05 38.18 13.47
N MET J 248 -13.49 39.40 13.16
CA MET J 248 -12.56 40.51 13.06
C MET J 248 -11.92 40.77 14.43
N LEU J 249 -12.72 40.77 15.51
CA LEU J 249 -12.22 40.94 16.87
C LEU J 249 -11.14 39.90 17.19
N ALA J 250 -11.42 38.62 16.93
CA ALA J 250 -10.47 37.59 17.34
C ALA J 250 -9.14 37.77 16.60
N GLY J 251 -9.19 38.22 15.34
CA GLY J 251 -7.98 38.44 14.56
C GLY J 251 -7.15 39.61 15.07
N LEU J 252 -7.84 40.56 15.68
CA LEU J 252 -7.20 41.73 16.26
C LEU J 252 -6.57 41.37 17.61
N GLY J 253 -6.90 40.19 18.12
CA GLY J 253 -6.45 39.73 19.42
C GLY J 253 -7.31 40.30 20.54
N LEU J 254 -8.56 40.63 20.22
CA LEU J 254 -9.41 41.36 21.13
C LEU J 254 -10.47 40.41 21.66
N ASP J 255 -10.66 40.44 22.96
CA ASP J 255 -11.59 39.54 23.62
C ASP J 255 -12.92 40.28 23.71
N ALA J 256 -13.95 39.71 23.07
CA ALA J 256 -15.27 40.31 22.95
C ALA J 256 -15.91 40.59 24.31
N ALA J 257 -15.57 39.83 25.35
CA ALA J 257 -16.21 39.95 26.65
C ALA J 257 -15.75 41.22 27.37
N GLU J 258 -14.60 41.79 26.94
CA GLU J 258 -14.04 42.99 27.54
C GLU J 258 -14.41 44.25 26.75
N LEU J 259 -15.33 44.15 25.77
CA LEU J 259 -15.64 45.26 24.87
C LEU J 259 -17.11 45.64 25.01
N PRO J 260 -17.48 46.88 24.63
CA PRO J 260 -18.89 47.22 24.55
C PRO J 260 -19.59 46.43 23.43
N PRO J 261 -20.93 46.25 23.49
CA PRO J 261 -21.67 45.62 22.39
C PRO J 261 -21.49 46.32 21.05
N GLN J 262 -21.48 45.54 19.98
CA GLN J 262 -21.20 46.01 18.63
C GLN J 262 -22.07 47.21 18.29
N ASN J 263 -23.34 47.16 18.71
CA ASN J 263 -24.30 48.15 18.27
C ASN J 263 -24.76 49.00 19.47
N ASP J 264 -23.95 49.14 20.51
CA ASP J 264 -24.25 50.15 21.52
C ASP J 264 -23.62 51.48 21.12
N ARG J 265 -24.43 52.35 20.49
CA ARG J 265 -24.01 53.58 19.84
C ARG J 265 -23.41 54.56 20.83
N ALA J 266 -23.91 54.55 22.06
CA ALA J 266 -23.39 55.44 23.10
C ALA J 266 -21.93 55.10 23.41
N ARG J 267 -21.52 53.87 23.11
CA ARG J 267 -20.17 53.42 23.46
C ARG J 267 -19.28 53.24 22.25
N TRP J 268 -19.78 53.62 21.08
CA TRP J 268 -19.00 53.52 19.86
C TRP J 268 -17.63 54.20 19.97
N PRO J 269 -17.52 55.42 20.54
CA PRO J 269 -16.21 56.04 20.68
C PRO J 269 -15.20 55.18 21.44
N GLU J 270 -15.70 54.51 22.50
CA GLU J 270 -14.90 53.60 23.31
C GLU J 270 -14.44 52.42 22.47
N LEU J 271 -15.37 51.84 21.70
CA LEU J 271 -15.08 50.74 20.80
C LEU J 271 -14.09 51.17 19.72
N ARG J 272 -14.34 52.36 19.16
CA ARG J 272 -13.47 52.90 18.14
C ARG J 272 -12.04 52.99 18.66
N ALA J 273 -11.88 53.50 19.89
CA ALA J 273 -10.54 53.71 20.43
C ALA J 273 -9.80 52.38 20.54
N LEU J 274 -10.51 51.32 20.94
CA LEU J 274 -9.91 50.01 21.11
C LEU J 274 -9.51 49.42 19.76
N LEU J 275 -10.39 49.51 18.77
CA LEU J 275 -10.04 49.10 17.41
C LEU J 275 -8.90 49.94 16.84
N THR J 276 -8.92 51.26 17.10
CA THR J 276 -7.87 52.14 16.58
C THR J 276 -6.50 51.68 17.09
N GLU J 277 -6.41 51.43 18.39
CA GLU J 277 -5.17 50.97 19.01
C GLU J 277 -4.73 49.62 18.42
N ALA J 278 -5.66 48.69 18.18
CA ALA J 278 -5.27 47.40 17.64
C ALA J 278 -4.74 47.55 16.22
N PHE J 279 -5.40 48.32 15.36
CA PHE J 279 -4.97 48.34 13.97
C PHE J 279 -3.67 49.10 13.79
N ALA J 280 -3.43 50.09 14.66
CA ALA J 280 -2.18 50.86 14.59
C ALA J 280 -0.96 50.05 15.06
N SER J 281 -1.17 48.85 15.60
CA SER J 281 -0.06 48.07 16.14
C SER J 281 0.70 47.31 15.05
N HIS J 282 0.10 47.11 13.86
CA HIS J 282 0.81 46.50 12.74
C HIS J 282 0.49 47.24 11.44
N ASP J 283 1.34 47.04 10.43
CA ASP J 283 1.21 47.74 9.15
C ASP J 283 0.10 47.13 8.29
N ARG J 284 -0.30 47.86 7.24
CA ARG J 284 -1.46 47.47 6.44
C ARG J 284 -1.30 46.06 5.89
N ASP J 285 -0.10 45.76 5.38
CA ASP J 285 0.15 44.48 4.73
C ASP J 285 0.00 43.33 5.72
N HIS J 286 0.39 43.55 6.97
CA HIS J 286 0.18 42.57 8.00
C HIS J 286 -1.30 42.25 8.15
N TRP J 287 -2.18 43.25 8.16
CA TRP J 287 -3.58 42.95 8.34
C TRP J 287 -4.15 42.18 7.16
N GLY J 288 -3.61 42.45 5.97
CA GLY J 288 -4.04 41.83 4.71
C GLY J 288 -3.76 40.32 4.68
N ALA J 289 -2.59 39.92 5.19
CA ALA J 289 -2.24 38.53 5.41
C ALA J 289 -3.07 37.85 6.51
N VAL J 290 -3.11 38.48 7.69
CA VAL J 290 -3.91 37.99 8.80
C VAL J 290 -5.35 37.73 8.37
N PHE J 291 -5.94 38.55 7.49
CA PHE J 291 -7.36 38.39 7.21
C PHE J 291 -7.65 37.83 5.81
N ALA J 292 -6.62 37.45 5.05
CA ALA J 292 -6.84 36.64 3.85
C ALA J 292 -7.62 35.39 4.22
N ASN J 293 -8.67 35.12 3.41
CA ASN J 293 -9.50 33.92 3.42
C ASN J 293 -10.52 34.01 4.54
N SER J 294 -10.59 35.18 5.16
CA SER J 294 -11.42 35.43 6.33
C SER J 294 -12.74 36.07 5.91
N ASP J 295 -13.82 35.87 6.69
CA ASP J 295 -15.03 36.67 6.61
C ASP J 295 -15.03 37.87 7.58
N ALA J 296 -13.85 38.32 8.04
CA ALA J 296 -13.72 39.46 8.94
C ALA J 296 -14.09 40.79 8.28
N CYS J 297 -14.15 40.86 6.95
CA CYS J 297 -14.54 42.06 6.21
C CYS J 297 -13.50 43.17 6.39
N VAL J 298 -12.24 42.82 6.20
CA VAL J 298 -11.12 43.69 6.45
C VAL J 298 -10.23 43.60 5.23
N THR J 299 -9.93 44.75 4.61
CA THR J 299 -9.21 44.81 3.36
C THR J 299 -8.25 45.98 3.39
N PRO J 300 -7.14 45.87 2.67
CA PRO J 300 -6.26 47.00 2.49
C PRO J 300 -6.91 48.06 1.59
N VAL J 301 -6.70 49.32 1.95
CA VAL J 301 -7.14 50.45 1.17
C VAL J 301 -6.01 50.78 0.21
N LEU J 302 -6.20 50.41 -1.06
CA LEU J 302 -5.15 50.61 -2.04
C LEU J 302 -5.33 51.98 -2.71
N ALA J 303 -4.23 52.70 -2.85
CA ALA J 303 -4.15 53.81 -3.79
C ALA J 303 -4.17 53.29 -5.23
N PHE J 304 -4.73 54.12 -6.13
CA PHE J 304 -4.76 53.82 -7.56
C PHE J 304 -3.45 53.18 -8.01
N GLY J 305 -2.32 53.79 -7.69
CA GLY J 305 -1.03 53.36 -8.20
C GLY J 305 -0.59 51.97 -7.71
N GLU J 306 -1.28 51.39 -6.71
CA GLU J 306 -0.90 50.08 -6.18
C GLU J 306 -1.85 49.01 -6.68
N VAL J 307 -2.98 49.40 -7.28
CA VAL J 307 -4.05 48.47 -7.61
C VAL J 307 -3.56 47.41 -8.60
N HIS J 308 -2.64 47.77 -9.48
CA HIS J 308 -2.18 46.87 -10.54
C HIS J 308 -1.46 45.66 -9.95
N ASN J 309 -1.08 45.72 -8.66
CA ASN J 309 -0.26 44.70 -8.01
C ASN J 309 -1.06 43.81 -7.05
N GLU J 310 -2.37 44.01 -6.96
CA GLU J 310 -3.23 43.23 -6.09
C GLU J 310 -3.61 41.97 -6.84
N PRO J 311 -3.33 40.77 -6.27
CA PRO J 311 -3.60 39.51 -6.96
C PRO J 311 -5.03 39.39 -7.47
N HIS J 312 -6.05 39.78 -6.69
CA HIS J 312 -7.41 39.54 -7.13
C HIS J 312 -7.76 40.44 -8.33
N ILE J 313 -7.12 41.62 -8.41
CA ILE J 313 -7.31 42.51 -9.53
C ILE J 313 -6.65 41.88 -10.76
N ILE J 314 -5.42 41.39 -10.60
CA ILE J 314 -4.62 40.89 -11.71
C ILE J 314 -5.33 39.71 -12.38
N GLU J 315 -5.93 38.83 -11.57
CA GLU J 315 -6.30 37.51 -12.02
C GLU J 315 -7.71 37.51 -12.60
N ARG J 316 -8.48 38.60 -12.40
CA ARG J 316 -9.75 38.79 -13.07
C ARG J 316 -9.64 39.79 -14.23
N ASN J 317 -8.44 40.26 -14.53
CA ASN J 317 -8.25 41.22 -15.60
C ASN J 317 -9.33 42.32 -15.49
N THR J 318 -9.44 42.91 -14.31
CA THR J 318 -10.32 44.04 -14.10
C THR J 318 -9.84 45.26 -14.87
N PHE J 319 -8.52 45.35 -15.11
CA PHE J 319 -7.86 46.44 -15.81
C PHE J 319 -7.07 45.92 -17.01
N TYR J 320 -6.74 46.84 -17.94
CA TYR J 320 -5.85 46.57 -19.06
C TYR J 320 -4.88 47.75 -19.19
N GLU J 321 -3.77 47.53 -19.89
CA GLU J 321 -2.73 48.54 -20.03
C GLU J 321 -2.90 49.23 -21.37
N ALA J 322 -2.91 50.57 -21.36
CA ALA J 322 -3.04 51.39 -22.56
C ALA J 322 -2.08 52.57 -22.43
N ASN J 323 -2.21 53.55 -23.35
CA ASN J 323 -1.84 54.92 -23.06
C ASN J 323 -0.51 54.95 -22.29
N GLY J 324 -0.49 55.66 -21.16
CA GLY J 324 0.60 55.61 -20.20
C GLY J 324 0.34 54.55 -19.13
N GLY J 325 -0.93 54.36 -18.75
CA GLY J 325 -1.23 53.46 -17.65
C GLY J 325 -2.58 52.75 -17.80
N TRP J 326 -3.09 52.29 -16.65
CA TRP J 326 -4.11 51.27 -16.60
C TRP J 326 -5.48 51.89 -16.78
N GLN J 327 -6.44 51.06 -17.24
CA GLN J 327 -7.81 51.50 -17.47
C GLN J 327 -8.75 50.36 -17.20
N PRO J 328 -9.97 50.61 -16.67
CA PRO J 328 -10.89 49.54 -16.36
C PRO J 328 -11.43 48.83 -17.58
N MET J 329 -11.42 47.51 -17.55
CA MET J 329 -12.03 46.72 -18.60
C MET J 329 -13.53 46.89 -18.49
N PRO J 330 -14.26 46.64 -19.57
CA PRO J 330 -15.70 46.73 -19.54
C PRO J 330 -16.36 45.91 -18.44
N ALA J 331 -17.51 46.42 -18.03
CA ALA J 331 -18.35 45.77 -17.06
C ALA J 331 -19.79 46.05 -17.43
N PRO J 332 -20.75 45.17 -17.12
CA PRO J 332 -20.44 43.87 -16.52
C PRO J 332 -19.91 42.88 -17.56
N ARG J 333 -19.78 41.60 -17.19
CA ARG J 333 -19.21 40.60 -18.08
C ARG J 333 -20.31 39.70 -18.61
N PHE J 334 -20.12 39.19 -19.83
CA PHE J 334 -21.17 38.39 -20.50
C PHE J 334 -20.61 37.01 -20.84
N SER J 335 -21.39 35.95 -20.57
CA SER J 335 -20.92 34.57 -20.77
C SER J 335 -20.76 34.24 -22.26
N ARG J 336 -21.74 34.62 -23.09
CA ARG J 336 -21.74 34.23 -24.50
C ARG J 336 -21.17 35.32 -25.40
N THR J 337 -21.70 36.56 -25.29
CA THR J 337 -21.24 37.67 -26.14
C THR J 337 -20.37 38.59 -25.31
N ALA J 338 -19.08 38.28 -25.23
CA ALA J 338 -18.19 39.01 -24.36
C ALA J 338 -17.73 40.27 -25.05
N SER J 339 -17.50 41.30 -24.25
CA SER J 339 -16.90 42.52 -24.74
C SER J 339 -15.44 42.25 -25.00
N SER J 340 -14.76 43.21 -25.63
CA SER J 340 -13.35 43.09 -25.89
C SER J 340 -12.60 44.30 -25.36
N GLN J 341 -11.27 44.24 -25.43
CA GLN J 341 -10.43 45.34 -24.99
C GLN J 341 -10.88 46.60 -25.72
N PRO J 342 -11.17 47.69 -25.00
CA PRO J 342 -11.50 48.95 -25.66
C PRO J 342 -10.43 49.41 -26.65
N ARG J 343 -10.90 50.04 -27.73
CA ARG J 343 -10.05 50.57 -28.78
C ARG J 343 -9.70 52.00 -28.39
N PRO J 344 -8.45 52.44 -28.59
CA PRO J 344 -8.11 53.84 -28.33
C PRO J 344 -9.02 54.81 -29.08
N PRO J 345 -9.09 56.10 -28.70
CA PRO J 345 -9.97 57.03 -29.42
C PRO J 345 -9.59 57.14 -30.89
N ALA J 346 -10.60 57.05 -31.78
CA ALA J 346 -10.36 57.07 -33.22
C ALA J 346 -9.56 58.32 -33.60
N ALA J 347 -9.13 58.38 -34.87
CA ALA J 347 -8.73 59.65 -35.47
C ALA J 347 -10.01 60.30 -36.00
N THR J 348 -9.99 61.64 -36.10
CA THR J 348 -11.13 62.39 -36.63
C THR J 348 -11.38 61.87 -38.03
N ILE J 349 -12.44 61.08 -38.18
CA ILE J 349 -12.82 60.65 -39.51
C ILE J 349 -13.81 61.68 -40.07
N ASP J 350 -14.09 61.53 -41.37
CA ASP J 350 -14.93 62.42 -42.14
C ASP J 350 -16.38 61.95 -42.02
N ILE J 351 -17.31 62.89 -41.78
CA ILE J 351 -18.68 62.52 -41.43
C ILE J 351 -19.39 61.83 -42.60
N GLU J 352 -18.99 62.14 -43.84
CA GLU J 352 -19.54 61.52 -45.04
C GLU J 352 -19.11 60.06 -45.14
N ALA J 353 -17.87 59.77 -44.71
CA ALA J 353 -17.34 58.41 -44.73
C ALA J 353 -18.17 57.47 -43.86
N VAL J 354 -18.83 58.02 -42.81
CA VAL J 354 -19.62 57.24 -41.87
C VAL J 354 -21.00 56.96 -42.47
N LEU J 355 -21.54 57.94 -43.21
CA LEU J 355 -22.85 57.78 -43.81
C LEU J 355 -22.80 56.71 -44.90
N THR J 356 -21.65 56.63 -45.60
CA THR J 356 -21.31 55.55 -46.52
C THR J 356 -21.39 54.20 -45.80
N ASP J 357 -20.55 54.05 -44.76
CA ASP J 357 -20.41 52.84 -43.95
C ASP J 357 -21.76 52.34 -43.46
N TRP J 358 -22.63 53.25 -43.01
CA TRP J 358 -23.95 52.90 -42.50
C TRP J 358 -24.97 52.77 -43.64
N ASP J 359 -24.52 52.31 -44.82
CA ASP J 359 -25.22 52.48 -46.08
C ASP J 359 -25.21 53.96 -46.49
N MET K 1 -9.32 22.77 49.24
CA MET K 1 -9.03 22.17 47.90
C MET K 1 -9.91 22.79 46.82
N ALA K 2 -9.27 23.38 45.80
CA ALA K 2 -9.97 24.13 44.76
C ALA K 2 -10.73 23.18 43.84
N GLY K 3 -11.92 23.58 43.39
CA GLY K 3 -12.63 22.88 42.34
C GLY K 3 -14.05 22.50 42.75
N PRO K 4 -14.92 22.12 41.80
CA PRO K 4 -16.31 21.83 42.12
C PRO K 4 -16.58 20.51 42.83
N LEU K 5 -15.56 19.65 42.93
CA LEU K 5 -15.68 18.40 43.67
C LEU K 5 -14.95 18.48 45.00
N SER K 6 -14.55 19.68 45.44
CA SER K 6 -14.05 19.90 46.78
C SER K 6 -14.99 19.25 47.78
N GLY K 7 -14.42 18.44 48.69
CA GLY K 7 -15.18 17.79 49.74
C GLY K 7 -15.43 16.29 49.47
N LEU K 8 -15.44 15.91 48.18
CA LEU K 8 -15.68 14.53 47.79
C LEU K 8 -14.45 13.68 48.09
N ARG K 9 -14.73 12.47 48.59
CA ARG K 9 -13.69 11.58 49.08
C ARG K 9 -13.68 10.29 48.26
N VAL K 10 -12.48 9.92 47.82
CA VAL K 10 -12.38 8.84 46.87
C VAL K 10 -11.28 7.90 47.34
N VAL K 11 -11.65 6.61 47.32
CA VAL K 11 -10.66 5.55 47.47
C VAL K 11 -10.54 4.84 46.13
N GLU K 12 -9.30 4.81 45.65
CA GLU K 12 -8.94 4.16 44.40
C GLU K 12 -8.07 2.95 44.74
N LEU K 13 -8.53 1.75 44.36
CA LEU K 13 -7.68 0.57 44.41
C LEU K 13 -6.80 0.55 43.17
N ALA K 14 -5.48 0.64 43.37
CA ALA K 14 -4.50 0.83 42.31
C ALA K 14 -4.66 -0.22 41.21
N GLY K 15 -4.90 0.27 39.99
CA GLY K 15 -4.94 -0.53 38.77
C GLY K 15 -4.17 0.16 37.66
N ILE K 16 -4.55 -0.12 36.40
CA ILE K 16 -3.89 0.48 35.25
C ILE K 16 -4.93 0.99 34.26
N GLY K 17 -4.63 2.09 33.57
CA GLY K 17 -5.50 2.60 32.50
C GLY K 17 -6.67 3.38 33.07
N PRO K 18 -7.93 2.93 32.87
CA PRO K 18 -9.08 3.78 33.09
C PRO K 18 -9.32 4.19 34.54
N GLY K 19 -9.10 3.24 35.46
CA GLY K 19 -9.36 3.49 36.88
C GLY K 19 -8.55 4.68 37.35
N PRO K 20 -7.22 4.64 37.21
CA PRO K 20 -6.40 5.77 37.57
C PRO K 20 -6.68 7.06 36.78
N HIS K 21 -7.32 6.95 35.61
CA HIS K 21 -7.52 8.15 34.82
C HIS K 21 -8.75 8.85 35.37
N ALA K 22 -9.77 8.05 35.70
CA ALA K 22 -10.94 8.51 36.39
C ALA K 22 -10.57 9.12 37.75
N ALA K 23 -9.81 8.37 38.55
CA ALA K 23 -9.39 8.94 39.83
C ALA K 23 -8.69 10.28 39.58
N MET K 24 -7.83 10.34 38.57
CA MET K 24 -7.03 11.52 38.33
C MET K 24 -7.94 12.72 38.07
N ILE K 25 -9.00 12.50 37.31
CA ILE K 25 -9.88 13.59 36.93
C ILE K 25 -10.63 14.14 38.14
N LEU K 26 -11.14 13.23 39.01
CA LEU K 26 -11.82 13.63 40.23
C LEU K 26 -10.88 14.51 41.06
N GLY K 27 -9.66 14.02 41.28
CA GLY K 27 -8.64 14.77 41.97
C GLY K 27 -8.41 16.14 41.34
N ASP K 28 -8.33 16.16 40.00
CA ASP K 28 -8.18 17.35 39.19
C ASP K 28 -9.27 18.35 39.55
N LEU K 29 -10.53 17.88 39.65
CA LEU K 29 -11.63 18.78 39.97
C LEU K 29 -11.78 18.99 41.50
N GLY K 30 -10.79 18.57 42.30
CA GLY K 30 -10.68 18.95 43.70
C GLY K 30 -11.10 17.86 44.70
N ALA K 31 -11.46 16.67 44.22
CA ALA K 31 -11.79 15.57 45.13
C ALA K 31 -10.55 15.13 45.92
N ASP K 32 -10.80 14.62 47.14
CA ASP K 32 -9.74 14.06 47.97
C ASP K 32 -9.63 12.58 47.64
N VAL K 33 -8.49 12.23 47.02
CA VAL K 33 -8.34 10.92 46.44
C VAL K 33 -7.23 10.22 47.18
N VAL K 34 -7.58 9.06 47.74
CA VAL K 34 -6.62 8.18 48.36
C VAL K 34 -6.57 6.90 47.54
N ARG K 35 -5.35 6.55 47.16
CA ARG K 35 -5.12 5.42 46.29
C ARG K 35 -4.41 4.35 47.10
N ILE K 36 -4.98 3.16 47.14
CA ILE K 36 -4.34 2.06 47.86
C ILE K 36 -3.56 1.21 46.87
N ASP K 37 -2.23 1.23 46.97
CA ASP K 37 -1.34 0.40 46.16
C ASP K 37 -0.74 -0.71 47.03
N ARG K 38 -0.18 -1.75 46.41
CA ARG K 38 0.49 -2.81 47.15
C ARG K 38 1.87 -2.34 47.63
N PRO K 39 2.40 -2.87 48.76
CA PRO K 39 3.71 -2.47 49.26
C PRO K 39 4.85 -2.73 48.28
N SER K 40 4.71 -3.80 47.49
CA SER K 40 5.62 -4.16 46.41
C SER K 40 6.03 -2.98 45.51
N SER K 41 5.32 -1.83 45.57
CA SER K 41 5.60 -0.70 44.70
C SER K 41 5.36 0.63 45.44
N SER K 46 6.41 8.61 42.80
CA SER K 46 6.07 8.09 41.44
C SER K 46 6.28 9.19 40.40
N ARG K 47 6.87 8.81 39.26
CA ARG K 47 7.06 9.73 38.15
C ARG K 47 5.98 9.49 37.09
N ASP K 48 4.88 8.82 37.46
CA ASP K 48 3.68 8.86 36.65
C ASP K 48 2.90 10.11 37.06
N ALA K 49 2.77 11.05 36.11
CA ALA K 49 1.96 12.24 36.33
C ALA K 49 0.46 11.86 36.32
N MET K 50 0.10 10.64 35.92
CA MET K 50 -1.30 10.21 36.04
C MET K 50 -1.67 10.08 37.52
N LEU K 51 -0.66 9.94 38.38
CA LEU K 51 -0.92 9.82 39.81
C LEU K 51 -0.90 11.19 40.49
N ARG K 52 -1.10 12.26 39.71
CA ARG K 52 -1.27 13.60 40.27
C ARG K 52 -2.60 13.66 41.01
N ASN K 53 -2.65 14.61 41.97
CA ASN K 53 -3.84 14.91 42.77
C ASN K 53 -4.28 13.71 43.62
N ARG K 54 -3.31 13.06 44.24
CA ARG K 54 -3.50 11.82 44.97
C ARG K 54 -2.73 11.84 46.30
N ARG K 55 -3.23 11.09 47.29
CA ARG K 55 -2.35 10.53 48.31
C ARG K 55 -2.22 9.04 48.06
N ILE K 56 -0.97 8.52 48.05
CA ILE K 56 -0.72 7.09 47.92
C ILE K 56 -0.58 6.48 49.33
N VAL K 57 -1.19 5.30 49.54
CA VAL K 57 -0.98 4.52 50.76
C VAL K 57 -0.75 3.05 50.44
N THR K 58 0.34 2.51 51.01
CA THR K 58 0.66 1.09 51.05
C THR K 58 -0.31 0.35 51.96
N ALA K 59 -0.79 -0.82 51.50
CA ALA K 59 -1.51 -1.78 52.32
C ALA K 59 -1.62 -3.10 51.55
N ASP K 60 -1.42 -4.20 52.25
CA ASP K 60 -1.57 -5.53 51.68
C ASP K 60 -2.97 -6.00 52.02
N LEU K 61 -3.85 -6.11 51.01
CA LEU K 61 -5.26 -6.39 51.23
C LEU K 61 -5.51 -7.87 51.41
N LYS K 62 -4.44 -8.65 51.24
CA LYS K 62 -4.50 -10.09 51.50
C LYS K 62 -4.45 -10.30 53.02
N SER K 63 -3.56 -9.58 53.72
CA SER K 63 -3.44 -9.62 55.17
C SER K 63 -4.74 -9.12 55.82
N ASP K 64 -4.84 -9.34 57.14
CA ASP K 64 -6.05 -9.02 57.88
C ASP K 64 -6.01 -7.56 58.33
N GLN K 65 -4.82 -7.08 58.65
CA GLN K 65 -4.61 -5.69 59.03
C GLN K 65 -4.78 -4.77 57.82
N GLY K 66 -4.15 -5.15 56.69
CA GLY K 66 -4.40 -4.53 55.39
C GLY K 66 -5.90 -4.40 55.08
N LEU K 67 -6.68 -5.47 55.26
CA LEU K 67 -8.09 -5.43 54.92
C LEU K 67 -8.83 -4.44 55.84
N GLU K 68 -8.53 -4.48 57.15
CA GLU K 68 -9.30 -3.72 58.13
C GLU K 68 -9.08 -2.22 57.91
N LEU K 69 -7.82 -1.83 57.65
CA LEU K 69 -7.47 -0.45 57.38
C LEU K 69 -8.24 0.06 56.15
N ALA K 70 -8.30 -0.75 55.10
CA ALA K 70 -8.96 -0.34 53.87
C ALA K 70 -10.45 -0.10 54.11
N LEU K 71 -11.09 -0.96 54.90
CA LEU K 71 -12.51 -0.82 55.19
C LEU K 71 -12.78 0.43 56.02
N LYS K 72 -11.76 0.87 56.77
CA LYS K 72 -11.89 2.07 57.58
C LYS K 72 -11.89 3.29 56.66
N LEU K 73 -10.89 3.38 55.74
CA LEU K 73 -10.86 4.39 54.69
C LEU K 73 -12.21 4.47 53.99
N ILE K 74 -12.75 3.32 53.60
CA ILE K 74 -13.93 3.24 52.75
C ILE K 74 -15.15 3.73 53.50
N ALA K 75 -15.20 3.42 54.81
CA ALA K 75 -16.33 3.76 55.66
C ALA K 75 -16.64 5.26 55.62
N LYS K 76 -15.56 6.06 55.56
CA LYS K 76 -15.61 7.51 55.60
C LYS K 76 -15.45 8.12 54.20
N ALA K 77 -15.90 7.42 53.14
CA ALA K 77 -15.69 7.91 51.78
C ALA K 77 -17.00 7.86 51.02
N ASP K 78 -17.03 8.56 49.87
CA ASP K 78 -18.21 8.64 49.02
C ASP K 78 -18.08 7.65 47.85
N VAL K 79 -16.84 7.46 47.40
CA VAL K 79 -16.63 6.72 46.18
C VAL K 79 -15.51 5.70 46.37
N LEU K 80 -15.76 4.49 45.83
CA LEU K 80 -14.70 3.53 45.61
C LEU K 80 -14.61 3.17 44.13
N ILE K 81 -13.35 3.20 43.69
CA ILE K 81 -12.97 2.85 42.33
C ILE K 81 -12.10 1.59 42.42
N GLU K 82 -12.53 0.55 41.70
CA GLU K 82 -11.71 -0.63 41.47
C GLU K 82 -11.82 -1.05 40.00
N GLY K 83 -10.69 -1.49 39.46
CA GLY K 83 -10.63 -1.96 38.08
C GLY K 83 -9.91 -3.30 37.96
N TYR K 84 -10.29 -4.26 38.82
CA TYR K 84 -9.78 -5.61 38.75
C TYR K 84 -10.79 -6.48 38.03
N ARG K 85 -10.39 -7.72 37.70
CA ARG K 85 -11.33 -8.64 37.09
C ARG K 85 -12.47 -8.85 38.07
N PRO K 86 -13.68 -9.20 37.62
CA PRO K 86 -14.78 -9.48 38.52
C PRO K 86 -14.44 -10.60 39.49
N GLY K 87 -14.92 -10.46 40.74
CA GLY K 87 -14.68 -11.43 41.81
C GLY K 87 -13.44 -11.08 42.62
N VAL K 88 -12.60 -10.18 42.13
CA VAL K 88 -11.33 -9.94 42.79
C VAL K 88 -11.55 -9.19 44.10
N THR K 89 -12.45 -8.21 44.10
CA THR K 89 -12.70 -7.47 45.33
C THR K 89 -13.56 -8.32 46.25
N GLU K 90 -14.53 -9.08 45.69
CA GLU K 90 -15.35 -9.96 46.51
C GLU K 90 -14.44 -10.83 47.40
N ARG K 91 -13.43 -11.45 46.78
CA ARG K 91 -12.60 -12.41 47.47
C ARG K 91 -11.65 -11.72 48.43
N LEU K 92 -11.34 -10.45 48.22
CA LEU K 92 -10.49 -9.73 49.17
C LEU K 92 -11.24 -9.37 50.47
N GLY K 93 -12.57 -9.45 50.44
CA GLY K 93 -13.42 -8.93 51.49
C GLY K 93 -13.92 -7.51 51.20
N LEU K 94 -13.70 -7.00 49.97
CA LEU K 94 -13.96 -5.60 49.63
C LEU K 94 -15.05 -5.48 48.58
N GLY K 95 -15.91 -6.48 48.43
CA GLY K 95 -16.90 -6.48 47.38
C GLY K 95 -18.02 -5.51 47.71
N PRO K 96 -18.96 -5.21 46.79
CA PRO K 96 -20.08 -4.34 47.10
C PRO K 96 -20.61 -4.54 48.53
N GLU K 97 -21.07 -5.77 48.84
CA GLU K 97 -21.89 -6.06 50.01
C GLU K 97 -21.12 -5.89 51.32
N GLU K 98 -19.84 -6.26 51.33
CA GLU K 98 -18.96 -5.95 52.45
C GLU K 98 -18.82 -4.43 52.64
N CYS K 99 -18.83 -3.71 51.52
CA CYS K 99 -18.69 -2.27 51.54
C CYS K 99 -20.01 -1.63 52.00
N ALA K 100 -21.14 -2.17 51.54
CA ALA K 100 -22.47 -1.71 51.94
C ALA K 100 -22.82 -2.09 53.39
N LYS K 101 -21.86 -2.62 54.15
CA LYS K 101 -22.08 -2.88 55.56
C LYS K 101 -21.47 -1.73 56.37
N VAL K 102 -20.34 -1.20 55.91
CA VAL K 102 -19.69 -0.14 56.65
C VAL K 102 -19.98 1.25 56.07
N ASN K 103 -20.93 1.36 55.10
CA ASN K 103 -21.10 2.61 54.34
C ASN K 103 -22.11 2.39 53.23
N ASP K 104 -23.41 2.48 53.54
CA ASP K 104 -24.46 2.18 52.56
C ASP K 104 -24.72 3.40 51.67
N ARG K 105 -23.90 4.44 51.83
CA ARG K 105 -23.95 5.65 50.98
C ARG K 105 -22.91 5.58 49.86
N LEU K 106 -22.12 4.49 49.82
CA LEU K 106 -20.95 4.40 48.97
C LEU K 106 -21.38 4.22 47.52
N ILE K 107 -20.74 4.99 46.65
CA ILE K 107 -20.78 4.74 45.21
C ILE K 107 -19.63 3.78 44.91
N TYR K 108 -20.03 2.59 44.44
CA TYR K 108 -19.10 1.49 44.23
C TYR K 108 -18.88 1.35 42.72
N ALA K 109 -17.70 1.84 42.30
CA ALA K 109 -17.41 2.04 40.89
C ALA K 109 -16.52 0.92 40.31
N ARG K 110 -17.12 0.09 39.44
CA ARG K 110 -16.41 -1.07 38.89
C ARG K 110 -16.06 -0.88 37.40
N MET K 111 -14.75 -0.69 37.16
CA MET K 111 -14.20 -0.39 35.84
C MET K 111 -13.61 -1.64 35.18
N THR K 112 -14.34 -2.27 34.25
CA THR K 112 -13.79 -3.42 33.53
C THR K 112 -13.79 -3.15 32.03
N GLY K 113 -13.33 -4.15 31.28
CA GLY K 113 -13.38 -4.08 29.84
C GLY K 113 -14.60 -4.83 29.33
N TRP K 114 -14.78 -6.05 29.83
CA TRP K 114 -15.79 -6.93 29.25
C TRP K 114 -17.08 -6.89 30.07
N GLY K 115 -17.01 -6.30 31.26
CA GLY K 115 -18.12 -6.30 32.20
C GLY K 115 -17.98 -7.40 33.28
N GLN K 116 -19.03 -7.45 34.10
CA GLN K 116 -19.06 -8.21 35.34
C GLN K 116 -19.46 -9.66 35.08
N THR K 117 -20.24 -9.92 34.02
CA THR K 117 -20.64 -11.28 33.70
C THR K 117 -20.43 -11.54 32.21
N GLY K 118 -20.67 -12.81 31.82
CA GLY K 118 -20.74 -13.21 30.44
C GLY K 118 -19.44 -13.92 30.00
N PRO K 119 -19.44 -14.56 28.82
CA PRO K 119 -18.41 -15.52 28.45
C PRO K 119 -16.97 -14.98 28.45
N ARG K 120 -16.80 -13.65 28.35
CA ARG K 120 -15.46 -13.08 28.25
C ARG K 120 -15.09 -12.33 29.51
N SER K 121 -15.95 -12.41 30.55
CA SER K 121 -15.79 -11.60 31.74
C SER K 121 -14.50 -11.89 32.50
N GLN K 122 -13.89 -13.07 32.30
CA GLN K 122 -12.66 -13.36 33.03
C GLN K 122 -11.43 -13.27 32.11
N GLN K 123 -11.62 -13.04 30.80
CA GLN K 123 -10.49 -12.87 29.90
C GLN K 123 -9.75 -11.56 30.16
N ALA K 124 -8.44 -11.66 30.32
CA ALA K 124 -7.54 -10.55 30.20
C ALA K 124 -7.71 -9.86 28.84
N GLY K 125 -7.23 -8.63 28.81
CA GLY K 125 -7.41 -7.77 27.65
C GLY K 125 -6.92 -6.36 27.92
N HIS K 126 -6.86 -5.61 26.82
CA HIS K 126 -6.58 -4.19 26.87
C HIS K 126 -7.44 -3.47 25.84
N ASP K 127 -7.27 -2.16 25.75
CA ASP K 127 -8.09 -1.31 24.89
C ASP K 127 -8.30 -1.97 23.53
N ILE K 128 -7.21 -2.36 22.85
CA ILE K 128 -7.31 -2.84 21.48
C ILE K 128 -8.29 -4.01 21.39
N ASN K 129 -8.37 -4.80 22.45
CA ASN K 129 -9.25 -5.97 22.41
C ASN K 129 -10.72 -5.58 22.55
N TYR K 130 -11.03 -4.71 23.50
CA TYR K 130 -12.41 -4.30 23.73
C TYR K 130 -12.96 -3.63 22.48
N ILE K 131 -12.16 -2.76 21.81
CA ILE K 131 -12.72 -2.06 20.65
C ILE K 131 -12.71 -2.94 19.41
N SER K 132 -12.02 -4.08 19.45
CA SER K 132 -12.03 -4.93 18.28
C SER K 132 -13.35 -5.70 18.20
N LEU K 133 -14.02 -5.89 19.34
CA LEU K 133 -15.19 -6.77 19.35
C LEU K 133 -16.46 -6.03 18.99
N ASN K 134 -16.45 -4.69 19.05
CA ASN K 134 -17.69 -3.93 18.88
C ASN K 134 -17.68 -3.10 17.61
N GLY K 135 -16.78 -3.42 16.67
CA GLY K 135 -16.78 -2.79 15.34
C GLY K 135 -15.91 -1.55 15.21
N ILE K 136 -15.50 -0.97 16.32
CA ILE K 136 -14.78 0.29 16.30
C ILE K 136 -13.45 0.11 15.59
N LEU K 137 -12.67 -0.89 15.96
CA LEU K 137 -11.30 -0.97 15.49
C LEU K 137 -11.32 -1.22 13.98
N HIS K 138 -12.29 -2.02 13.55
CA HIS K 138 -12.41 -2.36 12.15
C HIS K 138 -12.53 -1.09 11.31
N ALA K 139 -13.10 -0.02 11.89
CA ALA K 139 -13.46 1.18 11.15
C ALA K 139 -12.31 2.19 11.04
N ILE K 140 -11.17 1.93 11.65
CA ILE K 140 -10.14 2.94 11.80
C ILE K 140 -8.92 2.53 10.99
N GLY K 141 -8.51 3.43 10.07
CA GLY K 141 -7.31 3.26 9.30
C GLY K 141 -7.64 3.35 7.82
N ARG K 142 -6.64 3.21 6.98
CA ARG K 142 -6.83 3.30 5.54
C ARG K 142 -7.45 2.02 5.02
N GLY K 143 -8.16 2.12 3.90
CA GLY K 143 -8.89 1.01 3.33
C GLY K 143 -7.99 -0.12 2.85
N ASP K 144 -6.81 0.23 2.34
CA ASP K 144 -5.94 -0.78 1.75
C ASP K 144 -5.08 -1.51 2.79
N GLU K 145 -5.31 -1.24 4.09
CA GLU K 145 -4.35 -1.64 5.10
C GLU K 145 -5.07 -2.23 6.30
N ARG K 146 -4.31 -2.84 7.21
CA ARG K 146 -4.89 -3.41 8.39
C ARG K 146 -5.23 -2.30 9.36
N PRO K 147 -6.28 -2.48 10.19
CA PRO K 147 -6.75 -1.43 11.07
C PRO K 147 -5.69 -1.00 12.06
N VAL K 148 -5.75 0.28 12.41
CA VAL K 148 -4.71 0.90 13.21
C VAL K 148 -5.35 1.32 14.53
N PRO K 149 -4.73 1.00 15.68
CA PRO K 149 -5.33 1.34 16.95
C PRO K 149 -5.21 2.82 17.22
N PRO K 150 -6.28 3.47 17.68
CA PRO K 150 -6.24 4.87 18.01
C PRO K 150 -5.65 5.08 19.38
N LEU K 151 -4.41 4.65 19.52
CA LEU K 151 -3.79 4.55 20.82
C LEU K 151 -4.77 3.83 21.74
N ASN K 152 -4.71 4.15 23.03
CA ASN K 152 -5.70 3.59 23.94
C ASN K 152 -6.71 4.66 24.31
N LEU K 153 -7.08 5.49 23.36
CA LEU K 153 -7.93 6.64 23.67
C LEU K 153 -9.39 6.25 23.69
N VAL K 154 -9.80 5.21 22.97
CA VAL K 154 -11.22 5.01 22.76
C VAL K 154 -11.78 3.99 23.75
N GLY K 155 -11.00 2.94 24.05
CA GLY K 155 -11.42 1.91 24.98
C GLY K 155 -11.19 2.36 26.43
N ASP K 156 -9.94 2.70 26.75
CA ASP K 156 -9.56 3.03 28.12
C ASP K 156 -10.14 4.37 28.60
N PHE K 157 -10.08 5.44 27.80
CA PHE K 157 -10.40 6.76 28.32
C PHE K 157 -11.79 7.18 27.83
N GLY K 158 -11.92 7.47 26.54
CA GLY K 158 -13.20 7.89 25.99
C GLY K 158 -14.34 6.99 26.39
N GLY K 159 -14.17 5.69 26.20
CA GLY K 159 -15.28 4.77 26.41
C GLY K 159 -15.14 4.06 27.75
N GLY K 160 -14.13 4.44 28.54
CA GLY K 160 -13.83 3.74 29.76
C GLY K 160 -13.97 4.63 30.99
N SER K 161 -12.88 5.30 31.30
CA SER K 161 -12.80 6.22 32.41
C SER K 161 -13.91 7.25 32.35
N MET K 162 -14.17 7.85 31.17
CA MET K 162 -15.14 8.92 31.11
C MET K 162 -16.52 8.38 31.47
N PHE K 163 -16.85 7.16 31.08
CA PHE K 163 -18.16 6.62 31.41
C PHE K 163 -18.21 6.16 32.88
N LEU K 164 -17.07 5.84 33.45
CA LEU K 164 -17.06 5.54 34.87
C LEU K 164 -17.36 6.85 35.60
N LEU K 165 -16.71 7.95 35.16
CA LEU K 165 -16.86 9.27 35.76
C LEU K 165 -18.31 9.68 35.73
N VAL K 166 -18.96 9.50 34.59
CA VAL K 166 -20.35 9.89 34.42
C VAL K 166 -21.21 9.10 35.39
N GLY K 167 -20.97 7.79 35.49
CA GLY K 167 -21.80 6.94 36.33
C GLY K 167 -21.68 7.30 37.81
N ILE K 168 -20.45 7.52 38.25
CA ILE K 168 -20.18 7.98 39.60
C ILE K 168 -20.95 9.29 39.91
N LEU K 169 -20.79 10.28 39.03
CA LEU K 169 -21.34 11.60 39.28
C LEU K 169 -22.85 11.53 39.11
N ALA K 170 -23.36 10.72 38.18
CA ALA K 170 -24.80 10.52 38.11
C ALA K 170 -25.32 9.89 39.40
N ALA K 171 -24.56 8.92 39.95
CA ALA K 171 -24.98 8.19 41.12
C ALA K 171 -24.96 9.12 42.34
N LEU K 172 -23.95 10.00 42.43
CA LEU K 172 -23.86 11.00 43.49
C LEU K 172 -25.07 11.95 43.46
N TRP K 173 -25.66 12.18 42.28
CA TRP K 173 -26.86 12.99 42.15
C TRP K 173 -28.06 12.20 42.65
N GLU K 174 -28.13 10.91 42.30
CA GLU K 174 -29.28 10.09 42.66
C GLU K 174 -29.34 9.94 44.17
N ARG K 175 -28.14 9.95 44.81
CA ARG K 175 -27.96 9.74 46.24
C ARG K 175 -28.56 10.89 47.08
N GLN K 176 -28.56 12.13 46.55
CA GLN K 176 -29.04 13.29 47.28
C GLN K 176 -30.55 13.14 47.49
N SER K 177 -31.26 12.51 46.54
CA SER K 177 -32.69 12.24 46.62
C SER K 177 -33.05 10.94 47.37
N SER K 178 -32.18 9.92 47.39
CA SER K 178 -32.58 8.60 47.90
C SER K 178 -31.87 8.24 49.22
N GLY K 179 -30.77 8.92 49.56
CA GLY K 179 -30.02 8.63 50.76
C GLY K 179 -29.05 7.44 50.64
N LYS K 180 -29.07 6.69 49.52
CA LYS K 180 -28.28 5.46 49.41
C LYS K 180 -27.31 5.51 48.23
N GLY K 181 -26.17 4.83 48.39
CA GLY K 181 -25.21 4.57 47.32
C GLY K 181 -25.64 3.42 46.41
N GLN K 182 -24.68 2.85 45.68
CA GLN K 182 -24.96 1.79 44.70
C GLN K 182 -23.72 1.51 43.83
N VAL K 183 -23.89 0.53 42.91
CA VAL K 183 -22.79 -0.01 42.12
C VAL K 183 -22.90 0.52 40.71
N VAL K 184 -21.79 1.12 40.27
CA VAL K 184 -21.62 1.51 38.87
C VAL K 184 -20.75 0.46 38.15
N ASP K 185 -21.36 -0.16 37.12
CA ASP K 185 -20.75 -1.16 36.28
C ASP K 185 -20.37 -0.54 34.93
N ALA K 186 -19.11 -0.08 34.82
CA ALA K 186 -18.57 0.53 33.62
C ALA K 186 -17.71 -0.46 32.83
N ALA K 187 -18.24 -0.96 31.69
CA ALA K 187 -17.46 -1.82 30.79
C ALA K 187 -17.08 -1.07 29.51
N MET K 188 -15.76 -1.05 29.23
CA MET K 188 -15.19 -0.41 28.06
C MET K 188 -15.91 -0.85 26.79
N VAL K 189 -16.41 -2.07 26.75
CA VAL K 189 -17.06 -2.52 25.52
C VAL K 189 -18.42 -1.81 25.33
N ASP K 190 -19.04 -1.37 26.43
CA ASP K 190 -20.32 -0.66 26.36
C ASP K 190 -20.09 0.84 26.16
N GLY K 191 -19.25 1.44 27.01
CA GLY K 191 -18.85 2.83 26.92
C GLY K 191 -18.44 3.21 25.49
N SER K 192 -17.47 2.47 24.94
CA SER K 192 -16.96 2.74 23.62
C SER K 192 -18.06 2.60 22.57
N SER K 193 -19.01 1.68 22.76
CA SER K 193 -20.15 1.53 21.86
C SER K 193 -21.06 2.76 21.90
N VAL K 194 -21.28 3.32 23.08
CA VAL K 194 -22.10 4.53 23.18
C VAL K 194 -21.32 5.70 22.59
N LEU K 195 -20.00 5.71 22.83
CA LEU K 195 -19.14 6.77 22.33
C LEU K 195 -19.24 6.85 20.80
N ILE K 196 -19.53 5.73 20.13
CA ILE K 196 -19.55 5.69 18.66
C ILE K 196 -20.99 5.60 18.19
N GLN K 197 -21.92 6.10 19.01
CA GLN K 197 -23.34 5.98 18.68
C GLN K 197 -23.67 6.70 17.36
N MET K 198 -22.96 7.78 17.03
CA MET K 198 -23.24 8.47 15.78
C MET K 198 -23.10 7.51 14.60
N MET K 199 -22.11 6.61 14.65
CA MET K 199 -21.85 5.77 13.49
C MET K 199 -22.92 4.70 13.38
N TRP K 200 -23.39 4.21 14.52
CA TRP K 200 -24.52 3.29 14.51
C TRP K 200 -25.76 3.98 13.98
N ALA K 201 -25.94 5.26 14.30
CA ALA K 201 -27.05 6.06 13.75
C ALA K 201 -26.94 6.18 12.23
N MET K 202 -25.78 6.61 11.75
CA MET K 202 -25.58 6.83 10.33
C MET K 202 -25.71 5.50 9.58
N ARG K 203 -25.35 4.39 10.21
CA ARG K 203 -25.43 3.11 9.54
C ARG K 203 -26.88 2.76 9.20
N ALA K 204 -27.79 3.08 10.12
CA ALA K 204 -29.20 2.71 9.98
C ALA K 204 -29.82 3.41 8.77
N THR K 205 -29.37 4.64 8.52
CA THR K 205 -29.96 5.51 7.52
C THR K 205 -29.11 5.54 6.26
N GLY K 206 -28.22 4.54 6.10
CA GLY K 206 -27.47 4.36 4.87
C GLY K 206 -26.31 5.35 4.71
N MET K 207 -25.94 6.05 5.78
CA MET K 207 -24.96 7.12 5.69
C MET K 207 -23.57 6.65 6.17
N TRP K 208 -23.43 5.36 6.48
CA TRP K 208 -22.14 4.84 6.88
C TRP K 208 -22.05 3.37 6.51
N THR K 209 -20.93 2.96 5.90
CA THR K 209 -20.77 1.56 5.51
C THR K 209 -19.55 0.95 6.21
N ASP K 210 -19.51 -0.38 6.20
CA ASP K 210 -18.53 -1.14 6.96
C ASP K 210 -17.18 -1.18 6.24
N THR K 211 -17.11 -0.62 5.03
CA THR K 211 -15.86 -0.56 4.29
C THR K 211 -15.01 0.52 4.94
N ARG K 212 -13.79 0.14 5.30
CA ARG K 212 -12.86 1.04 5.95
C ARG K 212 -12.31 2.01 4.91
N GLY K 213 -12.20 3.28 5.26
CA GLY K 213 -11.58 4.30 4.42
C GLY K 213 -12.52 4.83 3.34
N ALA K 214 -13.83 4.60 3.48
CA ALA K 214 -14.80 4.96 2.48
C ALA K 214 -15.97 5.75 3.07
N ASN K 215 -15.73 6.53 4.13
CA ASN K 215 -16.82 7.29 4.72
C ASN K 215 -16.41 8.75 4.92
N MET K 216 -17.37 9.54 5.37
CA MET K 216 -17.19 10.97 5.48
C MET K 216 -16.13 11.30 6.52
N LEU K 217 -16.08 10.55 7.63
CA LEU K 217 -15.29 10.92 8.79
C LEU K 217 -14.12 9.96 9.08
N ASP K 218 -13.83 9.00 8.21
CA ASP K 218 -12.82 8.01 8.53
C ASP K 218 -11.53 8.27 7.76
N GLY K 219 -11.54 9.35 6.96
CA GLY K 219 -10.43 9.65 6.06
C GLY K 219 -10.74 9.42 4.58
N GLY K 220 -11.84 8.75 4.25
CA GLY K 220 -12.23 8.56 2.87
C GLY K 220 -12.61 9.87 2.16
N ALA K 221 -13.19 10.84 2.88
CA ALA K 221 -13.56 12.08 2.23
C ALA K 221 -12.33 12.97 2.02
N PRO K 222 -12.08 13.45 0.78
CA PRO K 222 -10.94 14.31 0.52
C PRO K 222 -10.98 15.62 1.30
N TYR K 223 -12.17 16.00 1.79
CA TYR K 223 -12.33 17.21 2.60
C TYR K 223 -12.32 16.93 4.12
N TYR K 224 -11.98 15.68 4.51
CA TYR K 224 -11.88 15.33 5.92
C TYR K 224 -10.75 14.31 6.07
N ASP K 225 -9.55 14.85 6.17
CA ASP K 225 -8.35 14.04 6.04
C ASP K 225 -7.14 14.96 6.19
N THR K 226 -5.95 14.36 6.30
CA THR K 226 -4.70 15.07 6.38
C THR K 226 -4.03 15.05 5.00
N TYR K 227 -3.16 16.03 4.80
CA TYR K 227 -2.42 16.21 3.57
C TYR K 227 -0.99 16.55 3.93
N GLU K 228 -0.04 16.02 3.17
CA GLU K 228 1.36 16.31 3.37
C GLU K 228 1.69 17.61 2.62
N CYS K 229 2.56 18.43 3.21
CA CYS K 229 2.95 19.71 2.63
C CYS K 229 4.36 19.57 2.04
N ALA K 230 4.86 20.67 1.46
CA ALA K 230 6.16 20.66 0.82
C ALA K 230 7.28 20.24 1.77
N ASP K 231 7.08 20.44 3.09
CA ASP K 231 8.16 20.24 4.05
C ASP K 231 8.11 18.86 4.71
N GLY K 232 7.19 17.97 4.29
CA GLY K 232 7.02 16.68 4.94
C GLY K 232 6.13 16.74 6.18
N ARG K 233 5.72 17.96 6.63
CA ARG K 233 4.76 18.13 7.72
C ARG K 233 3.34 18.08 7.17
N TYR K 234 2.30 18.14 8.02
CA TYR K 234 0.94 17.83 7.59
C TYR K 234 -0.03 18.94 8.00
N VAL K 235 -1.13 19.06 7.25
CA VAL K 235 -2.26 19.83 7.67
C VAL K 235 -3.46 18.88 7.76
N ALA K 236 -4.46 19.33 8.49
CA ALA K 236 -5.73 18.65 8.63
C ALA K 236 -6.78 19.54 7.98
N VAL K 237 -7.62 18.88 7.17
CA VAL K 237 -8.74 19.51 6.51
C VAL K 237 -10.01 18.88 7.05
N GLY K 238 -10.98 19.73 7.41
CA GLY K 238 -12.20 19.30 8.05
C GLY K 238 -13.41 20.05 7.51
N ALA K 239 -13.38 20.35 6.22
CA ALA K 239 -14.32 21.31 5.66
C ALA K 239 -15.54 20.57 5.14
N ILE K 240 -16.41 20.14 6.05
CA ILE K 240 -17.58 19.36 5.68
C ILE K 240 -18.63 20.25 5.01
N GLU K 241 -18.91 21.40 5.63
CA GLU K 241 -20.00 22.23 5.14
C GLU K 241 -19.60 22.87 3.81
N PRO K 242 -20.51 22.99 2.85
CA PRO K 242 -20.18 23.54 1.53
C PRO K 242 -19.50 24.91 1.52
N GLN K 243 -19.88 25.83 2.44
CA GLN K 243 -19.32 27.16 2.43
CA GLN K 243 -19.33 27.19 2.49
C GLN K 243 -17.86 27.09 2.90
N PHE K 244 -17.58 26.19 3.85
CA PHE K 244 -16.23 26.06 4.37
C PHE K 244 -15.37 25.38 3.31
N TYR K 245 -15.95 24.40 2.61
CA TYR K 245 -15.20 23.74 1.54
C TYR K 245 -14.83 24.77 0.50
N ALA K 246 -15.81 25.56 0.04
CA ALA K 246 -15.60 26.62 -0.96
C ALA K 246 -14.48 27.57 -0.55
N ALA K 247 -14.45 27.95 0.73
CA ALA K 247 -13.43 28.87 1.21
C ALA K 247 -12.07 28.20 1.16
N MET K 248 -12.04 26.88 1.38
CA MET K 248 -10.77 26.17 1.33
C MET K 248 -10.19 26.15 -0.08
N LEU K 249 -11.04 25.84 -1.07
CA LEU K 249 -10.64 25.83 -2.47
C LEU K 249 -10.07 27.18 -2.89
N ALA K 250 -10.76 28.27 -2.53
CA ALA K 250 -10.28 29.61 -2.88
C ALA K 250 -8.89 29.84 -2.29
N GLY K 251 -8.69 29.43 -1.04
CA GLY K 251 -7.41 29.64 -0.41
C GLY K 251 -6.29 28.86 -1.07
N LEU K 252 -6.64 27.72 -1.71
CA LEU K 252 -5.64 26.91 -2.38
C LEU K 252 -5.36 27.39 -3.79
N GLY K 253 -6.18 28.32 -4.27
CA GLY K 253 -6.02 28.80 -5.64
C GLY K 253 -6.81 27.94 -6.64
N LEU K 254 -7.86 27.24 -6.18
CA LEU K 254 -8.55 26.28 -7.03
C LEU K 254 -9.93 26.81 -7.37
N ASP K 255 -10.22 26.81 -8.68
CA ASP K 255 -11.51 27.24 -9.16
C ASP K 255 -12.46 26.07 -9.03
N ALA K 256 -13.48 26.25 -8.19
CA ALA K 256 -14.52 25.26 -7.94
C ALA K 256 -15.11 24.68 -9.23
N ALA K 257 -15.18 25.47 -10.30
CA ALA K 257 -15.82 25.05 -11.54
C ALA K 257 -14.99 24.02 -12.31
N GLU K 258 -13.67 23.96 -12.05
CA GLU K 258 -12.76 22.98 -12.64
C GLU K 258 -12.72 21.65 -11.90
N LEU K 259 -13.45 21.52 -10.78
CA LEU K 259 -13.29 20.37 -9.90
C LEU K 259 -14.56 19.55 -9.95
N PRO K 260 -14.47 18.25 -9.63
CA PRO K 260 -15.66 17.46 -9.38
C PRO K 260 -16.45 17.96 -8.17
N PRO K 261 -17.75 17.60 -8.04
CA PRO K 261 -18.51 17.97 -6.85
C PRO K 261 -17.90 17.40 -5.57
N GLN K 262 -18.05 18.16 -4.49
CA GLN K 262 -17.51 17.82 -3.18
C GLN K 262 -17.88 16.40 -2.79
N ASN K 263 -19.13 15.99 -3.06
CA ASN K 263 -19.66 14.73 -2.56
C ASN K 263 -20.04 13.75 -3.66
N ASP K 264 -19.43 13.89 -4.84
CA ASP K 264 -19.46 12.83 -5.83
C ASP K 264 -18.36 11.81 -5.52
N ARG K 265 -18.74 10.74 -4.81
CA ARG K 265 -17.82 9.75 -4.26
C ARG K 265 -17.04 9.04 -5.36
N ALA K 266 -17.66 8.76 -6.51
CA ALA K 266 -16.96 8.18 -7.64
C ALA K 266 -15.70 8.97 -7.97
N ARG K 267 -15.73 10.30 -7.79
CA ARG K 267 -14.64 11.13 -8.24
C ARG K 267 -13.77 11.61 -7.08
N TRP K 268 -13.94 10.99 -5.91
CA TRP K 268 -13.10 11.39 -4.78
C TRP K 268 -11.61 11.20 -5.07
N PRO K 269 -11.16 10.09 -5.69
CA PRO K 269 -9.75 9.94 -5.98
C PRO K 269 -9.20 11.13 -6.75
N GLU K 270 -9.96 11.55 -7.76
CA GLU K 270 -9.58 12.64 -8.63
C GLU K 270 -9.43 13.91 -7.81
N LEU K 271 -10.42 14.18 -6.96
CA LEU K 271 -10.44 15.35 -6.12
C LEU K 271 -9.27 15.36 -5.14
N ARG K 272 -9.01 14.19 -4.54
CA ARG K 272 -7.94 14.11 -3.56
C ARG K 272 -6.61 14.45 -4.24
N ALA K 273 -6.50 14.02 -5.51
CA ALA K 273 -5.28 14.19 -6.28
C ALA K 273 -5.03 15.68 -6.45
N LEU K 274 -6.09 16.44 -6.76
CA LEU K 274 -5.96 17.88 -6.95
C LEU K 274 -5.62 18.59 -5.63
N LEU K 275 -6.30 18.22 -4.53
CA LEU K 275 -5.97 18.76 -3.21
C LEU K 275 -4.56 18.39 -2.80
N THR K 276 -4.14 17.15 -3.07
CA THR K 276 -2.78 16.71 -2.74
C THR K 276 -1.73 17.57 -3.43
N GLU K 277 -1.92 17.87 -4.72
CA GLU K 277 -0.96 18.70 -5.45
C GLU K 277 -0.95 20.12 -4.88
N ALA K 278 -2.13 20.68 -4.55
CA ALA K 278 -2.21 22.02 -4.00
C ALA K 278 -1.46 22.13 -2.65
N PHE K 279 -1.81 21.27 -1.67
CA PHE K 279 -1.16 21.29 -0.37
C PHE K 279 0.32 20.99 -0.47
N ALA K 280 0.77 20.20 -1.47
CA ALA K 280 2.19 19.85 -1.51
C ALA K 280 3.04 21.02 -2.01
N SER K 281 2.43 22.13 -2.45
CA SER K 281 3.20 23.16 -3.14
C SER K 281 3.80 24.16 -2.13
N HIS K 282 3.38 24.06 -0.86
CA HIS K 282 3.86 24.96 0.17
C HIS K 282 3.94 24.23 1.51
N ASP K 283 4.67 24.83 2.45
CA ASP K 283 4.97 24.16 3.70
C ASP K 283 3.82 24.41 4.68
N ARG K 284 3.80 23.60 5.74
CA ARG K 284 2.68 23.59 6.67
C ARG K 284 2.45 24.99 7.26
N ASP K 285 3.54 25.67 7.62
CA ASP K 285 3.39 27.00 8.22
C ASP K 285 2.77 27.97 7.22
N HIS K 286 3.12 27.88 5.92
CA HIS K 286 2.45 28.66 4.90
C HIS K 286 0.94 28.51 5.01
N TRP K 287 0.45 27.27 5.08
CA TRP K 287 -0.99 27.05 5.10
C TRP K 287 -1.62 27.56 6.37
N GLY K 288 -0.89 27.45 7.49
CA GLY K 288 -1.36 27.96 8.77
C GLY K 288 -1.59 29.48 8.69
N ALA K 289 -0.64 30.20 8.08
CA ALA K 289 -0.76 31.64 7.87
C ALA K 289 -1.94 32.00 6.95
N VAL K 290 -2.08 31.25 5.85
CA VAL K 290 -3.06 31.58 4.83
C VAL K 290 -4.47 31.34 5.34
N PHE K 291 -4.64 30.33 6.19
CA PHE K 291 -5.99 30.05 6.65
C PHE K 291 -6.22 30.51 8.09
N ALA K 292 -5.30 31.27 8.67
CA ALA K 292 -5.61 31.90 9.93
C ALA K 292 -6.84 32.80 9.75
N ASN K 293 -7.78 32.71 10.68
CA ASN K 293 -8.99 33.51 10.75
C ASN K 293 -10.01 33.11 9.70
N SER K 294 -9.82 31.98 8.99
CA SER K 294 -10.80 31.51 8.03
C SER K 294 -11.67 30.41 8.61
N ASP K 295 -12.79 30.17 7.92
CA ASP K 295 -13.69 29.07 8.12
C ASP K 295 -13.36 27.88 7.18
N ALA K 296 -12.13 27.84 6.67
CA ALA K 296 -11.70 26.82 5.73
C ALA K 296 -11.50 25.44 6.39
N CYS K 297 -11.35 25.38 7.72
CA CYS K 297 -11.24 24.16 8.51
C CYS K 297 -9.94 23.44 8.15
N VAL K 298 -8.87 24.23 8.11
CA VAL K 298 -7.54 23.77 7.82
C VAL K 298 -6.69 24.13 9.02
N THR K 299 -5.94 23.16 9.61
CA THR K 299 -5.07 23.42 10.73
C THR K 299 -3.76 22.67 10.56
N PRO K 300 -2.65 23.20 11.11
CA PRO K 300 -1.40 22.48 11.13
C PRO K 300 -1.55 21.26 12.04
N VAL K 301 -0.89 20.17 11.65
CA VAL K 301 -0.89 18.99 12.46
C VAL K 301 0.37 19.05 13.33
N LEU K 302 0.19 19.35 14.61
CA LEU K 302 1.33 19.55 15.48
C LEU K 302 1.69 18.23 16.15
N ALA K 303 3.00 17.99 16.20
CA ALA K 303 3.60 17.00 17.05
C ALA K 303 3.62 17.51 18.49
N PHE K 304 3.51 16.58 19.46
CA PHE K 304 3.51 16.86 20.88
C PHE K 304 4.52 17.94 21.26
N GLY K 305 5.78 17.77 20.83
CA GLY K 305 6.88 18.65 21.17
C GLY K 305 6.75 20.09 20.63
N GLU K 306 5.80 20.33 19.71
CA GLU K 306 5.60 21.64 19.10
C GLU K 306 4.41 22.36 19.73
N VAL K 307 3.59 21.65 20.50
CA VAL K 307 2.30 22.18 20.93
C VAL K 307 2.47 23.39 21.85
N HIS K 308 3.58 23.42 22.61
CA HIS K 308 3.85 24.46 23.59
C HIS K 308 4.16 25.80 22.92
N ASN K 309 4.42 25.79 21.59
CA ASN K 309 4.80 26.96 20.81
C ASN K 309 3.63 27.54 20.02
N GLU K 310 2.44 26.97 20.19
CA GLU K 310 1.28 27.38 19.43
C GLU K 310 0.45 28.37 20.23
N PRO K 311 0.25 29.59 19.68
CA PRO K 311 -0.43 30.68 20.38
C PRO K 311 -1.73 30.30 21.05
N HIS K 312 -2.62 29.62 20.32
CA HIS K 312 -3.92 29.35 20.90
C HIS K 312 -3.78 28.42 22.11
N ILE K 313 -2.73 27.58 22.13
CA ILE K 313 -2.51 26.68 23.26
C ILE K 313 -1.98 27.52 24.44
N ILE K 314 -0.96 28.35 24.20
CA ILE K 314 -0.32 29.18 25.20
C ILE K 314 -1.35 30.06 25.91
N GLU K 315 -2.20 30.73 25.11
CA GLU K 315 -3.06 31.80 25.58
C GLU K 315 -4.26 31.30 26.39
N ARG K 316 -4.69 30.06 26.19
CA ARG K 316 -5.76 29.53 27.01
C ARG K 316 -5.22 28.66 28.15
N ASN K 317 -3.88 28.47 28.22
CA ASN K 317 -3.26 27.76 29.33
C ASN K 317 -3.79 26.33 29.37
N THR K 318 -3.74 25.65 28.23
CA THR K 318 -4.24 24.29 28.15
C THR K 318 -3.26 23.37 28.89
N PHE K 319 -1.95 23.70 28.90
CA PHE K 319 -0.87 22.96 29.53
C PHE K 319 -0.16 23.78 30.61
N TYR K 320 0.43 23.09 31.61
CA TYR K 320 1.34 23.68 32.60
C TYR K 320 2.65 22.89 32.59
N GLU K 321 3.76 23.47 33.08
CA GLU K 321 5.04 22.77 33.12
C GLU K 321 5.18 21.96 34.42
N ALA K 322 5.78 20.78 34.32
CA ALA K 322 5.93 19.87 35.46
C ALA K 322 7.14 18.97 35.26
N ASN K 323 8.31 19.46 35.66
CA ASN K 323 9.51 18.64 35.77
C ASN K 323 9.82 18.02 34.40
N GLY K 324 10.50 18.82 33.56
CA GLY K 324 10.96 18.41 32.24
C GLY K 324 9.85 17.80 31.39
N GLY K 325 8.74 18.54 31.23
CA GLY K 325 7.62 18.05 30.43
C GLY K 325 6.31 18.78 30.72
N TRP K 326 5.65 19.20 29.63
CA TRP K 326 4.34 19.82 29.70
C TRP K 326 3.29 18.76 30.01
N GLN K 327 2.20 19.18 30.64
CA GLN K 327 1.12 18.29 30.99
C GLN K 327 -0.17 19.08 30.89
N PRO K 328 -1.33 18.44 30.66
CA PRO K 328 -2.59 19.16 30.45
C PRO K 328 -3.29 19.58 31.72
N MET K 329 -3.80 20.81 31.70
CA MET K 329 -4.50 21.38 32.83
C MET K 329 -5.86 20.72 32.86
N PRO K 330 -6.52 20.69 34.04
CA PRO K 330 -7.82 20.11 34.17
C PRO K 330 -8.78 20.60 33.13
N ALA K 331 -9.79 19.77 32.92
CA ALA K 331 -10.86 20.03 32.01
C ALA K 331 -12.08 19.29 32.56
N PRO K 332 -13.31 19.77 32.35
CA PRO K 332 -13.55 21.08 31.76
C PRO K 332 -13.20 22.22 32.71
N ARG K 333 -13.56 23.46 32.32
CA ARG K 333 -13.26 24.65 33.11
C ARG K 333 -14.54 25.19 33.75
N PHE K 334 -14.36 25.85 34.92
CA PHE K 334 -15.46 26.29 35.78
C PHE K 334 -15.31 27.79 36.06
N SER K 335 -16.42 28.54 35.98
CA SER K 335 -16.41 29.99 36.21
C SER K 335 -16.19 30.32 37.70
N ARG K 336 -16.90 29.62 38.59
CA ARG K 336 -16.86 29.93 40.00
C ARG K 336 -15.80 29.08 40.71
N THR K 337 -15.97 27.75 40.71
CA THR K 337 -15.07 26.88 41.47
C THR K 337 -13.97 26.35 40.54
N ALA K 338 -12.97 27.20 40.29
CA ALA K 338 -11.93 26.91 39.33
C ALA K 338 -11.00 25.86 39.92
N SER K 339 -10.60 24.92 39.08
CA SER K 339 -9.63 23.91 39.49
C SER K 339 -8.27 24.58 39.57
N SER K 340 -7.34 24.03 40.33
CA SER K 340 -6.01 24.61 40.29
C SER K 340 -5.03 23.66 39.59
N GLN K 341 -3.82 24.18 39.36
CA GLN K 341 -2.70 23.42 38.84
C GLN K 341 -2.55 22.14 39.68
N PRO K 342 -2.55 20.94 39.06
CA PRO K 342 -2.37 19.70 39.80
C PRO K 342 -1.11 19.67 40.65
N ARG K 343 -1.23 19.01 41.80
CA ARG K 343 -0.07 18.71 42.64
C ARG K 343 0.50 17.38 42.16
N PRO K 344 1.84 17.20 42.11
CA PRO K 344 2.43 15.90 41.82
C PRO K 344 2.05 14.84 42.86
N PRO K 345 2.22 13.54 42.57
CA PRO K 345 1.84 12.48 43.52
C PRO K 345 2.47 12.65 44.90
N ALA K 346 1.64 12.51 45.95
CA ALA K 346 2.08 12.77 47.32
C ALA K 346 2.86 11.56 47.86
N ALA K 347 4.20 11.64 47.77
CA ALA K 347 5.12 10.71 48.40
C ALA K 347 4.43 9.89 49.50
N THR K 348 4.69 8.57 49.55
CA THR K 348 3.87 7.60 50.28
C THR K 348 3.48 8.21 51.64
N ILE K 349 2.22 8.68 51.74
CA ILE K 349 1.66 9.05 53.02
C ILE K 349 1.31 7.75 53.77
N ASP K 350 1.01 7.86 55.07
CA ASP K 350 0.76 6.70 55.92
C ASP K 350 -0.73 6.61 56.27
N ILE K 351 -1.29 5.40 56.20
CA ILE K 351 -2.73 5.23 56.13
C ILE K 351 -3.44 5.69 57.39
N GLU K 352 -2.81 5.43 58.56
CA GLU K 352 -3.37 5.81 59.85
C GLU K 352 -3.50 7.33 59.91
N ALA K 353 -2.53 8.06 59.33
CA ALA K 353 -2.55 9.52 59.32
C ALA K 353 -3.68 10.07 58.45
N VAL K 354 -4.13 9.30 57.45
CA VAL K 354 -5.23 9.71 56.58
C VAL K 354 -6.54 9.50 57.31
N LEU K 355 -6.62 8.44 58.13
CA LEU K 355 -7.81 8.20 58.93
C LEU K 355 -7.95 9.25 60.04
N THR K 356 -6.80 9.61 60.64
CA THR K 356 -6.70 10.75 61.55
C THR K 356 -7.40 11.95 60.92
N ASP K 357 -6.82 12.42 59.80
CA ASP K 357 -7.19 13.64 59.12
C ASP K 357 -8.66 13.58 58.69
N TRP K 358 -9.10 12.41 58.21
CA TRP K 358 -10.52 12.17 57.98
C TRP K 358 -11.21 11.95 59.33
N ASP K 359 -11.47 13.08 60.03
CA ASP K 359 -12.14 13.12 61.32
C ASP K 359 -11.37 12.28 62.35
N MET L 1 -39.63 8.08 35.08
CA MET L 1 -38.43 8.10 34.19
C MET L 1 -37.26 7.35 34.84
N ALA L 2 -36.83 6.24 34.22
CA ALA L 2 -35.88 5.29 34.79
C ALA L 2 -34.44 5.79 34.65
N GLY L 3 -33.67 5.67 35.73
CA GLY L 3 -32.23 5.85 35.70
C GLY L 3 -31.78 6.81 36.78
N PRO L 4 -30.47 6.93 37.06
CA PRO L 4 -29.99 7.71 38.19
C PRO L 4 -30.19 9.22 38.11
N LEU L 5 -30.61 9.70 36.95
CA LEU L 5 -30.67 11.13 36.74
C LEU L 5 -32.13 11.58 36.67
N SER L 6 -33.07 10.70 37.07
CA SER L 6 -34.49 11.01 37.04
C SER L 6 -34.77 12.41 37.60
N GLY L 7 -35.63 13.14 36.87
CA GLY L 7 -36.01 14.50 37.21
C GLY L 7 -34.85 15.52 37.31
N LEU L 8 -33.71 15.27 36.63
CA LEU L 8 -32.83 16.35 36.24
C LEU L 8 -33.47 16.95 34.98
N ARG L 9 -33.49 18.28 34.88
CA ARG L 9 -34.12 18.97 33.76
C ARG L 9 -33.09 19.74 32.93
N VAL L 10 -33.14 19.49 31.61
CA VAL L 10 -32.05 19.91 30.73
C VAL L 10 -32.63 20.57 29.48
N VAL L 11 -32.10 21.75 29.19
CA VAL L 11 -32.41 22.42 27.94
C VAL L 11 -31.19 22.32 27.02
N GLU L 12 -31.46 21.81 25.81
CA GLU L 12 -30.42 21.62 24.81
C GLU L 12 -30.70 22.50 23.59
N LEU L 13 -29.83 23.47 23.34
CA LEU L 13 -29.89 24.27 22.13
C LEU L 13 -29.27 23.47 20.98
N ALA L 14 -30.12 23.02 20.05
CA ALA L 14 -29.69 22.14 18.98
C ALA L 14 -28.44 22.65 18.23
N GLY L 15 -27.38 21.82 18.32
CA GLY L 15 -26.17 21.94 17.51
C GLY L 15 -25.82 20.62 16.83
N ILE L 16 -24.52 20.40 16.54
CA ILE L 16 -24.08 19.14 15.98
C ILE L 16 -22.99 18.55 16.85
N GLY L 17 -22.99 17.22 16.94
CA GLY L 17 -21.84 16.52 17.49
C GLY L 17 -21.86 16.43 19.01
N PRO L 18 -20.90 17.04 19.72
CA PRO L 18 -20.79 16.80 21.14
C PRO L 18 -22.04 17.14 21.93
N GLY L 19 -22.55 18.36 21.68
CA GLY L 19 -23.67 18.92 22.42
C GLY L 19 -24.83 17.94 22.42
N PRO L 20 -25.27 17.43 21.24
CA PRO L 20 -26.31 16.42 21.23
C PRO L 20 -25.90 15.09 21.88
N HIS L 21 -24.61 14.76 21.86
CA HIS L 21 -24.21 13.45 22.34
C HIS L 21 -24.32 13.48 23.86
N ALA L 22 -23.81 14.56 24.46
CA ALA L 22 -23.94 14.81 25.88
C ALA L 22 -25.41 14.77 26.29
N ALA L 23 -26.27 15.47 25.55
CA ALA L 23 -27.67 15.52 25.90
C ALA L 23 -28.29 14.13 25.81
N MET L 24 -27.86 13.34 24.83
CA MET L 24 -28.35 11.98 24.64
C MET L 24 -28.04 11.11 25.86
N ILE L 25 -26.83 11.28 26.41
CA ILE L 25 -26.36 10.49 27.53
C ILE L 25 -27.11 10.95 28.80
N LEU L 26 -27.38 12.25 28.94
CA LEU L 26 -28.17 12.75 30.06
C LEU L 26 -29.55 12.10 30.02
N GLY L 27 -30.20 12.09 28.87
CA GLY L 27 -31.52 11.45 28.80
C GLY L 27 -31.44 9.93 28.79
N ASP L 28 -30.28 9.38 28.45
CA ASP L 28 -30.08 7.94 28.53
C ASP L 28 -30.26 7.50 29.97
N LEU L 29 -29.67 8.25 30.91
CA LEU L 29 -29.64 7.98 32.34
C LEU L 29 -30.83 8.58 33.11
N GLY L 30 -31.91 8.98 32.40
CA GLY L 30 -33.18 9.32 33.05
C GLY L 30 -33.56 10.81 33.03
N ALA L 31 -32.65 11.71 32.69
CA ALA L 31 -32.91 13.15 32.71
C ALA L 31 -34.02 13.54 31.72
N ASP L 32 -34.63 14.70 32.04
CA ASP L 32 -35.70 15.32 31.26
C ASP L 32 -35.12 16.39 30.32
N VAL L 33 -35.05 16.04 29.03
CA VAL L 33 -34.24 16.80 28.12
C VAL L 33 -35.13 17.42 27.04
N VAL L 34 -35.08 18.75 26.95
CA VAL L 34 -35.86 19.45 25.93
C VAL L 34 -34.87 20.12 24.99
N ARG L 35 -34.95 19.71 23.72
CA ARG L 35 -34.06 20.23 22.70
C ARG L 35 -34.80 21.29 21.89
N ILE L 36 -34.28 22.52 21.90
CA ILE L 36 -34.83 23.61 21.11
C ILE L 36 -34.10 23.67 19.77
N ASP L 37 -34.79 23.30 18.67
CA ASP L 37 -34.26 23.47 17.33
C ASP L 37 -34.91 24.67 16.63
N ARG L 38 -34.26 25.14 15.56
CA ARG L 38 -34.76 26.13 14.62
C ARG L 38 -36.02 25.60 13.89
N PRO L 39 -37.08 26.41 13.63
CA PRO L 39 -38.21 25.92 12.83
C PRO L 39 -37.83 25.45 11.41
N SER L 40 -36.85 26.15 10.80
CA SER L 40 -36.33 25.88 9.47
C SER L 40 -36.03 24.39 9.28
N SER L 41 -35.19 23.82 10.15
CA SER L 41 -34.43 22.60 9.87
C SER L 41 -35.20 21.34 10.26
N VAL L 42 -36.12 21.44 11.23
CA VAL L 42 -36.98 20.32 11.58
C VAL L 42 -37.99 20.16 10.44
N ASP L 43 -38.63 18.99 10.35
CA ASP L 43 -39.58 18.73 9.28
C ASP L 43 -40.96 18.42 9.87
N ILE L 45 -40.27 13.90 11.68
CA ILE L 45 -39.87 12.86 12.68
C ILE L 45 -38.41 12.49 12.40
N SER L 46 -37.48 13.18 13.06
CA SER L 46 -36.07 13.22 12.67
C SER L 46 -35.31 11.99 13.19
N ARG L 47 -34.97 11.07 12.28
CA ARG L 47 -34.42 9.78 12.66
C ARG L 47 -32.89 9.82 12.64
N ASP L 48 -32.30 10.82 13.32
CA ASP L 48 -30.99 10.67 13.91
C ASP L 48 -31.21 9.98 15.26
N ALA L 49 -30.86 8.70 15.33
CA ALA L 49 -31.07 7.95 16.55
C ALA L 49 -30.30 8.61 17.69
N MET L 50 -29.44 9.60 17.38
CA MET L 50 -28.73 10.31 18.43
C MET L 50 -29.71 11.24 19.17
N LEU L 51 -30.87 11.55 18.56
CA LEU L 51 -31.86 12.42 19.18
C LEU L 51 -32.87 11.60 19.99
N ARG L 52 -32.52 10.36 20.31
CA ARG L 52 -33.31 9.53 21.23
C ARG L 52 -33.32 10.18 22.61
N ASN L 53 -34.32 9.79 23.43
CA ASN L 53 -34.47 10.19 24.83
C ASN L 53 -34.64 11.72 24.91
N ARG L 54 -35.56 12.27 24.10
CA ARG L 54 -35.76 13.72 23.98
C ARG L 54 -37.23 14.10 23.82
N ARG L 55 -37.49 15.39 24.12
CA ARG L 55 -38.59 16.11 23.52
C ARG L 55 -38.02 17.24 22.64
N ILE L 56 -38.51 17.33 21.40
CA ILE L 56 -38.06 18.36 20.46
C ILE L 56 -39.08 19.51 20.36
N VAL L 57 -38.59 20.76 20.41
CA VAL L 57 -39.41 21.95 20.22
C VAL L 57 -38.72 22.90 19.25
N THR L 58 -39.54 23.72 18.55
CA THR L 58 -39.11 24.69 17.53
C THR L 58 -39.26 26.11 18.10
N ALA L 59 -38.30 27.01 17.83
CA ALA L 59 -38.39 28.37 18.32
C ALA L 59 -37.34 29.26 17.64
N ASP L 60 -37.83 30.32 16.96
CA ASP L 60 -36.92 31.29 16.40
C ASP L 60 -36.45 32.23 17.50
N LEU L 61 -35.16 32.12 17.87
CA LEU L 61 -34.64 32.79 19.05
C LEU L 61 -34.17 34.21 18.72
N LYS L 62 -34.22 34.57 17.43
CA LYS L 62 -34.00 35.94 16.99
C LYS L 62 -35.32 36.75 17.08
N SER L 63 -36.47 36.05 17.01
CA SER L 63 -37.77 36.66 17.29
C SER L 63 -37.89 36.97 18.77
N ASP L 64 -38.84 37.84 19.12
CA ASP L 64 -39.05 38.28 20.50
C ASP L 64 -39.82 37.23 21.29
N GLN L 65 -40.74 36.53 20.61
CA GLN L 65 -41.54 35.46 21.22
C GLN L 65 -40.62 34.28 21.61
N GLY L 66 -39.84 33.78 20.64
CA GLY L 66 -38.88 32.72 20.89
C GLY L 66 -37.97 33.02 22.08
N LEU L 67 -37.26 34.15 22.08
CA LEU L 67 -36.28 34.45 23.11
C LEU L 67 -36.94 34.34 24.50
N GLU L 68 -38.21 34.72 24.59
CA GLU L 68 -38.87 34.83 25.88
C GLU L 68 -39.40 33.47 26.34
N LEU L 69 -39.93 32.63 25.41
CA LEU L 69 -40.32 31.26 25.72
C LEU L 69 -39.13 30.44 26.23
N ALA L 70 -38.02 30.49 25.50
CA ALA L 70 -36.81 29.75 25.84
C ALA L 70 -36.26 30.19 27.20
N LEU L 71 -36.43 31.49 27.56
CA LEU L 71 -35.97 32.01 28.85
C LEU L 71 -36.85 31.45 29.97
N LYS L 72 -38.04 30.93 29.63
CA LYS L 72 -38.95 30.40 30.64
C LYS L 72 -38.57 28.96 30.97
N LEU L 73 -38.29 28.16 29.91
CA LEU L 73 -37.69 26.84 30.03
C LEU L 73 -36.44 26.92 30.89
N ILE L 74 -35.46 27.72 30.45
CA ILE L 74 -34.22 27.87 31.20
C ILE L 74 -34.45 28.18 32.69
N ALA L 75 -35.53 28.90 33.03
CA ALA L 75 -35.82 29.29 34.42
C ALA L 75 -36.21 28.07 35.26
N LYS L 76 -36.88 27.10 34.64
CA LYS L 76 -37.31 25.87 35.29
C LYS L 76 -36.23 24.77 35.27
N ALA L 77 -35.19 24.92 34.44
CA ALA L 77 -34.29 23.83 34.10
C ALA L 77 -33.12 23.81 35.07
N ASP L 78 -32.42 22.67 35.14
CA ASP L 78 -31.18 22.59 35.89
C ASP L 78 -29.98 22.93 35.01
N VAL L 79 -30.09 22.57 33.73
CA VAL L 79 -28.91 22.58 32.88
C VAL L 79 -29.27 23.16 31.51
N LEU L 80 -28.41 24.06 31.04
CA LEU L 80 -28.50 24.46 29.64
C LEU L 80 -27.25 23.97 28.89
N ILE L 81 -27.49 23.27 27.76
CA ILE L 81 -26.43 22.89 26.84
C ILE L 81 -26.51 23.70 25.55
N GLU L 82 -25.40 24.35 25.19
CA GLU L 82 -25.29 24.98 23.88
C GLU L 82 -23.92 24.72 23.25
N GLY L 83 -23.89 24.50 21.93
CA GLY L 83 -22.66 24.24 21.21
C GLY L 83 -22.41 25.15 19.99
N TYR L 84 -22.76 26.45 20.13
CA TYR L 84 -22.50 27.46 19.11
C TYR L 84 -21.17 28.11 19.35
N ARG L 85 -20.72 28.91 18.38
CA ARG L 85 -19.51 29.67 18.53
C ARG L 85 -19.65 30.58 19.75
N PRO L 86 -18.54 30.93 20.42
CA PRO L 86 -18.63 31.91 21.48
C PRO L 86 -19.21 33.23 20.96
N GLY L 87 -19.99 33.90 21.83
CA GLY L 87 -20.65 35.15 21.50
C GLY L 87 -22.09 34.90 21.01
N VAL L 88 -22.40 33.70 20.53
CA VAL L 88 -23.67 33.52 19.86
C VAL L 88 -24.82 33.61 20.85
N THR L 89 -24.74 32.93 21.99
CA THR L 89 -25.87 32.93 22.90
C THR L 89 -26.01 34.34 23.49
N GLU L 90 -24.89 35.01 23.77
CA GLU L 90 -24.88 36.39 24.24
C GLU L 90 -25.74 37.29 23.33
N ARG L 91 -25.56 37.14 22.01
CA ARG L 91 -26.21 37.97 21.01
C ARG L 91 -27.70 37.64 20.91
N LEU L 92 -28.07 36.37 21.06
CA LEU L 92 -29.49 36.02 21.09
C LEU L 92 -30.09 36.44 22.44
N GLY L 93 -29.23 36.91 23.36
CA GLY L 93 -29.66 37.22 24.72
C GLY L 93 -29.97 35.99 25.59
N LEU L 94 -29.30 34.85 25.31
CA LEU L 94 -29.32 33.67 26.18
C LEU L 94 -27.94 33.42 26.81
N GLY L 95 -27.10 34.45 26.90
CA GLY L 95 -25.78 34.34 27.51
C GLY L 95 -25.85 33.81 28.94
N PRO L 96 -24.70 33.48 29.58
CA PRO L 96 -24.72 33.08 30.97
C PRO L 96 -25.39 34.11 31.88
N GLU L 97 -25.18 35.39 31.59
CA GLU L 97 -25.62 36.47 32.47
C GLU L 97 -27.13 36.73 32.36
N GLU L 98 -27.68 36.68 31.15
CA GLU L 98 -29.13 36.76 30.95
C GLU L 98 -29.84 35.57 31.59
N CYS L 99 -29.10 34.47 31.78
CA CYS L 99 -29.66 33.23 32.31
C CYS L 99 -29.62 33.24 33.84
N ALA L 100 -28.53 33.79 34.42
CA ALA L 100 -28.35 33.89 35.86
C ALA L 100 -29.31 34.90 36.51
N LYS L 101 -29.89 35.78 35.69
CA LYS L 101 -30.93 36.70 36.15
C LYS L 101 -32.24 35.97 36.35
N VAL L 102 -32.50 34.86 35.61
CA VAL L 102 -33.80 34.19 35.69
C VAL L 102 -33.71 32.86 36.44
N ASN L 103 -32.49 32.47 36.89
CA ASN L 103 -32.23 31.15 37.45
C ASN L 103 -30.77 31.02 37.87
N ASP L 104 -30.46 31.35 39.14
CA ASP L 104 -29.08 31.38 39.58
C ASP L 104 -28.58 29.97 39.94
N ARG L 105 -29.44 28.95 39.75
CA ARG L 105 -29.09 27.55 40.01
C ARG L 105 -28.59 26.85 38.73
N LEU L 106 -28.74 27.51 37.57
CA LEU L 106 -28.50 26.92 36.26
C LEU L 106 -27.06 26.47 36.11
N ILE L 107 -26.90 25.25 35.59
CA ILE L 107 -25.62 24.86 35.02
C ILE L 107 -25.64 25.22 33.54
N TYR L 108 -24.76 26.16 33.23
CA TYR L 108 -24.69 26.72 31.91
C TYR L 108 -23.52 26.00 31.22
N ALA L 109 -23.88 25.15 30.26
CA ALA L 109 -22.92 24.18 29.70
C ALA L 109 -22.52 24.57 28.28
N ARG L 110 -21.27 24.99 28.15
CA ARG L 110 -20.72 25.55 26.92
C ARG L 110 -19.75 24.60 26.21
N MET L 111 -20.23 24.02 25.10
CA MET L 111 -19.53 23.02 24.29
C MET L 111 -18.91 23.64 23.02
N THR L 112 -17.60 23.88 23.02
CA THR L 112 -16.95 24.33 21.80
C THR L 112 -15.78 23.40 21.47
N GLY L 113 -15.06 23.75 20.41
CA GLY L 113 -13.81 23.07 20.10
C GLY L 113 -12.61 23.83 20.63
N TRP L 114 -12.57 25.14 20.35
CA TRP L 114 -11.36 25.92 20.60
C TRP L 114 -11.45 26.62 21.95
N GLY L 115 -12.65 26.68 22.52
CA GLY L 115 -12.81 27.40 23.77
C GLY L 115 -13.46 28.77 23.54
N GLN L 116 -13.62 29.52 24.64
CA GLN L 116 -14.49 30.70 24.68
C GLN L 116 -13.74 31.97 24.27
N THR L 117 -12.42 31.97 24.48
CA THR L 117 -11.50 33.03 24.11
C THR L 117 -10.30 32.44 23.33
N GLY L 118 -9.45 33.33 22.81
CA GLY L 118 -8.21 32.97 22.17
C GLY L 118 -8.30 33.17 20.65
N PRO L 119 -7.14 33.14 19.98
CA PRO L 119 -7.03 33.46 18.56
C PRO L 119 -7.82 32.58 17.59
N ARG L 120 -8.15 31.34 17.97
CA ARG L 120 -8.90 30.46 17.06
C ARG L 120 -10.33 30.33 17.51
N SER L 121 -10.70 31.11 18.54
CA SER L 121 -12.03 31.04 19.14
C SER L 121 -13.16 31.19 18.11
N GLN L 122 -12.93 31.89 16.98
CA GLN L 122 -14.05 32.09 16.03
C GLN L 122 -13.93 31.26 14.75
N GLN L 123 -12.80 30.57 14.54
CA GLN L 123 -12.68 29.70 13.38
C GLN L 123 -13.65 28.52 13.49
N ALA L 124 -14.47 28.30 12.46
CA ALA L 124 -15.15 27.03 12.23
C ALA L 124 -14.16 25.88 12.30
N GLY L 125 -14.68 24.70 12.60
CA GLY L 125 -13.81 23.56 12.80
C GLY L 125 -14.59 22.28 13.01
N HIS L 126 -13.87 21.16 12.89
CA HIS L 126 -14.41 19.89 13.34
C HIS L 126 -13.37 19.11 14.09
N ASP L 127 -13.80 17.92 14.54
CA ASP L 127 -12.99 17.04 15.35
C ASP L 127 -11.54 17.04 14.87
N ILE L 128 -11.35 16.72 13.60
CA ILE L 128 -10.01 16.56 13.05
C ILE L 128 -9.15 17.79 13.30
N ASN L 129 -9.78 18.98 13.29
CA ASN L 129 -9.05 20.22 13.48
C ASN L 129 -8.57 20.36 14.92
N TYR L 130 -9.47 20.07 15.87
CA TYR L 130 -9.15 20.30 17.27
C TYR L 130 -8.05 19.33 17.73
N ILE L 131 -8.13 18.07 17.27
CA ILE L 131 -7.10 17.10 17.65
C ILE L 131 -5.80 17.28 16.85
N SER L 132 -5.81 18.08 15.77
CA SER L 132 -4.56 18.35 15.08
C SER L 132 -3.68 19.28 15.88
N LEU L 133 -4.30 20.15 16.68
CA LEU L 133 -3.54 21.21 17.31
C LEU L 133 -2.83 20.73 18.57
N ASN L 134 -3.28 19.62 19.17
CA ASN L 134 -2.82 19.26 20.51
C ASN L 134 -1.93 18.01 20.48
N GLY L 135 -1.52 17.56 19.29
CA GLY L 135 -0.54 16.49 19.18
C GLY L 135 -1.16 15.11 18.96
N ILE L 136 -2.48 14.99 19.16
CA ILE L 136 -3.15 13.69 19.10
C ILE L 136 -3.13 13.11 17.68
N LEU L 137 -3.60 13.90 16.70
CA LEU L 137 -3.77 13.39 15.34
C LEU L 137 -2.41 12.99 14.79
N HIS L 138 -1.37 13.79 15.08
CA HIS L 138 -0.02 13.45 14.65
C HIS L 138 0.38 12.05 15.13
N ALA L 139 -0.17 11.61 16.26
CA ALA L 139 0.31 10.37 16.88
C ALA L 139 -0.41 9.12 16.37
N ILE L 140 -1.44 9.29 15.53
CA ILE L 140 -2.27 8.19 15.07
C ILE L 140 -1.97 7.77 13.63
N GLY L 141 -1.74 6.46 13.43
CA GLY L 141 -1.52 5.87 12.13
C GLY L 141 -0.14 5.23 12.03
N ARG L 142 0.10 4.59 10.89
CA ARG L 142 1.38 3.96 10.66
C ARG L 142 2.42 5.05 10.39
N GLY L 143 3.70 4.69 10.57
CA GLY L 143 4.81 5.65 10.49
C GLY L 143 5.16 6.02 9.05
N ASP L 144 4.93 5.12 8.09
CA ASP L 144 5.29 5.41 6.70
C ASP L 144 4.26 6.37 6.04
N GLU L 145 3.05 6.46 6.61
CA GLU L 145 1.91 7.13 6.00
C GLU L 145 1.61 8.43 6.74
N ARG L 146 0.63 9.18 6.26
CA ARG L 146 0.24 10.42 6.90
C ARG L 146 -0.83 10.12 7.95
N PRO L 147 -1.01 10.97 8.97
CA PRO L 147 -1.89 10.65 10.08
C PRO L 147 -3.27 10.28 9.61
N VAL L 148 -3.94 9.41 10.39
CA VAL L 148 -5.30 9.04 10.04
C VAL L 148 -6.24 9.47 11.17
N PRO L 149 -7.41 10.04 10.82
CA PRO L 149 -8.37 10.42 11.84
C PRO L 149 -9.02 9.22 12.49
N PRO L 150 -9.03 9.21 13.83
CA PRO L 150 -9.72 8.19 14.57
C PRO L 150 -11.22 8.45 14.60
N LEU L 151 -11.81 8.44 13.40
CA LEU L 151 -13.19 8.86 13.21
C LEU L 151 -13.35 10.21 13.90
N ASN L 152 -14.53 10.49 14.45
CA ASN L 152 -14.63 11.68 15.29
C ASN L 152 -14.81 11.29 16.75
N LEU L 153 -14.03 10.32 17.24
CA LEU L 153 -14.28 9.72 18.54
C LEU L 153 -13.55 10.51 19.60
N VAL L 154 -12.38 11.02 19.26
CA VAL L 154 -11.51 11.56 20.26
C VAL L 154 -11.82 13.02 20.57
N GLY L 155 -12.26 13.78 19.57
CA GLY L 155 -12.45 15.23 19.73
C GLY L 155 -13.88 15.52 20.17
N ASP L 156 -14.84 15.12 19.33
CA ASP L 156 -16.24 15.24 19.60
C ASP L 156 -16.66 14.54 20.90
N PHE L 157 -16.38 13.23 21.05
CA PHE L 157 -17.03 12.45 22.08
C PHE L 157 -16.09 12.26 23.28
N GLY L 158 -15.03 11.48 23.12
CA GLY L 158 -14.10 11.24 24.20
C GLY L 158 -13.69 12.52 24.90
N GLY L 159 -13.28 13.53 24.12
CA GLY L 159 -12.59 14.70 24.64
C GLY L 159 -13.48 15.93 24.67
N GLY L 160 -14.77 15.71 24.41
CA GLY L 160 -15.71 16.75 24.07
C GLY L 160 -16.97 16.62 24.91
N SER L 161 -17.95 15.86 24.41
CA SER L 161 -19.20 15.61 25.12
C SER L 161 -18.97 14.97 26.50
N MET L 162 -18.02 14.04 26.61
CA MET L 162 -17.85 13.32 27.86
C MET L 162 -17.29 14.26 28.94
N PHE L 163 -16.44 15.21 28.55
CA PHE L 163 -15.96 16.23 29.48
C PHE L 163 -17.07 17.24 29.80
N LEU L 164 -17.98 17.47 28.86
CA LEU L 164 -19.16 18.30 29.11
C LEU L 164 -20.02 17.59 30.15
N LEU L 165 -20.23 16.29 30.00
CA LEU L 165 -20.99 15.52 30.98
C LEU L 165 -20.35 15.59 32.36
N VAL L 166 -19.04 15.36 32.45
CA VAL L 166 -18.38 15.38 33.73
C VAL L 166 -18.52 16.75 34.38
N GLY L 167 -18.42 17.80 33.56
CA GLY L 167 -18.52 19.18 34.02
C GLY L 167 -19.91 19.47 34.60
N ILE L 168 -20.94 19.15 33.82
CA ILE L 168 -22.32 19.29 34.25
C ILE L 168 -22.44 18.62 35.62
N LEU L 169 -22.15 17.31 35.65
CA LEU L 169 -22.47 16.51 36.81
C LEU L 169 -21.61 16.95 37.99
N ALA L 170 -20.36 17.40 37.78
CA ALA L 170 -19.55 17.90 38.88
C ALA L 170 -20.13 19.20 39.46
N ALA L 171 -20.61 20.09 38.58
CA ALA L 171 -21.18 21.37 38.97
C ALA L 171 -22.48 21.14 39.75
N LEU L 172 -23.27 20.13 39.34
CA LEU L 172 -24.44 19.71 40.09
C LEU L 172 -24.08 19.27 41.51
N TRP L 173 -22.95 18.56 41.68
CA TRP L 173 -22.53 18.15 43.02
C TRP L 173 -22.20 19.38 43.87
N GLU L 174 -21.45 20.31 43.26
CA GLU L 174 -21.10 21.57 43.87
C GLU L 174 -22.37 22.36 44.21
N ARG L 175 -23.40 22.29 43.36
CA ARG L 175 -24.63 23.03 43.56
C ARG L 175 -25.34 22.62 44.86
N GLN L 176 -25.14 21.38 45.29
CA GLN L 176 -25.88 20.83 46.44
C GLN L 176 -25.47 21.52 47.75
N SER L 177 -24.20 21.90 47.92
CA SER L 177 -23.78 22.56 49.14
C SER L 177 -23.89 24.09 49.03
N SER L 178 -23.69 24.67 47.83
CA SER L 178 -23.51 26.11 47.68
C SER L 178 -24.76 26.83 47.19
N GLY L 179 -25.79 26.09 46.71
CA GLY L 179 -27.08 26.64 46.30
C GLY L 179 -27.07 27.23 44.87
N LYS L 180 -25.87 27.34 44.28
CA LYS L 180 -25.64 28.18 43.11
C LYS L 180 -25.05 27.37 41.94
N GLY L 181 -25.56 27.65 40.73
CA GLY L 181 -25.00 27.15 39.48
C GLY L 181 -23.69 27.85 39.11
N GLN L 182 -23.27 27.66 37.85
CA GLN L 182 -22.05 28.25 37.34
C GLN L 182 -21.93 27.90 35.85
N VAL L 183 -20.86 28.41 35.23
CA VAL L 183 -20.59 28.10 33.83
C VAL L 183 -19.50 27.02 33.73
N VAL L 184 -19.78 26.06 32.85
CA VAL L 184 -18.85 25.01 32.44
C VAL L 184 -18.38 25.25 31.00
N ASP L 185 -17.08 25.53 30.84
CA ASP L 185 -16.43 25.72 29.54
C ASP L 185 -15.69 24.43 29.14
N ALA L 186 -16.37 23.58 28.34
CA ALA L 186 -15.82 22.37 27.76
C ALA L 186 -15.33 22.60 26.33
N ALA L 187 -14.00 22.68 26.19
CA ALA L 187 -13.35 22.81 24.90
C ALA L 187 -12.72 21.48 24.46
N MET L 188 -13.09 21.02 23.26
CA MET L 188 -12.56 19.77 22.74
C MET L 188 -11.04 19.74 22.72
N VAL L 189 -10.40 20.89 22.54
CA VAL L 189 -8.95 20.88 22.48
C VAL L 189 -8.37 20.61 23.87
N ASP L 190 -9.11 20.96 24.93
CA ASP L 190 -8.65 20.75 26.30
C ASP L 190 -8.99 19.33 26.77
N GLY L 191 -10.26 18.95 26.67
CA GLY L 191 -10.74 17.63 27.03
C GLY L 191 -9.88 16.52 26.42
N SER L 192 -9.65 16.60 25.12
CA SER L 192 -8.93 15.58 24.39
C SER L 192 -7.49 15.53 24.89
N SER L 193 -6.97 16.68 25.32
CA SER L 193 -5.63 16.75 25.88
C SER L 193 -5.54 15.96 27.19
N VAL L 194 -6.60 16.02 28.00
CA VAL L 194 -6.65 15.31 29.25
C VAL L 194 -6.93 13.84 28.97
N LEU L 195 -7.76 13.62 27.95
CA LEU L 195 -7.98 12.27 27.46
C LEU L 195 -6.62 11.60 27.24
N ILE L 196 -5.62 12.31 26.70
CA ILE L 196 -4.35 11.69 26.33
C ILE L 196 -3.26 11.96 27.36
N GLN L 197 -3.64 12.20 28.63
CA GLN L 197 -2.67 12.56 29.65
C GLN L 197 -1.56 11.52 29.80
N MET L 198 -1.90 10.25 29.57
CA MET L 198 -0.97 9.12 29.73
C MET L 198 0.25 9.32 28.84
N MET L 199 0.01 9.78 27.61
CA MET L 199 1.09 9.96 26.66
C MET L 199 1.94 11.16 27.04
N TRP L 200 1.32 12.25 27.51
CA TRP L 200 2.09 13.36 28.09
C TRP L 200 2.93 12.88 29.30
N ALA L 201 2.33 12.05 30.17
CA ALA L 201 3.08 11.49 31.28
C ALA L 201 4.25 10.65 30.79
N MET L 202 3.96 9.73 29.84
CA MET L 202 4.99 8.83 29.34
C MET L 202 6.09 9.63 28.63
N ARG L 203 5.72 10.71 27.95
CA ARG L 203 6.70 11.50 27.20
C ARG L 203 7.73 12.10 28.16
N ALA L 204 7.25 12.60 29.31
CA ALA L 204 8.10 13.12 30.38
C ALA L 204 9.13 12.09 30.85
N THR L 205 8.74 10.82 30.96
CA THR L 205 9.63 9.82 31.54
C THR L 205 10.43 9.09 30.45
N GLY L 206 10.46 9.59 29.20
CA GLY L 206 11.19 8.90 28.13
C GLY L 206 10.47 7.68 27.53
N MET L 207 9.19 7.44 27.85
CA MET L 207 8.47 6.21 27.47
C MET L 207 7.55 6.40 26.24
N TRP L 208 7.56 7.60 25.66
CA TRP L 208 6.85 7.86 24.42
C TRP L 208 7.63 8.88 23.59
N THR L 209 7.76 8.61 22.29
CA THR L 209 8.40 9.56 21.40
C THR L 209 7.34 10.10 20.46
N ASP L 210 7.64 11.25 19.87
CA ASP L 210 6.77 11.92 18.93
C ASP L 210 6.71 11.17 17.59
N THR L 211 7.62 10.22 17.35
CA THR L 211 7.55 9.44 16.10
C THR L 211 6.29 8.57 16.03
N ARG L 212 5.62 8.62 14.90
CA ARG L 212 4.38 7.88 14.72
C ARG L 212 4.70 6.42 14.43
N GLY L 213 3.93 5.49 15.03
CA GLY L 213 4.05 4.08 14.74
C GLY L 213 5.31 3.46 15.36
N ALA L 214 5.88 4.07 16.39
CA ALA L 214 7.04 3.47 17.06
C ALA L 214 6.89 3.48 18.57
N ASN L 215 5.67 3.29 19.09
CA ASN L 215 5.44 3.27 20.53
C ASN L 215 4.71 1.99 20.93
N MET L 216 4.52 1.83 22.25
CA MET L 216 3.95 0.60 22.79
C MET L 216 2.49 0.46 22.37
N LEU L 217 1.76 1.57 22.27
CA LEU L 217 0.31 1.54 22.12
C LEU L 217 -0.18 2.17 20.81
N ASP L 218 0.72 2.45 19.86
CA ASP L 218 0.27 3.13 18.65
C ASP L 218 0.28 2.21 17.45
N GLY L 219 0.65 0.95 17.64
CA GLY L 219 0.76 0.01 16.54
C GLY L 219 2.20 -0.43 16.27
N GLY L 220 3.17 0.24 16.90
CA GLY L 220 4.57 -0.07 16.65
C GLY L 220 5.06 -1.31 17.41
N ALA L 221 4.39 -1.71 18.49
CA ALA L 221 4.79 -2.91 19.20
C ALA L 221 4.14 -4.13 18.54
N PRO L 222 4.93 -5.17 18.18
CA PRO L 222 4.35 -6.35 17.54
C PRO L 222 3.29 -7.07 18.37
N TYR L 223 3.28 -6.81 19.67
CA TYR L 223 2.35 -7.45 20.59
C TYR L 223 1.17 -6.54 20.94
N TYR L 224 1.08 -5.37 20.29
CA TYR L 224 -0.08 -4.50 20.43
C TYR L 224 -0.41 -3.94 19.05
N ASP L 225 -1.16 -4.72 18.25
CA ASP L 225 -1.43 -4.31 16.89
C ASP L 225 -2.45 -5.28 16.30
N THR L 226 -2.91 -5.01 15.08
CA THR L 226 -3.73 -5.97 14.35
C THR L 226 -2.86 -6.78 13.41
N TYR L 227 -3.37 -7.96 13.02
CA TYR L 227 -2.64 -8.86 12.13
C TYR L 227 -3.65 -9.38 11.12
N GLU L 228 -3.25 -9.45 9.84
CA GLU L 228 -4.06 -10.09 8.80
C GLU L 228 -3.93 -11.61 8.88
N CYS L 229 -5.08 -12.29 8.75
CA CYS L 229 -5.21 -13.72 8.79
C CYS L 229 -5.39 -14.24 7.37
N ALA L 230 -5.55 -15.56 7.24
CA ALA L 230 -5.45 -16.22 5.96
C ALA L 230 -6.61 -15.83 5.04
N ASP L 231 -7.74 -15.47 5.64
CA ASP L 231 -8.94 -15.14 4.91
C ASP L 231 -8.97 -13.62 4.61
N GLY L 232 -7.95 -12.84 4.99
CA GLY L 232 -7.99 -11.38 4.83
C GLY L 232 -8.79 -10.62 5.90
N ARG L 233 -9.31 -11.31 6.92
CA ARG L 233 -9.87 -10.66 8.09
C ARG L 233 -8.75 -10.47 9.13
N TYR L 234 -9.03 -9.79 10.24
CA TYR L 234 -7.97 -9.37 11.15
C TYR L 234 -8.21 -9.88 12.56
N VAL L 235 -7.12 -10.05 13.32
CA VAL L 235 -7.22 -10.18 14.75
C VAL L 235 -6.50 -9.00 15.39
N ALA L 236 -6.90 -8.75 16.63
CA ALA L 236 -6.25 -7.78 17.49
C ALA L 236 -5.49 -8.54 18.55
N VAL L 237 -4.25 -8.10 18.76
CA VAL L 237 -3.34 -8.63 19.74
C VAL L 237 -3.03 -7.49 20.70
N GLY L 238 -3.25 -7.73 21.99
CA GLY L 238 -2.94 -6.77 23.04
C GLY L 238 -2.14 -7.35 24.19
N ALA L 239 -1.21 -8.23 23.87
CA ALA L 239 -0.57 -9.04 24.88
C ALA L 239 0.65 -8.31 25.44
N ILE L 240 0.37 -7.33 26.30
CA ILE L 240 1.42 -6.49 26.87
C ILE L 240 2.18 -7.26 27.94
N GLU L 241 1.45 -7.85 28.88
CA GLU L 241 2.07 -8.51 30.02
C GLU L 241 2.75 -9.81 29.56
N PRO L 242 3.98 -10.05 30.06
CA PRO L 242 4.77 -11.22 29.68
C PRO L 242 4.01 -12.54 29.72
N GLN L 243 3.22 -12.73 30.77
CA GLN L 243 2.44 -13.94 30.96
C GLN L 243 1.40 -14.10 29.86
N PHE L 244 0.83 -12.99 29.37
CA PHE L 244 -0.20 -13.07 28.35
C PHE L 244 0.47 -13.30 27.00
N TYR L 245 1.56 -12.59 26.75
CA TYR L 245 2.34 -12.76 25.55
C TYR L 245 2.75 -14.23 25.38
N ALA L 246 3.29 -14.82 26.45
CA ALA L 246 3.69 -16.23 26.44
C ALA L 246 2.50 -17.11 26.06
N ALA L 247 1.34 -16.82 26.61
CA ALA L 247 0.18 -17.64 26.28
C ALA L 247 -0.13 -17.51 24.80
N MET L 248 0.03 -16.30 24.27
CA MET L 248 -0.22 -16.03 22.87
C MET L 248 0.72 -16.86 22.00
N LEU L 249 2.03 -16.80 22.30
CA LEU L 249 3.02 -17.57 21.57
C LEU L 249 2.70 -19.08 21.57
N ALA L 250 2.26 -19.59 22.71
CA ALA L 250 1.99 -21.02 22.78
C ALA L 250 0.85 -21.38 21.84
N GLY L 251 -0.16 -20.50 21.72
CA GLY L 251 -1.31 -20.79 20.87
C GLY L 251 -1.01 -20.63 19.39
N LEU L 252 0.00 -19.80 19.10
CA LEU L 252 0.49 -19.63 17.74
C LEU L 252 1.40 -20.78 17.32
N GLY L 253 1.90 -21.55 18.29
CA GLY L 253 2.83 -22.64 17.98
C GLY L 253 4.27 -22.17 17.83
N LEU L 254 4.61 -20.99 18.37
CA LEU L 254 5.98 -20.50 18.26
C LEU L 254 6.69 -20.72 19.57
N ASP L 255 7.94 -21.18 19.54
CA ASP L 255 8.71 -21.42 20.76
C ASP L 255 9.43 -20.13 21.10
N ALA L 256 9.38 -19.75 22.38
CA ALA L 256 10.07 -18.55 22.86
C ALA L 256 11.51 -18.52 22.37
N ALA L 257 12.17 -19.70 22.36
CA ALA L 257 13.61 -19.80 22.13
C ALA L 257 14.03 -19.37 20.73
N GLU L 258 13.13 -19.54 19.76
CA GLU L 258 13.34 -19.17 18.37
C GLU L 258 13.08 -17.67 18.12
N LEU L 259 12.70 -16.88 19.15
CA LEU L 259 12.13 -15.56 18.91
C LEU L 259 12.98 -14.51 19.59
N PRO L 260 13.08 -13.28 19.06
CA PRO L 260 13.69 -12.21 19.82
C PRO L 260 12.93 -11.96 21.11
N PRO L 261 13.52 -11.30 22.11
CA PRO L 261 12.74 -10.91 23.27
C PRO L 261 11.59 -9.99 22.88
N GLN L 262 10.50 -10.09 23.64
CA GLN L 262 9.28 -9.32 23.45
C GLN L 262 9.55 -7.82 23.41
N ASN L 263 10.45 -7.30 24.27
CA ASN L 263 10.68 -5.87 24.39
C ASN L 263 12.10 -5.45 23.94
N ASP L 264 12.74 -6.26 23.10
CA ASP L 264 13.94 -5.82 22.39
C ASP L 264 13.51 -5.06 21.13
N ARG L 265 13.28 -3.75 21.24
CA ARG L 265 12.72 -2.94 20.18
C ARG L 265 13.54 -3.05 18.91
N ALA L 266 14.86 -3.13 19.06
CA ALA L 266 15.72 -3.17 17.89
C ALA L 266 15.43 -4.40 17.03
N ARG L 267 14.80 -5.45 17.60
CA ARG L 267 14.45 -6.63 16.83
C ARG L 267 12.95 -6.77 16.59
N TRP L 268 12.17 -5.74 16.89
CA TRP L 268 10.75 -5.76 16.55
C TRP L 268 10.50 -6.16 15.09
N PRO L 269 11.30 -5.71 14.09
CA PRO L 269 11.06 -6.11 12.71
C PRO L 269 11.02 -7.62 12.49
N GLU L 270 12.02 -8.32 13.02
CA GLU L 270 12.05 -9.78 12.97
C GLU L 270 10.85 -10.34 13.72
N LEU L 271 10.58 -9.81 14.92
CA LEU L 271 9.48 -10.30 15.74
C LEU L 271 8.16 -10.17 14.98
N ARG L 272 7.92 -8.99 14.38
CA ARG L 272 6.70 -8.74 13.62
C ARG L 272 6.55 -9.71 12.44
N ALA L 273 7.66 -10.01 11.75
CA ALA L 273 7.63 -10.92 10.61
C ALA L 273 7.24 -12.33 11.05
N LEU L 274 7.72 -12.75 12.22
CA LEU L 274 7.40 -14.08 12.71
C LEU L 274 5.93 -14.17 13.11
N LEU L 275 5.43 -13.14 13.82
CA LEU L 275 4.05 -13.12 14.23
C LEU L 275 3.16 -13.02 13.00
N THR L 276 3.59 -12.18 12.04
CA THR L 276 2.78 -11.95 10.83
C THR L 276 2.54 -13.28 10.14
N GLU L 277 3.62 -14.06 9.94
CA GLU L 277 3.55 -15.33 9.24
C GLU L 277 2.63 -16.29 10.01
N ALA L 278 2.79 -16.35 11.33
CA ALA L 278 1.97 -17.26 12.11
C ALA L 278 0.49 -16.90 12.00
N PHE L 279 0.13 -15.62 12.14
CA PHE L 279 -1.28 -15.26 12.11
C PHE L 279 -1.86 -15.46 10.71
N ALA L 280 -1.05 -15.23 9.68
CA ALA L 280 -1.46 -15.41 8.30
C ALA L 280 -1.77 -16.87 7.95
N SER L 281 -1.38 -17.84 8.79
CA SER L 281 -1.54 -19.23 8.37
C SER L 281 -2.92 -19.80 8.74
N HIS L 282 -3.77 -19.06 9.46
CA HIS L 282 -5.12 -19.53 9.71
C HIS L 282 -6.08 -18.34 9.62
N ASP L 283 -7.36 -18.63 9.44
CA ASP L 283 -8.43 -17.66 9.29
C ASP L 283 -8.71 -17.04 10.65
N ARG L 284 -9.42 -15.92 10.66
CA ARG L 284 -9.67 -15.21 11.89
C ARG L 284 -10.46 -16.11 12.86
N ASP L 285 -11.40 -16.88 12.32
CA ASP L 285 -12.32 -17.62 13.16
C ASP L 285 -11.56 -18.78 13.78
N HIS L 286 -10.53 -19.27 13.11
CA HIS L 286 -9.69 -20.26 13.78
C HIS L 286 -9.09 -19.64 15.04
N TRP L 287 -8.36 -18.52 14.89
CA TRP L 287 -7.71 -17.92 16.04
C TRP L 287 -8.72 -17.65 17.15
N GLY L 288 -9.94 -17.26 16.78
CA GLY L 288 -10.98 -16.91 17.72
C GLY L 288 -11.39 -18.10 18.59
N ALA L 289 -11.36 -19.30 18.01
CA ALA L 289 -11.67 -20.52 18.75
C ALA L 289 -10.45 -20.90 19.59
N VAL L 290 -9.27 -20.95 18.98
CA VAL L 290 -8.02 -21.25 19.69
C VAL L 290 -7.87 -20.43 20.98
N PHE L 291 -8.30 -19.16 21.00
CA PHE L 291 -7.97 -18.27 22.10
C PHE L 291 -9.19 -17.87 22.93
N ALA L 292 -10.39 -18.32 22.59
CA ALA L 292 -11.49 -18.15 23.53
C ALA L 292 -11.10 -18.68 24.93
N ASN L 293 -11.51 -17.91 25.95
CA ASN L 293 -11.25 -18.21 27.36
C ASN L 293 -9.77 -18.05 27.72
N SER L 294 -8.95 -17.44 26.85
CA SER L 294 -7.53 -17.38 27.16
C SER L 294 -7.15 -15.98 27.62
N ASP L 295 -6.02 -15.83 28.29
CA ASP L 295 -5.44 -14.54 28.61
C ASP L 295 -4.42 -14.10 27.58
N ALA L 296 -4.52 -14.66 26.37
CA ALA L 296 -3.58 -14.34 25.30
C ALA L 296 -3.81 -12.94 24.73
N CYS L 297 -4.95 -12.30 25.00
CA CYS L 297 -5.31 -10.97 24.53
C CYS L 297 -5.32 -10.93 23.01
N VAL L 298 -5.90 -11.97 22.41
CA VAL L 298 -6.12 -12.04 20.99
C VAL L 298 -7.62 -12.08 20.78
N THR L 299 -8.16 -11.14 20.00
CA THR L 299 -9.59 -11.11 19.76
C THR L 299 -9.84 -10.92 18.27
N PRO L 300 -10.96 -11.39 17.73
CA PRO L 300 -11.33 -11.05 16.36
C PRO L 300 -11.73 -9.58 16.21
N VAL L 301 -11.26 -8.95 15.12
CA VAL L 301 -11.65 -7.61 14.72
C VAL L 301 -12.92 -7.70 13.90
N LEU L 302 -14.04 -7.46 14.58
CA LEU L 302 -15.35 -7.61 13.96
C LEU L 302 -15.74 -6.31 13.26
N ALA L 303 -16.43 -6.47 12.13
CA ALA L 303 -17.09 -5.36 11.47
C ALA L 303 -18.44 -5.10 12.15
N PHE L 304 -18.93 -3.86 12.06
CA PHE L 304 -20.20 -3.48 12.67
C PHE L 304 -21.28 -4.51 12.34
N GLY L 305 -21.28 -5.02 11.12
CA GLY L 305 -22.33 -5.92 10.63
C GLY L 305 -22.34 -7.26 11.37
N GLU L 306 -21.21 -7.66 11.94
CA GLU L 306 -21.08 -8.98 12.55
C GLU L 306 -21.23 -8.92 14.07
N VAL L 307 -21.29 -7.70 14.63
CA VAL L 307 -21.21 -7.50 16.07
C VAL L 307 -22.40 -8.15 16.77
N HIS L 308 -23.58 -8.11 16.14
CA HIS L 308 -24.82 -8.60 16.71
C HIS L 308 -24.80 -10.12 16.89
N ASN L 309 -23.83 -10.81 16.25
CA ASN L 309 -23.70 -12.26 16.35
C ASN L 309 -22.62 -12.71 17.34
N GLU L 310 -22.05 -11.78 18.12
CA GLU L 310 -20.94 -12.15 18.98
C GLU L 310 -21.48 -12.50 20.36
N PRO L 311 -21.31 -13.74 20.85
CA PRO L 311 -22.01 -14.17 22.07
C PRO L 311 -21.90 -13.20 23.23
N HIS L 312 -20.69 -12.65 23.48
CA HIS L 312 -20.51 -11.77 24.62
C HIS L 312 -21.31 -10.48 24.47
N ILE L 313 -21.47 -10.01 23.23
CA ILE L 313 -22.28 -8.83 22.94
C ILE L 313 -23.74 -9.16 23.21
N ILE L 314 -24.21 -10.30 22.74
CA ILE L 314 -25.61 -10.66 22.89
C ILE L 314 -25.96 -10.80 24.37
N GLU L 315 -25.18 -11.60 25.10
CA GLU L 315 -25.58 -11.94 26.45
C GLU L 315 -25.63 -10.71 27.35
N ARG L 316 -24.80 -9.68 27.11
CA ARG L 316 -24.80 -8.54 28.03
C ARG L 316 -25.77 -7.46 27.57
N ASN L 317 -26.49 -7.73 26.45
CA ASN L 317 -27.37 -6.76 25.80
C ASN L 317 -26.68 -5.40 25.71
N THR L 318 -25.52 -5.38 25.02
CA THR L 318 -24.84 -4.13 24.76
C THR L 318 -25.63 -3.29 23.74
N PHE L 319 -26.30 -3.94 22.78
CA PHE L 319 -27.14 -3.33 21.77
C PHE L 319 -28.61 -3.74 21.92
N TYR L 320 -29.54 -2.84 21.54
CA TYR L 320 -30.94 -3.17 21.30
C TYR L 320 -31.23 -2.90 19.83
N GLU L 321 -32.19 -3.63 19.26
CA GLU L 321 -32.67 -3.39 17.90
C GLU L 321 -33.73 -2.29 17.90
N ALA L 322 -33.52 -1.22 17.12
CA ALA L 322 -34.48 -0.14 16.96
C ALA L 322 -34.66 0.18 15.48
N ASN L 323 -35.81 -0.21 14.93
CA ASN L 323 -36.23 0.24 13.62
C ASN L 323 -35.22 -0.24 12.57
N GLY L 324 -34.30 0.63 12.13
CA GLY L 324 -33.38 0.32 11.05
C GLY L 324 -32.43 -0.84 11.40
N GLY L 325 -31.65 -0.64 12.47
CA GLY L 325 -30.75 -1.66 12.99
C GLY L 325 -30.27 -1.33 14.38
N TRP L 326 -29.16 -1.96 14.78
CA TRP L 326 -28.76 -2.04 16.18
C TRP L 326 -28.26 -0.70 16.68
N GLN L 327 -28.42 -0.49 17.99
CA GLN L 327 -28.02 0.74 18.62
C GLN L 327 -27.54 0.40 20.02
N PRO L 328 -26.54 1.13 20.56
CA PRO L 328 -25.98 0.83 21.86
C PRO L 328 -26.88 1.21 23.03
N MET L 329 -27.03 0.26 23.97
CA MET L 329 -27.74 0.49 25.21
C MET L 329 -26.99 1.50 26.03
N PRO L 330 -27.69 2.17 26.97
CA PRO L 330 -27.02 3.14 27.83
C PRO L 330 -25.84 2.52 28.54
N ALA L 331 -24.88 3.37 28.87
CA ALA L 331 -23.70 3.02 29.61
C ALA L 331 -23.39 4.21 30.50
N PRO L 332 -22.77 4.03 31.69
CA PRO L 332 -22.55 2.73 32.27
C PRO L 332 -23.85 2.17 32.82
N ARG L 333 -23.77 1.10 33.63
CA ARG L 333 -24.95 0.47 34.19
C ARG L 333 -25.00 0.64 35.71
N PHE L 334 -26.22 0.56 36.23
CA PHE L 334 -26.51 0.91 37.63
C PHE L 334 -27.21 -0.29 38.28
N SER L 335 -26.73 -0.66 39.49
CA SER L 335 -27.32 -1.77 40.26
C SER L 335 -28.77 -1.49 40.68
N ARG L 336 -28.98 -0.35 41.35
CA ARG L 336 -30.30 0.02 41.86
C ARG L 336 -31.14 0.76 40.83
N THR L 337 -30.72 1.98 40.40
CA THR L 337 -31.55 2.79 39.50
C THR L 337 -31.15 2.52 38.06
N ALA L 338 -31.71 1.45 37.48
CA ALA L 338 -31.30 0.99 36.17
C ALA L 338 -31.93 1.89 35.12
N SER L 339 -31.11 2.32 34.15
CA SER L 339 -31.57 2.94 32.92
C SER L 339 -32.46 1.95 32.17
N SER L 340 -33.31 2.46 31.29
CA SER L 340 -34.20 1.61 30.49
C SER L 340 -33.85 1.81 29.02
N GLN L 341 -34.56 1.06 28.16
CA GLN L 341 -34.33 1.12 26.73
C GLN L 341 -34.66 2.52 26.23
N PRO L 342 -33.83 3.16 25.36
CA PRO L 342 -34.14 4.50 24.87
C PRO L 342 -35.44 4.58 24.07
N ARG L 343 -36.07 5.76 24.20
CA ARG L 343 -37.28 6.11 23.47
C ARG L 343 -36.86 6.69 22.12
N PRO L 344 -37.45 6.23 20.98
CA PRO L 344 -37.18 6.86 19.70
C PRO L 344 -37.45 8.37 19.76
N PRO L 345 -36.91 9.19 18.84
CA PRO L 345 -37.28 10.60 18.82
C PRO L 345 -38.77 10.80 18.50
N ALA L 346 -39.45 11.63 19.30
CA ALA L 346 -40.88 11.85 19.16
C ALA L 346 -41.13 13.01 18.21
N ALA L 347 -42.34 13.07 17.63
CA ALA L 347 -42.73 14.19 16.78
C ALA L 347 -42.66 15.48 17.60
N THR L 348 -42.46 16.62 16.92
CA THR L 348 -42.38 17.93 17.56
C THR L 348 -43.59 18.09 18.49
N ILE L 349 -43.41 18.90 19.53
CA ILE L 349 -44.53 19.29 20.36
C ILE L 349 -44.37 20.78 20.66
N ASP L 350 -45.41 21.37 21.24
CA ASP L 350 -45.49 22.81 21.42
C ASP L 350 -44.89 23.19 22.77
N ILE L 351 -43.98 24.18 22.76
CA ILE L 351 -43.17 24.59 23.90
C ILE L 351 -44.01 25.01 25.12
N GLU L 352 -45.25 25.46 24.89
CA GLU L 352 -46.18 25.78 25.97
C GLU L 352 -46.63 24.49 26.67
N ALA L 353 -46.98 23.45 25.89
CA ALA L 353 -47.42 22.16 26.40
C ALA L 353 -46.33 21.48 27.25
N VAL L 354 -45.07 21.94 27.11
CA VAL L 354 -43.98 21.51 27.97
C VAL L 354 -43.97 22.39 29.22
N LEU L 355 -44.08 23.73 29.06
CA LEU L 355 -44.08 24.64 30.19
C LEU L 355 -45.22 24.30 31.16
N THR L 356 -46.32 23.72 30.64
CA THR L 356 -47.39 23.08 31.42
C THR L 356 -46.83 22.02 32.38
N ASP L 357 -46.23 20.97 31.78
CA ASP L 357 -45.77 19.79 32.48
C ASP L 357 -44.80 20.17 33.60
N TRP L 358 -43.91 21.14 33.35
CA TRP L 358 -43.00 21.66 34.35
C TRP L 358 -43.71 22.66 35.27
N ASP L 359 -44.49 22.15 36.24
CA ASP L 359 -45.35 22.93 37.13
C ASP L 359 -46.63 23.32 36.37
O7A SFC M . -13.08 3.73 -35.22
P3B SFC M . -11.93 3.99 -36.19
O9A SFC M . -11.23 2.75 -36.69
O8A SFC M . -11.03 4.91 -35.36
O3B SFC M . -12.37 4.82 -37.54
C3B SFC M . -13.73 5.05 -37.96
C2B SFC M . -14.01 6.50 -38.36
O2B SFC M . -13.34 7.47 -37.57
C1B SFC M . -13.42 6.51 -39.75
N9A SFC M . -13.86 7.56 -40.68
C4A SFC M . -13.04 8.48 -41.29
C5A SFC M . -13.86 9.20 -42.14
C6A SFC M . -13.27 10.22 -42.90
N6A SFC M . -13.92 10.97 -43.77
N1A SFC M . -11.94 10.42 -42.74
C2A SFC M . -11.26 9.65 -41.88
N3A SFC M . -11.72 8.66 -41.11
N7A SFC M . -15.16 8.72 -42.07
C8A SFC M . -15.10 7.75 -41.21
O4B SFC M . -13.83 5.26 -40.31
C4B SFC M . -14.05 4.30 -39.27
C5B SFC M . -15.46 3.72 -39.42
O5B SFC M . -15.79 2.94 -38.23
P1A SFC M . -16.78 1.68 -38.34
O1A SFC M . -18.15 2.21 -38.60
O2A SFC M . -16.75 0.93 -37.05
O3A SFC M . -16.13 0.98 -39.62
P2A SFC M . -15.84 -0.57 -39.89
O4A SFC M . -15.06 -0.72 -41.13
O5A SFC M . -15.54 -1.14 -38.53
O6A SFC M . -17.30 -0.92 -40.46
CCP SFC M . -18.06 -2.04 -40.00
CBP SFC M . -19.57 -1.78 -40.13
CDP SFC M . -20.06 -1.61 -41.58
CEP SFC M . -20.12 -3.10 -39.54
CAP SFC M . -20.00 -0.52 -39.32
OAP SFC M . -19.97 0.64 -40.16
C9P SFC M . -21.36 -0.72 -38.65
O9P SFC M . -21.53 -1.67 -37.86
N8P SFC M . -22.32 0.15 -38.97
C7P SFC M . -23.65 0.14 -38.38
C6P SFC M . -24.62 -0.81 -39.09
C5P SFC M . -24.32 -1.03 -40.55
O5P SFC M . -24.19 -0.09 -41.36
N4P SFC M . -24.21 -2.31 -40.93
C3P SFC M . -23.94 -2.70 -42.33
C2P SFC M . -25.11 -2.41 -43.28
S1P SFC M . -24.77 -2.58 -45.08
C1 SFC M . -25.42 -4.23 -45.28
O1 SFC M . -26.19 -4.76 -44.45
C2 SFC M . -24.92 -5.01 -46.51
C13 SFC M . -26.08 -5.86 -47.01
C3 SFC M . -24.18 -4.22 -47.59
C4 SFC M . -22.84 -4.48 -47.87
C8 SFC M . -22.15 -3.79 -48.85
C7 SFC M . -22.77 -2.79 -49.59
C6 SFC M . -24.10 -2.53 -49.32
C5 SFC M . -24.80 -3.23 -48.34
C9 SFC M . -22.03 -2.04 -50.69
C10 SFC M . -22.39 -2.50 -52.13
C12 SFC M . -21.50 -3.67 -52.53
C11 SFC M . -22.40 -1.39 -53.20
O7A SFC N . -69.01 0.45 -54.31
P3B SFC N . -67.62 -0.06 -54.47
O9A SFC N . -67.71 -1.53 -54.87
O8A SFC N . -66.75 0.90 -55.32
O3B SFC N . -67.20 -0.08 -52.90
C3B SFC N . -65.96 0.33 -52.35
C2B SFC N . -66.21 1.37 -51.26
O2B SFC N . -67.34 2.21 -51.41
C1B SFC N . -66.54 0.45 -50.08
N9A SFC N . -66.39 1.11 -48.78
C4A SFC N . -67.40 1.48 -47.93
C5A SFC N . -66.78 2.07 -46.84
C6A SFC N . -67.60 2.53 -45.80
N6A SFC N . -67.11 3.11 -44.71
N1A SFC N . -68.93 2.38 -45.94
C2A SFC N . -69.40 1.79 -47.06
N3A SFC N . -68.73 1.31 -48.10
N7A SFC N . -65.40 2.06 -47.00
C8A SFC N . -65.23 1.47 -48.16
O4B SFC N . -65.62 -0.62 -50.20
C4B SFC N . -65.33 -0.86 -51.60
C5B SFC N . -63.85 -1.11 -51.74
O5B SFC N . -63.43 -0.96 -53.14
P1A SFC N . -62.11 -1.72 -53.61
O1A SFC N . -60.96 -0.91 -53.13
O2A SFC N . -62.22 -1.96 -55.08
O3A SFC N . -62.32 -3.11 -52.86
P2A SFC N . -62.35 -4.60 -53.42
O4A SFC N . -63.02 -4.60 -54.74
O5A SFC N . -62.74 -5.55 -52.35
O6A SFC N . -60.82 -4.80 -53.85
CCP SFC N . -59.79 -5.32 -52.90
CBP SFC N . -58.38 -4.77 -53.21
CDP SFC N . -57.81 -5.56 -54.41
CEP SFC N . -57.45 -5.04 -52.01
CAP SFC N . -58.41 -3.24 -53.51
OAP SFC N . -58.85 -2.48 -52.38
C9P SFC N . -57.06 -2.68 -53.98
O9P SFC N . -56.54 -3.04 -55.04
N8P SFC N . -56.54 -1.76 -53.18
C7P SFC N . -55.26 -1.10 -53.46
C6P SFC N . -54.07 -2.03 -53.31
C5P SFC N . -54.13 -2.97 -52.12
O5P SFC N . -54.53 -2.60 -51.01
N4P SFC N . -53.73 -4.24 -52.34
C3P SFC N . -53.77 -5.25 -51.30
C2P SFC N . -52.75 -4.98 -50.18
S1P SFC N . -52.88 -6.14 -48.77
C1 SFC N . -51.77 -7.39 -49.38
O1 SFC N . -51.03 -7.12 -50.35
C2 SFC N . -51.84 -8.82 -48.73
C13 SFC N . -50.47 -9.44 -48.51
C3 SFC N . -52.74 -8.94 -47.52
C4 SFC N . -52.49 -8.25 -46.33
C8 SFC N . -53.33 -8.39 -45.24
C7 SFC N . -54.44 -9.23 -45.28
C6 SFC N . -54.68 -9.93 -46.46
C5 SFC N . -53.84 -9.79 -47.55
C9 SFC N . -55.37 -9.37 -44.09
C10 SFC N . -55.06 -10.56 -43.15
C12 SFC N . -55.01 -10.17 -41.66
C11 SFC N . -56.07 -11.69 -43.31
O7A SFC O . 5.71 -12.18 36.88
P3B SFC O . 4.58 -13.03 37.46
O9A SFC O . 3.64 -13.46 36.36
O8A SFC O . 3.85 -12.51 38.72
O3B SFC O . 5.49 -14.36 37.69
C3B SFC O . 6.01 -15.14 38.76
C2B SFC O . 7.12 -14.54 39.64
O2B SFC O . 7.61 -13.31 39.17
C1B SFC O . 6.43 -14.41 41.00
N9A SFC O . 7.42 -14.69 42.04
C4A SFC O . 8.02 -13.84 42.92
C5A SFC O . 8.88 -14.62 43.67
C6A SFC O . 9.62 -13.99 44.68
N6A SFC O . 10.46 -14.63 45.49
N1A SFC O . 9.46 -12.65 44.83
C2A SFC O . 8.61 -12.02 44.01
N3A SFC O . 7.85 -12.51 43.04
N7A SFC O . 8.80 -15.95 43.29
C8A SFC O . 7.93 -15.93 42.31
O4B SFC O . 5.42 -15.40 41.07
C4B SFC O . 4.92 -15.61 39.73
C5B SFC O . 4.57 -17.08 39.54
O5B SFC O . 4.20 -17.31 38.14
P1A SFC O . 3.44 -18.67 37.76
O1A SFC O . 4.42 -19.78 37.91
O2A SFC O . 2.83 -18.51 36.40
O3A SFC O . 2.34 -18.59 38.94
P2A SFC O . 0.70 -18.62 38.96
O4A SFC O . 0.19 -18.03 40.22
O5A SFC O . 0.22 -18.24 37.61
O6A SFC O . 0.55 -20.20 39.24
CCP SFC O . -0.19 -21.14 38.43
CBP SFC O . 0.47 -22.54 38.49
CDP SFC O . 0.50 -23.11 39.91
CEP SFC O . -0.50 -23.41 37.68
CAP SFC O . 1.91 -22.47 37.86
OAP SFC O . 2.98 -22.17 38.77
C9P SFC O . 2.34 -23.72 37.08
O9P SFC O . 1.69 -24.12 36.09
N8P SFC O . 3.43 -24.32 37.55
C7P SFC O . 3.99 -25.52 36.92
C6P SFC O . 3.16 -26.78 37.18
C5P SFC O . 2.63 -26.90 38.60
O5P SFC O . 3.35 -26.63 39.59
N4P SFC O . 1.34 -27.26 38.72
C3P SFC O . 0.66 -27.40 40.00
C2P SFC O . 1.20 -28.56 40.84
S1P SFC O . 0.53 -28.62 42.52
C1 SFC O . -0.86 -29.68 42.19
O1 SFC O . -0.95 -30.32 41.13
C2 SFC O . -1.95 -29.68 43.30
C13 SFC O . -2.32 -31.11 43.61
C3 SFC O . -1.68 -28.90 44.59
C4 SFC O . -0.67 -29.22 45.50
C8 SFC O . -0.49 -28.46 46.65
C7 SFC O . -1.32 -27.37 46.95
C6 SFC O . -2.32 -27.07 46.05
C5 SFC O . -2.50 -27.82 44.90
C9 SFC O . -1.15 -26.56 48.23
C10 SFC O . -1.60 -27.29 49.53
C12 SFC O . -3.02 -26.93 49.95
C11 SFC O . -0.63 -27.17 50.71
O7A SFC P . 15.53 -70.53 47.04
P3B SFC P . 14.06 -70.71 46.66
O9A SFC P . 13.66 -72.04 46.10
O8A SFC P . 13.10 -70.26 47.76
O3B SFC P . 13.90 -69.74 45.37
C3B SFC P . 14.28 -68.41 45.52
C2B SFC P . 15.60 -68.08 44.81
O2B SFC P . 16.64 -68.94 45.23
C1B SFC P . 15.12 -68.28 43.38
N9A SFC P . 15.97 -67.73 42.34
C4A SFC P . 16.79 -68.41 41.49
C5A SFC P . 17.33 -67.45 40.65
C6A SFC P . 18.24 -67.88 39.66
N6A SFC P . 18.82 -67.07 38.79
N1A SFC P . 18.50 -69.21 39.62
C2A SFC P . 17.91 -70.03 40.50
N3A SFC P . 17.05 -69.72 41.48
N7A SFC P . 16.85 -66.19 40.95
C8A SFC P . 16.03 -66.41 41.96
O4B SFC P . 13.87 -67.59 43.34
C4B SFC P . 13.32 -67.59 44.67
C5B SFC P . 13.13 -66.19 45.20
O5B SFC P . 11.76 -66.01 45.47
P1A SFC P . 11.28 -65.43 46.89
O1A SFC P . 11.76 -64.04 47.10
O2A SFC P . 11.27 -66.41 48.00
O3A SFC P . 10.12 -65.59 45.79
P2A SFC P . 8.71 -66.22 45.66
O4A SFC P . 8.53 -66.99 46.91
O5A SFC P . 8.48 -66.59 44.22
O6A SFC P . 7.88 -64.90 46.02
CCP SFC P . 7.59 -63.87 45.05
CBP SFC P . 7.39 -62.53 45.81
CDP SFC P . 7.05 -61.47 44.75
CEP SFC P . 6.22 -62.61 46.81
CAP SFC P . 8.69 -62.14 46.58
OAP SFC P . 9.81 -62.20 45.72
C9P SFC P . 8.66 -60.76 47.24
O9P SFC P . 7.96 -60.58 48.26
N8P SFC P . 9.46 -59.84 46.69
C7P SFC P . 9.69 -58.55 47.33
C6P SFC P . 8.55 -57.55 47.16
C5P SFC P . 7.91 -57.67 45.80
O5P SFC P . 8.60 -57.70 44.75
N4P SFC P . 6.58 -57.81 45.76
C3P SFC P . 5.92 -57.98 44.44
C2P SFC P . 5.97 -56.69 43.60
S1P SFC P . 5.20 -56.76 41.96
C1 SFC P . 3.62 -56.07 42.37
O1 SFC P . 3.42 -55.53 43.47
C2 SFC P . 2.50 -56.35 41.35
C13 SFC P . 1.44 -55.25 41.23
C3 SFC P . 2.99 -56.94 40.04
C4 SFC P . 3.81 -56.29 39.14
C8 SFC P . 4.20 -56.92 37.97
C7 SFC P . 3.78 -58.20 37.67
C6 SFC P . 2.94 -58.85 38.55
C5 SFC P . 2.57 -58.23 39.73
C9 SFC P . 4.17 -58.88 36.37
C10 SFC P . 2.99 -59.24 35.46
C12 SFC P . 3.22 -58.80 34.02
C11 SFC P . 2.67 -60.73 35.64
O7A SFC Q . 40.23 -18.38 -12.05
P3B SFC Q . 39.84 -17.39 -13.13
O9A SFC Q . 38.96 -16.30 -12.51
O8A SFC Q . 40.86 -16.71 -14.06
O3B SFC Q . 38.98 -18.53 -13.90
C3B SFC Q . 37.99 -18.40 -14.91
C2B SFC Q . 38.24 -19.43 -16.02
O2B SFC Q . 39.57 -19.81 -16.30
C1B SFC Q . 37.62 -20.67 -15.41
N9A SFC Q . 37.28 -21.67 -16.42
C4A SFC Q . 37.94 -22.84 -16.66
C5A SFC Q . 37.25 -23.45 -17.69
C6A SFC Q . 37.73 -24.71 -18.14
N6A SFC Q . 37.18 -25.41 -19.12
N1A SFC Q . 38.82 -25.22 -17.52
C2A SFC Q . 39.37 -24.52 -16.52
N3A SFC Q . 39.01 -23.33 -16.03
N7A SFC Q . 36.19 -22.67 -18.11
C8A SFC Q . 36.25 -21.62 -17.32
O4B SFC Q . 36.43 -20.19 -14.76
C4B SFC Q . 36.64 -18.82 -14.33
C5B SFC Q . 35.45 -17.97 -14.73
O5B SFC Q . 35.75 -16.56 -14.50
P1A SFC Q . 34.57 -15.52 -14.19
O1A SFC Q . 35.13 -14.28 -13.55
O2A SFC Q . 33.86 -15.18 -15.45
O3A SFC Q . 33.70 -16.29 -13.06
P2A SFC Q . 33.10 -15.95 -11.56
O4A SFC Q . 33.70 -14.76 -10.92
O5A SFC Q . 33.10 -17.24 -10.83
O6A SFC Q . 31.58 -15.52 -11.91
CCP SFC Q . 31.00 -14.22 -11.54
CBP SFC Q . 30.07 -13.65 -12.64
CDP SFC Q . 28.91 -14.61 -12.94
CEP SFC Q . 29.47 -12.35 -12.08
CAP SFC Q . 30.90 -13.35 -13.94
OAP SFC Q . 30.93 -14.48 -14.83
C9P SFC Q . 30.43 -12.16 -14.75
O9P SFC Q . 30.39 -11.02 -14.25
N8P SFC Q . 30.11 -12.42 -16.02
C7P SFC Q . 29.70 -11.44 -17.01
C6P SFC Q . 28.27 -10.99 -16.85
C5P SFC Q . 27.29 -12.07 -16.41
O5P SFC Q . 27.26 -13.17 -16.98
N4P SFC Q . 26.46 -11.74 -15.40
C3P SFC Q . 25.22 -12.41 -14.97
C2P SFC Q . 25.26 -13.92 -14.99
S1P SFC Q . 23.62 -14.70 -15.24
C1 SFC Q . 22.33 -13.75 -14.44
O1 SFC Q . 22.21 -12.57 -14.83
C2 SFC Q . 21.45 -14.42 -13.27
C13 SFC Q . 20.03 -13.92 -13.30
C3 SFC Q . 21.47 -15.94 -13.07
C4 SFC Q . 20.92 -16.82 -13.99
C8 SFC Q . 20.96 -18.20 -13.79
C7 SFC Q . 21.51 -18.76 -12.65
C6 SFC Q . 22.06 -17.87 -11.72
C5 SFC Q . 22.03 -16.50 -11.93
C9 SFC Q . 21.58 -20.27 -12.42
C10 SFC Q . 20.27 -21.08 -12.59
C12 SFC Q . 20.37 -22.30 -13.53
C11 SFC Q . 19.75 -21.54 -11.24
O7A SFC R . -8.99 -2.96 -43.67
P3B SFC R . -8.01 -4.03 -44.14
O9A SFC R . -7.84 -5.17 -43.19
O8A SFC R . -8.20 -4.77 -45.49
O3B SFC R . -6.72 -3.06 -44.31
C3B SFC R . -5.44 -3.28 -43.71
C2B SFC R . -4.26 -2.85 -44.58
O2B SFC R . -4.33 -3.06 -45.97
C1B SFC R . -4.31 -1.35 -44.35
N9A SFC R . -3.07 -0.69 -44.71
C4A SFC R . -2.90 0.16 -45.77
C5A SFC R . -1.57 0.58 -45.70
C6A SFC R . -1.14 1.47 -46.70
N6A SFC R . 0.09 1.99 -46.76
N1A SFC R . -2.03 1.86 -47.63
C2A SFC R . -3.28 1.36 -47.56
N3A SFC R . -3.81 0.53 -46.69
N7A SFC R . -0.93 -0.01 -44.63
C8A SFC R . -1.85 -0.76 -44.08
O4B SFC R . -4.54 -1.19 -42.96
C4B SFC R . -5.27 -2.36 -42.48
C5B SFC R . -4.53 -2.97 -41.31
O5B SFC R . -5.09 -4.26 -40.97
P1A SFC R . -4.79 -4.86 -39.51
O1A SFC R . -3.36 -5.25 -39.40
O2A SFC R . -5.73 -5.98 -39.31
O3A SFC R . -5.09 -3.51 -38.67
P2A SFC R . -6.05 -3.23 -37.42
O4A SFC R . -6.27 -1.77 -37.26
O5A SFC R . -7.10 -4.27 -37.50
O6A SFC R . -4.99 -3.51 -36.28
CCP SFC R . -5.12 -4.64 -35.43
CBP SFC R . -3.75 -5.08 -34.89
CDP SFC R . -2.90 -3.88 -34.49
CEP SFC R . -4.09 -5.89 -33.63
CAP SFC R . -3.06 -5.93 -36.02
OAP SFC R . -2.21 -5.10 -36.82
C9P SFC R . -2.30 -7.13 -35.47
O9P SFC R . -2.88 -7.99 -34.79
N8P SFC R . -1.00 -7.19 -35.84
C7P SFC R . -0.08 -8.24 -35.45
C6P SFC R . 0.30 -8.17 -33.99
C5P SFC R . 0.62 -6.78 -33.48
O5P SFC R . 1.27 -5.92 -34.15
N4P SFC R . 0.12 -6.49 -32.27
C3P SFC R . 0.38 -5.18 -31.66
C2P SFC R . 1.82 -5.02 -31.23
S1P SFC R . 2.17 -3.34 -30.58
C1 SFC R . 1.97 -3.70 -28.85
O1 SFC R . 2.00 -4.86 -28.42
C2 SFC R . 1.66 -2.50 -27.90
C13 SFC R . 2.29 -2.75 -26.56
C3 SFC R . 1.87 -1.15 -28.56
C4 SFC R . 3.11 -0.67 -28.99
C8 SFC R . 3.20 0.59 -29.60
C7 SFC R . 2.08 1.38 -29.82
C6 SFC R . 0.86 0.89 -29.40
C5 SFC R . 0.76 -0.35 -28.80
C9 SFC R . 2.18 2.74 -30.50
C10 SFC R . 2.84 3.85 -29.65
C12 SFC R . 1.98 4.31 -28.47
C11 SFC R . 3.24 5.04 -30.52
O7A SFC S . 77.88 -5.56 34.56
P3B SFC S . 77.28 -6.93 34.79
O9A SFC S . 77.95 -7.79 35.84
O8A SFC S . 77.26 -7.97 33.71
O3B SFC S . 75.75 -6.52 35.15
C3B SFC S . 74.59 -7.09 34.54
C2B SFC S . 73.46 -7.41 35.53
O2B SFC S . 73.84 -7.85 36.80
C1B SFC S . 72.88 -6.03 35.73
N9A SFC S . 71.52 -6.06 36.28
C4A SFC S . 71.17 -5.71 37.55
C5A SFC S . 69.79 -5.86 37.62
C6A SFC S . 69.17 -5.55 38.84
N6A SFC S . 67.85 -5.61 39.06
N1A SFC S . 69.96 -5.14 39.86
C2A SFC S . 71.28 -5.05 39.65
N3A SFC S . 71.97 -5.30 38.56
N7A SFC S . 69.30 -6.28 36.39
C8A SFC S . 70.37 -6.38 35.64
O4B SFC S . 72.84 -5.45 34.43
C4B SFC S . 73.91 -6.04 33.66
C5B SFC S . 73.34 -6.59 32.38
O5B SFC S . 74.42 -7.12 31.57
P1A SFC S . 74.27 -7.07 29.97
O1A SFC S . 75.49 -7.63 29.33
O2A SFC S . 72.96 -7.66 29.58
O3A SFC S . 74.08 -5.49 29.83
P2A SFC S . 74.75 -4.44 28.84
O4A SFC S . 74.16 -3.13 29.20
O5A SFC S . 76.14 -4.98 28.80
O6A SFC S . 74.33 -4.89 27.36
CCP SFC S . 73.06 -4.49 26.78
CBP SFC S . 72.71 -5.46 25.65
CDP SFC S . 71.36 -5.02 25.06
CEP SFC S . 73.74 -5.37 24.52
CAP SFC S . 72.63 -6.92 26.20
OAP SFC S . 71.72 -6.95 27.29
C9P SFC S . 72.26 -7.93 25.13
O9P SFC S . 73.03 -8.17 24.17
N8P SFC S . 71.07 -8.53 25.30
C7P SFC S . 70.57 -9.62 24.46
C6P SFC S . 70.13 -9.17 23.07
C5P SFC S . 69.38 -7.87 23.17
O5P SFC S . 68.55 -7.65 24.09
N4P SFC S . 69.71 -6.93 22.26
C3P SFC S . 69.04 -5.63 22.23
C2P SFC S . 67.58 -5.75 21.79
S1P SFC S . 66.65 -4.19 21.95
C1 SFC S . 66.81 -3.67 20.26
O1 SFC S . 67.10 -4.48 19.38
C2 SFC S . 66.69 -2.17 19.95
C13 SFC S . 66.13 -1.94 18.57
C3 SFC S . 66.02 -1.38 21.05
C4 SFC S . 64.68 -1.55 21.41
C8 SFC S . 64.13 -0.78 22.42
C7 SFC S . 64.88 0.20 23.08
C6 SFC S . 66.20 0.37 22.70
C5 SFC S . 66.76 -0.41 21.71
C9 SFC S . 64.29 1.04 24.21
C10 SFC S . 63.80 2.44 23.83
C12 SFC S . 63.45 3.16 25.14
C11 SFC S . 64.77 3.26 23.00
O7A SFC T . 32.94 -21.98 -2.31
P3B SFC T . 33.98 -20.87 -2.46
O9A SFC T . 33.92 -20.05 -3.74
O8A SFC T . 33.79 -19.96 -1.26
O3B SFC T . 35.41 -21.65 -2.51
C3B SFC T . 36.33 -21.56 -1.42
C2B SFC T . 36.54 -22.88 -0.68
O2B SFC T . 35.37 -23.61 -0.40
C1B SFC T . 37.47 -23.56 -1.66
N9A SFC T . 38.14 -24.75 -1.10
C4A SFC T . 37.83 -26.07 -1.38
C5A SFC T . 38.69 -26.83 -0.62
C6A SFC T . 38.57 -28.23 -0.72
N6A SFC T . 39.32 -29.09 -0.04
N1A SFC T . 37.63 -28.71 -1.55
C2A SFC T . 36.85 -27.85 -2.23
N3A SFC T . 36.88 -26.52 -2.22
N7A SFC T . 39.53 -26.02 0.13
C8A SFC T . 39.17 -24.80 -0.20
O4B SFC T . 38.43 -22.55 -1.97
C4B SFC T . 37.75 -21.28 -1.94
C5B SFC T . 38.53 -20.30 -1.11
O5B SFC T . 37.69 -19.16 -0.81
P1A SFC T . 38.39 -17.79 -0.36
O1A SFC T . 37.41 -16.66 -0.35
O2A SFC T . 39.14 -18.11 0.90
O3A SFC T . 39.38 -17.61 -1.63
P2A SFC T . 39.80 -16.52 -2.76
O4A SFC T . 38.78 -15.46 -2.94
O5A SFC T . 40.19 -17.38 -3.91
O6A SFC T . 41.10 -15.86 -2.10
CCP SFC T . 41.29 -14.42 -1.84
CBP SFC T . 42.11 -14.10 -0.53
CDP SFC T . 43.51 -14.73 -0.55
CEP SFC T . 42.33 -12.58 -0.54
CAP SFC T . 41.30 -14.58 0.72
OAP SFC T . 41.53 -15.97 1.00
C9P SFC T . 41.53 -13.83 2.03
O9P SFC T . 41.42 -12.59 2.07
N8P SFC T . 41.81 -14.61 3.09
C7P SFC T . 42.10 -14.11 4.43
C6P SFC T . 43.47 -13.43 4.54
C5P SFC T . 44.56 -13.94 3.62
O5P SFC T . 44.91 -15.15 3.62
N4P SFC T . 45.16 -13.05 2.81
C3P SFC T . 46.26 -13.41 1.91
C2P SFC T . 47.34 -14.20 2.63
S1P SFC T . 48.92 -14.41 1.76
C1 SFC T . 49.56 -12.74 1.45
O1 SFC T . 49.18 -11.79 2.19
C2 SFC T . 50.56 -12.59 0.18
C13 SFC T . 51.73 -11.66 0.44
C3 SFC T . 51.02 -13.87 -0.55
C4 SFC T . 50.61 -14.15 -1.84
C8 SFC T . 51.01 -15.30 -2.51
C7 SFC T . 51.88 -16.21 -1.92
C6 SFC T . 52.29 -15.94 -0.61
C5 SFC T . 51.89 -14.78 0.06
C9 SFC T . 52.31 -17.50 -2.62
C10 SFC T . 53.19 -17.39 -3.87
C12 SFC T . 52.44 -16.91 -5.11
C11 SFC T . 54.46 -16.56 -3.65
O7A SFC U . -24.36 28.29 2.13
P3B SFC U . -25.56 27.80 2.92
O9A SFC U . -26.04 26.52 2.28
O8A SFC U . -25.44 27.82 4.44
O3B SFC U . -26.86 28.75 2.72
C3B SFC U . -26.88 29.72 1.68
C2B SFC U . -28.07 29.48 0.77
O2B SFC U . -28.17 28.12 0.43
C1B SFC U . -29.19 29.97 1.70
N9A SFC U . -30.42 30.36 1.05
C4A SFC U . -31.64 29.77 1.28
C5A SFC U . -32.54 30.46 0.50
C6A SFC U . -33.89 30.04 0.54
N6A SFC U . -34.88 30.61 -0.12
N1A SFC U . -34.17 28.99 1.35
C2A SFC U . -33.18 28.40 2.03
N3A SFC U . -31.89 28.71 2.05
N7A SFC U . -31.92 31.49 -0.19
C8A SFC U . -30.65 31.39 0.17
O4B SFC U . -28.65 31.11 2.35
C4B SFC U . -27.20 31.07 2.32
C5B SFC U . -26.62 32.28 1.63
O5B SFC U . -25.21 32.01 1.31
P1A SFC U . -24.14 33.21 1.24
O1A SFC U . -24.33 34.03 0.01
O2A SFC U . -22.76 32.70 1.38
O3A SFC U . -24.65 34.00 2.54
P2A SFC U . -23.88 34.46 3.87
O4A SFC U . -22.74 33.55 4.16
O5A SFC U . -24.96 34.85 4.81
O6A SFC U . -23.02 35.72 3.33
CCP SFC U . -23.53 37.09 3.20
CBP SFC U . -22.78 37.86 2.07
CDP SFC U . -23.54 39.17 1.83
CEP SFC U . -21.36 38.26 2.51
CAP SFC U . -22.74 37.05 0.74
OAP SFC U . -24.09 36.80 0.32
C9P SFC U . -21.96 37.72 -0.38
O9P SFC U . -20.72 37.90 -0.28
N8P SFC U . -22.69 38.08 -1.44
C7P SFC U . -22.12 38.79 -2.59
C6P SFC U . -21.70 40.23 -2.26
C5P SFC U . -22.67 40.97 -1.38
O5P SFC U . -23.92 40.91 -1.53
N4P SFC U . -22.13 41.69 -0.40
C3P SFC U . -22.99 42.48 0.49
C2P SFC U . -23.67 43.64 -0.25
S1P SFC U . -24.77 44.69 0.74
C1 SFC U . -23.61 45.92 1.30
O1 SFC U . -22.52 46.11 0.72
C2 SFC U . -23.97 46.67 2.62
C13 SFC U . -23.45 48.11 2.52
C3 SFC U . -25.39 46.46 3.14
C4 SFC U . -25.57 45.91 4.42
C8 SFC U . -26.84 45.70 4.94
C7 SFC U . -27.99 46.04 4.24
C6 SFC U . -27.81 46.56 2.94
C5 SFC U . -26.53 46.77 2.41
C9 SFC U . -29.38 45.77 4.78
C10 SFC U . -29.87 46.57 6.01
C12 SFC U . -31.21 47.27 5.73
C11 SFC U . -28.90 47.57 6.62
O7A SFC V . -26.81 77.92 -26.20
P3B SFC V . -25.80 78.33 -27.25
O9A SFC V . -26.74 78.81 -28.32
O8A SFC V . -24.54 79.09 -26.86
O3B SFC V . -24.98 77.08 -27.87
C3B SFC V . -24.98 75.77 -27.31
C2B SFC V . -24.91 74.75 -28.44
O2B SFC V . -25.65 75.19 -29.54
C1B SFC V . -23.43 74.80 -28.76
N9A SFC V . -22.89 73.64 -29.47
C4A SFC V . -22.38 73.63 -30.75
C5A SFC V . -21.96 72.33 -30.97
C6A SFC V . -21.38 72.05 -32.22
N6A SFC V . -20.92 70.86 -32.57
N1A SFC V . -21.28 73.06 -33.11
C2A SFC V . -21.73 74.28 -32.76
N3A SFC V . -22.31 74.65 -31.62
N7A SFC V . -22.19 71.55 -29.86
C8A SFC V . -22.73 72.37 -28.99
O4B SFC V . -22.80 74.87 -27.48
C4B SFC V . -23.69 75.49 -26.53
C5B SFC V . -23.84 74.58 -25.32
O5B SFC V . -24.92 75.09 -24.45
P1A SFC V . -24.85 74.75 -22.88
O1A SFC V . -25.68 75.71 -22.08
O2A SFC V . -25.19 73.31 -22.78
O3A SFC V . -23.30 74.97 -22.60
P2A SFC V . -22.52 75.90 -21.58
O4A SFC V . -23.20 77.22 -21.51
O5A SFC V . -21.06 75.77 -21.77
O6A SFC V . -22.93 75.22 -20.19
CCP SFC V . -22.11 74.12 -19.64
CBP SFC V . -22.99 73.25 -18.71
CDP SFC V . -23.29 74.00 -17.40
CEP SFC V . -22.18 72.01 -18.28
CAP SFC V . -24.26 72.81 -19.50
OAP SFC V . -23.82 72.10 -20.67
C9P SFC V . -25.25 71.99 -18.66
O9P SFC V . -25.85 72.53 -17.71
N8P SFC V . -25.41 70.71 -19.00
C7P SFC V . -26.31 69.78 -18.32
C6P SFC V . -25.75 69.29 -17.00
C5P SFC V . -24.27 68.98 -17.06
O5P SFC V . -23.78 68.35 -18.01
N4P SFC V . -23.52 69.47 -16.08
C3P SFC V . -22.08 69.21 -16.03
C2P SFC V . -21.75 67.73 -15.74
S1P SFC V . -19.94 67.43 -15.73
C1 SFC V . -19.62 67.56 -14.02
O1 SFC V . -20.48 67.48 -13.15
C2 SFC V . -18.20 67.92 -13.65
C13 SFC V . -17.83 67.25 -12.34
C3 SFC V . -17.16 67.73 -14.74
C4 SFC V . -16.43 68.83 -15.17
C8 SFC V . -15.45 68.71 -16.13
C7 SFC V . -15.16 67.49 -16.70
C6 SFC V . -15.89 66.38 -16.27
C5 SFC V . -16.87 66.49 -15.31
C9 SFC V . -14.07 67.35 -17.75
C10 SFC V . -12.65 67.25 -17.16
C12 SFC V . -11.85 66.10 -17.75
C11 SFC V . -11.89 68.57 -17.30
O7A SFC W . -5.84 -13.21 44.18
P3B SFC W . -5.41 -12.60 42.87
O9A SFC W . -6.63 -12.72 41.96
O8A SFC W . -3.96 -12.76 42.40
O3B SFC W . -5.06 -11.07 43.27
C3B SFC W . -5.63 -9.90 42.70
C2B SFC W . -5.76 -8.95 43.89
O2B SFC W . -6.09 -9.63 45.08
C1B SFC W . -4.33 -8.46 43.99
N9A SFC W . -4.22 -7.19 44.69
C4A SFC W . -3.57 -6.97 45.87
C5A SFC W . -3.68 -5.62 46.12
C6A SFC W . -3.08 -5.12 47.30
N6A SFC W . -3.07 -3.83 47.64
N1A SFC W . -2.44 -6.00 48.09
C2A SFC W . -2.42 -7.30 47.73
N3A SFC W . -2.95 -7.88 46.65
N7A SFC W . -4.39 -4.99 45.11
C8A SFC W . -4.68 -5.97 44.29
O4B SFC W . -3.91 -8.26 42.64
C4B SFC W . -4.63 -9.18 41.79
C5B SFC W . -5.24 -8.45 40.61
O5B SFC W . -6.17 -9.35 39.93
P1A SFC W . -6.44 -9.15 38.36
O1A SFC W . -7.40 -8.01 38.24
O2A SFC W . -6.97 -10.42 37.81
O3A SFC W . -4.98 -8.88 37.79
P2A SFC W . -4.09 -9.53 36.63
O4A SFC W . -2.70 -9.03 36.75
O5A SFC W . -4.50 -10.95 36.43
O6A SFC W . -4.74 -8.96 35.29
CCP SFC W . -4.50 -7.61 34.79
CBP SFC W . -5.73 -7.18 33.97
CDP SFC W . -5.48 -5.72 33.55
CEP SFC W . -5.89 -8.06 32.71
CAP SFC W . -7.03 -7.27 34.83
OAP SFC W . -6.84 -6.50 35.99
C9P SFC W . -8.30 -6.84 34.08
O9P SFC W . -8.79 -7.55 33.19
N8P SFC W . -8.83 -5.70 34.50
C7P SFC W . -10.07 -5.16 33.94
C6P SFC W . -9.84 -4.43 32.62
C5P SFC W . -8.53 -3.68 32.50
O5P SFC W . -8.09 -2.92 33.41
N4P SFC W . -7.86 -3.87 31.36
C3P SFC W . -6.61 -3.19 31.11
C2P SFC W . -6.80 -1.71 30.80
S1P SFC W . -5.23 -0.79 30.60
C1 SFC W . -5.03 -0.85 28.83
O1 SFC W . -5.98 -1.14 28.08
C2 SFC W . -3.61 -0.62 28.25
C13 SFC W . -3.71 0.09 26.90
C3 SFC W . -2.60 -0.10 29.27
C4 SFC W . -1.44 -0.86 29.49
C8 SFC W . -0.48 -0.45 30.40
C7 SFC W . -0.65 0.68 31.16
C6 SFC W . -1.81 1.43 30.97
C5 SFC W . -2.77 1.05 30.04
C9 SFC W . 0.42 1.12 32.15
C10 SFC W . 1.70 1.67 31.49
C12 SFC W . 2.89 0.71 31.63
C11 SFC W . 2.04 3.07 32.01
O7A SFC X . -24.48 33.87 13.51
P3B SFC X . -25.98 34.05 13.29
O9A SFC X . -26.30 34.24 11.82
O8A SFC X . -26.58 35.04 14.33
O3B SFC X . -26.68 32.61 13.57
C3B SFC X . -26.36 31.71 14.63
C2B SFC X . -27.51 31.61 15.65
O2B SFC X . -28.13 32.85 15.87
C1B SFC X . -28.45 30.68 14.87
N9A SFC X . -29.48 29.98 15.61
C4A SFC X . -30.83 30.20 15.53
C5A SFC X . -31.42 29.25 16.36
C6A SFC X . -32.82 29.27 16.47
N6A SFC X . -33.52 28.42 17.22
N1A SFC X . -33.48 30.21 15.75
C2A SFC X . -32.78 31.07 15.01
N3A SFC X . -31.47 31.14 14.82
N7A SFC X . -30.45 28.44 16.94
C8A SFC X . -29.33 28.91 16.46
O4B SFC X . -27.59 29.71 14.28
C4B SFC X . -26.28 30.27 14.08
C5B SFC X . -25.25 29.34 14.69
O5B SFC X . -24.03 30.11 14.94
P1A SFC X . -22.60 29.42 14.65
O1A SFC X . -21.59 30.46 14.40
O2A SFC X . -22.34 28.54 15.82
O3A SFC X . -23.09 28.59 13.34
P2A SFC X . -22.33 28.18 11.98
O4A SFC X . -21.39 29.29 11.72
O5A SFC X . -23.29 27.57 11.01
O6A SFC X . -21.65 26.84 12.57
CCP SFC X . -20.31 26.42 12.32
CBP SFC X . -19.79 25.51 13.44
CDP SFC X . -18.31 25.30 13.09
CEP SFC X . -20.49 24.16 13.39
CAP SFC X . -20.03 26.20 14.84
OAP SFC X . -21.31 25.80 15.31
C9P SFC X . -18.98 25.93 15.92
O9P SFC X . -17.77 26.21 15.76
N8P SFC X . -19.46 25.39 17.05
C7P SFC X . -18.58 25.03 18.15
C6P SFC X . -17.65 23.84 17.79
C5P SFC X . -18.35 22.71 17.07
O5P SFC X . -19.50 22.30 17.42
N4P SFC X . -17.69 22.17 16.02
C3P SFC X . -18.32 21.15 15.19
C2P SFC X . -18.33 19.78 15.87
S1P SFC X . -19.22 18.46 14.98
C1 SFC X . -17.79 17.65 14.32
O1 SFC X . -16.63 17.79 14.75
C2 SFC X . -18.07 16.79 13.08
C13 SFC X . -17.20 15.54 13.14
C3 SFC X . -19.52 16.48 12.72
C4 SFC X . -20.36 15.66 13.47
C8 SFC X . -21.66 15.41 13.04
C7 SFC X . -22.16 15.94 11.86
C6 SFC X . -21.31 16.74 11.11
C5 SFC X . -20.02 16.99 11.54
C9 SFC X . -23.58 15.65 11.38
C10 SFC X . -23.71 14.53 10.31
C12 SFC X . -23.99 15.08 8.91
C11 SFC X . -24.76 13.49 10.69
#